data_8YIN
#
_entry.id   8YIN
#
_cell.length_a   1.00
_cell.length_b   1.00
_cell.length_c   1.00
_cell.angle_alpha   90.00
_cell.angle_beta   90.00
_cell.angle_gamma   90.00
#
_symmetry.space_group_name_H-M   'P 1'
#
loop_
_entity.id
_entity.type
_entity.pdbx_description
1 polymer 'COR1 isoform 1'
2 polymer 'Cytochrome b'
3 polymer 'Cytochrome b-c1 complex subunit 2, mitochondrial'
4 polymer 'Cytochrome c1, heme protein, mitochondrial'
5 polymer 'Cytochrome b-c1 complex subunit Rieske, mitochondrial'
6 polymer 'Cytochrome b-c1 complex subunit 8'
7 polymer 'QCR6 isoform 1'
8 polymer 'Cytochrome b-c1 complex subunit 7'
9 polymer 'Cytochrome b-c1 complex subunit 9, mitochondrial'
10 polymer 'Cytochrome b-c1 complex subunit 10, mitochondrial'
11 non-polymer '(1R)-2-(phosphonooxy)-1-[(tridecanoyloxy)methyl]ethyl pentadecanoate'
12 non-polymer '(2R,5S,11R,14R)-5,8,11-trihydroxy-2-(nonanoyloxy)-5,11-dioxido-16-oxo-14-[(propanoyloxy)methyl]-4,6,10,12,15-pentaoxa-5,11-diphosphanonadec-1-yl undecanoate'
13 non-polymer '(1R)-2-{[(S)-(2-aminoethoxy)(hydroxy)phosphoryl]oxy}-1-[(heptanoyloxy)methyl]ethyl octadecanoate'
14 non-polymer 'PROTOPORPHYRIN IX CONTAINING FE'
15 non-polymer '(5S,11R)-5,8,11-trihydroxy-5,11-dioxido-17-oxo-4,6,10,12,16-pentaoxa-5,11-diphosphaoctadec-1-yl pentadecanoate'
16 non-polymer 5-(3,7,11,15,19,23-HEXAMETHYL-TETRACOSA-2,6,10,14,18,22-HEXAENYL)-2,3-DIMETHOXY-6-METHYL-BENZENE-1,4-DIOL
17 non-polymer 1-[2-[(4,6-dimethyl-1,3-benzothiazol-2-yl)sulfanylmethyl]-3-methyl-phenyl]-4-methyl-1,2,3,4-tetrazol-5-one
18 non-polymer '(2R)-3-{[(S)-(2-aminoethoxy)(hydroxy)phosphoryl]oxy}-2-(tetradecanoyloxy)propyl octadecanoate'
#
loop_
_entity_poly.entity_id
_entity_poly.type
_entity_poly.pdbx_seq_one_letter_code
_entity_poly.pdbx_strand_id
1 'polypeptide(L)'
;AEVTQLSNGIVVATEHNPSAHTASVGVVFGSGAANENPYNNGVSNLWKNIFLSKENSAVAAKEGLALSSNISRDFQSYIV
SSLPGSTDKSLDFLNQSFIQQKANLLSSSNFEATKKSVLKQVQDFEENDHPNRVLEHLHSTAFQNTPLSLPTRGTLESLE
NLVVADLESFANNHFLNSNAVVVGTGNIKHEDLVNSIESKNLSLQTGTKPVLKKKAAFLGSEVRLRDDTLPKAWISLAVE
GEPVNSPNYFVAKLAAQIFGSYNAFEPASRLQGIKLLDNIQEYQLCDNFNHFSLSYKDSGLWGFSTATRNVTMIDDLIHF
TLKQWNRLTISVTDTEVERAKSLLKLQLGQLYESGNPVNDANLLGAEVLIKGSKLSLGEAFKKIDAITVKDVKAWAGKRL
WDQDIAIAGTGQIEGLLDYMRIRSDMSMMRW
;
A,L
2 'polypeptide(L)'
;MAFRKSNVYLSLVNSYIIDSPQPSSINYWWNMGSLLGLCLVIQIVTGIFMAMHYSSNIELAFSSVEHIMRDVHNGYILRY
LHANGASFFFMVMFMHMAKGLYYGSYRSPRVTLWNVGVIIFILTIATAFLGYCCVYGQMSHWGATVITNLFSAIPFVGND
IVSWLWGGFSVSNPTIQRFFALHYLVPFIIAAMVIMHLMALHIHGSSNPLGITGNLDRIPMHSYFIFKDLVTVFLFMLIL
ALFVFYSPNTLGHPDNYIPGNPLVTPASIVPEWYLLPFYAILRSIPDKLLGVITMFAAILVLLVLPFTDRSVVRGNTFKV
LSKFFFFIFVFNFVLLGQIGACHVEVPYVLMGQIATFIYFAYFLIIVPVISTIENVLFYIGRVNK
;
C,N
3 'polypeptide(L)'
;LTVSARDAPTKISTLAVKVHGGSRYATKDGVAHLLNRFNFQNTNTRSALKLVRESELLGGTFKSTLDREYITLKATFLKD
DLPYYVNALADVLYKTAFKPHELTESVLPAARYDYAVAEQCPVKSAEDQLYAITFRKGLGNPLLYDGVERVSLQDIKDFA
DKVYTKENLEVSGENVVEADLKRFVDESLLSTLPAGKSLVSKSEPKFFLGEENRVRFIGDSVAAIGIPVNKASLAQYEVL
ANYLTSALSELSGLISSAKLDKFTDGGLFTLFVRDQDSAVVSSNIKKIVADLKKGKDLSPAINYTKLKNAVQNESVSSPI
ELNFDAVKDFKLGKFNYVAVGDVSNLPYLDEL
;
B,M
4 'polypeptide(L)'
;MTAAEHGLHAPAYAWSHNGPFETFDHASIRRGYQVYREVCAACHSLDRVAWRTLVGVSHTNEEVRNMAEEFEYDDEPDEQ
GNPKKRPGKLSDYIPGPYPNEQAARAANQGALPPDLSLIVKARHGGCDYIFSLLTGYPDEPPAGVALPPGSNYNPYFPGG
SIAMARVLFDDMVEYEDGTPATTSQMAKDVTTFLNWCAEPEHDERKRLGLKTVIILSSLYLLSIWVKKFKWAGIKTRKFV
FNPPKPRK
;
D,O
5 'polypeptide(L)'
;KSTYRTPNFDDVLKENNDADKGRSYAYFMVGAMGLLSSAGAKSTVETFISSMTATADVLAMAKVEVNLAAIPLGKNVVVK
WQGKPVFIRHRTPHEIQEANSVDMSALKDPQTDADRVKDPQWLIMLGICTHLGCVPIGEAGDFGGWFCPCHGSHYDISGR
IRKGPAPLNLEIPAYEFDGDKVIVG
;
E,P
6 'polypeptide(L)'
;GPPSGKTYMGWWGHMGGPKQKGITSYAVSPYAQKPLQGIFHNAVFNSFRRFKSQFLYVLIPAGIYWYWWKNGNEYNEFLY
SKAGREELERVNV
;
H,S
7 'polypeptide(L)' EVTDQLEDLREHFKNTEEGKALVHHYEECAERVKIQQQQPGYADLEHKEDCVEEFFHLQHYLDTATAPRLFDKLK F,Q
8 'polypeptide(L)'
;PQSFTSIARIGDYILKSPVLSKLCVPVANQFINLAGYKKLGLKFDDLIAEENPIMQTALRRLPEDESYARAYRIIRAHQT
ELTHHLLPRNEWIKAQEDVPYLLPYILEAEAAAKEKDELDNIEVSK
;
G,R
9 'polypeptide(L)' SSLYKTFFKRNAVFVGTIFAGAFVFQTVFDTAITSWYENHNKGKLWKDVKARIAA I,T
10 'polypeptide(L)' KTGLHFGRLSLRSLTAYAPNLMLWGGASMLGLFVFTEGWPKFQDTLYKKIPL U,V
#
# COMPACT_ATOMS: atom_id res chain seq x y z
N ALA A 1 14.92 -69.02 -6.35
CA ALA A 1 14.12 -67.98 -5.75
C ALA A 1 12.64 -68.35 -5.79
N GLU A 2 12.24 -69.36 -5.02
CA GLU A 2 10.88 -69.83 -5.03
C GLU A 2 10.48 -70.30 -3.65
N VAL A 3 9.40 -69.75 -3.13
CA VAL A 3 8.92 -70.13 -1.80
C VAL A 3 8.33 -71.54 -1.86
N THR A 4 8.47 -72.28 -0.77
CA THR A 4 7.96 -73.64 -0.70
C THR A 4 7.22 -73.81 0.62
N GLN A 5 5.96 -74.20 0.55
CA GLN A 5 5.13 -74.34 1.74
C GLN A 5 4.78 -75.81 1.96
N LEU A 6 4.64 -76.18 3.22
CA LEU A 6 4.23 -77.54 3.58
C LEU A 6 3.53 -77.47 4.92
N SER A 7 2.20 -77.45 4.89
CA SER A 7 1.39 -77.30 6.10
C SER A 7 1.19 -78.65 6.80
N ASN A 8 2.29 -79.16 7.36
CA ASN A 8 2.24 -80.37 8.18
C ASN A 8 1.97 -79.97 9.62
N GLY A 9 0.68 -79.73 9.90
CA GLY A 9 0.29 -79.21 11.19
C GLY A 9 0.29 -77.70 11.20
N ILE A 10 1.49 -77.11 11.08
CA ILE A 10 1.67 -75.67 11.02
C ILE A 10 2.43 -75.36 9.73
N VAL A 11 2.09 -74.23 9.11
CA VAL A 11 2.72 -73.80 7.87
C VAL A 11 4.21 -73.55 8.09
N VAL A 12 5.04 -74.08 7.20
CA VAL A 12 6.49 -73.93 7.26
C VAL A 12 6.90 -73.33 5.92
N ALA A 13 6.98 -72.02 5.84
CA ALA A 13 7.44 -71.37 4.63
C ALA A 13 8.96 -71.27 4.63
N THR A 14 9.54 -71.25 3.44
CA THR A 14 10.99 -71.26 3.30
C THR A 14 11.34 -70.67 1.94
N GLU A 15 12.32 -69.79 1.89
CA GLU A 15 12.95 -69.39 0.63
C GLU A 15 14.43 -69.71 0.71
N HIS A 16 14.87 -70.68 -0.08
CA HIS A 16 16.27 -71.02 -0.12
C HIS A 16 17.03 -69.98 -0.96
N ASN A 17 18.34 -69.97 -0.80
CA ASN A 17 19.27 -69.12 -1.54
C ASN A 17 20.66 -69.74 -1.44
N PRO A 18 21.06 -70.61 -2.37
CA PRO A 18 22.36 -71.30 -2.29
C PRO A 18 23.56 -70.43 -2.70
N SER A 19 23.61 -69.21 -2.17
CA SER A 19 24.74 -68.32 -2.36
C SER A 19 25.03 -67.49 -1.12
N ALA A 20 24.31 -67.70 -0.02
CA ALA A 20 24.47 -66.88 1.18
C ALA A 20 25.39 -67.56 2.18
N HIS A 21 25.94 -66.74 3.09
CA HIS A 21 26.85 -67.20 4.13
C HIS A 21 26.19 -67.31 5.49
N THR A 22 24.95 -66.87 5.61
CA THR A 22 24.23 -66.81 6.87
C THR A 22 22.88 -67.50 6.67
N ALA A 23 22.21 -67.82 7.77
CA ALA A 23 20.95 -68.54 7.71
C ALA A 23 20.07 -68.11 8.87
N SER A 24 18.87 -67.64 8.56
CA SER A 24 17.93 -67.15 9.55
C SER A 24 16.77 -68.13 9.71
N VAL A 25 16.37 -68.38 10.95
CA VAL A 25 15.24 -69.24 11.28
C VAL A 25 14.45 -68.56 12.39
N GLY A 26 13.17 -68.29 12.13
CA GLY A 26 12.36 -67.64 13.14
C GLY A 26 10.90 -68.05 13.14
N VAL A 27 10.03 -67.20 13.68
CA VAL A 27 8.59 -67.43 13.63
C VAL A 27 7.84 -66.10 13.64
N VAL A 28 6.90 -65.94 12.69
CA VAL A 28 6.11 -64.73 12.56
C VAL A 28 4.67 -65.06 12.91
N PHE A 29 4.01 -64.16 13.62
CA PHE A 29 2.67 -64.41 14.15
C PHE A 29 1.62 -63.62 13.38
N GLY A 30 0.35 -63.89 13.69
CA GLY A 30 -0.76 -63.22 13.07
C GLY A 30 -1.44 -62.14 13.90
N SER A 31 -0.91 -61.81 15.06
CA SER A 31 -1.41 -60.71 15.86
C SER A 31 -0.59 -59.46 15.58
N GLY A 32 -0.95 -58.37 16.22
CA GLY A 32 -0.18 -57.16 16.02
C GLY A 32 -0.59 -56.06 16.96
N ALA A 33 -0.24 -54.82 16.58
CA ALA A 33 -0.68 -53.66 17.33
C ALA A 33 -2.17 -53.43 17.17
N ALA A 34 -2.75 -53.91 16.07
CA ALA A 34 -4.16 -53.73 15.80
C ALA A 34 -5.01 -54.86 16.36
N ASN A 35 -4.53 -55.57 17.38
CA ASN A 35 -5.32 -56.58 18.08
C ASN A 35 -5.27 -56.36 19.58
N GLU A 36 -5.15 -55.11 20.01
CA GLU A 36 -5.05 -54.77 21.42
C GLU A 36 -6.22 -53.88 21.84
N ASN A 37 -6.47 -53.87 23.14
CA ASN A 37 -7.43 -52.98 23.75
C ASN A 37 -6.76 -51.65 24.05
N PRO A 38 -7.52 -50.61 24.41
CA PRO A 38 -6.87 -49.37 24.85
C PRO A 38 -6.11 -49.46 26.17
N TYR A 39 -6.38 -50.46 27.01
CA TYR A 39 -5.81 -50.49 28.35
C TYR A 39 -4.69 -51.51 28.50
N ASN A 40 -4.32 -52.20 27.43
CA ASN A 40 -3.10 -53.02 27.43
C ASN A 40 -2.30 -52.76 26.16
N ASN A 41 -2.31 -51.52 25.70
CA ASN A 41 -1.55 -51.14 24.53
C ASN A 41 -0.06 -51.13 24.86
N GLY A 42 0.74 -51.55 23.90
CA GLY A 42 2.17 -51.66 24.11
C GLY A 42 2.62 -53.00 24.66
N VAL A 43 1.69 -53.95 24.84
CA VAL A 43 2.02 -55.23 25.43
C VAL A 43 2.84 -56.09 24.47
N SER A 44 2.84 -55.78 23.18
CA SER A 44 3.72 -56.49 22.25
C SER A 44 5.10 -55.89 22.23
N ASN A 45 5.24 -54.60 22.54
CA ASN A 45 6.55 -53.99 22.68
C ASN A 45 7.24 -54.37 23.98
N LEU A 46 6.51 -54.95 24.93
CA LEU A 46 7.07 -55.55 26.13
C LEU A 46 7.21 -57.06 25.99
N TRP A 47 6.91 -57.60 24.82
CA TRP A 47 7.21 -58.98 24.47
C TRP A 47 8.36 -59.13 23.48
N LYS A 48 8.62 -58.09 22.67
CA LYS A 48 9.85 -58.07 21.91
C LYS A 48 11.05 -57.89 22.83
N ASN A 49 10.93 -57.00 23.81
CA ASN A 49 12.09 -56.56 24.57
C ASN A 49 12.59 -57.61 25.56
N ILE A 50 11.70 -58.37 26.20
CA ILE A 50 12.18 -59.43 27.10
C ILE A 50 12.65 -60.66 26.35
N PHE A 51 12.40 -60.74 25.04
CA PHE A 51 13.08 -61.73 24.21
C PHE A 51 14.51 -61.28 23.95
N LEU A 52 14.73 -59.98 23.78
CA LEU A 52 16.05 -59.41 23.53
C LEU A 52 16.76 -59.01 24.82
N SER A 53 16.38 -59.60 25.94
CA SER A 53 16.84 -59.14 27.25
C SER A 53 18.27 -59.61 27.51
N LYS A 54 18.73 -59.44 28.76
CA LYS A 54 20.13 -59.64 29.08
C LYS A 54 20.47 -61.11 29.27
N GLU A 55 19.75 -61.79 30.17
CA GLU A 55 19.94 -63.23 30.39
C GLU A 55 19.48 -64.08 29.22
N ASN A 56 18.72 -63.52 28.29
CA ASN A 56 18.23 -64.29 27.16
C ASN A 56 19.12 -64.17 25.93
N SER A 57 19.78 -63.04 25.75
CA SER A 57 20.76 -62.88 24.69
C SER A 57 22.15 -63.32 25.13
N ALA A 58 22.33 -63.65 26.41
CA ALA A 58 23.59 -64.20 26.89
C ALA A 58 23.74 -65.68 26.58
N VAL A 59 22.64 -66.43 26.64
CA VAL A 59 22.71 -67.86 26.35
C VAL A 59 22.89 -68.09 24.86
N ALA A 60 22.29 -67.25 24.03
CA ALA A 60 22.47 -67.37 22.58
C ALA A 60 23.85 -66.91 22.13
N ALA A 61 24.53 -66.09 22.92
CA ALA A 61 25.89 -65.72 22.59
C ALA A 61 26.90 -66.81 22.94
N LYS A 62 26.52 -67.72 23.84
CA LYS A 62 27.35 -68.87 24.17
C LYS A 62 27.08 -70.07 23.27
N GLU A 63 26.35 -69.87 22.17
CA GLU A 63 26.20 -70.87 21.14
C GLU A 63 26.46 -70.32 19.75
N GLY A 64 26.57 -69.01 19.58
CA GLY A 64 26.92 -68.43 18.31
C GLY A 64 25.76 -67.81 17.53
N LEU A 65 24.67 -67.45 18.20
CA LEU A 65 23.44 -67.03 17.53
C LEU A 65 23.04 -65.63 17.98
N ALA A 66 22.45 -64.88 17.06
CA ALA A 66 21.92 -63.55 17.34
C ALA A 66 20.41 -63.62 17.53
N LEU A 67 19.88 -62.59 18.18
CA LEU A 67 18.45 -62.47 18.40
C LEU A 67 17.95 -61.20 17.73
N SER A 68 16.70 -61.22 17.27
CA SER A 68 16.13 -60.09 16.57
C SER A 68 14.60 -60.20 16.60
N SER A 69 13.94 -59.05 16.58
CA SER A 69 12.48 -59.03 16.63
C SER A 69 11.97 -57.73 16.00
N ASN A 70 10.65 -57.65 15.84
CA ASN A 70 9.98 -56.51 15.21
C ASN A 70 8.51 -56.54 15.54
N ILE A 71 7.96 -55.37 15.92
CA ILE A 71 6.54 -55.23 16.23
C ILE A 71 5.91 -54.27 15.23
N SER A 72 4.77 -54.67 14.66
CA SER A 72 4.05 -53.83 13.72
C SER A 72 2.55 -53.97 13.99
N ARG A 73 1.73 -53.50 13.05
CA ARG A 73 0.29 -53.50 13.24
C ARG A 73 -0.38 -54.81 12.89
N ASP A 74 0.31 -55.72 12.19
CA ASP A 74 -0.33 -56.98 11.84
C ASP A 74 0.57 -58.21 11.97
N PHE A 75 1.83 -58.06 12.38
CA PHE A 75 2.71 -59.21 12.56
C PHE A 75 3.82 -58.86 13.54
N GLN A 76 4.18 -59.83 14.38
CA GLN A 76 5.35 -59.77 15.24
C GLN A 76 6.32 -60.87 14.87
N SER A 77 7.62 -60.61 15.03
CA SER A 77 8.68 -61.52 14.66
C SER A 77 9.54 -61.89 15.88
N TYR A 78 10.15 -63.07 15.81
CA TYR A 78 11.17 -63.49 16.78
C TYR A 78 12.21 -64.31 16.00
N ILE A 79 13.28 -63.66 15.56
CA ILE A 79 14.23 -64.24 14.61
C ILE A 79 15.49 -64.68 15.35
N VAL A 80 16.00 -65.87 14.99
CA VAL A 80 17.23 -66.43 15.55
C VAL A 80 18.20 -66.67 14.39
N SER A 81 19.11 -65.73 14.15
CA SER A 81 20.08 -65.91 13.07
C SER A 81 21.19 -66.86 13.52
N SER A 82 21.89 -67.44 12.54
CA SER A 82 22.78 -68.58 12.81
C SER A 82 23.93 -68.58 11.81
N LEU A 83 24.63 -69.70 11.74
CA LEU A 83 25.61 -70.11 10.75
C LEU A 83 25.08 -71.35 10.01
N PRO A 84 25.43 -71.56 8.72
CA PRO A 84 24.68 -72.55 7.92
C PRO A 84 24.85 -73.99 8.35
N GLY A 85 25.90 -74.33 9.07
CA GLY A 85 25.99 -75.67 9.63
C GLY A 85 25.34 -75.84 10.97
N SER A 86 25.03 -74.74 11.66
CA SER A 86 24.55 -74.78 13.04
C SER A 86 23.06 -74.47 13.14
N THR A 87 22.29 -74.79 12.12
CA THR A 87 20.85 -74.53 12.15
C THR A 87 20.07 -75.69 12.73
N ASP A 88 20.49 -76.18 13.89
CA ASP A 88 19.71 -77.18 14.61
C ASP A 88 19.66 -76.89 16.10
N LYS A 89 20.52 -76.01 16.62
CA LYS A 89 20.32 -75.42 17.92
C LYS A 89 19.51 -74.14 17.84
N SER A 90 19.24 -73.65 16.62
CA SER A 90 18.37 -72.50 16.43
C SER A 90 16.92 -72.86 16.74
N LEU A 91 16.50 -74.09 16.43
CA LEU A 91 15.18 -74.54 16.83
C LEU A 91 15.14 -74.88 18.31
N ASP A 92 16.20 -75.50 18.82
CA ASP A 92 16.21 -75.96 20.20
C ASP A 92 16.39 -74.81 21.18
N PHE A 93 16.89 -73.66 20.72
CA PHE A 93 16.77 -72.46 21.54
C PHE A 93 15.36 -71.92 21.50
N LEU A 94 14.72 -72.00 20.33
CA LEU A 94 13.33 -71.58 20.20
C LEU A 94 12.37 -72.57 20.83
N ASN A 95 12.80 -73.81 21.06
CA ASN A 95 11.97 -74.83 21.69
C ASN A 95 11.99 -74.75 23.21
N GLN A 96 12.75 -73.83 23.80
CA GLN A 96 12.70 -73.57 25.22
C GLN A 96 12.12 -72.21 25.56
N SER A 97 11.94 -71.33 24.57
CA SER A 97 11.46 -69.98 24.81
C SER A 97 9.96 -69.82 24.60
N PHE A 98 9.37 -70.56 23.67
CA PHE A 98 7.95 -70.40 23.34
C PHE A 98 7.16 -71.68 23.57
N ILE A 99 7.64 -72.82 23.08
CA ILE A 99 6.91 -74.07 23.17
C ILE A 99 6.98 -74.65 24.58
N GLN A 100 7.98 -74.27 25.35
CA GLN A 100 8.22 -74.83 26.67
C GLN A 100 8.03 -73.68 27.67
N GLN A 101 8.42 -73.90 28.93
CA GLN A 101 8.02 -73.08 30.07
C GLN A 101 8.37 -71.60 29.92
N LYS A 102 7.58 -70.75 30.57
CA LYS A 102 7.75 -69.31 30.63
C LYS A 102 7.92 -68.85 32.06
N ALA A 103 8.79 -69.54 32.81
CA ALA A 103 9.05 -69.18 34.20
C ALA A 103 10.32 -68.37 34.38
N ASN A 104 11.35 -68.64 33.57
CA ASN A 104 12.61 -67.93 33.70
C ASN A 104 12.53 -66.53 33.11
N LEU A 105 11.82 -66.38 31.98
CA LEU A 105 11.74 -65.07 31.33
C LEU A 105 10.80 -64.12 32.05
N LEU A 106 9.81 -64.64 32.78
CA LEU A 106 8.76 -63.83 33.38
C LEU A 106 8.94 -63.69 34.90
N SER A 107 10.18 -63.70 35.36
CA SER A 107 10.45 -63.52 36.77
C SER A 107 10.28 -62.06 37.16
N SER A 108 10.22 -61.80 38.46
CA SER A 108 9.91 -60.44 38.92
C SER A 108 11.10 -59.50 38.78
N SER A 109 12.32 -60.00 38.89
CA SER A 109 13.49 -59.14 38.77
C SER A 109 13.74 -58.74 37.32
N ASN A 110 13.49 -59.65 36.39
CA ASN A 110 13.67 -59.34 34.98
C ASN A 110 12.53 -58.50 34.43
N PHE A 111 11.39 -58.44 35.11
CA PHE A 111 10.25 -57.69 34.61
C PHE A 111 10.43 -56.19 34.80
N GLU A 112 10.59 -55.75 36.05
CA GLU A 112 10.67 -54.30 36.32
C GLU A 112 12.09 -53.76 36.19
N ALA A 113 12.75 -54.20 35.13
CA ALA A 113 13.97 -53.58 34.62
C ALA A 113 13.94 -53.45 33.11
N THR A 114 13.12 -54.24 32.43
CA THR A 114 12.84 -54.01 31.02
C THR A 114 11.76 -52.95 30.84
N LYS A 115 10.83 -52.84 31.78
CA LYS A 115 9.82 -51.79 31.72
C LYS A 115 10.45 -50.43 31.91
N LYS A 116 11.45 -50.33 32.79
CA LYS A 116 12.22 -49.10 32.90
C LYS A 116 13.09 -48.88 31.67
N SER A 117 13.51 -49.95 30.99
CA SER A 117 14.19 -49.81 29.72
C SER A 117 13.23 -49.34 28.64
N VAL A 118 11.98 -49.81 28.71
CA VAL A 118 11.00 -49.51 27.67
C VAL A 118 10.43 -48.10 27.86
N LEU A 119 10.18 -47.69 29.10
CA LEU A 119 9.58 -46.39 29.38
C LEU A 119 10.49 -45.23 28.99
N LYS A 120 11.81 -45.43 29.07
CA LYS A 120 12.75 -44.41 28.61
C LYS A 120 12.71 -44.29 27.10
N GLN A 121 12.42 -45.38 26.39
CA GLN A 121 12.47 -45.36 24.93
C GLN A 121 11.29 -44.59 24.35
N VAL A 122 10.09 -44.78 24.92
CA VAL A 122 8.92 -44.05 24.46
C VAL A 122 9.05 -42.58 24.83
N GLN A 123 9.58 -42.28 26.01
CA GLN A 123 9.69 -40.89 26.47
C GLN A 123 10.75 -40.13 25.68
N ASP A 124 11.81 -40.81 25.24
CA ASP A 124 12.77 -40.18 24.35
C ASP A 124 12.17 -40.01 22.96
N PHE A 125 11.26 -40.92 22.57
CA PHE A 125 10.66 -40.87 21.24
C PHE A 125 9.73 -39.66 21.09
N GLU A 126 9.06 -39.25 22.17
CA GLU A 126 8.11 -38.15 22.06
C GLU A 126 8.82 -36.81 21.98
N GLU A 127 9.95 -36.65 22.64
CA GLU A 127 10.61 -35.36 22.70
C GLU A 127 11.71 -35.18 21.67
N ASN A 128 12.00 -36.20 20.86
CA ASN A 128 13.12 -36.09 19.95
C ASN A 128 12.75 -36.44 18.51
N ASP A 129 11.83 -37.38 18.33
CA ASP A 129 11.57 -37.99 17.03
C ASP A 129 10.32 -37.35 16.43
N HIS A 130 10.50 -36.23 15.75
CA HIS A 130 9.38 -35.47 15.24
C HIS A 130 8.78 -36.00 13.93
N PRO A 131 9.55 -36.40 12.87
CA PRO A 131 8.86 -37.02 11.74
C PRO A 131 8.62 -38.51 11.91
N ASN A 132 8.25 -38.94 13.12
CA ASN A 132 7.66 -40.24 13.36
C ASN A 132 6.51 -40.22 14.32
N ARG A 133 6.41 -39.21 15.19
CA ARG A 133 5.28 -39.03 16.08
C ARG A 133 4.20 -38.14 15.47
N VAL A 134 4.49 -37.50 14.33
CA VAL A 134 3.45 -36.87 13.53
C VAL A 134 2.78 -37.90 12.65
N LEU A 135 3.57 -38.78 12.03
CA LEU A 135 3.04 -39.89 11.25
C LEU A 135 2.33 -40.91 12.12
N GLU A 136 2.63 -40.96 13.41
CA GLU A 136 1.89 -41.82 14.32
C GLU A 136 0.55 -41.23 14.71
N HIS A 137 0.40 -39.92 14.82
CA HIS A 137 -0.90 -39.27 15.13
C HIS A 137 -1.78 -39.26 13.89
N LEU A 138 -1.25 -39.45 12.69
CA LEU A 138 -2.09 -39.63 11.50
C LEU A 138 -2.76 -40.99 11.47
N HIS A 139 -2.19 -42.00 12.10
CA HIS A 139 -2.91 -43.26 12.27
C HIS A 139 -3.83 -43.23 13.47
N SER A 140 -3.78 -42.16 14.27
CA SER A 140 -4.59 -42.02 15.47
C SER A 140 -5.71 -41.01 15.31
N THR A 141 -5.67 -40.19 14.25
CA THR A 141 -6.74 -39.25 13.98
C THR A 141 -7.59 -39.65 12.78
N ALA A 142 -7.06 -40.47 11.88
CA ALA A 142 -7.80 -40.94 10.72
C ALA A 142 -8.57 -42.21 11.01
N PHE A 143 -8.26 -42.90 12.10
CA PHE A 143 -8.91 -44.14 12.47
C PHE A 143 -9.29 -44.11 13.94
N GLN A 144 -9.89 -43.02 14.39
CA GLN A 144 -10.22 -42.88 15.80
C GLN A 144 -11.39 -43.78 16.18
N ASN A 145 -11.31 -44.32 17.41
CA ASN A 145 -12.30 -45.25 17.98
C ASN A 145 -12.51 -46.49 17.11
N THR A 146 -11.39 -47.00 16.56
CA THR A 146 -11.40 -48.20 15.68
C THR A 146 -10.06 -48.94 15.88
N PRO A 147 -9.98 -50.28 15.82
CA PRO A 147 -8.75 -51.02 16.18
C PRO A 147 -7.46 -50.62 15.45
N LEU A 148 -7.52 -49.87 14.36
CA LEU A 148 -6.30 -49.49 13.65
C LEU A 148 -5.69 -48.20 14.18
N SER A 149 -6.03 -47.80 15.40
CA SER A 149 -5.69 -46.50 15.96
C SER A 149 -4.42 -46.52 16.80
N LEU A 150 -4.23 -47.57 17.58
CA LEU A 150 -3.27 -47.55 18.67
C LEU A 150 -1.84 -47.57 18.14
N PRO A 151 -0.90 -46.90 18.81
CA PRO A 151 0.49 -46.91 18.34
C PRO A 151 1.20 -48.20 18.71
N THR A 152 2.19 -48.54 17.88
CA THR A 152 2.88 -49.83 18.01
C THR A 152 3.74 -49.90 19.26
N ARG A 153 4.28 -48.77 19.70
CA ARG A 153 5.10 -48.75 20.90
C ARG A 153 4.26 -48.72 22.16
N GLY A 154 3.04 -48.18 22.09
CA GLY A 154 2.26 -47.90 23.27
C GLY A 154 2.49 -46.47 23.75
N THR A 155 1.64 -46.05 24.67
CA THR A 155 1.70 -44.69 25.19
C THR A 155 2.16 -44.70 26.63
N LEU A 156 2.76 -43.59 27.06
CA LEU A 156 3.45 -43.48 28.34
C LEU A 156 2.52 -43.58 29.55
N GLU A 157 1.21 -43.46 29.36
CA GLU A 157 0.26 -43.71 30.42
C GLU A 157 -0.38 -45.08 30.34
N SER A 158 -0.50 -45.67 29.15
CA SER A 158 -0.91 -47.06 29.05
C SER A 158 0.22 -47.99 29.41
N LEU A 159 1.45 -47.63 29.04
CA LEU A 159 2.64 -48.45 29.31
C LEU A 159 3.21 -48.18 30.71
N GLU A 160 2.35 -48.17 31.71
CA GLU A 160 2.81 -48.07 33.08
C GLU A 160 2.09 -49.06 33.98
N ASN A 161 0.90 -49.51 33.61
CA ASN A 161 0.11 -50.43 34.42
C ASN A 161 0.22 -51.87 33.94
N LEU A 162 1.19 -52.19 33.10
CA LEU A 162 1.37 -53.55 32.60
C LEU A 162 1.98 -54.41 33.70
N VAL A 163 1.11 -55.04 34.49
CA VAL A 163 1.51 -56.06 35.44
C VAL A 163 1.79 -57.33 34.66
N VAL A 164 2.63 -58.22 35.20
CA VAL A 164 3.04 -59.45 34.52
C VAL A 164 1.88 -60.41 34.29
N ALA A 165 0.74 -60.22 34.96
CA ALA A 165 -0.46 -60.99 34.64
C ALA A 165 -0.99 -60.64 33.25
N ASP A 166 -0.79 -59.38 32.83
CA ASP A 166 -1.28 -58.97 31.52
C ASP A 166 -0.38 -59.52 30.40
N LEU A 167 0.93 -59.57 30.65
CA LEU A 167 1.88 -60.01 29.64
C LEU A 167 1.76 -61.50 29.32
N GLU A 168 1.21 -62.29 30.23
CA GLU A 168 0.94 -63.70 29.98
C GLU A 168 -0.51 -63.96 29.58
N SER A 169 -1.42 -63.04 29.89
CA SER A 169 -2.77 -63.15 29.38
C SER A 169 -2.85 -62.83 27.89
N PHE A 170 -1.87 -62.08 27.38
CA PHE A 170 -1.81 -61.81 25.95
C PHE A 170 -1.35 -63.03 25.17
N ALA A 171 -0.60 -63.92 25.82
CA ALA A 171 0.03 -65.03 25.11
C ALA A 171 -0.98 -66.10 24.73
N ASN A 172 -1.86 -66.46 25.66
CA ASN A 172 -2.78 -67.57 25.46
C ASN A 172 -3.88 -67.26 24.46
N ASN A 173 -4.02 -66.00 24.05
CA ASN A 173 -5.01 -65.62 23.04
C ASN A 173 -4.41 -65.36 21.67
N HIS A 174 -3.14 -64.97 21.59
CA HIS A 174 -2.59 -64.52 20.32
C HIS A 174 -1.28 -65.21 19.93
N PHE A 175 -0.83 -66.20 20.70
CA PHE A 175 0.35 -66.97 20.31
C PHE A 175 -0.03 -68.42 20.08
N LEU A 176 -1.14 -68.64 19.37
CA LEU A 176 -1.77 -69.94 19.29
C LEU A 176 -1.31 -70.70 18.06
N ASN A 177 -1.90 -71.88 17.84
CA ASN A 177 -1.35 -72.83 16.87
C ASN A 177 -1.70 -72.44 15.44
N SER A 178 -2.90 -71.90 15.21
CA SER A 178 -3.26 -71.44 13.88
C SER A 178 -2.53 -70.15 13.52
N ASN A 179 -2.38 -69.25 14.51
CA ASN A 179 -1.59 -68.03 14.36
C ASN A 179 -0.11 -68.35 14.52
N ALA A 180 0.45 -69.01 13.50
CA ALA A 180 1.83 -69.45 13.57
C ALA A 180 2.33 -69.72 12.16
N VAL A 181 3.43 -69.08 11.79
CA VAL A 181 4.12 -69.35 10.53
C VAL A 181 5.61 -69.47 10.84
N VAL A 182 6.21 -70.61 10.50
CA VAL A 182 7.62 -70.86 10.77
C VAL A 182 8.45 -70.60 9.52
N VAL A 183 9.13 -69.46 9.48
CA VAL A 183 9.88 -69.07 8.30
C VAL A 183 11.33 -69.50 8.47
N GLY A 184 12.00 -69.79 7.37
CA GLY A 184 13.44 -69.89 7.38
C GLY A 184 14.01 -69.49 6.04
N THR A 185 14.87 -68.48 6.01
CA THR A 185 15.41 -67.94 4.77
C THR A 185 16.93 -68.08 4.79
N GLY A 186 17.58 -67.50 3.78
CA GLY A 186 19.02 -67.46 3.75
C GLY A 186 19.70 -68.68 3.15
N ASN A 187 19.90 -69.74 3.93
CA ASN A 187 20.63 -70.89 3.40
C ASN A 187 20.05 -72.22 3.87
N ILE A 188 18.89 -72.25 4.47
CA ILE A 188 18.32 -73.48 4.99
C ILE A 188 17.48 -74.15 3.91
N LYS A 189 17.67 -75.45 3.73
CA LYS A 189 16.87 -76.18 2.76
C LYS A 189 15.46 -76.39 3.28
N HIS A 190 14.53 -76.67 2.38
CA HIS A 190 13.14 -76.89 2.79
C HIS A 190 13.01 -78.22 3.51
N GLU A 191 13.60 -79.28 2.95
CA GLU A 191 13.52 -80.60 3.57
C GLU A 191 14.43 -80.70 4.79
N ASP A 192 15.41 -79.80 4.92
CA ASP A 192 16.23 -79.74 6.13
C ASP A 192 15.40 -79.27 7.31
N LEU A 193 14.43 -78.39 7.08
CA LEU A 193 13.64 -77.80 8.15
C LEU A 193 12.42 -78.65 8.50
N VAL A 194 11.93 -79.45 7.56
CA VAL A 194 10.68 -80.19 7.77
C VAL A 194 10.89 -81.33 8.77
N ASN A 195 11.92 -82.15 8.53
CA ASN A 195 12.15 -83.28 9.43
C ASN A 195 12.71 -82.83 10.77
N SER A 196 13.35 -81.66 10.80
CA SER A 196 13.87 -81.12 12.05
C SER A 196 12.75 -80.72 13.00
N ILE A 197 11.60 -80.31 12.47
CA ILE A 197 10.47 -80.01 13.32
C ILE A 197 9.78 -81.30 13.75
N GLU A 198 9.57 -82.23 12.82
CA GLU A 198 8.97 -83.52 13.16
C GLU A 198 9.96 -84.52 13.74
N SER A 199 11.23 -84.13 13.93
CA SER A 199 12.07 -84.86 14.86
C SER A 199 11.53 -84.74 16.27
N LYS A 200 11.00 -83.58 16.60
CA LYS A 200 10.23 -83.38 17.82
C LYS A 200 8.75 -83.61 17.49
N ASN A 201 7.84 -83.17 18.34
CA ASN A 201 6.41 -83.39 18.12
C ASN A 201 5.63 -82.11 17.83
N LEU A 202 5.82 -81.07 18.64
CA LEU A 202 5.27 -79.71 18.43
C LEU A 202 3.74 -79.72 18.37
N SER A 203 3.13 -80.06 19.51
CA SER A 203 1.67 -80.09 19.63
C SER A 203 1.23 -78.97 20.57
N LEU A 204 0.73 -77.87 20.01
CA LEU A 204 0.21 -76.76 20.79
C LEU A 204 -1.32 -76.88 20.85
N GLN A 205 -2.01 -75.89 21.45
CA GLN A 205 -3.32 -76.22 22.05
C GLN A 205 -4.46 -76.26 21.04
N THR A 206 -4.85 -75.05 20.53
CA THR A 206 -5.91 -75.05 19.52
C THR A 206 -5.64 -74.21 18.27
N GLY A 207 -5.27 -72.94 18.45
CA GLY A 207 -5.39 -71.95 17.39
C GLY A 207 -6.54 -70.99 17.65
N THR A 208 -7.18 -70.34 16.60
CA THR A 208 -8.42 -69.57 16.71
C THR A 208 -8.29 -68.37 17.67
N LYS A 209 -7.52 -67.37 17.23
CA LYS A 209 -7.50 -66.03 17.83
C LYS A 209 -8.93 -65.49 18.01
N PRO A 210 -9.21 -64.72 19.11
CA PRO A 210 -10.60 -64.60 19.58
C PRO A 210 -11.63 -63.90 18.70
N VAL A 211 -11.55 -62.59 18.48
CA VAL A 211 -12.72 -61.92 17.91
C VAL A 211 -12.47 -60.91 16.78
N LEU A 212 -11.63 -59.85 17.09
CA LEU A 212 -11.56 -58.66 16.24
C LEU A 212 -12.92 -57.96 16.19
N LYS A 213 -13.33 -57.39 17.28
CA LYS A 213 -14.64 -56.77 17.52
C LYS A 213 -15.15 -55.93 16.35
N LYS A 214 -14.42 -54.87 15.99
CA LYS A 214 -14.87 -53.90 15.02
C LYS A 214 -14.02 -53.96 13.76
N LYS A 215 -14.32 -53.08 12.81
CA LYS A 215 -13.61 -52.96 11.56
C LYS A 215 -12.92 -51.60 11.50
N ALA A 216 -12.12 -51.40 10.45
CA ALA A 216 -11.44 -50.14 10.24
C ALA A 216 -12.27 -49.22 9.37
N ALA A 217 -12.30 -47.93 9.73
CA ALA A 217 -13.10 -46.95 9.01
C ALA A 217 -12.35 -45.63 8.97
N PHE A 218 -12.17 -45.09 7.77
CA PHE A 218 -11.55 -43.79 7.58
C PHE A 218 -12.48 -42.68 8.08
N LEU A 219 -11.89 -41.63 8.65
CA LEU A 219 -12.63 -40.46 9.08
C LEU A 219 -11.84 -39.21 8.76
N GLY A 220 -12.52 -38.18 8.26
CA GLY A 220 -11.86 -36.91 7.97
C GLY A 220 -11.71 -36.10 9.23
N SER A 221 -10.47 -35.71 9.53
CA SER A 221 -10.14 -35.08 10.79
C SER A 221 -8.83 -34.34 10.65
N GLU A 222 -8.38 -33.73 11.75
CA GLU A 222 -7.06 -33.14 11.87
C GLU A 222 -6.69 -33.02 13.33
N VAL A 223 -5.39 -32.94 13.61
CA VAL A 223 -4.89 -32.75 14.97
C VAL A 223 -3.67 -31.85 14.90
N ARG A 224 -3.59 -30.87 15.79
CA ARG A 224 -2.55 -29.85 15.79
C ARG A 224 -1.84 -29.84 17.12
N LEU A 225 -0.51 -29.89 17.09
CA LEU A 225 0.33 -29.86 18.28
C LEU A 225 1.29 -28.69 18.13
N ARG A 226 0.84 -27.50 18.50
CA ARG A 226 1.64 -26.30 18.28
C ARG A 226 2.66 -26.12 19.39
N ASP A 227 3.92 -25.94 18.99
CA ASP A 227 5.04 -25.86 19.92
C ASP A 227 5.96 -24.79 19.33
N ASP A 228 5.98 -23.62 19.98
CA ASP A 228 6.65 -22.45 19.44
C ASP A 228 8.16 -22.46 19.65
N THR A 229 8.70 -23.40 20.41
CA THR A 229 10.12 -23.42 20.69
C THR A 229 10.92 -24.25 19.69
N LEU A 230 10.27 -25.12 18.93
CA LEU A 230 10.97 -25.89 17.91
C LEU A 230 11.25 -25.01 16.69
N PRO A 231 12.33 -25.28 15.96
CA PRO A 231 12.68 -24.42 14.82
C PRO A 231 12.08 -24.83 13.48
N LYS A 232 11.07 -25.68 13.44
CA LYS A 232 10.59 -26.21 12.16
C LYS A 232 9.09 -26.46 12.24
N ALA A 233 8.55 -27.01 11.15
CA ALA A 233 7.18 -27.49 11.09
C ALA A 233 7.16 -28.80 10.31
N TRP A 234 6.61 -29.84 10.92
CA TRP A 234 6.42 -31.14 10.29
C TRP A 234 4.93 -31.35 10.07
N ILE A 235 4.55 -31.82 8.87
CA ILE A 235 3.15 -31.91 8.47
C ILE A 235 2.96 -33.18 7.64
N SER A 236 1.93 -33.96 7.96
CA SER A 236 1.58 -35.16 7.22
C SER A 236 0.10 -35.12 6.85
N LEU A 237 -0.27 -35.78 5.75
CA LEU A 237 -1.61 -35.62 5.17
C LEU A 237 -1.91 -36.78 4.23
N ALA A 238 -3.08 -37.41 4.37
CA ALA A 238 -3.39 -38.57 3.56
C ALA A 238 -4.90 -38.73 3.37
N VAL A 239 -5.26 -39.46 2.31
CA VAL A 239 -6.63 -39.88 2.02
C VAL A 239 -6.69 -41.38 2.18
N GLU A 240 -7.86 -41.97 1.99
CA GLU A 240 -8.00 -43.42 2.08
C GLU A 240 -7.30 -44.09 0.90
N GLY A 241 -6.99 -45.37 1.07
CA GLY A 241 -6.24 -46.10 0.08
C GLY A 241 -6.64 -47.55 -0.04
N GLU A 242 -5.78 -48.35 -0.65
CA GLU A 242 -6.07 -49.72 -1.03
C GLU A 242 -5.41 -50.70 -0.09
N PRO A 243 -6.15 -51.62 0.50
CA PRO A 243 -5.56 -52.59 1.43
C PRO A 243 -4.82 -53.68 0.67
N VAL A 244 -4.32 -54.67 1.41
CA VAL A 244 -3.88 -55.89 0.77
C VAL A 244 -5.11 -56.70 0.37
N ASN A 245 -4.91 -57.62 -0.58
CA ASN A 245 -5.98 -58.33 -1.30
C ASN A 245 -6.96 -57.33 -1.92
N SER A 246 -6.41 -56.47 -2.76
CA SER A 246 -7.17 -55.45 -3.48
C SER A 246 -6.72 -55.46 -4.93
N PRO A 247 -7.66 -55.32 -5.87
CA PRO A 247 -7.28 -55.34 -7.30
C PRO A 247 -6.55 -54.09 -7.75
N ASN A 248 -6.56 -53.02 -6.97
CA ASN A 248 -5.83 -51.80 -7.24
C ASN A 248 -4.66 -51.63 -6.27
N TYR A 249 -3.99 -52.73 -5.92
CA TYR A 249 -2.88 -52.65 -4.99
C TYR A 249 -1.66 -51.99 -5.63
N PHE A 250 -1.26 -52.48 -6.81
CA PHE A 250 -0.11 -51.89 -7.50
C PHE A 250 -0.44 -50.57 -8.16
N VAL A 251 -1.71 -50.19 -8.24
CA VAL A 251 -2.08 -48.95 -8.91
C VAL A 251 -1.99 -47.77 -7.95
N ALA A 252 -2.31 -47.98 -6.67
CA ALA A 252 -2.09 -46.95 -5.67
C ALA A 252 -0.62 -46.75 -5.37
N LYS A 253 0.22 -47.77 -5.54
CA LYS A 253 1.65 -47.64 -5.35
C LYS A 253 2.33 -46.97 -6.53
N LEU A 254 1.80 -47.16 -7.72
CA LEU A 254 2.38 -46.54 -8.92
C LEU A 254 2.14 -45.04 -8.91
N ALA A 255 1.07 -44.59 -8.27
CA ALA A 255 0.73 -43.17 -8.25
C ALA A 255 1.47 -42.40 -7.18
N ALA A 256 1.87 -43.05 -6.08
CA ALA A 256 2.71 -42.40 -5.09
C ALA A 256 4.11 -42.16 -5.62
N GLN A 257 4.58 -43.00 -6.53
CA GLN A 257 5.89 -42.85 -7.15
C GLN A 257 5.92 -41.71 -8.15
N ILE A 258 4.76 -41.22 -8.59
CA ILE A 258 4.71 -40.15 -9.58
C ILE A 258 5.24 -38.85 -9.00
N PHE A 259 4.91 -38.57 -7.73
CA PHE A 259 5.40 -37.36 -7.09
C PHE A 259 6.62 -37.60 -6.21
N GLY A 260 6.81 -38.81 -5.68
CA GLY A 260 8.11 -39.28 -5.22
C GLY A 260 8.65 -38.62 -3.95
N SER A 261 9.97 -38.54 -3.89
CA SER A 261 10.74 -38.09 -2.74
C SER A 261 11.61 -36.90 -3.11
N TYR A 262 12.00 -36.13 -2.09
CA TYR A 262 12.76 -34.91 -2.31
C TYR A 262 13.63 -34.60 -1.11
N ASN A 263 14.84 -34.13 -1.38
CA ASN A 263 15.74 -33.64 -0.34
C ASN A 263 16.37 -32.35 -0.86
N ALA A 264 16.17 -31.25 -0.13
CA ALA A 264 16.52 -29.93 -0.66
C ALA A 264 18.01 -29.68 -0.69
N PHE A 265 18.81 -30.48 0.00
CA PHE A 265 20.24 -30.24 0.07
C PHE A 265 21.07 -31.20 -0.77
N GLU A 266 20.49 -32.31 -1.21
CA GLU A 266 21.19 -33.20 -2.12
C GLU A 266 21.06 -32.64 -3.54
N PRO A 267 22.16 -32.41 -4.26
CA PRO A 267 22.06 -31.74 -5.56
C PRO A 267 21.39 -32.57 -6.64
N ALA A 268 21.65 -33.87 -6.71
CA ALA A 268 21.04 -34.70 -7.73
C ALA A 268 19.57 -35.00 -7.46
N SER A 269 19.09 -34.75 -6.25
CA SER A 269 17.68 -34.90 -5.94
C SER A 269 16.86 -33.69 -6.33
N ARG A 270 17.51 -32.60 -6.71
CA ARG A 270 16.82 -31.41 -7.19
C ARG A 270 16.53 -31.47 -8.68
N LEU A 271 16.99 -32.51 -9.37
CA LEU A 271 16.93 -32.57 -10.82
C LEU A 271 15.97 -33.64 -11.33
N GLN A 272 15.04 -34.07 -10.50
CA GLN A 272 14.15 -35.16 -10.86
C GLN A 272 13.06 -34.69 -11.82
N GLY A 273 12.41 -35.66 -12.46
CA GLY A 273 11.37 -35.36 -13.41
C GLY A 273 9.99 -35.22 -12.80
N ILE A 274 9.89 -34.44 -11.74
CA ILE A 274 8.64 -34.21 -11.02
C ILE A 274 8.19 -32.78 -11.30
N LYS A 275 6.89 -32.62 -11.56
CA LYS A 275 6.33 -31.32 -11.92
C LYS A 275 6.13 -30.39 -10.74
N LEU A 276 6.31 -30.89 -9.51
CA LEU A 276 6.18 -30.07 -8.32
C LEU A 276 7.47 -29.35 -7.96
N LEU A 277 8.60 -29.75 -8.54
CA LEU A 277 9.92 -29.26 -8.15
C LEU A 277 10.36 -28.08 -9.00
N ASP A 278 9.42 -27.26 -9.43
CA ASP A 278 9.71 -25.91 -9.90
C ASP A 278 8.83 -24.85 -9.26
N ASN A 279 7.75 -25.24 -8.58
CA ASN A 279 7.01 -24.34 -7.73
C ASN A 279 7.64 -24.23 -6.35
N ILE A 280 8.19 -25.33 -5.84
CA ILE A 280 8.83 -25.33 -4.52
C ILE A 280 10.21 -24.71 -4.58
N GLN A 281 10.99 -25.02 -5.62
CA GLN A 281 12.37 -24.57 -5.70
C GLN A 281 12.52 -23.12 -6.13
N GLU A 282 11.44 -22.35 -6.20
CA GLU A 282 11.54 -20.93 -6.52
C GLU A 282 11.55 -20.05 -5.28
N TYR A 283 10.71 -20.36 -4.30
CA TYR A 283 10.66 -19.60 -3.06
C TYR A 283 11.11 -20.42 -1.86
N GLN A 284 11.64 -21.63 -2.10
CA GLN A 284 12.25 -22.52 -1.10
C GLN A 284 11.25 -22.86 0.01
N LEU A 285 10.21 -23.59 -0.40
CA LEU A 285 9.07 -23.81 0.49
C LEU A 285 9.35 -24.88 1.55
N CYS A 286 10.20 -25.87 1.26
CA CYS A 286 10.38 -26.97 2.20
C CYS A 286 11.83 -27.45 2.16
N ASP A 287 12.11 -28.45 2.99
CA ASP A 287 13.37 -29.20 3.01
C ASP A 287 13.22 -30.63 2.53
N ASN A 288 12.11 -31.28 2.85
CA ASN A 288 11.86 -32.67 2.55
C ASN A 288 10.41 -32.84 2.10
N PHE A 289 10.18 -33.81 1.22
CA PHE A 289 8.90 -34.50 1.18
C PHE A 289 9.10 -35.89 0.60
N ASN A 290 8.20 -36.79 0.98
CA ASN A 290 8.18 -38.15 0.46
C ASN A 290 6.73 -38.60 0.39
N HIS A 291 6.38 -39.33 -0.67
CA HIS A 291 5.02 -39.81 -0.87
C HIS A 291 4.96 -41.29 -0.58
N PHE A 292 3.99 -41.70 0.24
CA PHE A 292 3.87 -43.07 0.70
C PHE A 292 2.57 -43.69 0.23
N SER A 293 2.49 -45.02 0.38
CA SER A 293 1.26 -45.76 0.12
C SER A 293 1.24 -46.95 1.07
N LEU A 294 0.64 -46.78 2.22
CA LEU A 294 0.56 -47.84 3.22
C LEU A 294 -0.63 -48.74 2.93
N SER A 295 -0.50 -50.00 3.32
CA SER A 295 -1.55 -50.98 3.03
C SER A 295 -1.58 -52.00 4.15
N TYR A 296 -2.78 -52.24 4.67
CA TYR A 296 -3.00 -53.17 5.76
C TYR A 296 -4.04 -54.19 5.35
N LYS A 297 -4.50 -54.97 6.33
CA LYS A 297 -5.53 -55.97 6.11
C LYS A 297 -6.91 -55.37 5.88
N ASP A 298 -7.12 -54.11 6.23
CA ASP A 298 -8.46 -53.54 6.21
C ASP A 298 -8.57 -52.24 5.42
N SER A 299 -7.52 -51.44 5.41
CA SER A 299 -7.57 -50.12 4.79
C SER A 299 -6.20 -49.78 4.23
N GLY A 300 -6.00 -48.51 3.88
CA GLY A 300 -4.73 -48.01 3.42
C GLY A 300 -4.73 -46.51 3.44
N LEU A 301 -3.55 -45.93 3.26
CA LEU A 301 -3.38 -44.48 3.27
C LEU A 301 -2.47 -44.07 2.13
N TRP A 302 -2.83 -43.02 1.42
CA TRP A 302 -2.06 -42.48 0.31
C TRP A 302 -1.84 -41.00 0.57
N GLY A 303 -0.57 -40.57 0.61
CA GLY A 303 -0.31 -39.20 1.01
C GLY A 303 1.14 -38.77 0.96
N PHE A 304 1.55 -37.89 1.88
CA PHE A 304 2.91 -37.36 1.91
C PHE A 304 3.20 -36.80 3.30
N SER A 305 4.49 -36.57 3.57
CA SER A 305 4.96 -35.90 4.78
C SER A 305 6.07 -34.94 4.41
N THR A 306 6.09 -33.77 5.04
CA THR A 306 7.05 -32.73 4.72
C THR A 306 7.68 -32.16 5.99
N ALA A 307 8.72 -31.35 5.81
CA ALA A 307 9.35 -30.63 6.90
C ALA A 307 9.98 -29.36 6.37
N THR A 308 9.71 -28.23 7.01
CA THR A 308 10.10 -26.95 6.46
C THR A 308 10.49 -25.96 7.55
N ARG A 309 11.31 -24.99 7.15
CA ARG A 309 11.67 -23.86 8.01
C ARG A 309 11.05 -22.55 7.56
N ASN A 310 10.57 -22.46 6.33
CA ASN A 310 9.86 -21.29 5.81
C ASN A 310 8.46 -21.33 6.39
N VAL A 311 8.32 -20.83 7.62
CA VAL A 311 7.09 -21.02 8.38
C VAL A 311 6.04 -19.95 8.10
N THR A 312 6.30 -19.04 7.17
CA THR A 312 5.29 -18.09 6.75
C THR A 312 4.55 -18.55 5.51
N MET A 313 5.23 -19.26 4.62
CA MET A 313 4.67 -19.72 3.35
C MET A 313 4.25 -21.17 3.41
N ILE A 314 3.70 -21.61 4.55
CA ILE A 314 3.23 -22.98 4.70
C ILE A 314 2.01 -23.22 3.82
N ASP A 315 1.07 -22.26 3.80
CA ASP A 315 -0.16 -22.44 3.03
C ASP A 315 0.05 -22.35 1.53
N ASP A 316 1.16 -21.75 1.09
CA ASP A 316 1.55 -21.83 -0.31
C ASP A 316 2.09 -23.20 -0.68
N LEU A 317 2.60 -23.94 0.31
CA LEU A 317 3.15 -25.27 0.05
C LEU A 317 2.06 -26.32 -0.03
N ILE A 318 1.06 -26.24 0.87
CA ILE A 318 -0.05 -27.18 0.85
C ILE A 318 -0.95 -26.92 -0.35
N HIS A 319 -0.98 -25.69 -0.85
CA HIS A 319 -1.78 -25.37 -2.02
C HIS A 319 -1.18 -25.93 -3.29
N PHE A 320 0.14 -25.82 -3.46
CA PHE A 320 0.77 -26.22 -4.71
C PHE A 320 0.89 -27.74 -4.86
N THR A 321 0.86 -28.50 -3.78
CA THR A 321 0.92 -29.95 -3.92
C THR A 321 -0.44 -30.57 -4.10
N LEU A 322 -1.50 -29.99 -3.54
CA LEU A 322 -2.83 -30.53 -3.72
C LEU A 322 -3.40 -30.21 -5.09
N LYS A 323 -2.87 -29.19 -5.77
CA LYS A 323 -3.25 -28.88 -7.13
C LYS A 323 -2.64 -29.83 -8.15
N GLN A 324 -1.60 -30.56 -7.76
CA GLN A 324 -0.99 -31.57 -8.61
C GLN A 324 -1.70 -32.91 -8.50
N TRP A 325 -2.35 -33.16 -7.37
CA TRP A 325 -3.12 -34.40 -7.20
C TRP A 325 -4.37 -34.42 -8.07
N ASN A 326 -4.85 -33.24 -8.48
CA ASN A 326 -6.03 -33.15 -9.33
C ASN A 326 -5.73 -33.67 -10.72
N ARG A 327 -4.48 -33.56 -11.18
CA ARG A 327 -4.14 -33.94 -12.54
C ARG A 327 -4.13 -35.44 -12.76
N LEU A 328 -4.20 -36.25 -11.70
CA LEU A 328 -4.31 -37.70 -11.85
C LEU A 328 -5.68 -38.14 -12.31
N THR A 329 -6.68 -37.26 -12.30
CA THR A 329 -7.99 -37.58 -12.83
C THR A 329 -8.30 -36.91 -14.15
N ILE A 330 -7.61 -35.81 -14.50
CA ILE A 330 -7.96 -35.01 -15.67
C ILE A 330 -6.82 -34.97 -16.69
N SER A 331 -5.58 -34.75 -16.23
CA SER A 331 -4.53 -34.43 -17.19
C SER A 331 -3.21 -35.11 -16.84
N VAL A 332 -3.23 -36.37 -16.42
CA VAL A 332 -1.98 -37.10 -16.21
C VAL A 332 -1.44 -37.52 -17.57
N THR A 333 -0.12 -37.50 -17.71
CA THR A 333 0.54 -37.67 -18.99
C THR A 333 1.12 -39.09 -19.10
N ASP A 334 1.21 -39.58 -20.33
CA ASP A 334 1.72 -40.93 -20.58
C ASP A 334 3.21 -41.04 -20.27
N THR A 335 3.95 -39.94 -20.35
CA THR A 335 5.36 -39.97 -20.02
C THR A 335 5.57 -40.14 -18.51
N GLU A 336 4.75 -39.47 -17.70
CA GLU A 336 4.84 -39.60 -16.26
C GLU A 336 4.42 -40.97 -15.77
N VAL A 337 3.65 -41.71 -16.55
CA VAL A 337 3.26 -43.06 -16.15
C VAL A 337 4.42 -44.04 -16.36
N GLU A 338 5.13 -43.91 -17.48
CA GLU A 338 6.20 -44.84 -17.81
C GLU A 338 7.45 -44.61 -16.98
N ARG A 339 7.64 -43.41 -16.43
CA ARG A 339 8.74 -43.19 -15.48
C ARG A 339 8.42 -43.81 -14.13
N ALA A 340 7.17 -43.67 -13.67
CA ALA A 340 6.78 -44.27 -12.40
C ALA A 340 6.62 -45.78 -12.51
N LYS A 341 6.28 -46.30 -13.69
CA LYS A 341 6.27 -47.74 -13.91
C LYS A 341 7.66 -48.32 -13.85
N SER A 342 8.68 -47.57 -14.26
CA SER A 342 10.06 -48.02 -14.24
C SER A 342 10.68 -47.92 -12.85
N LEU A 343 10.42 -46.83 -12.12
CA LEU A 343 11.03 -46.63 -10.82
C LEU A 343 10.36 -47.44 -9.72
N LEU A 344 9.13 -47.89 -9.92
CA LEU A 344 8.48 -48.69 -8.90
C LEU A 344 9.07 -50.10 -8.84
N LYS A 345 9.47 -50.64 -9.98
CA LYS A 345 10.05 -51.98 -10.00
C LYS A 345 11.47 -51.98 -9.45
N LEU A 346 12.19 -50.86 -9.57
CA LEU A 346 13.50 -50.75 -8.96
C LEU A 346 13.39 -50.68 -7.44
N GLN A 347 12.44 -49.89 -6.95
CA GLN A 347 12.18 -49.80 -5.51
C GLN A 347 11.67 -51.11 -4.96
N LEU A 348 10.80 -51.79 -5.71
CA LEU A 348 10.23 -53.03 -5.22
C LEU A 348 11.25 -54.16 -5.27
N GLY A 349 12.24 -54.06 -6.15
CA GLY A 349 13.25 -55.08 -6.28
C GLY A 349 14.45 -54.85 -5.38
N GLN A 350 14.37 -53.86 -4.51
CA GLN A 350 15.36 -53.65 -3.46
C GLN A 350 14.81 -53.90 -2.07
N LEU A 351 13.50 -53.92 -1.90
CA LEU A 351 12.89 -54.36 -0.66
C LEU A 351 12.82 -55.88 -0.57
N TYR A 352 12.65 -56.55 -1.71
CA TYR A 352 12.50 -57.99 -1.76
C TYR A 352 13.78 -58.71 -2.17
N GLU A 353 14.83 -57.98 -2.53
CA GLU A 353 16.10 -58.59 -2.91
C GLU A 353 17.24 -57.93 -2.18
N SER A 354 17.09 -57.70 -0.88
CA SER A 354 18.16 -57.17 -0.06
C SER A 354 19.06 -58.31 0.39
N GLY A 355 20.15 -57.96 1.09
CA GLY A 355 21.10 -58.95 1.52
C GLY A 355 20.80 -59.56 2.86
N ASN A 356 19.99 -58.87 3.67
CA ASN A 356 19.71 -59.31 5.03
C ASN A 356 18.69 -60.43 5.03
N PRO A 357 19.01 -61.62 5.56
CA PRO A 357 17.99 -62.66 5.68
C PRO A 357 16.99 -62.44 6.81
N VAL A 358 17.24 -61.48 7.69
CA VAL A 358 16.28 -61.18 8.75
C VAL A 358 15.13 -60.36 8.20
N ASN A 359 15.42 -59.39 7.33
CA ASN A 359 14.39 -58.60 6.68
C ASN A 359 13.56 -59.43 5.71
N ASP A 360 14.12 -60.49 5.14
CA ASP A 360 13.41 -61.38 4.24
C ASP A 360 12.63 -62.45 4.99
N ALA A 361 12.62 -62.42 6.32
CA ALA A 361 11.73 -63.26 7.11
C ALA A 361 10.54 -62.49 7.67
N ASN A 362 10.65 -61.16 7.78
CA ASN A 362 9.50 -60.36 8.16
C ASN A 362 8.54 -60.23 6.99
N LEU A 363 9.08 -60.11 5.77
CA LEU A 363 8.25 -60.00 4.57
C LEU A 363 7.52 -61.31 4.30
N LEU A 364 8.22 -62.43 4.40
CA LEU A 364 7.72 -63.73 4.02
C LEU A 364 7.05 -64.46 5.17
N GLY A 365 6.52 -63.71 6.14
CA GLY A 365 5.77 -64.30 7.22
C GLY A 365 4.41 -63.66 7.34
N ALA A 366 4.23 -62.56 6.63
CA ALA A 366 2.92 -61.94 6.52
C ALA A 366 2.24 -62.23 5.20
N GLU A 367 2.99 -62.31 4.10
CA GLU A 367 2.39 -62.64 2.82
C GLU A 367 1.98 -64.10 2.74
N VAL A 368 2.67 -64.97 3.46
CA VAL A 368 2.25 -66.37 3.54
C VAL A 368 1.11 -66.53 4.53
N LEU A 369 0.97 -65.61 5.49
CA LEU A 369 -0.06 -65.74 6.50
C LEU A 369 -1.41 -65.22 6.02
N ILE A 370 -1.43 -64.04 5.39
CA ILE A 370 -2.69 -63.48 4.90
C ILE A 370 -3.10 -64.13 3.59
N LYS A 371 -2.26 -64.00 2.56
CA LYS A 371 -2.59 -64.46 1.22
C LYS A 371 -2.51 -65.97 1.05
N GLY A 372 -2.03 -66.71 2.05
CA GLY A 372 -1.86 -68.15 1.94
C GLY A 372 -0.51 -68.56 1.40
N SER A 373 -0.02 -67.88 0.36
CA SER A 373 1.30 -68.11 -0.17
C SER A 373 1.81 -66.82 -0.80
N LYS A 374 3.09 -66.82 -1.14
CA LYS A 374 3.80 -65.60 -1.52
C LYS A 374 3.76 -65.43 -3.03
N LEU A 375 3.43 -64.21 -3.47
CA LEU A 375 3.53 -63.86 -4.88
C LEU A 375 4.99 -63.59 -5.24
N SER A 376 5.40 -64.08 -6.40
CA SER A 376 6.78 -63.92 -6.83
C SER A 376 7.04 -62.50 -7.32
N LEU A 377 8.31 -62.21 -7.58
CA LEU A 377 8.70 -60.95 -8.17
C LEU A 377 8.66 -60.98 -9.69
N GLY A 378 8.60 -62.17 -10.29
CA GLY A 378 8.44 -62.26 -11.72
C GLY A 378 7.03 -61.90 -12.13
N GLU A 379 6.07 -62.26 -11.28
CA GLU A 379 4.68 -61.97 -11.55
C GLU A 379 4.30 -60.54 -11.19
N ALA A 380 4.89 -59.99 -10.13
CA ALA A 380 4.62 -58.59 -9.79
C ALA A 380 5.28 -57.63 -10.78
N PHE A 381 6.38 -58.06 -11.41
CA PHE A 381 6.99 -57.25 -12.45
C PHE A 381 6.19 -57.29 -13.75
N LYS A 382 5.37 -58.31 -13.93
CA LYS A 382 4.54 -58.39 -15.14
C LYS A 382 3.29 -57.54 -15.02
N LYS A 383 2.56 -57.69 -13.92
CA LYS A 383 1.29 -56.99 -13.77
C LYS A 383 1.44 -55.53 -13.38
N ILE A 384 2.66 -55.05 -13.16
CA ILE A 384 2.88 -53.61 -13.11
C ILE A 384 2.95 -53.05 -14.53
N ASP A 385 3.45 -53.83 -15.49
CA ASP A 385 3.55 -53.40 -16.87
C ASP A 385 2.22 -53.39 -17.62
N ALA A 386 1.11 -53.74 -16.99
CA ALA A 386 -0.19 -53.76 -17.63
C ALA A 386 -1.08 -52.57 -17.27
N ILE A 387 -0.65 -51.73 -16.33
CA ILE A 387 -1.42 -50.55 -15.95
C ILE A 387 -1.34 -49.50 -17.05
N THR A 388 -2.49 -48.90 -17.38
CA THR A 388 -2.61 -47.94 -18.45
C THR A 388 -2.96 -46.58 -17.85
N VAL A 389 -2.80 -45.51 -18.64
CA VAL A 389 -3.15 -44.16 -18.22
C VAL A 389 -4.64 -44.02 -17.96
N LYS A 390 -5.47 -44.81 -18.65
CA LYS A 390 -6.89 -44.83 -18.35
C LYS A 390 -7.17 -45.45 -17.00
N ASP A 391 -6.39 -46.46 -16.61
CA ASP A 391 -6.60 -47.13 -15.33
C ASP A 391 -6.13 -46.30 -14.14
N VAL A 392 -5.24 -45.33 -14.36
CA VAL A 392 -4.88 -44.41 -13.28
C VAL A 392 -6.03 -43.44 -13.01
N LYS A 393 -6.58 -42.87 -14.09
CA LYS A 393 -7.70 -41.94 -13.96
C LYS A 393 -8.97 -42.62 -13.48
N ALA A 394 -9.12 -43.93 -13.69
CA ALA A 394 -10.24 -44.63 -13.11
C ALA A 394 -10.06 -44.84 -11.60
N TRP A 395 -8.81 -45.08 -11.17
CA TRP A 395 -8.55 -45.21 -9.75
C TRP A 395 -8.60 -43.87 -9.04
N ALA A 396 -8.05 -42.83 -9.66
CA ALA A 396 -7.90 -41.55 -8.99
C ALA A 396 -9.23 -40.82 -8.82
N GLY A 397 -10.20 -41.10 -9.69
CA GLY A 397 -11.52 -40.51 -9.52
C GLY A 397 -12.29 -41.07 -8.35
N LYS A 398 -11.97 -42.27 -7.89
CA LYS A 398 -12.63 -42.86 -6.75
C LYS A 398 -12.02 -42.43 -5.43
N ARG A 399 -10.69 -42.39 -5.36
CA ARG A 399 -9.98 -42.21 -4.10
C ARG A 399 -9.61 -40.76 -3.81
N LEU A 400 -9.33 -39.97 -4.83
CA LEU A 400 -8.76 -38.64 -4.64
C LEU A 400 -9.77 -37.52 -4.83
N TRP A 401 -10.55 -37.56 -5.92
CA TRP A 401 -11.31 -36.39 -6.40
C TRP A 401 -12.47 -36.09 -5.46
N ASP A 402 -12.35 -34.96 -4.76
CA ASP A 402 -13.33 -34.45 -3.80
C ASP A 402 -13.66 -35.47 -2.72
N GLN A 403 -12.62 -35.83 -1.96
CA GLN A 403 -12.74 -36.77 -0.86
C GLN A 403 -12.10 -36.16 0.37
N ASP A 404 -12.46 -36.72 1.53
CA ASP A 404 -12.00 -36.22 2.82
C ASP A 404 -10.51 -36.46 3.00
N ILE A 405 -9.92 -35.67 3.88
CA ILE A 405 -8.50 -35.75 4.19
C ILE A 405 -8.33 -35.86 5.70
N ALA A 406 -7.16 -36.35 6.10
CA ALA A 406 -6.71 -36.36 7.49
C ALA A 406 -5.37 -35.65 7.54
N ILE A 407 -5.22 -34.72 8.49
CA ILE A 407 -4.03 -33.89 8.58
C ILE A 407 -3.41 -34.12 9.96
N ALA A 408 -2.11 -33.83 10.08
CA ALA A 408 -1.42 -33.83 11.36
C ALA A 408 -0.19 -32.95 11.25
N GLY A 409 0.10 -32.19 12.31
CA GLY A 409 1.24 -31.29 12.27
C GLY A 409 1.77 -30.95 13.64
N THR A 410 3.03 -30.50 13.67
CA THR A 410 3.60 -29.95 14.90
C THR A 410 4.68 -28.94 14.57
N GLY A 411 5.04 -28.16 15.57
CA GLY A 411 6.08 -27.15 15.44
C GLY A 411 5.50 -25.76 15.25
N GLN A 412 5.95 -25.06 14.21
CA GLN A 412 5.54 -23.69 13.92
C GLN A 412 4.38 -23.71 12.91
N ILE A 413 3.24 -24.22 13.37
CA ILE A 413 2.13 -24.47 12.45
C ILE A 413 1.02 -23.44 12.61
N GLU A 414 1.40 -22.22 13.00
CA GLU A 414 0.43 -21.12 13.04
C GLU A 414 0.00 -20.71 11.64
N GLY A 415 0.91 -20.76 10.68
CA GLY A 415 0.60 -20.41 9.30
C GLY A 415 -0.12 -21.48 8.50
N LEU A 416 -0.53 -22.57 9.14
CA LEU A 416 -1.31 -23.61 8.50
C LEU A 416 -2.78 -23.25 8.62
N LEU A 417 -3.45 -23.10 7.48
CA LEU A 417 -4.85 -22.72 7.47
C LEU A 417 -5.72 -23.89 7.92
N ASP A 418 -7.02 -23.62 8.07
CA ASP A 418 -7.90 -24.59 8.72
C ASP A 418 -8.37 -25.64 7.72
N TYR A 419 -9.42 -26.37 8.10
CA TYR A 419 -9.81 -27.59 7.39
C TYR A 419 -10.38 -27.28 6.01
N MET A 420 -11.42 -26.44 5.94
CA MET A 420 -12.14 -26.26 4.69
C MET A 420 -11.46 -25.32 3.71
N ARG A 421 -10.35 -24.70 4.09
CA ARG A 421 -9.49 -24.07 3.11
C ARG A 421 -8.57 -25.08 2.44
N ILE A 422 -8.28 -26.18 3.13
CA ILE A 422 -7.48 -27.26 2.59
C ILE A 422 -8.35 -28.33 1.93
N ARG A 423 -9.52 -28.60 2.51
CA ARG A 423 -10.47 -29.57 1.94
C ARG A 423 -10.99 -29.11 0.58
N SER A 424 -11.00 -27.80 0.33
CA SER A 424 -11.49 -27.23 -0.91
C SER A 424 -10.42 -27.17 -2.00
N ASP A 425 -9.41 -28.02 -1.93
CA ASP A 425 -8.44 -28.16 -3.01
C ASP A 425 -8.40 -29.59 -3.56
N MET A 426 -9.25 -30.48 -3.08
CA MET A 426 -9.34 -31.85 -3.57
C MET A 426 -10.19 -31.97 -4.83
N SER A 427 -10.72 -30.85 -5.32
CA SER A 427 -11.38 -30.80 -6.62
C SER A 427 -11.27 -29.35 -7.06
N MET A 428 -10.44 -29.09 -8.08
CA MET A 428 -10.19 -27.71 -8.49
C MET A 428 -11.45 -27.06 -9.06
N MET A 429 -12.22 -27.77 -9.88
CA MET A 429 -13.54 -27.22 -10.28
C MET A 429 -13.47 -26.16 -11.39
N ARG A 430 -12.37 -26.00 -12.11
CA ARG A 430 -12.50 -25.25 -13.34
C ARG A 430 -12.68 -26.22 -14.50
N TRP A 431 -13.11 -27.44 -14.18
CA TRP A 431 -13.11 -28.56 -15.10
C TRP A 431 -14.24 -29.54 -14.79
N MET B 1 4.83 -18.23 -4.52
CA MET B 1 3.53 -17.72 -4.11
C MET B 1 2.52 -17.74 -5.26
N ALA B 2 1.23 -17.74 -4.89
CA ALA B 2 0.15 -17.82 -5.87
C ALA B 2 0.02 -16.51 -6.64
N PHE B 3 -0.84 -16.51 -7.64
CA PHE B 3 -1.03 -15.32 -8.47
C PHE B 3 -1.80 -14.22 -7.75
N ARG B 4 -2.67 -14.60 -6.81
CA ARG B 4 -3.47 -13.60 -6.10
C ARG B 4 -2.66 -12.81 -5.08
N LYS B 5 -1.44 -13.25 -4.75
CA LYS B 5 -0.56 -12.49 -3.88
C LYS B 5 0.74 -12.11 -4.59
N SER B 6 0.72 -12.12 -5.92
CA SER B 6 1.89 -11.73 -6.71
C SER B 6 1.57 -10.53 -7.57
N ASN B 7 0.30 -10.41 -7.97
CA ASN B 7 -0.14 -9.29 -8.80
C ASN B 7 -0.18 -8.00 -8.00
N VAL B 8 -0.11 -6.88 -8.72
CA VAL B 8 -0.15 -5.57 -8.08
C VAL B 8 -1.52 -5.29 -7.50
N TYR B 9 -2.57 -5.54 -8.28
CA TYR B 9 -3.92 -5.20 -7.88
C TYR B 9 -4.64 -6.33 -7.16
N LEU B 10 -4.34 -7.58 -7.49
CA LEU B 10 -5.02 -8.71 -6.85
C LEU B 10 -4.54 -8.90 -5.41
N SER B 11 -3.29 -8.53 -5.12
CA SER B 11 -2.81 -8.58 -3.75
C SER B 11 -3.42 -7.49 -2.88
N LEU B 12 -3.97 -6.43 -3.47
CA LEU B 12 -4.81 -5.53 -2.70
C LEU B 12 -6.16 -6.15 -2.41
N VAL B 13 -6.69 -6.94 -3.34
CA VAL B 13 -7.93 -7.66 -3.08
C VAL B 13 -7.69 -8.81 -2.11
N ASN B 14 -6.52 -9.45 -2.20
CA ASN B 14 -6.21 -10.59 -1.36
C ASN B 14 -5.92 -10.19 0.07
N SER B 15 -5.30 -9.03 0.29
CA SER B 15 -5.00 -8.57 1.64
C SER B 15 -6.21 -8.01 2.37
N TYR B 16 -7.34 -7.80 1.69
CA TYR B 16 -8.50 -7.18 2.32
C TYR B 16 -9.71 -8.10 2.44
N ILE B 17 -10.05 -8.87 1.41
CA ILE B 17 -11.29 -9.65 1.45
C ILE B 17 -11.07 -11.13 1.17
N ILE B 18 -9.82 -11.61 1.21
CA ILE B 18 -9.60 -13.04 1.03
C ILE B 18 -8.83 -13.61 2.22
N ASP B 19 -7.61 -13.11 2.43
CA ASP B 19 -6.74 -13.66 3.46
C ASP B 19 -6.49 -12.68 4.60
N SER B 20 -7.43 -11.79 4.87
CA SER B 20 -7.24 -10.88 5.99
C SER B 20 -7.50 -11.61 7.29
N PRO B 21 -6.55 -11.60 8.24
CA PRO B 21 -6.75 -12.33 9.50
C PRO B 21 -7.80 -11.67 10.36
N GLN B 22 -8.90 -12.37 10.56
CA GLN B 22 -10.00 -11.93 11.40
C GLN B 22 -9.99 -12.69 12.72
N PRO B 23 -10.48 -12.09 13.80
CA PRO B 23 -10.66 -12.86 15.03
C PRO B 23 -11.74 -13.92 14.86
N SER B 24 -11.65 -14.94 15.70
CA SER B 24 -12.55 -16.08 15.64
C SER B 24 -13.85 -15.82 16.39
N SER B 25 -14.00 -14.66 17.02
CA SER B 25 -15.01 -14.46 18.04
C SER B 25 -16.06 -13.41 17.69
N ILE B 26 -15.96 -12.74 16.53
CA ILE B 26 -16.82 -11.61 16.24
C ILE B 26 -18.22 -12.08 15.86
N ASN B 27 -19.23 -11.29 16.22
CA ASN B 27 -20.62 -11.66 15.98
C ASN B 27 -21.22 -10.76 14.90
N TYR B 28 -22.54 -10.84 14.74
CA TYR B 28 -23.26 -10.22 13.63
C TYR B 28 -23.30 -8.68 13.69
N TRP B 29 -22.68 -8.03 14.68
CA TRP B 29 -22.58 -6.58 14.69
C TRP B 29 -21.41 -6.06 13.86
N TRP B 30 -20.48 -6.91 13.50
CA TRP B 30 -19.38 -6.56 12.61
C TRP B 30 -19.76 -6.67 11.14
N ASN B 31 -21.06 -6.82 10.84
CA ASN B 31 -21.53 -6.87 9.48
C ASN B 31 -22.11 -5.53 9.00
N MET B 32 -22.40 -4.60 9.91
CA MET B 32 -23.00 -3.33 9.53
C MET B 32 -22.06 -2.47 8.71
N GLY B 33 -20.74 -2.66 8.87
CA GLY B 33 -19.81 -1.93 8.05
C GLY B 33 -19.71 -2.44 6.64
N SER B 34 -20.17 -3.65 6.38
CA SER B 34 -20.20 -4.22 5.05
C SER B 34 -21.43 -3.80 4.26
N LEU B 35 -22.56 -3.61 4.95
CA LEU B 35 -23.77 -3.13 4.29
C LEU B 35 -23.61 -1.71 3.78
N LEU B 36 -22.82 -0.88 4.48
CA LEU B 36 -22.60 0.50 4.09
C LEU B 36 -21.76 0.64 2.83
N GLY B 37 -21.09 -0.42 2.39
CA GLY B 37 -20.41 -0.38 1.11
C GLY B 37 -21.37 -0.74 0.01
N LEU B 38 -22.42 -1.47 0.36
CA LEU B 38 -23.49 -1.76 -0.59
C LEU B 38 -24.51 -0.63 -0.64
N CYS B 39 -24.75 0.02 0.52
CA CYS B 39 -25.68 1.14 0.60
C CYS B 39 -25.19 2.31 -0.24
N LEU B 40 -23.88 2.53 -0.26
CA LEU B 40 -23.32 3.62 -1.05
C LEU B 40 -23.25 3.31 -2.53
N VAL B 41 -23.21 2.02 -2.89
CA VAL B 41 -23.22 1.65 -4.30
C VAL B 41 -24.60 1.83 -4.90
N ILE B 42 -25.64 1.49 -4.12
CA ILE B 42 -27.03 1.62 -4.55
C ILE B 42 -27.39 3.08 -4.80
N GLN B 43 -27.02 3.95 -3.86
CA GLN B 43 -27.42 5.36 -3.94
C GLN B 43 -26.69 6.11 -5.05
N ILE B 44 -25.49 5.67 -5.41
CA ILE B 44 -24.81 6.31 -6.51
C ILE B 44 -25.37 5.81 -7.84
N VAL B 45 -25.67 4.52 -7.93
CA VAL B 45 -26.06 3.93 -9.22
C VAL B 45 -27.47 4.35 -9.60
N THR B 46 -28.42 4.30 -8.66
CA THR B 46 -29.77 4.75 -8.93
C THR B 46 -29.86 6.26 -9.17
N GLY B 47 -28.86 7.03 -8.74
CA GLY B 47 -28.92 8.46 -8.93
C GLY B 47 -28.35 8.94 -10.24
N ILE B 48 -27.45 8.18 -10.84
CA ILE B 48 -26.95 8.54 -12.15
C ILE B 48 -28.00 8.27 -13.21
N PHE B 49 -28.83 7.24 -13.02
CA PHE B 49 -29.91 6.98 -13.97
C PHE B 49 -31.06 7.96 -13.80
N MET B 50 -31.27 8.49 -12.59
CA MET B 50 -32.28 9.51 -12.38
C MET B 50 -31.80 10.91 -12.75
N ALA B 51 -30.50 11.10 -12.92
CA ALA B 51 -29.96 12.38 -13.36
C ALA B 51 -30.04 12.56 -14.87
N MET B 52 -30.49 11.55 -15.60
CA MET B 52 -30.69 11.70 -17.03
C MET B 52 -32.03 12.31 -17.37
N HIS B 53 -32.97 12.32 -16.43
CA HIS B 53 -34.32 12.82 -16.66
C HIS B 53 -34.69 13.97 -15.73
N TYR B 54 -33.72 14.72 -15.23
CA TYR B 54 -33.95 15.75 -14.23
C TYR B 54 -33.55 17.13 -14.76
N SER B 55 -34.33 18.15 -14.38
CA SER B 55 -34.08 19.53 -14.73
C SER B 55 -34.03 20.36 -13.46
N SER B 56 -32.93 21.07 -13.24
CA SER B 56 -32.68 21.70 -11.94
C SER B 56 -33.17 23.15 -11.86
N ASN B 57 -33.85 23.66 -12.89
CA ASN B 57 -34.42 25.00 -12.80
C ASN B 57 -35.58 25.02 -11.82
N ILE B 58 -35.85 26.20 -11.26
CA ILE B 58 -36.85 26.29 -10.19
C ILE B 58 -38.27 26.20 -10.75
N GLU B 59 -38.46 26.40 -12.05
CA GLU B 59 -39.77 26.26 -12.68
C GLU B 59 -39.95 24.90 -13.33
N LEU B 60 -38.93 24.06 -13.33
CA LEU B 60 -39.00 22.72 -13.89
C LEU B 60 -38.72 21.61 -12.88
N ALA B 61 -38.41 21.96 -11.63
CA ALA B 61 -37.93 20.98 -10.66
C ALA B 61 -39.05 20.07 -10.15
N PHE B 62 -40.21 20.63 -9.82
CA PHE B 62 -41.35 19.80 -9.47
C PHE B 62 -42.17 19.42 -10.70
N SER B 63 -41.51 19.06 -11.78
CA SER B 63 -42.15 18.37 -12.89
C SER B 63 -41.25 17.33 -13.52
N SER B 64 -39.95 17.37 -13.27
CA SER B 64 -39.03 16.33 -13.70
C SER B 64 -39.00 15.16 -12.74
N VAL B 65 -39.38 15.36 -11.49
CA VAL B 65 -39.54 14.23 -10.60
C VAL B 65 -40.83 13.47 -10.91
N GLU B 66 -41.85 14.16 -11.41
CA GLU B 66 -43.09 13.49 -11.78
C GLU B 66 -43.02 12.87 -13.16
N HIS B 67 -42.23 13.46 -14.06
CA HIS B 67 -41.97 12.86 -15.36
C HIS B 67 -41.23 11.54 -15.22
N ILE B 68 -40.34 11.44 -14.22
CA ILE B 68 -39.71 10.19 -13.88
C ILE B 68 -40.75 9.18 -13.38
N MET B 69 -41.65 9.61 -12.50
CA MET B 69 -42.56 8.67 -11.86
C MET B 69 -43.71 8.23 -12.74
N ARG B 70 -44.11 9.00 -13.73
CA ARG B 70 -45.24 8.63 -14.62
C ARG B 70 -44.81 8.22 -16.02
N ASP B 71 -43.71 8.73 -16.58
CA ASP B 71 -43.39 8.48 -17.99
C ASP B 71 -42.18 7.56 -18.20
N VAL B 72 -41.18 7.64 -17.33
CA VAL B 72 -39.97 6.84 -17.48
C VAL B 72 -40.29 5.37 -17.18
N HIS B 73 -39.77 4.47 -18.03
CA HIS B 73 -39.98 3.04 -17.85
C HIS B 73 -39.28 2.56 -16.58
N ASN B 74 -40.08 2.01 -15.66
CA ASN B 74 -39.67 1.62 -14.31
C ASN B 74 -39.03 2.79 -13.55
N GLY B 75 -39.54 4.00 -13.79
CA GLY B 75 -38.99 5.17 -13.13
C GLY B 75 -39.40 5.27 -11.68
N TYR B 76 -40.53 4.68 -11.33
CA TYR B 76 -40.94 4.63 -9.93
C TYR B 76 -40.10 3.64 -9.13
N ILE B 77 -39.47 2.66 -9.78
CA ILE B 77 -38.54 1.77 -9.10
C ILE B 77 -37.27 2.52 -8.72
N LEU B 78 -36.81 3.41 -9.62
CA LEU B 78 -35.59 4.18 -9.38
C LEU B 78 -35.76 5.18 -8.24
N ARG B 79 -36.88 5.91 -8.21
CA ARG B 79 -37.05 6.96 -7.22
C ARG B 79 -37.30 6.38 -5.84
N TYR B 80 -38.21 5.41 -5.73
CA TYR B 80 -38.56 4.84 -4.43
C TYR B 80 -37.38 4.10 -3.80
N LEU B 81 -36.46 3.59 -4.62
CA LEU B 81 -35.22 3.04 -4.11
C LEU B 81 -34.28 4.15 -3.62
N HIS B 82 -34.25 5.29 -4.29
CA HIS B 82 -33.40 6.42 -3.91
C HIS B 82 -34.05 7.33 -2.89
N ALA B 83 -35.18 6.94 -2.35
CA ALA B 83 -35.77 7.70 -1.25
C ALA B 83 -36.01 6.88 -0.01
N ASN B 84 -36.20 5.57 -0.14
CA ASN B 84 -36.17 4.67 1.00
C ASN B 84 -34.80 4.09 1.24
N GLY B 85 -33.90 4.13 0.24
CA GLY B 85 -32.55 3.64 0.45
C GLY B 85 -31.69 4.56 1.27
N ALA B 86 -31.91 5.87 1.16
CA ALA B 86 -31.16 6.82 1.98
C ALA B 86 -31.60 6.79 3.43
N SER B 87 -32.85 6.44 3.70
CA SER B 87 -33.27 6.21 5.07
C SER B 87 -32.83 4.85 5.59
N PHE B 88 -32.40 3.93 4.72
CA PHE B 88 -31.75 2.70 5.11
C PHE B 88 -30.25 2.87 5.28
N PHE B 89 -29.64 3.80 4.55
CA PHE B 89 -28.26 4.24 4.72
C PHE B 89 -27.99 4.73 6.15
N PHE B 90 -28.96 5.40 6.77
CA PHE B 90 -28.79 6.03 8.06
C PHE B 90 -29.09 5.12 9.23
N MET B 91 -29.98 4.15 9.05
CA MET B 91 -30.29 3.23 10.14
C MET B 91 -29.14 2.27 10.40
N VAL B 92 -28.38 1.94 9.35
CA VAL B 92 -27.20 1.10 9.53
C VAL B 92 -26.07 1.90 10.14
N MET B 93 -25.90 3.16 9.73
CA MET B 93 -24.81 4.00 10.24
C MET B 93 -25.03 4.40 11.69
N PHE B 94 -26.28 4.48 12.13
CA PHE B 94 -26.54 4.70 13.55
C PHE B 94 -26.22 3.46 14.36
N MET B 95 -26.31 2.28 13.75
CA MET B 95 -25.96 1.04 14.42
C MET B 95 -24.49 0.68 14.25
N HIS B 96 -23.82 1.25 13.26
CA HIS B 96 -22.38 1.08 13.13
C HIS B 96 -21.63 1.84 14.20
N MET B 97 -21.98 3.12 14.39
CA MET B 97 -21.29 3.96 15.36
C MET B 97 -21.65 3.57 16.78
N ALA B 98 -22.82 2.98 17.00
CA ALA B 98 -23.21 2.58 18.34
C ALA B 98 -22.49 1.34 18.81
N LYS B 99 -22.13 0.44 17.89
CA LYS B 99 -21.30 -0.71 18.22
C LYS B 99 -19.91 -0.27 18.64
N GLY B 100 -19.29 0.60 17.84
CA GLY B 100 -17.94 1.09 18.06
C GLY B 100 -17.73 1.91 19.31
N LEU B 101 -18.78 2.37 19.98
CA LEU B 101 -18.61 2.95 21.28
C LEU B 101 -19.12 2.05 22.40
N TYR B 102 -19.69 0.90 22.06
CA TYR B 102 -19.96 -0.12 23.06
C TYR B 102 -18.69 -0.94 23.32
N TYR B 103 -18.19 -1.53 22.29
CA TYR B 103 -16.97 -2.34 22.39
C TYR B 103 -15.82 -1.34 22.55
N GLY B 104 -16.16 -0.04 22.49
CA GLY B 104 -15.15 1.02 22.66
C GLY B 104 -13.90 0.81 21.83
N SER B 105 -14.03 0.88 20.50
CA SER B 105 -12.87 0.71 19.60
C SER B 105 -12.13 2.03 19.42
N TYR B 106 -12.80 3.15 19.75
CA TYR B 106 -12.19 4.47 19.58
C TYR B 106 -10.85 4.60 20.30
N ARG B 107 -10.49 3.64 21.15
CA ARG B 107 -9.33 3.75 22.01
C ARG B 107 -8.05 3.50 21.22
N SER B 108 -6.93 3.56 21.90
CA SER B 108 -5.65 3.25 21.28
C SER B 108 -5.58 1.77 20.95
N PRO B 109 -5.03 1.40 19.79
CA PRO B 109 -4.39 2.23 18.77
C PRO B 109 -5.28 2.70 17.62
N ARG B 110 -6.60 2.72 17.80
CA ARG B 110 -7.52 3.09 16.73
C ARG B 110 -8.19 4.40 17.08
N VAL B 111 -7.49 5.51 16.80
CA VAL B 111 -8.03 6.83 17.07
C VAL B 111 -8.13 7.57 15.74
N THR B 112 -7.25 7.26 14.80
CA THR B 112 -7.40 7.77 13.44
C THR B 112 -8.59 7.11 12.75
N LEU B 113 -8.88 5.86 13.10
CA LEU B 113 -10.08 5.19 12.59
C LEU B 113 -11.35 5.86 13.09
N TRP B 114 -11.32 6.40 14.30
CA TRP B 114 -12.47 7.10 14.85
C TRP B 114 -12.57 8.54 14.36
N ASN B 115 -11.45 9.14 13.99
CA ASN B 115 -11.47 10.54 13.58
C ASN B 115 -11.85 10.72 12.12
N VAL B 116 -11.48 9.78 11.25
CA VAL B 116 -11.92 9.84 9.86
C VAL B 116 -13.35 9.34 9.71
N GLY B 117 -13.91 8.72 10.73
CA GLY B 117 -15.30 8.33 10.72
C GLY B 117 -16.22 9.46 11.10
N VAL B 118 -15.74 10.41 11.90
CA VAL B 118 -16.56 11.57 12.23
C VAL B 118 -16.66 12.50 11.02
N ILE B 119 -15.62 12.56 10.19
CA ILE B 119 -15.67 13.37 8.97
C ILE B 119 -16.68 12.79 7.98
N ILE B 120 -16.83 11.47 7.93
CA ILE B 120 -17.79 10.85 7.03
C ILE B 120 -19.22 11.16 7.47
N PHE B 121 -19.46 11.22 8.78
CA PHE B 121 -20.80 11.50 9.28
C PHE B 121 -21.22 12.95 9.04
N ILE B 122 -20.27 13.87 8.96
CA ILE B 122 -20.61 15.25 8.64
C ILE B 122 -20.96 15.38 7.16
N LEU B 123 -20.19 14.72 6.29
CA LEU B 123 -20.43 14.81 4.87
C LEU B 123 -21.66 14.03 4.41
N THR B 124 -22.17 13.11 5.24
CA THR B 124 -23.36 12.33 4.92
C THR B 124 -24.63 13.10 5.23
N ILE B 125 -24.60 13.88 6.31
CA ILE B 125 -25.71 14.78 6.65
C ILE B 125 -25.86 15.87 5.60
N ALA B 126 -24.75 16.32 5.04
CA ALA B 126 -24.78 17.40 4.06
C ALA B 126 -25.35 16.97 2.72
N THR B 127 -25.16 15.72 2.31
CA THR B 127 -25.74 15.28 1.04
C THR B 127 -27.25 15.12 1.13
N ALA B 128 -27.72 14.54 2.23
CA ALA B 128 -29.16 14.34 2.41
C ALA B 128 -29.92 15.66 2.54
N PHE B 129 -29.25 16.72 3.01
CA PHE B 129 -29.86 18.04 2.98
C PHE B 129 -29.89 18.61 1.56
N LEU B 130 -28.77 18.52 0.84
CA LEU B 130 -28.66 19.15 -0.46
C LEU B 130 -29.52 18.46 -1.52
N GLY B 131 -29.87 17.20 -1.32
CA GLY B 131 -30.64 16.48 -2.31
C GLY B 131 -32.13 16.54 -2.06
N TYR B 132 -32.50 16.70 -0.80
CA TYR B 132 -33.89 16.94 -0.44
C TYR B 132 -34.36 18.34 -0.80
N CYS B 133 -33.43 19.25 -1.08
CA CYS B 133 -33.76 20.57 -1.59
C CYS B 133 -33.89 20.58 -3.11
N CYS B 134 -33.68 19.44 -3.77
CA CYS B 134 -33.75 19.36 -5.22
C CYS B 134 -35.11 18.93 -5.74
N VAL B 135 -35.95 18.35 -4.88
CA VAL B 135 -37.33 18.06 -5.25
C VAL B 135 -38.12 19.34 -5.46
N TYR B 136 -37.82 20.36 -4.65
CA TYR B 136 -38.53 21.64 -4.58
C TYR B 136 -40.02 21.44 -4.32
N GLY B 137 -40.33 20.70 -3.27
CA GLY B 137 -41.66 20.66 -2.71
C GLY B 137 -41.85 21.78 -1.72
N GLN B 138 -42.87 21.63 -0.88
CA GLN B 138 -43.15 22.68 0.10
C GLN B 138 -42.27 22.54 1.34
N MET B 139 -41.94 21.31 1.76
CA MET B 139 -40.95 21.12 2.82
C MET B 139 -39.54 21.43 2.35
N SER B 140 -39.31 21.37 1.04
CA SER B 140 -38.01 21.61 0.44
C SER B 140 -37.69 23.08 0.26
N HIS B 141 -38.64 23.99 0.45
CA HIS B 141 -38.38 25.42 0.39
C HIS B 141 -38.17 26.01 1.78
N TRP B 142 -39.04 25.68 2.72
CA TRP B 142 -38.96 26.22 4.07
C TRP B 142 -37.96 25.49 4.94
N GLY B 143 -37.35 24.42 4.44
CA GLY B 143 -36.24 23.79 5.13
C GLY B 143 -34.92 24.43 4.76
N ALA B 144 -34.81 24.89 3.51
CA ALA B 144 -33.63 25.64 3.11
C ALA B 144 -33.67 27.08 3.59
N THR B 145 -34.85 27.62 3.87
CA THR B 145 -34.95 28.98 4.39
C THR B 145 -34.47 29.05 5.83
N VAL B 146 -34.92 28.12 6.68
CA VAL B 146 -34.63 28.13 8.10
C VAL B 146 -33.15 27.87 8.36
N ILE B 147 -32.55 26.96 7.59
CA ILE B 147 -31.16 26.58 7.84
C ILE B 147 -30.20 27.66 7.36
N THR B 148 -30.43 28.20 6.16
CA THR B 148 -29.51 29.22 5.63
C THR B 148 -29.67 30.58 6.31
N ASN B 149 -30.75 30.80 7.04
CA ASN B 149 -30.91 32.04 7.80
C ASN B 149 -30.07 32.06 9.07
N LEU B 150 -29.56 30.90 9.50
CA LEU B 150 -28.75 30.82 10.70
C LEU B 150 -27.38 31.45 10.52
N PHE B 151 -26.88 31.52 9.29
CA PHE B 151 -25.55 32.04 9.05
C PHE B 151 -25.49 33.56 8.97
N SER B 152 -26.56 34.24 9.36
CA SER B 152 -26.56 35.69 9.48
C SER B 152 -26.22 36.16 10.89
N ALA B 153 -26.11 35.24 11.85
CA ALA B 153 -25.80 35.59 13.22
C ALA B 153 -24.30 35.74 13.48
N ILE B 154 -23.46 35.39 12.51
CA ILE B 154 -22.01 35.58 12.64
C ILE B 154 -21.73 37.07 12.60
N PRO B 155 -21.10 37.64 13.63
CA PRO B 155 -20.99 39.10 13.72
C PRO B 155 -19.95 39.64 12.75
N PHE B 156 -20.36 40.69 12.02
CA PHE B 156 -19.65 41.40 10.94
C PHE B 156 -19.42 40.55 9.69
N VAL B 157 -19.84 39.28 9.68
CA VAL B 157 -19.64 38.41 8.53
C VAL B 157 -20.96 37.92 7.96
N GLY B 158 -22.04 37.92 8.74
CA GLY B 158 -23.29 37.22 8.46
C GLY B 158 -24.01 37.46 7.15
N ASN B 159 -24.45 38.70 6.90
CA ASN B 159 -25.26 38.97 5.71
C ASN B 159 -24.45 39.01 4.42
N ASP B 160 -23.14 38.74 4.47
CA ASP B 160 -22.32 38.55 3.28
C ASP B 160 -21.94 37.10 3.10
N ILE B 161 -22.39 36.23 3.99
CA ILE B 161 -22.26 34.78 3.83
C ILE B 161 -23.54 34.16 3.32
N VAL B 162 -24.68 34.65 3.81
CA VAL B 162 -25.97 34.16 3.35
C VAL B 162 -26.24 34.59 1.91
N SER B 163 -25.88 35.83 1.58
CA SER B 163 -26.05 36.32 0.22
C SER B 163 -25.09 35.69 -0.77
N TRP B 164 -24.03 35.05 -0.28
CA TRP B 164 -23.16 34.22 -1.11
C TRP B 164 -23.63 32.79 -1.16
N LEU B 165 -24.31 32.33 -0.11
CA LEU B 165 -24.91 31.01 -0.06
C LEU B 165 -26.22 30.94 -0.85
N TRP B 166 -26.90 32.07 -1.04
CA TRP B 166 -28.16 32.13 -1.76
C TRP B 166 -28.00 32.50 -3.22
N GLY B 167 -26.98 33.27 -3.56
CA GLY B 167 -26.90 33.80 -4.90
C GLY B 167 -27.94 34.85 -5.20
N GLY B 168 -28.40 35.58 -4.18
CA GLY B 168 -29.46 36.54 -4.34
C GLY B 168 -29.90 37.13 -3.03
N PHE B 169 -31.20 37.19 -2.78
CA PHE B 169 -31.73 37.77 -1.55
C PHE B 169 -32.70 36.85 -0.81
N SER B 170 -33.02 35.68 -1.36
CA SER B 170 -33.80 34.65 -0.68
C SER B 170 -33.47 33.33 -1.36
N VAL B 171 -34.28 32.30 -1.11
CA VAL B 171 -34.06 31.02 -1.75
C VAL B 171 -34.60 31.11 -3.18
N SER B 172 -33.75 31.53 -4.10
CA SER B 172 -34.10 31.84 -5.46
C SER B 172 -33.79 30.66 -6.38
N ASN B 173 -33.85 30.91 -7.68
CA ASN B 173 -33.42 29.97 -8.71
C ASN B 173 -31.91 29.67 -8.72
N PRO B 174 -30.99 30.61 -8.45
CA PRO B 174 -29.59 30.18 -8.29
C PRO B 174 -29.33 29.34 -7.06
N THR B 175 -30.24 29.31 -6.09
CA THR B 175 -30.05 28.47 -4.91
C THR B 175 -30.30 27.00 -5.25
N ILE B 176 -31.23 26.72 -6.16
CA ILE B 176 -31.54 25.34 -6.51
C ILE B 176 -30.57 24.81 -7.57
N GLN B 177 -30.06 25.68 -8.44
CA GLN B 177 -29.10 25.23 -9.44
C GLN B 177 -27.70 24.99 -8.88
N ARG B 178 -27.37 25.56 -7.71
CA ARG B 178 -26.09 25.25 -7.09
C ARG B 178 -26.18 24.10 -6.10
N PHE B 179 -27.39 23.76 -5.63
CA PHE B 179 -27.54 22.67 -4.68
C PHE B 179 -27.56 21.31 -5.37
N PHE B 180 -27.92 21.26 -6.65
CA PHE B 180 -27.84 20.00 -7.39
C PHE B 180 -26.40 19.70 -7.77
N ALA B 181 -25.63 20.71 -8.16
CA ALA B 181 -24.25 20.49 -8.59
C ALA B 181 -23.37 20.08 -7.42
N LEU B 182 -23.70 20.50 -6.20
CA LEU B 182 -23.01 20.03 -5.02
C LEU B 182 -23.54 18.71 -4.51
N HIS B 183 -24.74 18.32 -4.94
CA HIS B 183 -25.25 16.99 -4.64
C HIS B 183 -24.60 15.91 -5.47
N TYR B 184 -24.03 16.25 -6.62
CA TYR B 184 -23.37 15.21 -7.38
C TYR B 184 -21.98 14.96 -6.84
N LEU B 185 -21.36 15.94 -6.17
CA LEU B 185 -19.92 15.88 -5.89
C LEU B 185 -19.58 15.24 -4.54
N VAL B 186 -20.29 15.60 -3.48
CA VAL B 186 -19.98 15.15 -2.12
C VAL B 186 -20.17 13.62 -1.94
N PRO B 187 -21.06 12.92 -2.67
CA PRO B 187 -20.96 11.44 -2.68
C PRO B 187 -19.67 10.88 -3.25
N PHE B 188 -18.93 11.62 -4.06
CA PHE B 188 -17.62 11.18 -4.55
C PHE B 188 -16.49 11.57 -3.60
N ILE B 189 -16.73 12.45 -2.65
CA ILE B 189 -15.76 12.74 -1.60
C ILE B 189 -15.90 11.74 -0.45
N ILE B 190 -17.12 11.25 -0.20
CA ILE B 190 -17.34 10.20 0.80
C ILE B 190 -16.64 8.91 0.40
N ALA B 191 -16.63 8.60 -0.90
CA ALA B 191 -16.01 7.36 -1.37
C ALA B 191 -14.50 7.40 -1.24
N ALA B 192 -13.89 8.59 -1.33
CA ALA B 192 -12.46 8.70 -1.10
C ALA B 192 -12.10 8.73 0.39
N MET B 193 -13.06 9.05 1.25
CA MET B 193 -12.84 8.96 2.68
C MET B 193 -13.10 7.56 3.21
N VAL B 194 -13.77 6.71 2.46
CA VAL B 194 -13.96 5.32 2.87
C VAL B 194 -12.72 4.51 2.52
N ILE B 195 -12.02 4.88 1.44
CA ILE B 195 -10.76 4.24 1.08
C ILE B 195 -9.68 4.55 2.11
N MET B 196 -9.65 5.79 2.61
CA MET B 196 -8.74 6.13 3.69
C MET B 196 -9.19 5.50 5.00
N HIS B 197 -10.48 5.22 5.14
CA HIS B 197 -10.99 4.58 6.35
C HIS B 197 -10.59 3.12 6.41
N LEU B 198 -10.49 2.45 5.27
CA LEU B 198 -10.12 1.04 5.28
C LEU B 198 -8.62 0.85 5.47
N MET B 199 -7.81 1.83 5.09
CA MET B 199 -6.37 1.76 5.25
C MET B 199 -5.97 1.74 6.72
N ALA B 200 -6.62 2.56 7.54
CA ALA B 200 -6.33 2.60 8.97
C ALA B 200 -6.83 1.37 9.72
N LEU B 201 -7.62 0.52 9.07
CA LEU B 201 -8.07 -0.73 9.66
C LEU B 201 -7.13 -1.88 9.35
N HIS B 202 -6.44 -1.81 8.21
CA HIS B 202 -5.57 -2.91 7.78
C HIS B 202 -4.33 -3.04 8.65
N ILE B 203 -3.93 -1.99 9.34
CA ILE B 203 -2.71 -2.06 10.14
C ILE B 203 -2.95 -2.53 11.57
N HIS B 204 -4.19 -2.58 12.02
CA HIS B 204 -4.49 -3.06 13.36
C HIS B 204 -5.61 -4.08 13.42
N GLY B 205 -6.40 -4.23 12.37
CA GLY B 205 -7.48 -5.19 12.37
C GLY B 205 -8.65 -4.75 13.20
N SER B 206 -9.60 -5.66 13.35
CA SER B 206 -10.79 -5.42 14.13
C SER B 206 -10.57 -5.78 15.59
N SER B 207 -11.48 -5.34 16.43
CA SER B 207 -11.52 -5.74 17.82
C SER B 207 -12.37 -7.00 17.94
N ASN B 208 -12.74 -7.34 19.17
CA ASN B 208 -13.54 -8.52 19.46
C ASN B 208 -14.46 -8.19 20.62
N PRO B 209 -15.56 -8.92 20.78
CA PRO B 209 -16.47 -8.65 21.91
C PRO B 209 -15.89 -8.93 23.29
N LEU B 210 -14.75 -9.59 23.40
CA LEU B 210 -14.11 -9.77 24.69
C LEU B 210 -13.23 -8.60 25.08
N GLY B 211 -12.69 -7.87 24.10
CA GLY B 211 -11.86 -6.71 24.37
C GLY B 211 -10.38 -7.02 24.34
N ILE B 212 -10.02 -8.22 24.81
CA ILE B 212 -8.64 -8.68 24.91
C ILE B 212 -8.07 -8.94 23.52
N THR B 213 -6.77 -9.19 23.45
CA THR B 213 -6.11 -9.40 22.17
C THR B 213 -6.60 -10.69 21.50
N GLY B 214 -6.49 -10.72 20.18
CA GLY B 214 -6.98 -11.84 19.41
C GLY B 214 -5.98 -12.32 18.39
N ASN B 215 -4.68 -12.22 18.71
CA ASN B 215 -3.62 -12.65 17.77
C ASN B 215 -3.24 -14.11 18.06
N LEU B 216 -3.99 -14.79 18.93
CA LEU B 216 -3.72 -16.18 19.26
C LEU B 216 -4.67 -17.16 18.56
N ASP B 217 -5.76 -16.68 17.97
CA ASP B 217 -6.76 -17.54 17.36
C ASP B 217 -7.42 -16.75 16.24
N ARG B 218 -7.01 -16.99 15.00
CA ARG B 218 -7.47 -16.21 13.86
C ARG B 218 -7.96 -17.12 12.74
N ILE B 219 -8.79 -16.55 11.87
CA ILE B 219 -9.47 -17.26 10.77
C ILE B 219 -9.41 -16.34 9.55
N PRO B 220 -9.14 -16.86 8.35
CA PRO B 220 -9.14 -16.00 7.16
C PRO B 220 -10.55 -15.56 6.77
N MET B 221 -10.60 -14.63 5.82
CA MET B 221 -11.86 -14.03 5.42
C MET B 221 -12.68 -14.95 4.53
N HIS B 222 -12.03 -15.64 3.62
CA HIS B 222 -12.74 -16.46 2.64
C HIS B 222 -13.35 -17.69 3.29
N SER B 223 -14.54 -18.07 2.80
CA SER B 223 -15.35 -19.24 3.12
C SER B 223 -15.98 -19.20 4.50
N TYR B 224 -15.67 -18.22 5.35
CA TYR B 224 -16.28 -18.14 6.67
C TYR B 224 -17.01 -16.84 6.90
N PHE B 225 -16.35 -15.71 6.65
CA PHE B 225 -16.97 -14.42 6.85
C PHE B 225 -17.52 -13.83 5.57
N ILE B 226 -17.27 -14.46 4.43
CA ILE B 226 -18.00 -14.13 3.21
C ILE B 226 -19.36 -14.82 3.21
N PHE B 227 -19.41 -16.07 3.68
CA PHE B 227 -20.70 -16.74 3.82
C PHE B 227 -21.46 -16.32 5.07
N LYS B 228 -20.81 -15.65 6.01
CA LYS B 228 -21.50 -14.95 7.09
C LYS B 228 -21.93 -13.56 6.67
N ASP B 229 -21.30 -13.00 5.64
CA ASP B 229 -21.70 -11.72 5.08
C ASP B 229 -23.03 -11.82 4.36
N LEU B 230 -23.18 -12.83 3.50
CA LEU B 230 -24.36 -12.97 2.65
C LEU B 230 -25.64 -13.31 3.41
N VAL B 231 -25.56 -13.64 4.69
CA VAL B 231 -26.77 -13.82 5.47
C VAL B 231 -27.49 -12.48 5.65
N THR B 232 -26.72 -11.42 5.93
CA THR B 232 -27.31 -10.11 6.16
C THR B 232 -27.51 -9.30 4.89
N VAL B 233 -26.80 -9.62 3.80
CA VAL B 233 -27.03 -8.90 2.56
C VAL B 233 -28.33 -9.35 1.90
N PHE B 234 -28.72 -10.62 2.07
CA PHE B 234 -30.02 -11.05 1.59
C PHE B 234 -31.16 -10.61 2.49
N LEU B 235 -30.87 -10.31 3.76
CA LEU B 235 -31.89 -9.74 4.63
C LEU B 235 -32.04 -8.25 4.41
N PHE B 236 -30.98 -7.59 3.95
CA PHE B 236 -31.03 -6.17 3.68
C PHE B 236 -31.91 -5.88 2.48
N MET B 237 -31.69 -6.57 1.37
CA MET B 237 -32.45 -6.37 0.14
C MET B 237 -33.86 -6.95 0.21
N LEU B 238 -34.20 -7.69 1.24
CA LEU B 238 -35.57 -8.16 1.43
C LEU B 238 -36.45 -7.15 2.15
N ILE B 239 -35.89 -6.39 3.10
CA ILE B 239 -36.64 -5.31 3.73
C ILE B 239 -36.52 -4.01 2.95
N LEU B 240 -35.55 -3.90 2.04
CA LEU B 240 -35.54 -2.89 0.99
C LEU B 240 -36.49 -3.26 -0.17
N ALA B 241 -37.20 -4.37 -0.07
CA ALA B 241 -38.17 -4.73 -1.09
C ALA B 241 -39.58 -4.57 -0.55
N LEU B 242 -39.74 -4.76 0.75
CA LEU B 242 -41.05 -4.61 1.40
C LEU B 242 -41.43 -3.15 1.63
N PHE B 243 -40.55 -2.20 1.29
CA PHE B 243 -40.86 -0.78 1.32
C PHE B 243 -41.07 -0.21 -0.08
N VAL B 244 -40.14 -0.47 -1.00
CA VAL B 244 -40.22 0.04 -2.36
C VAL B 244 -41.38 -0.53 -3.16
N PHE B 245 -41.99 -1.63 -2.69
CA PHE B 245 -43.13 -2.22 -3.40
C PHE B 245 -44.41 -2.29 -2.59
N TYR B 246 -44.38 -2.01 -1.31
CA TYR B 246 -45.62 -2.17 -0.55
C TYR B 246 -46.00 -0.95 0.28
N SER B 247 -45.04 -0.24 0.84
CA SER B 247 -45.30 1.03 1.53
C SER B 247 -44.23 2.03 1.14
N PRO B 248 -44.28 2.57 -0.08
CA PRO B 248 -43.19 3.43 -0.56
C PRO B 248 -43.24 4.86 -0.06
N ASN B 249 -44.27 5.25 0.70
CA ASN B 249 -44.41 6.63 1.14
C ASN B 249 -44.64 6.75 2.63
N THR B 250 -44.22 5.74 3.41
CA THR B 250 -44.39 5.82 4.86
C THR B 250 -43.31 6.71 5.48
N LEU B 251 -42.07 6.57 5.03
CA LEU B 251 -40.99 7.43 5.51
C LEU B 251 -40.90 8.67 4.63
N GLY B 252 -41.83 9.59 4.86
CA GLY B 252 -41.88 10.83 4.10
C GLY B 252 -43.02 11.69 4.57
N HIS B 253 -43.00 12.94 4.09
CA HIS B 253 -43.98 13.95 4.44
C HIS B 253 -44.88 14.23 3.25
N PRO B 254 -46.21 14.27 3.45
CA PRO B 254 -47.11 14.52 2.32
C PRO B 254 -47.02 15.93 1.75
N ASP B 255 -46.51 16.90 2.52
CA ASP B 255 -46.36 18.26 2.04
C ASP B 255 -45.31 18.40 0.95
N ASN B 256 -44.50 17.39 0.71
CA ASN B 256 -43.54 17.43 -0.37
C ASN B 256 -44.15 17.05 -1.71
N TYR B 257 -45.46 16.79 -1.76
CA TYR B 257 -46.19 16.62 -3.01
C TYR B 257 -47.02 17.85 -3.36
N ILE B 258 -46.70 18.98 -2.75
CA ILE B 258 -47.17 20.31 -3.16
C ILE B 258 -45.95 21.07 -3.67
N PRO B 259 -46.04 21.77 -4.81
CA PRO B 259 -44.90 22.57 -5.25
C PRO B 259 -44.64 23.74 -4.30
N GLY B 260 -43.37 24.10 -4.17
CA GLY B 260 -42.97 25.05 -3.15
C GLY B 260 -43.41 26.46 -3.49
N ASN B 261 -43.92 27.15 -2.48
CA ASN B 261 -44.46 28.51 -2.67
C ASN B 261 -43.85 29.44 -1.65
N PRO B 262 -43.14 30.49 -2.06
CA PRO B 262 -42.58 31.44 -1.11
C PRO B 262 -43.58 32.40 -0.49
N LEU B 263 -44.88 32.19 -0.66
CA LEU B 263 -45.90 33.10 -0.14
C LEU B 263 -46.84 32.46 0.86
N VAL B 264 -47.09 31.16 0.78
CA VAL B 264 -47.92 30.47 1.76
C VAL B 264 -47.00 29.60 2.61
N THR B 265 -47.22 29.63 3.91
CA THR B 265 -46.36 28.91 4.83
C THR B 265 -47.09 27.72 5.42
N PRO B 266 -46.41 26.59 5.57
CA PRO B 266 -47.08 25.39 6.11
C PRO B 266 -47.34 25.52 7.60
N ALA B 267 -48.28 24.70 8.07
CA ALA B 267 -48.63 24.70 9.48
C ALA B 267 -47.56 24.05 10.35
N SER B 268 -46.68 23.25 9.76
CA SER B 268 -45.58 22.64 10.47
C SER B 268 -44.45 22.44 9.48
N ILE B 269 -43.23 22.79 9.87
CA ILE B 269 -42.04 22.53 9.09
C ILE B 269 -41.14 21.62 9.91
N VAL B 270 -41.07 20.35 9.54
CA VAL B 270 -40.31 19.34 10.28
C VAL B 270 -39.38 18.61 9.32
N PRO B 271 -38.22 18.15 9.78
CA PRO B 271 -37.26 17.51 8.88
C PRO B 271 -37.59 16.05 8.58
N GLU B 272 -36.74 15.44 7.76
CA GLU B 272 -36.72 14.00 7.62
C GLU B 272 -36.21 13.37 8.91
N TRP B 273 -36.69 12.15 9.22
CA TRP B 273 -36.65 11.59 10.57
C TRP B 273 -35.25 11.42 11.14
N TYR B 274 -34.21 11.39 10.29
CA TYR B 274 -32.86 11.19 10.77
C TYR B 274 -32.10 12.48 11.03
N LEU B 275 -32.75 13.64 10.85
CA LEU B 275 -32.19 14.92 11.26
C LEU B 275 -32.97 15.52 12.42
N LEU B 276 -33.98 14.82 12.92
CA LEU B 276 -34.84 15.21 14.02
C LEU B 276 -34.18 15.36 15.40
N PRO B 277 -33.22 14.51 15.85
CA PRO B 277 -32.60 14.82 17.15
C PRO B 277 -31.67 16.01 17.10
N PHE B 278 -31.06 16.28 15.96
CA PHE B 278 -30.23 17.46 15.79
C PHE B 278 -31.05 18.72 15.55
N TYR B 279 -32.33 18.58 15.24
CA TYR B 279 -33.22 19.72 15.11
C TYR B 279 -33.70 20.24 16.45
N ALA B 280 -33.91 19.34 17.42
CA ALA B 280 -34.36 19.75 18.74
C ALA B 280 -33.27 20.40 19.57
N ILE B 281 -32.00 20.24 19.18
CA ILE B 281 -30.89 20.87 19.90
C ILE B 281 -30.73 22.31 19.45
N LEU B 282 -30.97 22.58 18.16
CA LEU B 282 -30.94 23.95 17.64
C LEU B 282 -32.09 24.78 18.20
N ARG B 283 -33.29 24.22 18.27
CA ARG B 283 -34.45 24.95 18.75
C ARG B 283 -34.48 25.14 20.25
N SER B 284 -33.60 24.46 20.98
CA SER B 284 -33.59 24.52 22.44
C SER B 284 -32.80 25.69 23.00
N ILE B 285 -31.94 26.31 22.18
CA ILE B 285 -31.11 27.43 22.62
C ILE B 285 -31.75 28.70 22.06
N PRO B 286 -32.18 29.64 22.90
CA PRO B 286 -32.95 30.80 22.42
C PRO B 286 -32.08 31.94 21.90
N ASP B 287 -31.19 31.61 20.96
CA ASP B 287 -30.33 32.57 20.28
C ASP B 287 -29.82 31.92 19.02
N LYS B 288 -29.79 32.68 17.94
CA LYS B 288 -29.44 32.11 16.65
C LYS B 288 -27.93 32.11 16.38
N LEU B 289 -27.12 32.64 17.29
CA LEU B 289 -25.68 32.40 17.24
C LEU B 289 -25.25 31.28 18.19
N LEU B 290 -25.79 31.23 19.39
CA LEU B 290 -25.51 30.15 20.32
C LEU B 290 -26.33 28.89 20.03
N GLY B 291 -27.21 28.93 19.04
CA GLY B 291 -27.94 27.74 18.64
C GLY B 291 -27.26 27.03 17.50
N VAL B 292 -26.62 27.78 16.60
CA VAL B 292 -25.89 27.18 15.49
C VAL B 292 -24.50 26.70 15.91
N ILE B 293 -23.95 27.25 16.99
CA ILE B 293 -22.71 26.75 17.56
C ILE B 293 -22.93 25.43 18.29
N THR B 294 -24.07 25.32 19.00
CA THR B 294 -24.35 24.13 19.81
C THR B 294 -24.63 22.92 18.94
N MET B 295 -25.34 23.10 17.82
CA MET B 295 -25.69 21.96 16.99
C MET B 295 -24.52 21.48 16.15
N PHE B 296 -23.57 22.35 15.82
CA PHE B 296 -22.35 21.91 15.15
C PHE B 296 -21.37 21.30 16.14
N ALA B 297 -21.34 21.78 17.37
CA ALA B 297 -20.55 21.14 18.42
C ALA B 297 -21.37 20.11 19.18
N ALA B 298 -22.05 19.25 18.43
CA ALA B 298 -22.68 18.04 18.95
C ALA B 298 -22.40 16.83 18.07
N ILE B 299 -21.97 17.05 16.83
CA ILE B 299 -21.32 16.00 16.05
C ILE B 299 -19.83 15.96 16.37
N LEU B 300 -19.25 17.09 16.75
CA LEU B 300 -17.83 17.19 17.06
C LEU B 300 -17.52 16.97 18.54
N VAL B 301 -18.49 16.45 19.31
CA VAL B 301 -18.20 16.07 20.69
C VAL B 301 -17.74 14.61 20.77
N LEU B 302 -17.78 13.89 19.66
CA LEU B 302 -17.29 12.52 19.64
C LEU B 302 -15.78 12.45 19.71
N LEU B 303 -15.07 13.51 19.31
CA LEU B 303 -13.62 13.51 19.29
C LEU B 303 -12.99 13.61 20.69
N VAL B 304 -13.76 13.95 21.72
CA VAL B 304 -13.22 14.05 23.06
C VAL B 304 -13.35 12.75 23.84
N LEU B 305 -14.01 11.75 23.27
CA LEU B 305 -14.18 10.43 23.88
C LEU B 305 -12.91 9.57 23.99
N PRO B 306 -11.92 9.64 23.08
CA PRO B 306 -10.64 8.97 23.39
C PRO B 306 -9.90 9.52 24.60
N PHE B 307 -10.12 10.79 24.95
CA PHE B 307 -9.39 11.42 26.05
C PHE B 307 -10.18 11.41 27.36
N THR B 308 -11.38 10.83 27.38
CA THR B 308 -12.25 10.93 28.54
C THR B 308 -12.51 9.58 29.20
N ASP B 309 -12.25 8.47 28.51
CA ASP B 309 -12.39 7.15 29.11
C ASP B 309 -11.17 6.87 29.99
N ARG B 310 -11.42 6.64 31.28
CA ARG B 310 -10.35 6.44 32.25
C ARG B 310 -10.19 4.98 32.65
N SER B 311 -10.79 4.05 31.92
CA SER B 311 -10.73 2.65 32.33
C SER B 311 -9.57 1.93 31.68
N VAL B 312 -9.22 0.78 32.26
CA VAL B 312 -8.12 -0.04 31.76
C VAL B 312 -8.59 -1.23 30.95
N VAL B 313 -9.88 -1.58 31.02
CA VAL B 313 -10.49 -2.61 30.21
C VAL B 313 -11.17 -1.94 29.03
N ARG B 314 -11.05 -2.54 27.86
CA ARG B 314 -11.68 -2.01 26.65
C ARG B 314 -13.04 -2.66 26.42
N GLY B 315 -14.06 -1.84 26.18
CA GLY B 315 -15.37 -2.32 25.83
C GLY B 315 -16.27 -2.52 27.05
N ASN B 316 -17.58 -2.39 26.82
CA ASN B 316 -18.54 -2.47 27.96
C ASN B 316 -19.13 -3.88 28.06
N THR B 317 -18.28 -4.92 28.03
CA THR B 317 -18.79 -6.27 28.22
C THR B 317 -18.89 -6.64 29.70
N PHE B 318 -17.82 -6.43 30.46
CA PHE B 318 -17.78 -6.78 31.87
C PHE B 318 -17.98 -5.56 32.78
N LYS B 319 -18.55 -4.49 32.26
CA LYS B 319 -18.73 -3.24 33.00
C LYS B 319 -20.23 -3.00 33.18
N VAL B 320 -20.72 -3.15 34.41
CA VAL B 320 -22.16 -3.13 34.63
C VAL B 320 -22.71 -1.76 35.02
N LEU B 321 -21.84 -0.79 35.34
CA LEU B 321 -22.27 0.59 35.46
C LEU B 321 -22.09 1.37 34.18
N SER B 322 -21.10 1.00 33.37
CA SER B 322 -20.90 1.60 32.05
C SER B 322 -21.81 0.98 31.00
N LYS B 323 -22.62 -0.01 31.37
CA LYS B 323 -23.66 -0.55 30.50
C LYS B 323 -25.02 0.08 30.75
N PHE B 324 -25.28 0.50 31.99
CA PHE B 324 -26.53 1.18 32.29
C PHE B 324 -26.56 2.59 31.71
N PHE B 325 -25.40 3.21 31.51
CA PHE B 325 -25.31 4.55 30.94
C PHE B 325 -25.12 4.55 29.44
N PHE B 326 -24.95 3.38 28.83
CA PHE B 326 -25.02 3.30 27.37
C PHE B 326 -26.45 3.28 26.86
N PHE B 327 -27.36 2.68 27.62
CA PHE B 327 -28.77 2.60 27.26
C PHE B 327 -29.59 3.77 27.79
N ILE B 328 -28.99 4.67 28.56
CA ILE B 328 -29.59 5.97 28.79
C ILE B 328 -29.29 6.90 27.63
N PHE B 329 -28.08 6.81 27.07
CA PHE B 329 -27.73 7.60 25.90
C PHE B 329 -28.50 7.18 24.65
N VAL B 330 -28.98 5.92 24.59
CA VAL B 330 -29.70 5.48 23.40
C VAL B 330 -31.12 6.02 23.38
N PHE B 331 -31.86 5.83 24.47
CA PHE B 331 -33.24 6.33 24.54
C PHE B 331 -33.32 7.84 24.72
N ASN B 332 -32.21 8.53 24.91
CA ASN B 332 -32.18 9.99 24.88
C ASN B 332 -32.05 10.53 23.46
N PHE B 333 -31.43 9.75 22.57
CA PHE B 333 -31.39 10.11 21.16
C PHE B 333 -32.71 9.84 20.45
N VAL B 334 -33.58 9.04 21.06
CA VAL B 334 -34.91 8.76 20.54
C VAL B 334 -35.91 9.80 21.04
N LEU B 335 -35.79 10.20 22.30
CA LEU B 335 -36.63 11.29 22.82
C LEU B 335 -36.26 12.62 22.18
N LEU B 336 -35.00 12.79 21.79
CA LEU B 336 -34.62 14.01 21.08
C LEU B 336 -35.19 14.02 19.67
N GLY B 337 -35.29 12.86 19.04
CA GLY B 337 -35.87 12.80 17.71
C GLY B 337 -37.37 13.00 17.71
N GLN B 338 -38.04 12.55 18.76
CA GLN B 338 -39.47 12.76 18.89
C GLN B 338 -39.83 14.23 19.09
N ILE B 339 -39.02 14.96 19.84
CA ILE B 339 -39.32 16.35 20.15
C ILE B 339 -39.07 17.26 18.94
N GLY B 340 -38.13 16.90 18.07
CA GLY B 340 -37.91 17.66 16.86
C GLY B 340 -39.00 17.55 15.81
N ALA B 341 -40.05 16.75 16.06
CA ALA B 341 -41.23 16.68 15.22
C ALA B 341 -42.49 17.08 15.98
N CYS B 342 -42.34 17.88 17.02
CA CYS B 342 -43.46 18.38 17.81
C CYS B 342 -43.63 19.87 17.54
N HIS B 343 -44.55 20.49 18.27
CA HIS B 343 -44.72 21.94 18.21
C HIS B 343 -43.93 22.60 19.32
N VAL B 344 -43.61 23.87 19.13
CA VAL B 344 -42.88 24.64 20.13
C VAL B 344 -43.87 25.05 21.20
N GLU B 345 -44.03 24.21 22.21
CA GLU B 345 -45.09 24.39 23.18
C GLU B 345 -44.61 23.92 24.55
N VAL B 346 -45.52 23.97 25.50
CA VAL B 346 -45.26 23.44 26.84
C VAL B 346 -45.79 22.01 26.91
N PRO B 347 -44.99 21.03 27.35
CA PRO B 347 -43.63 21.15 27.87
C PRO B 347 -42.55 20.72 26.92
N TYR B 348 -42.73 20.88 25.62
CA TYR B 348 -41.77 20.38 24.66
C TYR B 348 -40.62 21.37 24.42
N VAL B 349 -40.49 22.38 25.26
CA VAL B 349 -39.31 23.23 25.24
C VAL B 349 -38.42 23.02 26.44
N LEU B 350 -38.97 22.61 27.59
CA LEU B 350 -38.17 22.23 28.75
C LEU B 350 -37.73 20.78 28.67
N MET B 351 -38.50 19.92 28.01
CA MET B 351 -38.07 18.55 27.75
C MET B 351 -36.97 18.46 26.73
N GLY B 352 -36.96 19.32 25.73
CA GLY B 352 -35.87 19.37 24.80
C GLY B 352 -34.67 20.13 25.28
N GLN B 353 -34.77 20.79 26.44
CA GLN B 353 -33.67 21.49 27.09
C GLN B 353 -32.92 20.62 28.07
N ILE B 354 -33.63 19.81 28.83
CA ILE B 354 -32.97 18.86 29.72
C ILE B 354 -32.29 17.77 28.91
N ALA B 355 -32.98 17.24 27.90
CA ALA B 355 -32.47 16.13 27.13
C ALA B 355 -31.37 16.51 26.14
N THR B 356 -31.14 17.80 25.90
CA THR B 356 -29.94 18.19 25.18
C THR B 356 -28.78 18.48 26.11
N PHE B 357 -29.02 18.49 27.42
CA PHE B 357 -27.95 18.53 28.38
C PHE B 357 -27.40 17.14 28.69
N ILE B 358 -28.27 16.12 28.69
CA ILE B 358 -27.83 14.74 28.85
C ILE B 358 -27.07 14.25 27.63
N TYR B 359 -27.21 14.92 26.49
CA TYR B 359 -26.36 14.60 25.35
C TYR B 359 -24.93 15.04 25.59
N PHE B 360 -24.72 16.04 26.44
CA PHE B 360 -23.38 16.58 26.67
C PHE B 360 -22.78 16.15 27.98
N ALA B 361 -23.61 15.82 28.98
CA ALA B 361 -23.09 15.32 30.24
C ALA B 361 -22.61 13.88 30.14
N TYR B 362 -22.98 13.17 29.08
CA TYR B 362 -22.48 11.81 28.87
C TYR B 362 -21.00 11.83 28.52
N PHE B 363 -20.63 12.57 27.47
CA PHE B 363 -19.26 12.58 26.97
C PHE B 363 -18.29 13.29 27.89
N LEU B 364 -18.77 14.09 28.85
CA LEU B 364 -17.87 14.92 29.64
C LEU B 364 -17.99 14.74 31.15
N ILE B 365 -19.13 14.30 31.68
CA ILE B 365 -19.26 14.16 33.14
C ILE B 365 -19.57 12.72 33.53
N ILE B 366 -20.27 12.00 32.67
CA ILE B 366 -20.73 10.66 33.04
C ILE B 366 -19.66 9.62 32.73
N VAL B 367 -18.97 9.76 31.59
CA VAL B 367 -17.90 8.82 31.25
C VAL B 367 -16.73 8.85 32.22
N PRO B 368 -16.06 10.00 32.51
CA PRO B 368 -14.83 9.90 33.31
C PRO B 368 -15.06 9.65 34.78
N VAL B 369 -16.26 9.85 35.31
CA VAL B 369 -16.52 9.57 36.72
C VAL B 369 -16.81 8.08 36.91
N ILE B 370 -17.54 7.48 35.98
CA ILE B 370 -17.90 6.07 36.11
C ILE B 370 -16.78 5.17 35.63
N SER B 371 -15.96 5.60 34.67
CA SER B 371 -14.82 4.80 34.24
C SER B 371 -13.62 4.91 35.16
N THR B 372 -13.74 5.65 36.26
CA THR B 372 -12.75 5.75 37.33
C THR B 372 -13.19 4.99 38.57
N ILE B 373 -14.47 5.02 38.88
CA ILE B 373 -15.04 4.22 39.97
C ILE B 373 -14.84 2.74 39.73
N GLU B 374 -14.88 2.31 38.47
CA GLU B 374 -14.74 0.89 38.16
C GLU B 374 -13.30 0.42 38.32
N ASN B 375 -12.33 1.29 38.05
CA ASN B 375 -10.92 0.94 38.20
C ASN B 375 -10.56 0.67 39.65
N VAL B 376 -11.22 1.34 40.58
CA VAL B 376 -10.98 1.07 41.99
C VAL B 376 -11.78 -0.15 42.44
N LEU B 377 -12.97 -0.37 41.87
CA LEU B 377 -13.79 -1.50 42.28
C LEU B 377 -13.32 -2.82 41.70
N PHE B 378 -12.56 -2.82 40.60
CA PHE B 378 -11.86 -4.03 40.18
C PHE B 378 -10.60 -4.29 40.99
N TYR B 379 -10.15 -3.32 41.78
CA TYR B 379 -8.91 -3.44 42.54
C TYR B 379 -9.17 -3.89 43.97
N ILE B 380 -10.02 -3.17 44.71
CA ILE B 380 -10.27 -3.52 46.11
C ILE B 380 -11.17 -4.75 46.26
N GLY B 381 -11.75 -5.24 45.17
CA GLY B 381 -12.45 -6.50 45.22
C GLY B 381 -11.55 -7.72 45.16
N ARG B 382 -10.28 -7.53 44.81
CA ARG B 382 -9.31 -8.60 44.69
C ARG B 382 -8.17 -8.52 45.69
N VAL B 383 -7.56 -7.34 45.81
CA VAL B 383 -6.30 -7.20 46.52
C VAL B 383 -6.56 -7.26 48.03
N ASN B 384 -5.90 -8.22 48.70
CA ASN B 384 -6.05 -8.44 50.13
C ASN B 384 -5.05 -7.56 50.85
N LYS B 385 -5.50 -6.40 51.29
CA LYS B 385 -4.66 -5.48 52.04
C LYS B 385 -5.45 -4.78 53.15
N LEU C 1 43.92 -52.87 -13.75
CA LEU C 1 42.47 -52.94 -13.94
C LEU C 1 41.94 -54.32 -13.57
N THR C 2 41.33 -54.42 -12.41
CA THR C 2 40.82 -55.69 -11.89
C THR C 2 39.30 -55.64 -11.92
N VAL C 3 38.69 -56.57 -12.65
CA VAL C 3 37.24 -56.69 -12.76
C VAL C 3 36.82 -57.96 -12.03
N SER C 4 35.69 -57.89 -11.34
CA SER C 4 35.20 -59.02 -10.56
C SER C 4 33.69 -58.98 -10.50
N ALA C 5 33.07 -60.15 -10.52
CA ALA C 5 31.62 -60.24 -10.46
C ALA C 5 31.22 -61.62 -9.96
N ARG C 6 30.06 -61.70 -9.30
CA ARG C 6 29.48 -62.97 -8.91
C ARG C 6 28.02 -62.99 -9.33
N ASP C 7 27.57 -64.13 -9.84
CA ASP C 7 26.29 -64.22 -10.54
C ASP C 7 25.17 -64.69 -9.60
N ALA C 8 23.94 -64.35 -9.98
CA ALA C 8 22.73 -64.76 -9.27
C ALA C 8 21.56 -64.66 -10.23
N PRO C 9 20.51 -65.47 -10.05
CA PRO C 9 19.32 -65.38 -10.91
C PRO C 9 18.22 -64.46 -10.35
N THR C 10 18.57 -63.21 -10.07
CA THR C 10 17.62 -62.22 -9.55
C THR C 10 17.61 -60.99 -10.45
N LYS C 11 16.78 -60.00 -10.08
CA LYS C 11 16.35 -58.94 -10.99
C LYS C 11 17.25 -57.71 -10.99
N ILE C 12 17.70 -57.26 -9.83
CA ILE C 12 18.53 -56.05 -9.78
C ILE C 12 20.00 -56.44 -9.85
N SER C 13 20.84 -55.45 -10.16
CA SER C 13 22.28 -55.59 -10.13
C SER C 13 22.88 -54.37 -9.46
N THR C 14 24.21 -54.37 -9.33
CA THR C 14 24.93 -53.27 -8.69
C THR C 14 26.36 -53.24 -9.23
N LEU C 15 26.78 -52.08 -9.73
CA LEU C 15 28.11 -51.91 -10.29
C LEU C 15 28.82 -50.82 -9.51
N ALA C 16 30.00 -51.13 -8.98
CA ALA C 16 30.77 -50.19 -8.16
C ALA C 16 32.21 -50.11 -8.66
N VAL C 17 32.80 -48.93 -8.51
CA VAL C 17 34.19 -48.68 -8.88
C VAL C 17 34.88 -48.07 -7.68
N LYS C 18 35.95 -48.70 -7.19
CA LYS C 18 36.64 -48.26 -5.99
C LYS C 18 38.03 -47.76 -6.33
N VAL C 19 38.34 -46.54 -5.91
CA VAL C 19 39.62 -45.89 -6.18
C VAL C 19 40.30 -45.60 -4.85
N HIS C 20 41.62 -45.81 -4.80
CA HIS C 20 42.41 -45.51 -3.60
C HIS C 20 42.60 -44.01 -3.50
N GLY C 21 41.55 -43.33 -3.05
CA GLY C 21 41.52 -41.88 -3.04
C GLY C 21 40.89 -41.23 -1.84
N GLY C 22 40.96 -41.86 -0.68
CA GLY C 22 40.34 -41.31 0.51
C GLY C 22 41.09 -40.11 1.07
N SER C 23 40.75 -39.78 2.32
CA SER C 23 41.31 -38.57 2.92
C SER C 23 42.76 -38.72 3.31
N ARG C 24 43.27 -39.95 3.40
CA ARG C 24 44.65 -40.17 3.81
C ARG C 24 45.65 -39.89 2.69
N TYR C 25 45.20 -39.59 1.48
CA TYR C 25 46.08 -39.21 0.38
C TYR C 25 45.93 -37.74 0.01
N ALA C 26 45.16 -36.98 0.78
CA ALA C 26 44.82 -35.61 0.40
C ALA C 26 46.03 -34.70 0.53
N THR C 27 46.14 -33.76 -0.42
CA THR C 27 47.25 -32.81 -0.39
C THR C 27 46.96 -31.65 0.56
N LYS C 28 45.81 -31.01 0.40
CA LYS C 28 45.32 -30.02 1.33
C LYS C 28 44.14 -30.62 2.08
N ASP C 29 43.74 -29.96 3.16
CA ASP C 29 42.70 -30.51 4.03
C ASP C 29 41.34 -30.35 3.36
N GLY C 30 40.71 -31.47 3.04
CA GLY C 30 39.38 -31.47 2.47
C GLY C 30 39.31 -31.52 0.96
N VAL C 31 40.44 -31.71 0.27
CA VAL C 31 40.42 -31.73 -1.19
C VAL C 31 39.79 -33.03 -1.71
N ALA C 32 39.74 -34.08 -0.90
CA ALA C 32 39.01 -35.28 -1.29
C ALA C 32 37.53 -35.20 -0.94
N HIS C 33 37.14 -34.24 -0.11
CA HIS C 33 35.72 -34.02 0.14
C HIS C 33 35.08 -33.20 -0.97
N LEU C 34 35.86 -32.36 -1.65
CA LEU C 34 35.33 -31.58 -2.76
C LEU C 34 35.35 -32.33 -4.07
N LEU C 35 36.30 -33.26 -4.26
CA LEU C 35 36.24 -34.16 -5.40
C LEU C 35 35.06 -35.12 -5.27
N ASN C 36 34.73 -35.53 -4.04
CA ASN C 36 33.62 -36.43 -3.81
C ASN C 36 32.28 -35.76 -4.07
N ARG C 37 32.15 -34.47 -3.77
CA ARG C 37 30.91 -33.75 -4.04
C ARG C 37 30.82 -33.26 -5.47
N PHE C 38 31.83 -33.53 -6.29
CA PHE C 38 31.86 -33.02 -7.64
C PHE C 38 31.57 -34.07 -8.70
N ASN C 39 31.73 -35.35 -8.41
CA ASN C 39 31.41 -36.32 -9.44
C ASN C 39 29.90 -36.51 -9.52
N PHE C 40 29.44 -37.00 -10.69
CA PHE C 40 28.04 -36.92 -11.13
C PHE C 40 27.56 -35.47 -11.19
N GLN C 41 28.31 -34.65 -11.91
CA GLN C 41 27.94 -33.29 -12.28
C GLN C 41 28.03 -33.22 -13.79
N ASN C 42 28.08 -32.01 -14.35
CA ASN C 42 28.16 -31.81 -15.80
C ASN C 42 29.39 -32.48 -16.40
N THR C 43 29.14 -33.43 -17.29
CA THR C 43 30.16 -34.10 -18.07
C THR C 43 30.34 -33.30 -19.36
N ASN C 44 31.53 -33.41 -19.98
CA ASN C 44 31.88 -32.63 -21.17
C ASN C 44 30.93 -32.83 -22.36
N THR C 45 30.22 -33.95 -22.42
CA THR C 45 29.26 -34.20 -23.49
C THR C 45 27.82 -34.25 -23.01
N ARG C 46 27.57 -34.80 -21.83
CA ARG C 46 26.23 -34.98 -21.30
C ARG C 46 26.05 -34.13 -20.05
N SER C 47 24.90 -33.48 -19.93
CA SER C 47 24.62 -32.64 -18.78
C SER C 47 24.21 -33.48 -17.58
N ALA C 48 24.15 -32.83 -16.42
CA ALA C 48 23.72 -33.50 -15.20
C ALA C 48 22.22 -33.62 -15.11
N LEU C 49 21.48 -32.84 -15.89
CA LEU C 49 20.03 -33.01 -15.98
C LEU C 49 19.66 -34.10 -16.96
N LYS C 50 20.44 -34.28 -18.02
CA LYS C 50 20.18 -35.37 -18.95
C LYS C 50 20.48 -36.72 -18.34
N LEU C 51 21.43 -36.82 -17.41
CA LEU C 51 21.76 -38.09 -16.79
C LEU C 51 20.72 -38.55 -15.78
N VAL C 52 20.07 -37.62 -15.07
CA VAL C 52 19.07 -38.01 -14.09
C VAL C 52 17.78 -38.44 -14.77
N ARG C 53 17.37 -37.73 -15.83
CA ARG C 53 16.11 -38.05 -16.49
C ARG C 53 16.20 -39.28 -17.38
N GLU C 54 17.39 -39.58 -17.90
CA GLU C 54 17.55 -40.77 -18.74
C GLU C 54 17.45 -42.04 -17.92
N SER C 55 18.05 -42.06 -16.74
CA SER C 55 18.09 -43.27 -15.93
C SER C 55 16.87 -43.45 -15.04
N GLU C 56 16.03 -42.43 -14.86
CA GLU C 56 14.74 -42.65 -14.23
C GLU C 56 13.82 -43.46 -15.12
N LEU C 57 13.93 -43.32 -16.44
CA LEU C 57 13.10 -44.08 -17.35
C LEU C 57 13.60 -45.50 -17.55
N LEU C 58 14.85 -45.80 -17.17
CA LEU C 58 15.39 -47.14 -17.24
C LEU C 58 15.31 -47.88 -15.92
N GLY C 59 15.37 -47.15 -14.80
CA GLY C 59 15.51 -47.75 -13.49
C GLY C 59 16.98 -47.73 -13.13
N GLY C 60 17.39 -46.80 -12.28
CA GLY C 60 18.80 -46.71 -11.95
C GLY C 60 19.17 -45.41 -11.28
N THR C 61 20.03 -45.49 -10.27
CA THR C 61 20.49 -44.33 -9.52
C THR C 61 22.00 -44.32 -9.46
N PHE C 62 22.56 -43.27 -8.89
CA PHE C 62 24.00 -43.12 -8.76
C PHE C 62 24.31 -42.54 -7.39
N LYS C 63 25.55 -42.75 -6.94
CA LYS C 63 25.94 -42.40 -5.58
C LYS C 63 27.47 -42.36 -5.51
N SER C 64 27.99 -41.44 -4.69
CA SER C 64 29.42 -41.36 -4.40
C SER C 64 29.61 -41.28 -2.90
N THR C 65 30.62 -41.98 -2.38
CA THR C 65 30.82 -42.07 -0.94
C THR C 65 32.30 -41.96 -0.63
N LEU C 66 32.63 -41.15 0.38
CA LEU C 66 33.99 -40.89 0.82
C LEU C 66 34.24 -41.50 2.19
N ASP C 67 35.40 -42.14 2.35
CA ASP C 67 35.88 -42.58 3.65
C ASP C 67 37.37 -42.29 3.71
N ARG C 68 38.06 -42.85 4.71
CA ARG C 68 39.46 -42.55 4.90
C ARG C 68 40.38 -43.26 3.93
N GLU C 69 39.90 -44.29 3.24
CA GLU C 69 40.73 -45.02 2.29
C GLU C 69 40.22 -44.91 0.85
N TYR C 70 38.92 -45.08 0.61
CA TYR C 70 38.41 -45.22 -0.74
C TYR C 70 37.46 -44.09 -1.12
N ILE C 71 37.42 -43.82 -2.42
CA ILE C 71 36.30 -43.13 -3.07
C ILE C 71 35.60 -44.16 -3.95
N THR C 72 34.31 -44.37 -3.72
CA THR C 72 33.56 -45.40 -4.42
C THR C 72 32.39 -44.79 -5.17
N LEU C 73 32.10 -45.34 -6.35
CA LEU C 73 31.09 -44.82 -7.26
C LEU C 73 30.12 -45.94 -7.59
N LYS C 74 28.93 -45.90 -7.00
CA LYS C 74 27.98 -47.00 -7.10
C LYS C 74 26.85 -46.66 -8.08
N ALA C 75 26.24 -47.71 -8.62
CA ALA C 75 25.07 -47.57 -9.51
C ALA C 75 24.26 -48.85 -9.43
N THR C 76 23.02 -48.76 -8.96
CA THR C 76 22.13 -49.91 -8.86
C THR C 76 21.09 -49.86 -9.96
N PHE C 77 20.77 -51.01 -10.56
CA PHE C 77 19.99 -51.03 -11.78
C PHE C 77 19.38 -52.40 -11.99
N LEU C 78 18.40 -52.45 -12.91
CA LEU C 78 17.80 -53.71 -13.34
C LEU C 78 18.73 -54.44 -14.29
N LYS C 79 18.62 -55.77 -14.32
CA LYS C 79 19.73 -56.63 -14.73
C LYS C 79 20.12 -56.46 -16.19
N ASP C 80 19.15 -56.23 -17.08
CA ASP C 80 19.38 -56.37 -18.51
C ASP C 80 19.55 -55.04 -19.24
N ASP C 81 20.21 -54.05 -18.62
CA ASP C 81 20.68 -52.88 -19.34
C ASP C 81 22.07 -52.48 -18.85
N LEU C 82 22.94 -53.48 -18.76
CA LEU C 82 24.30 -53.27 -18.29
C LEU C 82 25.19 -52.32 -19.12
N PRO C 83 25.13 -52.26 -20.46
CA PRO C 83 26.02 -51.31 -21.16
C PRO C 83 25.75 -49.83 -20.90
N TYR C 84 24.60 -49.45 -20.37
CA TYR C 84 24.36 -48.03 -20.14
C TYR C 84 25.14 -47.53 -18.93
N TYR C 85 25.36 -48.38 -17.93
CA TYR C 85 25.92 -47.94 -16.66
C TYR C 85 27.43 -48.12 -16.58
N VAL C 86 28.01 -49.01 -17.38
CA VAL C 86 29.44 -49.03 -17.54
C VAL C 86 29.91 -47.77 -18.26
N ASN C 87 29.12 -47.31 -19.21
CA ASN C 87 29.48 -46.10 -19.95
C ASN C 87 29.17 -44.83 -19.20
N ALA C 88 28.35 -44.90 -18.15
CA ALA C 88 28.04 -43.70 -17.37
C ALA C 88 29.13 -43.41 -16.35
N LEU C 89 29.65 -44.45 -15.69
CA LEU C 89 30.68 -44.25 -14.69
C LEU C 89 32.04 -43.99 -15.32
N ALA C 90 32.24 -44.44 -16.55
CA ALA C 90 33.52 -44.18 -17.22
C ALA C 90 33.62 -42.74 -17.68
N ASP C 91 32.50 -42.10 -18.00
CA ASP C 91 32.51 -40.69 -18.34
C ASP C 91 32.70 -39.81 -17.12
N VAL C 92 32.43 -40.33 -15.93
CA VAL C 92 32.64 -39.55 -14.72
C VAL C 92 34.13 -39.45 -14.41
N LEU C 93 34.87 -40.56 -14.53
CA LEU C 93 36.29 -40.57 -14.23
C LEU C 93 37.14 -39.92 -15.31
N TYR C 94 36.57 -39.57 -16.44
CA TYR C 94 37.38 -39.16 -17.58
C TYR C 94 37.13 -37.73 -18.03
N LYS C 95 35.88 -37.29 -18.10
CA LYS C 95 35.56 -36.06 -18.82
C LYS C 95 34.60 -35.18 -18.02
N THR C 96 34.89 -34.99 -16.73
CA THR C 96 34.10 -34.05 -15.95
C THR C 96 34.54 -32.63 -16.27
N ALA C 97 33.60 -31.68 -16.22
CA ALA C 97 33.79 -30.38 -16.85
C ALA C 97 34.70 -29.45 -16.04
N PHE C 98 34.50 -29.40 -14.72
CA PHE C 98 35.21 -28.50 -13.79
C PHE C 98 35.01 -27.03 -14.18
N LYS C 99 33.74 -26.61 -14.09
CA LYS C 99 33.22 -25.27 -14.33
C LYS C 99 33.16 -24.48 -13.03
N PRO C 100 33.56 -23.20 -13.04
CA PRO C 100 33.65 -22.45 -11.79
C PRO C 100 32.30 -22.14 -11.16
N HIS C 101 31.23 -22.11 -11.93
CA HIS C 101 29.93 -21.79 -11.35
C HIS C 101 29.30 -23.00 -10.67
N GLU C 102 29.73 -24.21 -11.02
CA GLU C 102 29.24 -25.39 -10.32
C GLU C 102 29.85 -25.51 -8.94
N LEU C 103 31.08 -25.01 -8.77
CA LEU C 103 31.71 -25.00 -7.46
C LEU C 103 30.97 -24.07 -6.51
N THR C 104 30.59 -22.88 -6.98
CA THR C 104 29.98 -21.90 -6.07
C THR C 104 28.48 -22.14 -5.87
N GLU C 105 27.77 -22.67 -6.89
CA GLU C 105 26.33 -22.84 -6.78
C GLU C 105 25.91 -24.22 -6.27
N SER C 106 26.69 -25.25 -6.54
CA SER C 106 26.31 -26.62 -6.19
C SER C 106 27.25 -27.27 -5.18
N VAL C 107 28.55 -27.21 -5.39
CA VAL C 107 29.46 -28.07 -4.64
C VAL C 107 29.80 -27.47 -3.28
N LEU C 108 30.12 -26.18 -3.24
CA LEU C 108 30.42 -25.54 -1.97
C LEU C 108 29.25 -25.43 -1.00
N PRO C 109 27.99 -25.19 -1.41
CA PRO C 109 26.90 -25.32 -0.43
C PRO C 109 26.63 -26.74 0.03
N ALA C 110 26.99 -27.74 -0.78
CA ALA C 110 26.79 -29.12 -0.36
C ALA C 110 27.87 -29.58 0.60
N ALA C 111 29.10 -29.08 0.42
CA ALA C 111 30.16 -29.40 1.36
C ALA C 111 29.97 -28.69 2.69
N ARG C 112 29.43 -27.48 2.67
CA ARG C 112 29.14 -26.77 3.92
C ARG C 112 27.92 -27.34 4.63
N TYR C 113 27.06 -28.04 3.92
CA TYR C 113 25.97 -28.75 4.57
C TYR C 113 26.48 -29.99 5.28
N ASP C 114 27.39 -30.73 4.65
CA ASP C 114 27.94 -31.95 5.23
C ASP C 114 28.77 -31.65 6.48
N TYR C 115 29.39 -30.48 6.54
CA TYR C 115 30.21 -30.14 7.71
C TYR C 115 29.34 -29.79 8.90
N ALA C 116 28.24 -29.08 8.68
CA ALA C 116 27.39 -28.64 9.79
C ALA C 116 26.58 -29.76 10.39
N VAL C 117 26.33 -30.84 9.66
CA VAL C 117 25.67 -32.01 10.24
C VAL C 117 26.63 -32.77 11.14
N ALA C 118 27.87 -32.94 10.68
CA ALA C 118 28.85 -33.73 11.42
C ALA C 118 29.35 -33.02 12.67
N GLU C 119 29.24 -31.70 12.75
CA GLU C 119 29.82 -30.96 13.85
C GLU C 119 28.86 -30.72 15.00
N GLN C 120 27.59 -31.11 14.87
CA GLN C 120 26.66 -31.03 15.98
C GLN C 120 26.54 -32.34 16.74
N CYS C 121 27.35 -33.34 16.38
CA CYS C 121 27.49 -34.62 17.06
C CYS C 121 28.80 -34.65 17.82
N PRO C 122 28.80 -34.99 19.12
CA PRO C 122 30.05 -35.04 19.87
C PRO C 122 30.81 -36.36 19.78
N VAL C 123 30.30 -37.35 19.06
CA VAL C 123 30.98 -38.62 18.90
C VAL C 123 31.83 -38.65 17.62
N LYS C 124 31.33 -38.05 16.54
CA LYS C 124 32.17 -37.89 15.37
C LYS C 124 33.20 -36.78 15.52
N SER C 125 33.02 -35.91 16.51
CA SER C 125 34.04 -34.92 16.81
C SER C 125 35.19 -35.51 17.60
N ALA C 126 34.88 -36.39 18.56
CA ALA C 126 35.93 -37.03 19.33
C ALA C 126 36.66 -38.10 18.51
N GLU C 127 35.96 -38.77 17.60
CA GLU C 127 36.57 -39.82 16.80
C GLU C 127 37.56 -39.25 15.79
N ASP C 128 37.30 -38.05 15.29
CA ASP C 128 38.25 -37.38 14.41
C ASP C 128 39.46 -36.86 15.18
N GLN C 129 39.37 -36.75 16.51
CA GLN C 129 40.51 -36.36 17.32
C GLN C 129 41.40 -37.53 17.68
N LEU C 130 40.83 -38.73 17.83
CA LEU C 130 41.63 -39.92 18.05
C LEU C 130 42.49 -40.25 16.84
N TYR C 131 42.03 -39.90 15.64
CA TYR C 131 42.86 -40.13 14.47
C TYR C 131 43.99 -39.10 14.40
N ALA C 132 43.76 -37.89 14.91
CA ALA C 132 44.75 -36.83 14.77
C ALA C 132 45.94 -37.04 15.70
N ILE C 133 45.69 -37.44 16.95
CA ILE C 133 46.78 -37.60 17.91
C ILE C 133 47.47 -38.94 17.82
N THR C 134 46.91 -39.90 17.08
CA THR C 134 47.54 -41.22 16.95
C THR C 134 48.40 -41.30 15.70
N PHE C 135 47.84 -40.96 14.55
CA PHE C 135 48.58 -40.85 13.31
C PHE C 135 48.62 -39.37 12.95
N ARG C 136 49.80 -38.77 13.00
CA ARG C 136 49.84 -37.32 12.92
C ARG C 136 49.62 -36.84 11.49
N LYS C 137 50.39 -37.35 10.54
CA LYS C 137 50.21 -37.07 9.13
C LYS C 137 49.85 -38.36 8.41
N GLY C 138 48.95 -38.26 7.44
CA GLY C 138 48.50 -39.44 6.72
C GLY C 138 47.11 -39.86 7.11
N LEU C 139 46.99 -40.90 7.96
CA LEU C 139 45.69 -41.40 8.37
C LEU C 139 44.95 -40.47 9.31
N GLY C 140 45.60 -39.46 9.87
CA GLY C 140 44.94 -38.54 10.76
C GLY C 140 44.57 -37.22 10.12
N ASN C 141 44.47 -37.24 8.79
CA ASN C 141 44.07 -36.05 8.05
C ASN C 141 42.59 -35.78 8.26
N PRO C 142 42.15 -34.52 8.12
CA PRO C 142 40.73 -34.22 8.25
C PRO C 142 39.90 -34.84 7.13
N LEU C 143 38.72 -35.32 7.50
CA LEU C 143 37.82 -35.95 6.53
C LEU C 143 37.12 -34.91 5.68
N LEU C 144 36.47 -33.94 6.32
CA LEU C 144 35.60 -32.98 5.64
C LEU C 144 36.37 -31.71 5.33
N TYR C 145 35.66 -30.68 4.89
CA TYR C 145 36.25 -29.39 4.51
C TYR C 145 35.61 -28.31 5.37
N ASP C 146 36.41 -27.72 6.25
CA ASP C 146 35.93 -26.67 7.15
C ASP C 146 36.32 -25.27 6.70
N GLY C 147 37.38 -25.14 5.93
CA GLY C 147 37.77 -23.87 5.35
C GLY C 147 38.98 -23.20 5.95
N VAL C 148 39.75 -23.89 6.81
CA VAL C 148 40.92 -23.25 7.39
C VAL C 148 42.06 -23.16 6.41
N GLU C 149 42.01 -23.92 5.33
CA GLU C 149 42.96 -23.83 4.22
C GLU C 149 42.16 -23.71 2.94
N ARG C 150 42.52 -22.74 2.11
CA ARG C 150 41.72 -22.39 0.94
C ARG C 150 42.16 -23.26 -0.25
N VAL C 151 41.29 -24.16 -0.67
CA VAL C 151 41.55 -25.04 -1.81
C VAL C 151 40.79 -24.52 -3.02
N SER C 152 41.50 -24.33 -4.12
CA SER C 152 40.96 -23.67 -5.30
C SER C 152 40.33 -24.69 -6.24
N LEU C 153 39.88 -24.22 -7.40
CA LEU C 153 39.39 -25.12 -8.42
C LEU C 153 40.54 -25.86 -9.08
N GLN C 154 41.72 -25.24 -9.14
CA GLN C 154 42.87 -25.87 -9.78
C GLN C 154 43.40 -27.02 -8.94
N ASP C 155 43.20 -26.98 -7.63
CA ASP C 155 43.67 -28.06 -6.79
C ASP C 155 42.77 -29.29 -6.88
N ILE C 156 41.46 -29.09 -7.06
CA ILE C 156 40.56 -30.22 -7.27
C ILE C 156 40.82 -30.88 -8.61
N LYS C 157 41.17 -30.08 -9.61
CA LYS C 157 41.58 -30.63 -10.90
C LYS C 157 42.93 -31.32 -10.82
N ASP C 158 43.77 -30.95 -9.85
CA ASP C 158 45.06 -31.58 -9.67
C ASP C 158 45.00 -32.80 -8.78
N PHE C 159 44.02 -32.89 -7.89
CA PHE C 159 43.86 -34.09 -7.08
C PHE C 159 43.26 -35.23 -7.90
N ALA C 160 42.47 -34.91 -8.92
CA ALA C 160 41.85 -35.94 -9.73
C ALA C 160 42.78 -36.47 -10.81
N ASP C 161 43.80 -35.70 -11.19
CA ASP C 161 44.81 -36.17 -12.13
C ASP C 161 45.73 -37.23 -11.53
N LYS C 162 45.81 -37.31 -10.22
CA LYS C 162 46.63 -38.26 -9.51
C LYS C 162 45.87 -39.48 -9.06
N VAL C 163 44.65 -39.31 -8.56
CA VAL C 163 43.90 -40.39 -7.94
C VAL C 163 43.20 -41.25 -8.97
N TYR C 164 42.56 -40.63 -9.98
CA TYR C 164 41.82 -41.36 -11.01
C TYR C 164 42.79 -41.85 -12.08
N THR C 165 43.41 -43.01 -11.82
CA THR C 165 44.26 -43.67 -12.79
C THR C 165 43.91 -45.15 -12.84
N LYS C 166 44.50 -45.86 -13.79
CA LYS C 166 44.15 -47.27 -13.99
C LYS C 166 44.71 -48.17 -12.91
N GLU C 167 45.83 -47.81 -12.28
CA GLU C 167 46.42 -48.65 -11.25
C GLU C 167 45.70 -48.54 -9.91
N ASN C 168 44.81 -47.57 -9.74
CA ASN C 168 44.04 -47.43 -8.53
C ASN C 168 42.66 -48.06 -8.61
N LEU C 169 42.24 -48.52 -9.78
CA LEU C 169 40.86 -48.95 -9.97
C LEU C 169 40.62 -50.36 -9.45
N GLU C 170 39.43 -50.56 -8.91
CA GLU C 170 38.94 -51.88 -8.51
C GLU C 170 37.47 -51.93 -8.95
N VAL C 171 37.24 -52.38 -10.17
CA VAL C 171 35.89 -52.47 -10.71
C VAL C 171 35.25 -53.75 -10.19
N SER C 172 34.13 -53.62 -9.50
CA SER C 172 33.44 -54.77 -8.94
C SER C 172 32.07 -54.90 -9.60
N GLY C 173 31.31 -55.89 -9.14
CA GLY C 173 29.98 -56.12 -9.65
C GLY C 173 29.24 -57.16 -8.83
N GLU C 174 28.01 -56.87 -8.45
CA GLU C 174 27.17 -57.81 -7.72
C GLU C 174 25.95 -58.13 -8.57
N ASN C 175 25.60 -59.42 -8.63
CA ASN C 175 24.51 -59.95 -9.46
C ASN C 175 24.73 -59.58 -10.93
N VAL C 176 25.95 -59.79 -11.39
CA VAL C 176 26.37 -59.49 -12.75
C VAL C 176 27.10 -60.71 -13.28
N VAL C 177 26.73 -61.16 -14.48
CA VAL C 177 27.50 -62.21 -15.14
C VAL C 177 28.89 -61.69 -15.47
N GLU C 178 29.91 -62.46 -15.08
CA GLU C 178 31.27 -61.96 -15.08
C GLU C 178 31.87 -61.92 -16.47
N ALA C 179 31.33 -62.72 -17.39
CA ALA C 179 31.98 -62.91 -18.68
C ALA C 179 31.88 -61.68 -19.58
N ASP C 180 30.69 -61.09 -19.68
CA ASP C 180 30.52 -59.92 -20.54
C ASP C 180 30.77 -58.62 -19.80
N LEU C 181 30.83 -58.66 -18.47
CA LEU C 181 31.26 -57.48 -17.72
C LEU C 181 32.72 -57.16 -18.03
N LYS C 182 33.57 -58.18 -18.08
CA LYS C 182 34.96 -57.98 -18.47
C LYS C 182 35.09 -57.63 -19.95
N ARG C 183 34.05 -57.86 -20.76
CA ARG C 183 34.12 -57.45 -22.15
C ARG C 183 33.68 -56.01 -22.34
N PHE C 184 32.65 -55.56 -21.63
CA PHE C 184 32.16 -54.20 -21.79
C PHE C 184 33.15 -53.18 -21.22
N VAL C 185 33.87 -53.57 -20.18
CA VAL C 185 34.88 -52.69 -19.58
C VAL C 185 36.03 -52.46 -20.55
N ASP C 186 36.35 -53.47 -21.37
CA ASP C 186 37.49 -53.37 -22.26
C ASP C 186 37.28 -52.41 -23.43
N GLU C 187 36.04 -52.20 -23.86
CA GLU C 187 35.73 -51.18 -24.86
C GLU C 187 35.05 -49.96 -24.23
N SER C 188 35.37 -49.67 -22.97
CA SER C 188 34.83 -48.51 -22.29
C SER C 188 35.88 -47.40 -22.29
N LEU C 189 35.61 -46.30 -21.61
CA LEU C 189 36.54 -45.19 -21.53
C LEU C 189 37.57 -45.34 -20.42
N LEU C 190 37.38 -46.25 -19.48
CA LEU C 190 38.39 -46.49 -18.45
C LEU C 190 39.38 -47.59 -18.88
N SER C 191 39.83 -47.46 -20.12
CA SER C 191 41.01 -48.13 -20.63
C SER C 191 41.86 -47.17 -21.44
N THR C 192 41.33 -46.00 -21.81
CA THR C 192 42.12 -44.88 -22.30
C THR C 192 42.58 -43.97 -21.17
N LEU C 193 42.35 -44.38 -19.91
CA LEU C 193 42.88 -43.66 -18.77
C LEU C 193 44.41 -43.77 -18.74
N PRO C 194 45.10 -42.80 -18.17
CA PRO C 194 46.55 -42.93 -18.00
C PRO C 194 46.87 -43.91 -16.89
N ALA C 195 47.77 -44.84 -17.17
CA ALA C 195 48.23 -45.78 -16.15
C ALA C 195 49.32 -45.09 -15.34
N GLY C 196 49.01 -44.73 -14.11
CA GLY C 196 49.97 -44.07 -13.26
C GLY C 196 50.67 -45.04 -12.33
N LYS C 197 50.38 -44.93 -11.04
CA LYS C 197 50.93 -45.86 -10.07
C LYS C 197 49.95 -45.99 -8.91
N SER C 198 49.98 -47.14 -8.24
CA SER C 198 49.14 -47.34 -7.09
C SER C 198 49.68 -46.54 -5.91
N LEU C 199 48.78 -45.87 -5.21
CA LEU C 199 49.18 -45.01 -4.11
C LEU C 199 49.23 -45.72 -2.77
N VAL C 200 48.82 -46.98 -2.70
CA VAL C 200 48.85 -47.70 -1.43
C VAL C 200 50.29 -48.15 -1.15
N SER C 201 50.64 -48.17 0.13
CA SER C 201 51.98 -48.55 0.56
C SER C 201 51.89 -49.66 1.59
N LYS C 202 52.85 -50.57 1.54
CA LYS C 202 52.80 -51.80 2.32
C LYS C 202 53.53 -51.68 3.65
N SER C 203 54.12 -50.53 3.94
CA SER C 203 54.74 -50.29 5.23
C SER C 203 53.67 -50.13 6.31
N GLU C 204 54.07 -50.35 7.56
CA GLU C 204 53.08 -50.06 8.59
C GLU C 204 53.21 -48.59 9.02
N PRO C 205 52.11 -47.91 9.33
CA PRO C 205 52.19 -46.51 9.71
C PRO C 205 52.66 -46.33 11.14
N LYS C 206 53.33 -45.21 11.37
CA LYS C 206 53.86 -44.89 12.70
C LYS C 206 52.76 -44.37 13.60
N PHE C 207 52.77 -44.80 14.85
CA PHE C 207 51.76 -44.39 15.82
C PHE C 207 52.45 -43.79 17.04
N PHE C 208 51.65 -43.15 17.89
CA PHE C 208 52.13 -42.44 19.05
C PHE C 208 51.24 -42.78 20.23
N LEU C 209 51.85 -43.02 21.38
CA LEU C 209 51.13 -43.53 22.54
C LEU C 209 51.26 -42.59 23.73
N GLY C 210 50.20 -42.50 24.51
CA GLY C 210 50.20 -41.70 25.72
C GLY C 210 49.84 -40.24 25.53
N GLU C 211 49.20 -39.88 24.44
CA GLU C 211 48.90 -38.48 24.14
C GLU C 211 47.48 -38.13 24.58
N GLU C 212 47.15 -36.84 24.49
CA GLU C 212 45.97 -36.30 25.16
C GLU C 212 45.51 -35.05 24.42
N ASN C 213 44.19 -34.80 24.45
CA ASN C 213 43.61 -33.57 23.91
C ASN C 213 42.24 -33.35 24.52
N ARG C 214 41.86 -32.07 24.66
CA ARG C 214 40.63 -31.63 25.32
C ARG C 214 39.97 -30.54 24.52
N VAL C 215 38.64 -30.59 24.40
CA VAL C 215 37.86 -29.69 23.54
C VAL C 215 36.57 -29.30 24.27
N ARG C 216 36.31 -28.00 24.38
CA ARG C 216 35.08 -27.52 24.99
C ARG C 216 33.91 -27.54 24.01
N PHE C 217 32.75 -27.98 24.49
CA PHE C 217 31.60 -28.20 23.63
C PHE C 217 30.32 -28.06 24.45
N ILE C 218 29.30 -27.47 23.83
CA ILE C 218 28.01 -27.27 24.48
C ILE C 218 27.09 -28.43 24.12
N GLY C 219 26.69 -29.21 25.12
CA GLY C 219 25.78 -30.31 24.88
C GLY C 219 26.08 -31.54 25.72
N ASP C 220 26.13 -32.72 25.09
CA ASP C 220 26.51 -33.92 25.80
C ASP C 220 28.03 -34.03 25.90
N SER C 221 28.48 -34.86 26.82
CA SER C 221 29.90 -35.07 27.09
C SER C 221 30.29 -36.46 26.63
N VAL C 222 31.50 -36.57 26.07
CA VAL C 222 32.01 -37.83 25.53
C VAL C 222 33.45 -38.02 25.96
N ALA C 223 33.77 -39.19 26.52
CA ALA C 223 35.14 -39.61 26.79
C ALA C 223 35.47 -40.82 25.92
N ALA C 224 36.69 -40.85 25.38
CA ALA C 224 37.06 -41.84 24.40
C ALA C 224 38.52 -42.23 24.53
N ILE C 225 38.84 -43.49 24.22
CA ILE C 225 40.21 -43.98 24.21
C ILE C 225 40.47 -44.68 22.87
N GLY C 226 41.74 -44.69 22.46
CA GLY C 226 42.13 -45.26 21.19
C GLY C 226 43.45 -46.00 21.19
N ILE C 227 43.48 -47.20 20.63
CA ILE C 227 44.65 -48.07 20.63
C ILE C 227 44.98 -48.42 19.18
N PRO C 228 46.21 -48.23 18.73
CA PRO C 228 46.57 -48.65 17.37
C PRO C 228 47.02 -50.10 17.29
N VAL C 229 46.45 -50.88 16.38
CA VAL C 229 46.76 -52.30 16.27
C VAL C 229 47.50 -52.55 14.96
N ASN C 230 48.17 -53.69 14.89
CA ASN C 230 48.99 -54.05 13.73
C ASN C 230 48.37 -55.24 13.00
N LYS C 231 49.03 -55.68 11.94
CA LYS C 231 48.51 -56.81 11.16
C LYS C 231 49.08 -58.13 11.65
N ALA C 232 49.07 -58.33 12.97
CA ALA C 232 49.21 -59.63 13.57
C ALA C 232 48.28 -59.85 14.76
N SER C 233 47.85 -58.80 15.43
CA SER C 233 46.88 -58.88 16.52
C SER C 233 45.51 -58.39 16.07
N LEU C 234 45.26 -58.46 14.77
CA LEU C 234 44.06 -57.92 14.16
C LEU C 234 42.80 -58.72 14.48
N ALA C 235 42.95 -59.95 14.97
CA ALA C 235 41.81 -60.77 15.37
C ALA C 235 41.54 -60.71 16.86
N GLN C 236 42.56 -60.44 17.68
CA GLN C 236 42.36 -60.34 19.11
C GLN C 236 41.60 -59.08 19.48
N TYR C 237 41.83 -57.99 18.75
CA TYR C 237 41.08 -56.77 18.96
C TYR C 237 39.74 -56.79 18.23
N GLU C 238 39.52 -57.76 17.35
CA GLU C 238 38.23 -57.92 16.71
C GLU C 238 37.28 -58.74 17.57
N VAL C 239 37.82 -59.67 18.35
CA VAL C 239 37.00 -60.41 19.32
C VAL C 239 36.60 -59.51 20.48
N LEU C 240 37.53 -58.65 20.90
CA LEU C 240 37.27 -57.75 22.03
C LEU C 240 36.21 -56.71 21.68
N ALA C 241 36.17 -56.27 20.42
CA ALA C 241 35.19 -55.27 20.02
C ALA C 241 33.79 -55.83 19.98
N ASN C 242 33.64 -57.15 19.82
CA ASN C 242 32.33 -57.78 19.84
C ASN C 242 31.95 -58.29 21.23
N TYR C 243 32.94 -58.72 22.01
CA TYR C 243 32.67 -59.14 23.39
C TYR C 243 32.29 -57.97 24.27
N LEU C 244 32.80 -56.78 23.99
CA LEU C 244 32.45 -55.61 24.80
C LEU C 244 31.05 -55.10 24.48
N THR C 245 30.55 -55.38 23.28
CA THR C 245 29.22 -55.00 22.87
C THR C 245 28.22 -56.15 22.96
N SER C 246 28.66 -57.33 23.38
CA SER C 246 27.75 -58.46 23.55
C SER C 246 27.08 -58.37 24.92
N ALA C 247 26.27 -59.39 25.22
CA ALA C 247 25.71 -59.56 26.54
C ALA C 247 26.58 -60.44 27.44
N LEU C 248 27.75 -60.85 26.95
CA LEU C 248 28.66 -61.66 27.72
C LEU C 248 29.52 -60.85 28.68
N SER C 249 29.49 -59.52 28.57
CA SER C 249 30.33 -58.65 29.38
C SER C 249 29.47 -57.82 30.30
N GLU C 250 29.96 -57.63 31.53
CA GLU C 250 29.31 -56.75 32.50
C GLU C 250 29.54 -55.27 32.19
N LEU C 251 30.52 -54.96 31.33
CA LEU C 251 30.78 -53.61 30.89
C LEU C 251 29.89 -53.18 29.73
N SER C 252 28.86 -53.97 29.40
CA SER C 252 28.03 -53.67 28.24
C SER C 252 27.12 -52.47 28.48
N GLY C 253 26.68 -52.26 29.73
CA GLY C 253 25.78 -51.16 29.99
C GLY C 253 26.45 -49.82 30.16
N LEU C 254 27.78 -49.76 30.12
CA LEU C 254 28.53 -48.54 30.30
C LEU C 254 29.23 -48.10 29.01
N ILE C 255 29.11 -48.86 27.94
CA ILE C 255 29.82 -48.62 26.71
C ILE C 255 28.79 -48.29 25.64
N SER C 256 28.89 -47.09 25.07
CA SER C 256 27.99 -46.71 23.99
C SER C 256 28.43 -47.28 22.66
N SER C 257 29.74 -47.43 22.45
CA SER C 257 30.28 -47.82 21.16
C SER C 257 31.64 -48.47 21.34
N ALA C 258 31.92 -49.48 20.51
CA ALA C 258 33.22 -50.12 20.45
C ALA C 258 33.39 -50.70 19.06
N LYS C 259 34.50 -50.41 18.41
CA LYS C 259 34.67 -50.81 17.02
C LYS C 259 36.15 -50.92 16.70
N LEU C 260 36.45 -51.73 15.69
CA LEU C 260 37.78 -51.82 15.11
C LEU C 260 37.68 -51.49 13.63
N ASP C 261 38.54 -50.59 13.16
CA ASP C 261 38.52 -50.14 11.77
C ASP C 261 39.55 -50.93 10.99
N LYS C 262 39.10 -51.95 10.27
CA LYS C 262 39.99 -52.83 9.51
C LYS C 262 40.54 -52.09 8.30
N PHE C 263 41.82 -51.75 8.33
CA PHE C 263 42.52 -51.33 7.13
C PHE C 263 43.51 -52.43 6.74
N THR C 264 44.19 -52.24 5.62
CA THR C 264 45.12 -53.25 5.13
C THR C 264 46.50 -53.13 5.75
N ASP C 265 46.72 -52.14 6.60
CA ASP C 265 47.98 -51.98 7.32
C ASP C 265 47.85 -52.22 8.81
N GLY C 266 46.63 -52.40 9.32
CA GLY C 266 46.42 -52.50 10.75
C GLY C 266 45.03 -52.05 11.13
N GLY C 267 44.93 -51.12 12.07
CA GLY C 267 43.63 -50.62 12.47
C GLY C 267 43.73 -49.80 13.74
N LEU C 268 42.56 -49.33 14.17
CA LEU C 268 42.43 -48.51 15.36
C LEU C 268 41.24 -48.98 16.16
N PHE C 269 41.48 -49.51 17.34
CA PHE C 269 40.39 -49.88 18.24
C PHE C 269 39.97 -48.64 19.02
N THR C 270 38.73 -48.22 18.85
CA THR C 270 38.19 -47.06 19.57
C THR C 270 37.05 -47.49 20.47
N LEU C 271 36.85 -46.73 21.54
CA LEU C 271 35.76 -46.96 22.49
C LEU C 271 35.19 -45.61 22.87
N PHE C 272 33.88 -45.57 23.16
CA PHE C 272 33.20 -44.32 23.45
C PHE C 272 32.25 -44.47 24.63
N VAL C 273 32.21 -43.45 25.48
CA VAL C 273 31.27 -43.34 26.59
C VAL C 273 30.59 -41.98 26.47
N ARG C 274 29.25 -41.96 26.58
CA ARG C 274 28.50 -40.74 26.32
C ARG C 274 27.30 -40.67 27.26
N ASP C 275 27.06 -39.48 27.82
CA ASP C 275 25.87 -39.23 28.65
C ASP C 275 25.61 -37.73 28.67
N GLN C 276 24.46 -37.35 29.22
CA GLN C 276 24.11 -35.93 29.38
C GLN C 276 24.86 -35.33 30.56
N ASP C 277 24.89 -36.03 31.68
CA ASP C 277 25.67 -35.63 32.83
C ASP C 277 27.15 -35.86 32.54
N SER C 278 28.00 -35.15 33.26
CA SER C 278 29.44 -35.38 33.13
C SER C 278 30.05 -36.06 34.34
N ALA C 279 29.29 -36.30 35.41
CA ALA C 279 29.73 -37.16 36.49
C ALA C 279 29.44 -38.62 36.21
N VAL C 280 28.50 -38.92 35.31
CA VAL C 280 28.28 -40.28 34.87
C VAL C 280 29.36 -40.70 33.88
N VAL C 281 29.77 -39.78 33.00
CA VAL C 281 30.86 -40.05 32.08
C VAL C 281 32.18 -40.22 32.83
N SER C 282 32.35 -39.48 33.92
CA SER C 282 33.59 -39.54 34.70
C SER C 282 33.74 -40.87 35.42
N SER C 283 32.65 -41.40 35.97
CA SER C 283 32.70 -42.61 36.77
C SER C 283 32.48 -43.88 35.95
N ASN C 284 32.24 -43.76 34.65
CA ASN C 284 32.12 -44.91 33.77
C ASN C 284 33.39 -45.19 32.99
N ILE C 285 34.09 -44.15 32.54
CA ILE C 285 35.38 -44.34 31.89
C ILE C 285 36.45 -44.76 32.90
N LYS C 286 36.24 -44.51 34.19
CA LYS C 286 37.17 -44.95 35.21
C LYS C 286 36.96 -46.40 35.62
N LYS C 287 35.78 -46.96 35.37
CA LYS C 287 35.52 -48.37 35.64
C LYS C 287 35.95 -49.26 34.49
N ILE C 288 36.03 -48.73 33.28
CA ILE C 288 36.36 -49.56 32.12
C ILE C 288 37.86 -49.79 32.03
N VAL C 289 38.66 -48.74 32.24
CA VAL C 289 40.11 -48.90 32.20
C VAL C 289 40.61 -49.67 33.42
N ALA C 290 39.87 -49.62 34.54
CA ALA C 290 40.28 -50.37 35.72
C ALA C 290 40.06 -51.86 35.55
N ASP C 291 39.02 -52.26 34.81
CA ASP C 291 38.76 -53.67 34.57
C ASP C 291 39.53 -54.22 33.37
N LEU C 292 39.82 -53.38 32.38
CA LEU C 292 40.60 -53.84 31.24
C LEU C 292 42.08 -53.98 31.56
N LYS C 293 42.56 -53.30 32.60
CA LYS C 293 43.96 -53.41 33.01
C LYS C 293 44.21 -54.68 33.81
N LYS C 294 43.19 -55.25 34.45
CA LYS C 294 43.37 -56.50 35.18
C LYS C 294 43.58 -57.67 34.22
N GLY C 295 42.67 -57.83 33.27
CA GLY C 295 42.76 -58.89 32.29
C GLY C 295 41.38 -59.37 31.91
N LYS C 296 41.28 -59.92 30.71
CA LYS C 296 40.02 -60.43 30.19
C LYS C 296 40.24 -61.76 29.50
N ASP C 297 39.20 -62.58 29.48
CA ASP C 297 39.21 -63.86 28.78
C ASP C 297 38.23 -63.79 27.62
N LEU C 298 38.75 -63.92 26.40
CA LEU C 298 37.99 -63.67 25.18
C LEU C 298 37.48 -64.94 24.51
N SER C 299 37.93 -66.10 24.96
CA SER C 299 37.60 -67.38 24.32
C SER C 299 36.13 -67.83 24.33
N PRO C 300 35.25 -67.41 25.27
CA PRO C 300 33.82 -67.71 25.03
C PRO C 300 33.23 -67.01 23.81
N ALA C 301 33.72 -65.82 23.47
CA ALA C 301 33.12 -65.06 22.37
C ALA C 301 33.90 -65.27 21.07
N ILE C 302 33.87 -66.52 20.59
CA ILE C 302 34.48 -66.88 19.33
C ILE C 302 33.45 -67.32 18.30
N ASN C 303 32.48 -68.14 18.71
CA ASN C 303 31.37 -68.46 17.82
C ASN C 303 30.40 -67.29 17.67
N TYR C 304 30.41 -66.36 18.62
CA TYR C 304 29.60 -65.16 18.50
C TYR C 304 30.24 -64.12 17.58
N THR C 305 31.56 -64.08 17.48
CA THR C 305 32.21 -63.15 16.57
C THR C 305 32.43 -63.73 15.20
N LYS C 306 32.25 -65.05 15.03
CA LYS C 306 32.25 -65.62 13.68
C LYS C 306 30.95 -65.29 12.96
N LEU C 307 29.83 -65.27 13.68
CA LEU C 307 28.57 -64.83 13.12
C LEU C 307 28.60 -63.36 12.74
N LYS C 308 29.03 -62.49 13.66
CA LYS C 308 29.01 -61.06 13.45
C LYS C 308 30.06 -60.59 12.44
N ASN C 309 31.03 -61.42 12.10
CA ASN C 309 31.97 -61.07 11.06
C ASN C 309 31.46 -61.43 9.67
N ALA C 310 30.68 -62.50 9.56
CA ALA C 310 30.12 -62.91 8.28
C ALA C 310 28.89 -62.10 7.88
N VAL C 311 28.26 -61.42 8.84
CA VAL C 311 27.15 -60.52 8.51
C VAL C 311 27.69 -59.27 7.80
N GLN C 312 28.75 -58.68 8.34
CA GLN C 312 29.35 -57.52 7.69
C GLN C 312 30.09 -57.92 6.42
N ASN C 313 30.46 -59.18 6.28
CA ASN C 313 31.17 -59.64 5.09
C ASN C 313 30.22 -60.14 4.01
N GLU C 314 29.24 -59.31 3.65
CA GLU C 314 28.41 -59.53 2.48
C GLU C 314 28.47 -58.39 1.49
N SER C 315 28.92 -57.20 1.90
CA SER C 315 29.18 -56.08 1.01
C SER C 315 30.63 -55.67 1.27
N VAL C 316 31.57 -56.38 0.62
CA VAL C 316 32.98 -56.32 1.01
C VAL C 316 33.79 -56.93 -0.12
N SER C 317 35.09 -56.60 -0.16
CA SER C 317 36.07 -57.32 -0.95
C SER C 317 36.77 -58.42 -0.15
N SER C 318 36.29 -58.70 1.06
CA SER C 318 36.65 -59.80 1.95
C SER C 318 38.12 -59.86 2.37
N PRO C 319 38.59 -58.96 3.27
CA PRO C 319 39.83 -59.26 3.99
C PRO C 319 39.56 -60.22 5.13
N ILE C 320 39.95 -61.48 4.97
CA ILE C 320 39.53 -62.53 5.90
C ILE C 320 40.42 -62.49 7.14
N GLU C 321 39.82 -62.71 8.30
CA GLU C 321 40.50 -62.77 9.58
C GLU C 321 40.33 -64.13 10.23
N LEU C 322 40.53 -65.21 9.47
CA LEU C 322 40.29 -66.55 9.98
C LEU C 322 41.42 -66.93 10.93
N ASN C 323 41.41 -66.31 12.11
CA ASN C 323 42.46 -66.50 13.10
C ASN C 323 41.88 -66.52 14.51
N PHE C 324 40.57 -66.72 14.65
CA PHE C 324 39.92 -66.68 15.96
C PHE C 324 40.28 -67.84 16.85
N ASP C 325 41.04 -68.82 16.36
CA ASP C 325 41.41 -69.98 17.17
C ASP C 325 42.40 -69.60 18.27
N ALA C 326 43.43 -68.84 17.92
CA ALA C 326 44.49 -68.49 18.87
C ALA C 326 44.24 -67.11 19.49
N VAL C 327 43.10 -66.98 20.16
CA VAL C 327 42.74 -65.79 20.92
C VAL C 327 42.23 -66.26 22.27
N LYS C 328 42.93 -65.91 23.34
CA LYS C 328 42.43 -66.30 24.66
C LYS C 328 42.41 -65.15 25.67
N ASP C 329 43.40 -64.26 25.65
CA ASP C 329 43.57 -63.31 26.73
C ASP C 329 43.87 -61.91 26.20
N PHE C 330 43.58 -60.91 27.04
CA PHE C 330 43.86 -59.52 26.71
C PHE C 330 44.13 -58.75 28.00
N LYS C 331 45.12 -57.85 27.94
CA LYS C 331 45.44 -56.98 29.07
C LYS C 331 45.85 -55.62 28.53
N LEU C 332 45.26 -54.56 29.07
CA LEU C 332 45.38 -53.22 28.51
C LEU C 332 46.74 -52.61 28.85
N GLY C 333 47.36 -51.99 27.84
CA GLY C 333 48.65 -51.35 28.02
C GLY C 333 48.59 -49.85 27.91
N LYS C 334 49.20 -49.30 26.85
CA LYS C 334 49.25 -47.87 26.62
C LYS C 334 48.19 -47.47 25.61
N PHE C 335 47.58 -46.30 25.84
CA PHE C 335 46.50 -45.84 24.97
C PHE C 335 46.49 -44.32 24.93
N ASN C 336 45.79 -43.79 23.94
CA ASN C 336 45.54 -42.36 23.79
C ASN C 336 44.15 -42.05 24.34
N TYR C 337 43.88 -40.76 24.56
CA TYR C 337 42.68 -40.37 25.28
C TYR C 337 42.26 -38.94 24.91
N VAL C 338 40.98 -38.73 24.61
CA VAL C 338 40.43 -37.39 24.43
C VAL C 338 39.18 -37.22 25.29
N ALA C 339 38.82 -35.96 25.53
CA ALA C 339 37.59 -35.60 26.23
C ALA C 339 36.93 -34.45 25.50
N VAL C 340 35.63 -34.57 25.25
CA VAL C 340 34.86 -33.60 24.47
C VAL C 340 33.60 -33.25 25.27
N GLY C 341 33.40 -31.95 25.51
CA GLY C 341 32.18 -31.50 26.15
C GLY C 341 32.43 -30.54 27.30
N ASP C 342 31.81 -30.82 28.44
CA ASP C 342 32.03 -30.03 29.66
C ASP C 342 33.38 -30.38 30.24
N VAL C 343 34.45 -29.92 29.60
CA VAL C 343 35.74 -30.52 29.90
C VAL C 343 36.42 -29.73 31.02
N SER C 344 35.85 -29.84 32.21
CA SER C 344 36.48 -29.48 33.46
C SER C 344 36.12 -30.43 34.58
N ASN C 345 35.09 -31.25 34.41
CA ASN C 345 34.71 -32.29 35.35
C ASN C 345 35.02 -33.67 34.81
N LEU C 346 35.60 -33.76 33.65
CA LEU C 346 36.07 -34.98 33.01
C LEU C 346 37.51 -35.25 33.38
N PRO C 347 37.93 -36.51 33.52
CA PRO C 347 39.25 -36.79 34.07
C PRO C 347 40.38 -36.51 33.08
N TYR C 348 41.59 -36.42 33.64
CA TYR C 348 42.81 -36.29 32.88
C TYR C 348 43.39 -37.67 32.63
N LEU C 349 44.48 -37.73 31.86
CA LEU C 349 45.06 -39.01 31.50
C LEU C 349 45.77 -39.65 32.68
N ASP C 350 46.39 -38.85 33.54
CA ASP C 350 47.18 -39.38 34.62
C ASP C 350 46.35 -39.94 35.77
N GLU C 351 45.06 -39.63 35.82
CA GLU C 351 44.20 -40.28 36.81
C GLU C 351 43.75 -41.65 36.31
N LEU C 352 42.96 -41.67 35.24
CA LEU C 352 42.58 -42.88 34.51
C LEU C 352 42.10 -42.50 33.12
N MET D 1 -51.75 21.67 19.25
CA MET D 1 -52.76 22.72 19.07
C MET D 1 -54.11 22.21 19.55
N THR D 2 -55.13 23.06 19.41
CA THR D 2 -56.49 22.70 19.80
C THR D 2 -57.07 21.71 18.80
N ALA D 3 -58.05 20.93 19.25
CA ALA D 3 -58.67 19.93 18.39
C ALA D 3 -59.45 20.53 17.22
N ALA D 4 -59.84 21.80 17.30
CA ALA D 4 -60.54 22.43 16.20
C ALA D 4 -59.60 22.82 15.07
N GLU D 5 -58.43 23.35 15.38
CA GLU D 5 -57.51 23.87 14.37
C GLU D 5 -56.64 22.78 13.77
N HIS D 6 -56.84 21.52 14.14
CA HIS D 6 -56.18 20.40 13.48
C HIS D 6 -57.13 19.63 12.57
N GLY D 7 -58.36 19.43 12.98
CA GLY D 7 -59.33 18.70 12.19
C GLY D 7 -59.64 17.34 12.79
N LEU D 8 -60.75 16.78 12.36
CA LEU D 8 -61.14 15.44 12.79
C LEU D 8 -60.27 14.41 12.09
N HIS D 9 -60.26 13.20 12.63
CA HIS D 9 -59.50 12.10 12.04
C HIS D 9 -60.40 11.35 11.07
N ALA D 10 -59.94 11.25 9.81
CA ALA D 10 -60.62 10.50 8.77
C ALA D 10 -60.64 9.01 9.11
N PRO D 11 -61.81 8.40 9.31
CA PRO D 11 -61.86 7.00 9.77
C PRO D 11 -61.44 6.01 8.71
N ALA D 12 -61.42 4.72 9.06
CA ALA D 12 -60.83 3.69 8.21
C ALA D 12 -61.94 2.86 7.57
N TYR D 13 -62.33 3.26 6.36
CA TYR D 13 -63.24 2.43 5.57
C TYR D 13 -62.45 1.34 4.87
N ALA D 14 -63.16 0.29 4.46
CA ALA D 14 -62.54 -0.89 3.87
C ALA D 14 -62.54 -0.75 2.35
N TRP D 15 -61.49 -0.10 1.86
CA TRP D 15 -61.39 0.16 0.41
C TRP D 15 -60.95 -1.13 -0.26
N SER D 16 -61.46 -1.41 -1.45
CA SER D 16 -61.22 -2.67 -2.14
C SER D 16 -59.82 -2.79 -2.74
N HIS D 17 -59.05 -1.71 -2.77
CA HIS D 17 -57.69 -1.75 -3.29
C HIS D 17 -56.64 -1.85 -2.18
N ASN D 18 -57.04 -2.15 -0.95
CA ASN D 18 -56.08 -2.38 0.11
C ASN D 18 -55.71 -3.85 0.20
N GLY D 19 -54.61 -4.11 0.89
CA GLY D 19 -54.02 -5.42 0.88
C GLY D 19 -52.90 -5.46 -0.13
N PRO D 20 -51.92 -6.34 0.07
CA PRO D 20 -50.78 -6.40 -0.85
C PRO D 20 -51.06 -7.16 -2.12
N PHE D 21 -52.18 -7.88 -2.21
CA PHE D 21 -52.49 -8.69 -3.39
C PHE D 21 -53.66 -8.15 -4.18
N GLU D 22 -54.14 -6.95 -3.87
CA GLU D 22 -55.33 -6.40 -4.51
C GLU D 22 -54.97 -5.39 -5.59
N THR D 23 -56.01 -4.92 -6.27
CA THR D 23 -55.86 -4.16 -7.50
C THR D 23 -56.95 -3.10 -7.56
N PHE D 24 -56.84 -2.20 -8.55
CA PHE D 24 -57.87 -1.20 -8.79
C PHE D 24 -59.16 -1.83 -9.27
N ASP D 25 -60.26 -1.13 -9.03
CA ASP D 25 -61.58 -1.53 -9.52
C ASP D 25 -61.89 -0.66 -10.73
N HIS D 26 -61.72 -1.23 -11.92
CA HIS D 26 -61.88 -0.44 -13.14
C HIS D 26 -63.33 -0.19 -13.51
N ALA D 27 -64.27 -0.88 -12.88
CA ALA D 27 -65.67 -0.48 -12.98
C ALA D 27 -66.01 0.69 -12.06
N SER D 28 -65.14 1.00 -11.10
CA SER D 28 -65.30 2.18 -10.26
C SER D 28 -64.43 3.34 -10.71
N ILE D 29 -63.43 3.10 -11.56
CA ILE D 29 -62.70 4.20 -12.18
C ILE D 29 -63.51 4.79 -13.33
N ARG D 30 -64.21 3.93 -14.08
CA ARG D 30 -65.03 4.40 -15.19
C ARG D 30 -66.22 5.21 -14.71
N ARG D 31 -66.87 4.76 -13.64
CA ARG D 31 -67.94 5.52 -13.03
C ARG D 31 -67.46 6.77 -12.31
N GLY D 32 -66.15 6.90 -12.07
CA GLY D 32 -65.60 8.05 -11.40
C GLY D 32 -65.20 9.18 -12.31
N TYR D 33 -64.85 8.87 -13.56
CA TYR D 33 -64.59 9.94 -14.52
C TYR D 33 -65.87 10.66 -14.91
N GLN D 34 -67.01 9.97 -14.87
CA GLN D 34 -68.26 10.61 -15.20
C GLN D 34 -68.72 11.57 -14.11
N VAL D 35 -68.21 11.43 -12.89
CA VAL D 35 -68.49 12.41 -11.86
C VAL D 35 -67.44 13.53 -11.89
N TYR D 36 -66.32 13.33 -12.56
CA TYR D 36 -65.39 14.44 -12.73
C TYR D 36 -65.89 15.41 -13.80
N ARG D 37 -66.45 14.88 -14.90
CA ARG D 37 -66.77 15.73 -16.04
C ARG D 37 -68.00 16.57 -15.79
N GLU D 38 -68.95 16.07 -15.00
CA GLU D 38 -70.22 16.75 -14.80
C GLU D 38 -70.28 17.60 -13.54
N VAL D 39 -69.35 17.42 -12.61
CA VAL D 39 -69.45 18.02 -11.29
C VAL D 39 -68.27 18.92 -10.95
N CYS D 40 -67.04 18.42 -11.07
CA CYS D 40 -65.88 19.20 -10.63
C CYS D 40 -64.96 19.62 -11.77
N ALA D 41 -65.39 19.48 -13.02
CA ALA D 41 -64.60 20.08 -14.08
C ALA D 41 -64.85 21.56 -14.22
N ALA D 42 -65.86 22.08 -13.52
CA ALA D 42 -66.22 23.50 -13.61
C ALA D 42 -65.21 24.38 -12.90
N CYS D 43 -64.68 23.93 -11.76
CA CYS D 43 -63.78 24.75 -10.96
C CYS D 43 -62.42 24.13 -10.66
N HIS D 44 -62.29 22.81 -10.77
CA HIS D 44 -61.02 22.15 -10.47
C HIS D 44 -60.32 21.69 -11.74
N SER D 45 -58.99 21.67 -11.69
CA SER D 45 -58.17 21.33 -12.83
C SER D 45 -57.49 19.98 -12.64
N LEU D 46 -57.04 19.40 -13.75
CA LEU D 46 -56.37 18.10 -13.73
C LEU D 46 -55.37 18.10 -14.89
N ASP D 47 -54.14 18.50 -14.60
CA ASP D 47 -53.17 18.86 -15.64
C ASP D 47 -52.07 17.83 -15.79
N ARG D 48 -51.91 16.91 -14.86
CA ARG D 48 -50.88 15.89 -14.93
C ARG D 48 -51.33 14.64 -15.68
N VAL D 49 -52.63 14.52 -15.96
CA VAL D 49 -53.20 13.31 -16.55
C VAL D 49 -53.42 13.56 -18.03
N ALA D 50 -52.88 12.69 -18.87
CA ALA D 50 -53.06 12.80 -20.31
C ALA D 50 -54.30 12.02 -20.75
N TRP D 51 -54.70 12.24 -22.00
CA TRP D 51 -55.84 11.53 -22.54
C TRP D 51 -55.51 10.06 -22.79
N ARG D 52 -54.28 9.79 -23.24
CA ARG D 52 -53.88 8.48 -23.69
C ARG D 52 -53.61 7.50 -22.56
N THR D 53 -53.70 7.92 -21.31
CA THR D 53 -53.48 6.97 -20.22
C THR D 53 -54.74 6.20 -19.85
N LEU D 54 -55.89 6.57 -20.39
CA LEU D 54 -57.15 5.95 -20.03
C LEU D 54 -57.55 4.80 -20.95
N VAL D 55 -56.77 4.51 -21.99
CA VAL D 55 -57.10 3.41 -22.88
C VAL D 55 -56.66 2.10 -22.21
N GLY D 56 -57.59 1.18 -22.05
CA GLY D 56 -57.32 -0.05 -21.34
C GLY D 56 -57.46 0.02 -19.84
N VAL D 57 -57.90 1.15 -19.29
CA VAL D 57 -58.09 1.33 -17.86
C VAL D 57 -59.51 1.78 -17.55
N SER D 58 -59.98 2.83 -18.20
CA SER D 58 -61.30 3.38 -17.94
C SER D 58 -62.21 3.36 -19.15
N HIS D 59 -61.68 3.48 -20.36
CA HIS D 59 -62.47 3.48 -21.58
C HIS D 59 -61.72 2.72 -22.67
N THR D 60 -62.28 2.69 -23.87
CA THR D 60 -61.61 2.08 -25.02
C THR D 60 -60.97 3.17 -25.88
N ASN D 61 -60.26 2.75 -26.93
CA ASN D 61 -59.55 3.72 -27.77
C ASN D 61 -60.51 4.51 -28.63
N GLU D 62 -61.60 3.88 -29.07
CA GLU D 62 -62.64 4.63 -29.76
C GLU D 62 -63.42 5.52 -28.82
N GLU D 63 -63.47 5.18 -27.53
CA GLU D 63 -64.26 5.95 -26.58
C GLU D 63 -63.51 7.19 -26.11
N VAL D 64 -62.17 7.12 -26.01
CA VAL D 64 -61.38 8.28 -25.60
C VAL D 64 -61.19 9.23 -26.76
N ARG D 65 -61.18 8.72 -27.99
CA ARG D 65 -61.01 9.57 -29.17
C ARG D 65 -62.18 10.53 -29.38
N ASN D 66 -63.36 10.22 -28.85
CA ASN D 66 -64.50 11.12 -28.93
C ASN D 66 -64.69 11.95 -27.68
N MET D 67 -63.86 11.76 -26.66
CA MET D 67 -63.87 12.62 -25.48
C MET D 67 -62.88 13.75 -25.58
N ALA D 68 -61.82 13.59 -26.35
CA ALA D 68 -60.77 14.59 -26.48
C ALA D 68 -60.93 15.44 -27.72
N GLU D 69 -61.89 15.13 -28.58
CA GLU D 69 -62.06 15.87 -29.82
C GLU D 69 -62.95 17.09 -29.66
N GLU D 70 -63.70 17.20 -28.56
CA GLU D 70 -64.62 18.31 -28.40
C GLU D 70 -63.91 19.60 -28.01
N PHE D 71 -62.78 19.50 -27.31
CA PHE D 71 -62.05 20.67 -26.86
C PHE D 71 -61.25 21.29 -28.00
N GLU D 72 -60.71 22.48 -27.76
CA GLU D 72 -59.94 23.23 -28.75
C GLU D 72 -58.60 23.62 -28.15
N TYR D 73 -57.52 23.30 -28.86
CA TYR D 73 -56.17 23.54 -28.37
C TYR D 73 -55.44 24.46 -29.33
N ASP D 74 -54.35 25.04 -28.85
CA ASP D 74 -53.55 25.92 -29.69
C ASP D 74 -52.74 25.12 -30.70
N ASP D 75 -52.59 25.69 -31.88
CA ASP D 75 -51.91 25.07 -33.01
C ASP D 75 -50.64 25.88 -33.29
N GLU D 76 -49.83 25.42 -34.25
CA GLU D 76 -48.75 26.29 -34.65
C GLU D 76 -49.31 27.44 -35.50
N PRO D 77 -48.63 28.59 -35.53
CA PRO D 77 -49.15 29.72 -36.31
C PRO D 77 -49.12 29.45 -37.81
N ASP D 78 -49.96 30.18 -38.52
CA ASP D 78 -50.10 30.03 -39.96
C ASP D 78 -48.96 30.74 -40.68
N GLU D 79 -49.02 30.71 -42.03
CA GLU D 79 -47.99 31.35 -42.85
C GLU D 79 -47.98 32.85 -42.68
N GLN D 80 -49.12 33.46 -42.37
CA GLN D 80 -49.14 34.90 -42.10
C GLN D 80 -48.62 35.19 -40.70
N GLY D 81 -48.83 34.28 -39.76
CA GLY D 81 -48.28 34.43 -38.43
C GLY D 81 -49.31 34.67 -37.35
N ASN D 82 -50.56 34.40 -37.64
CA ASN D 82 -51.62 34.56 -36.68
C ASN D 82 -52.01 33.21 -36.09
N PRO D 83 -52.43 33.16 -34.82
CA PRO D 83 -52.66 31.87 -34.17
C PRO D 83 -53.91 31.17 -34.67
N LYS D 84 -53.87 29.85 -34.61
CA LYS D 84 -54.95 28.98 -35.04
C LYS D 84 -55.43 28.14 -33.86
N LYS D 85 -56.38 27.25 -34.14
CA LYS D 85 -56.87 26.29 -33.15
C LYS D 85 -57.13 24.96 -33.85
N ARG D 86 -57.28 23.91 -33.05
CA ARG D 86 -57.47 22.55 -33.54
C ARG D 86 -58.08 21.73 -32.41
N PRO D 87 -58.79 20.65 -32.73
CA PRO D 87 -59.25 19.74 -31.68
C PRO D 87 -58.10 18.94 -31.07
N GLY D 88 -58.42 18.28 -29.96
CA GLY D 88 -57.39 17.64 -29.16
C GLY D 88 -57.12 16.20 -29.57
N LYS D 89 -55.84 15.89 -29.76
CA LYS D 89 -55.42 14.54 -30.09
C LYS D 89 -55.19 13.74 -28.80
N LEU D 90 -54.68 12.52 -28.94
CA LEU D 90 -54.56 11.64 -27.78
C LEU D 90 -53.40 12.00 -26.87
N SER D 91 -52.35 12.60 -27.41
CA SER D 91 -51.18 12.91 -26.61
C SER D 91 -51.34 14.15 -25.74
N ASP D 92 -52.47 14.84 -25.82
CA ASP D 92 -52.65 16.09 -25.11
C ASP D 92 -53.01 15.84 -23.65
N TYR D 93 -53.18 16.92 -22.90
CA TYR D 93 -53.50 16.86 -21.48
C TYR D 93 -54.90 17.43 -21.25
N ILE D 94 -55.59 16.87 -20.26
CA ILE D 94 -56.96 17.25 -19.91
C ILE D 94 -57.01 18.70 -19.46
N PRO D 95 -57.83 19.55 -20.08
CA PRO D 95 -57.77 20.98 -19.83
C PRO D 95 -58.57 21.42 -18.62
N GLY D 96 -58.22 22.60 -18.11
CA GLY D 96 -58.90 23.21 -16.99
C GLY D 96 -59.59 24.49 -17.39
N PRO D 97 -60.55 24.95 -16.57
CA PRO D 97 -61.40 26.09 -16.96
C PRO D 97 -60.70 27.43 -17.07
N TYR D 98 -60.00 27.86 -16.04
CA TYR D 98 -59.49 29.22 -15.99
C TYR D 98 -58.13 29.34 -16.69
N PRO D 99 -57.86 30.47 -17.34
CA PRO D 99 -56.58 30.63 -18.04
C PRO D 99 -55.45 31.11 -17.16
N ASN D 100 -55.76 31.72 -16.02
CA ASN D 100 -54.72 32.17 -15.10
C ASN D 100 -55.26 32.08 -13.67
N GLU D 101 -54.49 32.60 -12.72
CA GLU D 101 -54.76 32.43 -11.30
C GLU D 101 -55.64 33.53 -10.73
N GLN D 102 -55.45 34.77 -11.18
CA GLN D 102 -56.30 35.86 -10.70
C GLN D 102 -57.73 35.73 -11.23
N ALA D 103 -57.90 35.14 -12.41
CA ALA D 103 -59.22 34.86 -12.94
C ALA D 103 -59.90 33.73 -12.19
N ALA D 104 -59.13 32.87 -11.52
CA ALA D 104 -59.71 31.80 -10.73
C ALA D 104 -60.14 32.26 -9.35
N ARG D 105 -59.42 33.22 -8.77
CA ARG D 105 -59.85 33.84 -7.53
C ARG D 105 -60.99 34.82 -7.74
N ALA D 106 -61.14 35.36 -8.95
CA ALA D 106 -62.21 36.29 -9.25
C ALA D 106 -63.57 35.60 -9.31
N ALA D 107 -63.60 34.28 -9.48
CA ALA D 107 -64.84 33.53 -9.58
C ALA D 107 -65.12 32.67 -8.35
N ASN D 108 -64.26 32.71 -7.33
CA ASN D 108 -64.43 31.83 -6.17
C ASN D 108 -64.33 32.59 -4.85
N GLN D 109 -64.51 33.92 -4.90
CA GLN D 109 -64.50 34.82 -3.74
C GLN D 109 -63.21 34.73 -2.94
N GLY D 110 -62.10 35.06 -3.62
CA GLY D 110 -60.79 35.12 -2.99
C GLY D 110 -60.00 33.83 -2.96
N ALA D 111 -60.68 32.70 -2.78
CA ALA D 111 -59.99 31.42 -2.68
C ALA D 111 -59.46 30.98 -4.04
N LEU D 112 -58.59 29.99 -4.03
CA LEU D 112 -58.05 29.39 -5.24
C LEU D 112 -58.20 27.89 -5.12
N PRO D 113 -59.03 27.24 -5.93
CA PRO D 113 -59.15 25.80 -5.88
C PRO D 113 -57.91 25.13 -6.45
N PRO D 114 -57.36 24.15 -5.77
CA PRO D 114 -56.07 23.56 -6.17
C PRO D 114 -56.24 22.57 -7.31
N ASP D 115 -55.12 22.04 -7.77
CA ASP D 115 -55.10 20.95 -8.74
C ASP D 115 -55.42 19.64 -8.03
N LEU D 116 -56.14 18.76 -8.74
CA LEU D 116 -56.55 17.48 -8.18
C LEU D 116 -55.79 16.31 -8.76
N SER D 117 -54.59 16.53 -9.30
CA SER D 117 -53.77 15.43 -9.78
C SER D 117 -53.13 14.67 -8.63
N LEU D 118 -52.43 15.37 -7.75
CA LEU D 118 -51.77 14.79 -6.60
C LEU D 118 -52.49 15.31 -5.35
N ILE D 119 -53.57 14.63 -4.98
CA ILE D 119 -54.36 15.08 -3.83
C ILE D 119 -54.61 13.99 -2.80
N VAL D 120 -54.55 12.71 -3.16
CA VAL D 120 -54.57 11.67 -2.13
C VAL D 120 -53.19 11.47 -1.52
N LYS D 121 -52.13 11.82 -2.24
CA LYS D 121 -50.78 11.70 -1.72
C LYS D 121 -50.31 12.93 -0.98
N ALA D 122 -50.80 14.11 -1.35
CA ALA D 122 -50.40 15.37 -0.75
C ALA D 122 -51.26 15.78 0.42
N ARG D 123 -52.00 14.84 1.01
CA ARG D 123 -52.83 15.13 2.16
C ARG D 123 -52.65 14.02 3.19
N HIS D 124 -52.66 14.39 4.47
CA HIS D 124 -52.56 13.41 5.52
C HIS D 124 -53.91 12.77 5.75
N GLY D 125 -53.97 11.45 5.71
CA GLY D 125 -55.22 10.74 5.75
C GLY D 125 -55.34 9.93 4.48
N GLY D 126 -54.88 10.50 3.38
CA GLY D 126 -54.75 9.74 2.15
C GLY D 126 -56.07 9.57 1.44
N CYS D 127 -56.37 8.33 1.08
CA CYS D 127 -57.59 8.02 0.35
C CYS D 127 -58.83 8.20 1.22
N ASP D 128 -58.71 8.34 2.51
CA ASP D 128 -60.00 8.42 3.22
C ASP D 128 -60.24 9.86 3.60
N TYR D 129 -59.26 10.66 3.33
CA TYR D 129 -59.51 12.08 3.55
C TYR D 129 -60.52 12.62 2.54
N ILE D 130 -60.34 12.30 1.26
CA ILE D 130 -61.33 12.73 0.27
C ILE D 130 -62.37 11.62 0.13
N PHE D 131 -63.08 11.37 1.20
CA PHE D 131 -64.40 10.76 1.26
C PHE D 131 -65.25 11.39 2.35
N SER D 132 -64.59 11.77 3.47
CA SER D 132 -65.23 12.42 4.58
C SER D 132 -65.26 13.93 4.42
N LEU D 133 -64.36 14.47 3.59
CA LEU D 133 -64.44 15.87 3.18
C LEU D 133 -65.72 16.12 2.40
N LEU D 134 -66.06 15.22 1.48
CA LEU D 134 -67.24 15.41 0.65
C LEU D 134 -68.50 14.98 1.38
N THR D 135 -68.46 13.84 2.07
CA THR D 135 -69.58 13.34 2.86
C THR D 135 -69.28 13.62 4.32
N GLY D 136 -69.93 14.63 4.88
CA GLY D 136 -69.53 15.11 6.19
C GLY D 136 -69.69 16.60 6.37
N TYR D 137 -70.16 17.29 5.34
CA TYR D 137 -70.68 18.63 5.53
C TYR D 137 -71.92 18.55 6.43
N PRO D 138 -71.95 19.29 7.53
CA PRO D 138 -73.13 19.25 8.40
C PRO D 138 -74.27 20.07 7.80
N ASP D 139 -75.46 19.86 8.37
CA ASP D 139 -76.61 20.65 7.98
C ASP D 139 -76.47 22.09 8.45
N GLU D 140 -76.19 22.26 9.74
CA GLU D 140 -75.84 23.57 10.28
C GLU D 140 -74.51 23.49 11.02
N PRO D 141 -73.74 24.57 11.05
CA PRO D 141 -72.53 24.61 11.87
C PRO D 141 -72.87 24.55 13.35
N PRO D 142 -71.95 24.08 14.19
CA PRO D 142 -72.26 23.91 15.61
C PRO D 142 -72.41 25.25 16.32
N ALA D 143 -73.00 25.18 17.51
CA ALA D 143 -73.48 26.38 18.19
C ALA D 143 -72.33 27.18 18.79
N GLY D 144 -71.81 28.14 18.04
CA GLY D 144 -70.79 29.02 18.56
C GLY D 144 -69.72 29.43 17.59
N VAL D 145 -69.57 28.68 16.50
CA VAL D 145 -68.52 28.98 15.54
C VAL D 145 -68.94 30.19 14.70
N ALA D 146 -68.03 31.13 14.53
CA ALA D 146 -68.28 32.36 13.77
C ALA D 146 -67.71 32.17 12.37
N LEU D 147 -68.58 32.14 11.38
CA LEU D 147 -68.12 31.92 10.01
C LEU D 147 -68.00 33.23 9.27
N PRO D 148 -66.94 33.44 8.50
CA PRO D 148 -66.83 34.65 7.67
C PRO D 148 -67.84 34.62 6.54
N PRO D 149 -68.18 35.78 5.96
CA PRO D 149 -69.11 35.78 4.82
C PRO D 149 -68.52 35.18 3.57
N GLY D 150 -69.00 34.00 3.18
CA GLY D 150 -68.45 33.27 2.06
C GLY D 150 -67.61 32.07 2.43
N SER D 151 -67.94 31.36 3.50
CA SER D 151 -67.19 30.20 3.92
C SER D 151 -68.13 29.23 4.62
N ASN D 152 -67.79 27.95 4.56
CA ASN D 152 -68.66 26.89 5.04
C ASN D 152 -67.94 26.04 6.07
N TYR D 153 -68.72 25.44 6.97
CA TYR D 153 -68.17 24.57 7.99
C TYR D 153 -68.14 23.13 7.48
N ASN D 154 -66.99 22.49 7.63
CA ASN D 154 -66.81 21.06 7.38
C ASN D 154 -65.66 20.60 8.24
N PRO D 155 -65.91 19.76 9.25
CA PRO D 155 -64.88 19.55 10.27
C PRO D 155 -63.82 18.53 9.90
N TYR D 156 -63.34 18.56 8.67
CA TYR D 156 -62.18 17.79 8.27
C TYR D 156 -61.11 18.67 7.65
N PHE D 157 -61.45 19.88 7.29
CA PHE D 157 -60.47 20.89 6.94
C PHE D 157 -59.88 21.45 8.24
N PRO D 158 -58.55 21.65 8.29
CA PRO D 158 -57.92 22.15 9.52
C PRO D 158 -58.33 23.58 9.81
N GLY D 159 -59.05 23.76 10.93
CA GLY D 159 -59.56 25.06 11.34
C GLY D 159 -61.07 25.10 11.49
N GLY D 160 -61.79 24.35 10.65
CA GLY D 160 -63.22 24.27 10.72
C GLY D 160 -63.95 24.92 9.55
N SER D 161 -63.37 25.95 8.94
CA SER D 161 -64.05 26.73 7.92
C SER D 161 -63.36 26.54 6.59
N ILE D 162 -64.13 26.17 5.57
CA ILE D 162 -63.62 25.88 4.24
C ILE D 162 -64.45 26.67 3.23
N ALA D 163 -63.77 27.19 2.20
CA ALA D 163 -64.46 27.98 1.17
C ALA D 163 -65.34 27.12 0.28
N MET D 164 -65.10 25.80 0.23
CA MET D 164 -65.82 24.91 -0.67
C MET D 164 -67.20 24.56 -0.12
N ALA D 165 -68.20 24.66 -0.98
CA ALA D 165 -69.57 24.28 -0.63
C ALA D 165 -69.85 22.85 -1.07
N ARG D 166 -70.90 22.27 -0.51
CA ARG D 166 -71.26 20.89 -0.81
C ARG D 166 -71.82 20.79 -2.22
N VAL D 167 -71.25 19.89 -3.02
CA VAL D 167 -71.64 19.76 -4.42
C VAL D 167 -72.42 18.47 -4.68
N LEU D 168 -72.13 17.40 -3.95
CA LEU D 168 -72.73 16.10 -4.21
C LEU D 168 -74.09 16.03 -3.55
N PHE D 169 -75.13 15.77 -4.35
CA PHE D 169 -76.46 15.44 -3.87
C PHE D 169 -76.93 14.17 -4.56
N ASP D 170 -78.08 13.67 -4.13
CA ASP D 170 -78.55 12.38 -4.63
C ASP D 170 -79.13 12.50 -6.03
N ASP D 171 -78.76 11.54 -6.89
CA ASP D 171 -79.32 11.35 -8.23
C ASP D 171 -79.11 12.56 -9.13
N MET D 172 -77.92 13.16 -9.05
CA MET D 172 -77.56 14.27 -9.93
C MET D 172 -76.74 13.82 -11.12
N VAL D 173 -76.42 12.54 -11.22
CA VAL D 173 -75.71 11.99 -12.37
C VAL D 173 -76.48 10.75 -12.83
N GLU D 174 -76.32 10.40 -14.10
CA GLU D 174 -77.00 9.25 -14.68
C GLU D 174 -75.92 8.25 -15.12
N TYR D 175 -75.82 7.14 -14.40
CA TYR D 175 -74.79 6.15 -14.69
C TYR D 175 -75.19 5.31 -15.89
N GLU D 176 -74.26 5.15 -16.83
CA GLU D 176 -74.53 4.46 -18.09
C GLU D 176 -74.61 2.95 -17.95
N ASP D 177 -74.28 2.40 -16.78
CA ASP D 177 -74.48 0.98 -16.53
C ASP D 177 -75.69 0.68 -15.66
N GLY D 178 -76.08 1.63 -14.81
CA GLY D 178 -77.31 1.52 -14.04
C GLY D 178 -77.06 1.06 -12.62
N THR D 179 -76.97 2.03 -11.71
CA THR D 179 -76.68 1.86 -10.28
C THR D 179 -77.28 3.05 -9.56
N PRO D 180 -77.66 2.91 -8.29
CA PRO D 180 -78.23 4.06 -7.58
C PRO D 180 -77.18 5.12 -7.28
N ALA D 181 -77.24 6.23 -8.01
CA ALA D 181 -76.25 7.30 -7.86
C ALA D 181 -76.63 8.14 -6.66
N THR D 182 -76.27 7.67 -5.48
CA THR D 182 -76.53 8.37 -4.24
C THR D 182 -75.35 9.25 -3.88
N THR D 183 -75.33 9.76 -2.65
CA THR D 183 -74.26 10.65 -2.21
C THR D 183 -72.94 9.90 -2.07
N SER D 184 -72.94 8.82 -1.27
CA SER D 184 -71.71 8.10 -1.02
C SER D 184 -71.33 7.20 -2.18
N GLN D 185 -72.25 6.93 -3.11
CA GLN D 185 -71.91 6.12 -4.26
C GLN D 185 -71.06 6.90 -5.26
N MET D 186 -71.43 8.15 -5.54
CA MET D 186 -70.58 8.97 -6.39
C MET D 186 -69.32 9.40 -5.68
N ALA D 187 -69.37 9.50 -4.34
CA ALA D 187 -68.18 9.89 -3.58
C ALA D 187 -67.16 8.78 -3.50
N LYS D 188 -67.59 7.53 -3.62
CA LYS D 188 -66.63 6.43 -3.70
C LYS D 188 -65.91 6.42 -5.04
N ASP D 189 -66.63 6.74 -6.11
CA ASP D 189 -66.08 6.60 -7.45
C ASP D 189 -65.09 7.72 -7.78
N VAL D 190 -65.27 8.93 -7.24
CA VAL D 190 -64.29 9.98 -7.48
C VAL D 190 -62.97 9.65 -6.78
N THR D 191 -63.03 9.08 -5.58
CA THR D 191 -61.82 8.79 -4.84
C THR D 191 -61.09 7.58 -5.41
N THR D 192 -61.80 6.66 -6.04
CA THR D 192 -61.14 5.57 -6.76
C THR D 192 -60.51 6.07 -8.05
N PHE D 193 -61.13 7.05 -8.70
CA PHE D 193 -60.54 7.65 -9.90
C PHE D 193 -59.37 8.56 -9.56
N LEU D 194 -59.49 9.34 -8.48
CA LEU D 194 -58.45 10.28 -8.12
C LEU D 194 -57.22 9.60 -7.55
N ASN D 195 -57.40 8.47 -6.87
CA ASN D 195 -56.26 7.67 -6.43
C ASN D 195 -55.50 7.09 -7.62
N TRP D 196 -56.21 6.76 -8.71
CA TRP D 196 -55.55 6.31 -9.92
C TRP D 196 -54.75 7.43 -10.57
N CYS D 197 -55.23 8.68 -10.46
CA CYS D 197 -54.55 9.80 -11.09
C CYS D 197 -53.23 10.13 -10.42
N ALA D 198 -53.07 9.77 -9.15
CA ALA D 198 -51.80 9.97 -8.45
C ALA D 198 -50.86 8.80 -8.66
N GLU D 199 -51.37 7.57 -8.56
CA GLU D 199 -50.57 6.35 -8.64
C GLU D 199 -51.09 5.48 -9.78
N PRO D 200 -50.70 5.76 -11.03
CA PRO D 200 -51.11 4.90 -12.14
C PRO D 200 -50.36 3.58 -12.24
N GLU D 201 -49.31 3.39 -11.44
CA GLU D 201 -48.50 2.18 -11.45
C GLU D 201 -48.95 1.16 -10.43
N HIS D 202 -50.10 1.39 -9.77
CA HIS D 202 -50.43 0.71 -8.52
C HIS D 202 -50.68 -0.78 -8.71
N ASP D 203 -51.25 -1.19 -9.85
CA ASP D 203 -51.47 -2.60 -10.11
C ASP D 203 -50.23 -3.29 -10.67
N GLU D 204 -49.40 -2.55 -11.41
CA GLU D 204 -48.15 -3.11 -11.92
C GLU D 204 -47.13 -3.29 -10.81
N ARG D 205 -47.14 -2.38 -9.84
CA ARG D 205 -46.12 -2.38 -8.78
C ARG D 205 -46.29 -3.58 -7.86
N LYS D 206 -47.52 -3.89 -7.46
CA LYS D 206 -47.77 -5.01 -6.56
C LYS D 206 -47.65 -6.37 -7.24
N ARG D 207 -47.54 -6.42 -8.56
CA ARG D 207 -47.26 -7.66 -9.27
C ARG D 207 -45.77 -7.94 -9.37
N LEU D 208 -44.95 -6.92 -9.64
CA LEU D 208 -43.50 -7.04 -9.50
C LEU D 208 -43.05 -7.10 -8.04
N GLY D 209 -43.93 -6.79 -7.10
CA GLY D 209 -43.70 -6.95 -5.68
C GLY D 209 -43.93 -8.35 -5.17
N LEU D 210 -44.22 -9.30 -6.06
CA LEU D 210 -44.16 -10.72 -5.74
C LEU D 210 -43.09 -11.46 -6.51
N LYS D 211 -42.52 -10.86 -7.55
CA LYS D 211 -41.38 -11.50 -8.20
C LYS D 211 -40.15 -11.44 -7.32
N THR D 212 -39.99 -10.38 -6.54
CA THR D 212 -38.77 -10.19 -5.76
C THR D 212 -38.88 -10.73 -4.35
N VAL D 213 -40.04 -10.63 -3.69
CA VAL D 213 -40.14 -11.16 -2.33
C VAL D 213 -40.33 -12.66 -2.28
N ILE D 214 -40.52 -13.31 -3.43
CA ILE D 214 -40.50 -14.77 -3.48
C ILE D 214 -39.11 -15.28 -3.83
N ILE D 215 -38.39 -14.56 -4.69
CA ILE D 215 -37.00 -14.91 -4.97
C ILE D 215 -36.11 -14.66 -3.77
N LEU D 216 -36.25 -13.49 -3.14
CA LEU D 216 -35.29 -13.10 -2.10
C LEU D 216 -35.55 -13.77 -0.77
N SER D 217 -36.80 -14.08 -0.45
CA SER D 217 -37.06 -14.77 0.81
C SER D 217 -36.66 -16.23 0.74
N SER D 218 -36.61 -16.80 -0.47
CA SER D 218 -36.06 -18.14 -0.66
C SER D 218 -34.54 -18.11 -0.74
N LEU D 219 -33.96 -17.09 -1.37
CA LEU D 219 -32.52 -16.89 -1.42
C LEU D 219 -31.92 -16.55 -0.06
N TYR D 220 -32.72 -16.01 0.86
CA TYR D 220 -32.26 -15.76 2.22
C TYR D 220 -32.31 -17.01 3.09
N LEU D 221 -33.25 -17.92 2.81
CA LEU D 221 -33.33 -19.14 3.59
C LEU D 221 -32.26 -20.15 3.21
N LEU D 222 -31.73 -20.08 1.99
CA LEU D 222 -30.67 -20.99 1.60
C LEU D 222 -29.33 -20.60 2.21
N SER D 223 -29.10 -19.30 2.42
CA SER D 223 -27.84 -18.82 2.97
C SER D 223 -27.71 -19.07 4.47
N ILE D 224 -28.76 -19.48 5.15
CA ILE D 224 -28.65 -19.91 6.54
C ILE D 224 -28.32 -21.39 6.63
N TRP D 225 -28.80 -22.21 5.69
CA TRP D 225 -28.36 -23.59 5.62
C TRP D 225 -26.90 -23.68 5.18
N VAL D 226 -26.52 -22.88 4.19
CA VAL D 226 -25.19 -23.00 3.58
C VAL D 226 -24.12 -22.49 4.54
N LYS D 227 -24.42 -21.44 5.31
CA LYS D 227 -23.46 -20.89 6.26
C LYS D 227 -23.21 -21.85 7.41
N LYS D 228 -24.27 -22.43 7.96
CA LYS D 228 -24.14 -23.33 9.09
C LYS D 228 -23.68 -24.74 8.73
N PHE D 229 -23.40 -24.99 7.45
CA PHE D 229 -22.69 -26.20 7.02
C PHE D 229 -21.19 -26.00 7.00
N LYS D 230 -20.72 -24.90 6.43
CA LYS D 230 -19.29 -24.60 6.40
C LYS D 230 -18.77 -24.08 7.74
N TRP D 231 -19.65 -23.74 8.67
CA TRP D 231 -19.28 -23.31 10.01
C TRP D 231 -19.46 -24.42 11.03
N ALA D 232 -19.32 -25.68 10.61
CA ALA D 232 -19.49 -26.79 11.52
C ALA D 232 -18.18 -27.26 12.13
N GLY D 233 -17.06 -27.06 11.43
CA GLY D 233 -15.78 -27.47 11.97
C GLY D 233 -15.31 -26.57 13.09
N ILE D 234 -15.50 -25.25 12.94
CA ILE D 234 -14.98 -24.29 13.91
C ILE D 234 -15.78 -24.33 15.20
N LYS D 235 -17.08 -24.62 15.10
CA LYS D 235 -17.92 -24.63 16.30
C LYS D 235 -17.73 -25.87 17.16
N THR D 236 -16.95 -26.85 16.72
CA THR D 236 -16.79 -28.10 17.47
C THR D 236 -15.34 -28.48 17.69
N ARG D 237 -14.41 -27.52 17.60
CA ARG D 237 -13.02 -27.79 17.92
C ARG D 237 -12.85 -28.00 19.41
N LYS D 238 -11.91 -28.87 19.78
CA LYS D 238 -11.61 -29.14 21.17
C LYS D 238 -10.22 -28.64 21.51
N PHE D 239 -9.99 -28.43 22.81
CA PHE D 239 -8.72 -27.94 23.31
C PHE D 239 -8.41 -28.62 24.63
N VAL D 240 -7.12 -28.84 24.87
CA VAL D 240 -6.67 -29.46 26.12
C VAL D 240 -5.24 -28.97 26.38
N PHE D 241 -4.95 -28.66 27.65
CA PHE D 241 -3.67 -28.10 28.05
C PHE D 241 -2.92 -29.13 28.88
N ASN D 242 -1.84 -29.67 28.32
CA ASN D 242 -0.85 -30.38 29.11
C ASN D 242 0.27 -29.40 29.41
N PRO D 243 0.44 -28.97 30.65
CA PRO D 243 1.49 -28.00 30.97
C PRO D 243 2.86 -28.61 30.78
N PRO D 244 3.82 -27.85 30.23
CA PRO D 244 5.13 -28.42 29.91
C PRO D 244 5.91 -28.79 31.16
N LYS D 245 7.04 -29.46 30.93
CA LYS D 245 7.89 -29.92 32.02
C LYS D 245 8.48 -28.71 32.76
N PRO D 246 8.67 -28.80 34.07
CA PRO D 246 8.92 -27.60 34.89
C PRO D 246 10.23 -26.87 34.60
N ARG D 247 11.08 -27.36 33.71
CA ARG D 247 12.12 -26.50 33.15
C ARG D 247 11.51 -25.39 32.32
N LYS D 248 10.49 -25.73 31.53
CA LYS D 248 9.91 -24.78 30.57
C LYS D 248 9.05 -23.72 31.24
N LYS E 1 -4.19 -36.19 30.04
CA LYS E 1 -3.65 -37.50 29.66
C LYS E 1 -2.92 -37.42 28.31
N SER E 2 -2.84 -38.56 27.62
CA SER E 2 -2.03 -38.64 26.41
C SER E 2 -2.69 -37.91 25.25
N THR E 3 -1.89 -37.61 24.24
CA THR E 3 -2.38 -36.95 23.03
C THR E 3 -2.88 -37.93 21.98
N TYR E 4 -2.76 -39.23 22.24
CA TYR E 4 -3.27 -40.27 21.35
C TYR E 4 -4.66 -40.74 21.75
N ARG E 5 -5.37 -39.96 22.57
CA ARG E 5 -6.70 -40.30 23.07
C ARG E 5 -7.64 -39.15 22.72
N THR E 6 -8.28 -39.26 21.56
CA THR E 6 -9.16 -38.21 21.09
C THR E 6 -10.45 -38.20 21.91
N PRO E 7 -11.06 -37.03 22.10
CA PRO E 7 -12.33 -36.97 22.82
C PRO E 7 -13.47 -37.50 21.96
N ASN E 8 -14.63 -37.66 22.60
CA ASN E 8 -15.77 -38.28 21.96
C ASN E 8 -16.52 -37.27 21.10
N PHE E 9 -16.80 -37.66 19.87
CA PHE E 9 -17.56 -36.82 18.93
C PHE E 9 -18.85 -37.48 18.50
N ASP E 10 -19.26 -38.55 19.19
CA ASP E 10 -20.45 -39.29 18.78
C ASP E 10 -21.75 -38.61 19.17
N ASP E 11 -21.71 -37.53 19.95
CA ASP E 11 -22.91 -36.74 20.17
C ASP E 11 -23.28 -35.89 18.96
N VAL E 12 -22.35 -35.67 18.04
CA VAL E 12 -22.59 -34.81 16.87
C VAL E 12 -22.39 -35.60 15.58
N LEU E 13 -22.01 -36.86 15.69
CA LEU E 13 -21.64 -37.64 14.51
C LEU E 13 -22.85 -38.35 13.90
N LYS E 14 -22.75 -38.60 12.60
CA LYS E 14 -23.75 -39.41 11.91
C LYS E 14 -23.55 -40.88 12.26
N GLU E 15 -24.60 -41.67 12.03
CA GLU E 15 -24.55 -43.10 12.32
C GLU E 15 -24.19 -43.94 11.10
N ASN E 16 -24.37 -43.41 9.90
CA ASN E 16 -23.98 -44.10 8.66
C ASN E 16 -23.23 -43.07 7.82
N ASN E 17 -21.91 -43.14 7.86
CA ASN E 17 -21.06 -42.14 7.22
C ASN E 17 -20.66 -42.57 5.81
N ASP E 18 -21.69 -42.64 4.96
CA ASP E 18 -21.42 -42.87 3.52
C ASP E 18 -20.92 -41.52 3.02
N ALA E 19 -19.95 -41.52 2.10
CA ALA E 19 -19.29 -40.29 1.67
C ALA E 19 -20.18 -39.47 0.75
N ASP E 20 -21.01 -40.12 -0.04
CA ASP E 20 -21.88 -39.42 -0.99
C ASP E 20 -23.15 -38.89 -0.35
N LYS E 21 -23.38 -39.14 0.95
CA LYS E 21 -24.58 -38.64 1.60
C LYS E 21 -24.54 -37.13 1.74
N GLY E 22 -23.42 -36.61 2.25
CA GLY E 22 -23.19 -35.19 2.42
C GLY E 22 -22.49 -34.52 1.27
N ARG E 23 -22.08 -35.28 0.26
CA ARG E 23 -21.52 -34.70 -0.93
C ARG E 23 -22.57 -34.37 -1.97
N SER E 24 -23.79 -34.90 -1.84
CA SER E 24 -24.89 -34.56 -2.73
C SER E 24 -25.73 -33.42 -2.18
N TYR E 25 -26.14 -33.50 -0.91
CA TYR E 25 -26.99 -32.47 -0.34
C TYR E 25 -26.26 -31.16 -0.06
N ALA E 26 -24.93 -31.14 -0.13
CA ALA E 26 -24.17 -29.90 -0.04
C ALA E 26 -23.75 -29.36 -1.39
N TYR E 27 -24.24 -29.96 -2.47
CA TYR E 27 -24.10 -29.37 -3.80
C TYR E 27 -25.43 -29.11 -4.46
N PHE E 28 -26.51 -29.70 -3.95
CA PHE E 28 -27.85 -29.31 -4.34
C PHE E 28 -28.21 -27.94 -3.76
N MET E 29 -27.74 -27.64 -2.54
CA MET E 29 -28.09 -26.37 -1.91
C MET E 29 -27.21 -25.23 -2.39
N VAL E 30 -25.93 -25.49 -2.65
CA VAL E 30 -25.08 -24.48 -3.25
C VAL E 30 -25.38 -24.37 -4.75
N GLY E 31 -25.95 -25.42 -5.33
CA GLY E 31 -26.44 -25.32 -6.70
C GLY E 31 -27.71 -24.50 -6.79
N ALA E 32 -28.59 -24.61 -5.79
CA ALA E 32 -29.83 -23.85 -5.79
C ALA E 32 -29.59 -22.39 -5.44
N MET E 33 -28.53 -22.10 -4.68
CA MET E 33 -28.20 -20.73 -4.29
C MET E 33 -27.19 -20.10 -5.24
N GLY E 34 -27.18 -20.55 -6.49
CA GLY E 34 -26.39 -19.95 -7.54
C GLY E 34 -27.22 -19.94 -8.79
N LEU E 35 -28.46 -20.43 -8.65
CA LEU E 35 -29.46 -20.39 -9.70
C LEU E 35 -30.42 -19.21 -9.52
N LEU E 36 -30.88 -18.98 -8.29
CA LEU E 36 -31.69 -17.81 -8.04
C LEU E 36 -30.86 -16.54 -8.04
N SER E 37 -29.57 -16.64 -7.73
CA SER E 37 -28.67 -15.49 -7.78
C SER E 37 -28.13 -15.22 -9.17
N SER E 38 -28.50 -16.05 -10.15
CA SER E 38 -28.18 -15.77 -11.54
C SER E 38 -29.39 -15.26 -12.32
N ALA E 39 -30.59 -15.65 -11.92
CA ALA E 39 -31.81 -15.08 -12.50
C ALA E 39 -32.27 -13.85 -11.74
N GLY E 40 -31.94 -13.75 -10.46
CA GLY E 40 -32.28 -12.58 -9.67
C GLY E 40 -31.23 -11.50 -9.77
N ALA E 41 -30.23 -11.69 -10.64
CA ALA E 41 -29.22 -10.67 -10.91
C ALA E 41 -29.16 -10.26 -12.36
N LYS E 42 -29.82 -11.00 -13.24
CA LYS E 42 -29.91 -10.56 -14.66
C LYS E 42 -31.11 -9.63 -14.77
N SER E 43 -32.14 -9.84 -13.94
CA SER E 43 -33.31 -8.99 -13.96
C SER E 43 -33.06 -7.62 -13.35
N THR E 44 -32.08 -7.51 -12.44
CA THR E 44 -31.78 -6.20 -11.87
C THR E 44 -30.94 -5.35 -12.82
N VAL E 45 -29.98 -5.94 -13.51
CA VAL E 45 -29.19 -5.20 -14.49
C VAL E 45 -30.02 -4.80 -15.70
N GLU E 46 -31.11 -5.50 -15.94
CA GLU E 46 -31.96 -5.22 -17.09
C GLU E 46 -32.96 -4.12 -16.79
N THR E 47 -33.37 -4.00 -15.53
CA THR E 47 -34.26 -2.93 -15.11
C THR E 47 -33.56 -1.57 -15.23
N PHE E 48 -32.26 -1.54 -14.93
CA PHE E 48 -31.51 -0.29 -14.98
C PHE E 48 -31.16 0.14 -16.39
N ILE E 49 -31.18 -0.77 -17.36
CA ILE E 49 -30.92 -0.42 -18.75
C ILE E 49 -32.17 -0.34 -19.60
N SER E 50 -33.34 -0.69 -19.04
CA SER E 50 -34.60 -0.43 -19.73
C SER E 50 -35.06 1.00 -19.56
N SER E 51 -34.56 1.70 -18.54
CA SER E 51 -34.94 3.09 -18.30
C SER E 51 -34.36 4.05 -19.32
N MET E 52 -33.28 3.67 -20.00
CA MET E 52 -32.66 4.52 -21.00
C MET E 52 -33.26 4.35 -22.39
N THR E 53 -34.38 3.64 -22.45
CA THR E 53 -35.08 3.46 -23.75
C THR E 53 -35.96 4.68 -24.03
N ALA E 54 -36.87 4.57 -25.00
CA ALA E 54 -37.73 5.69 -25.36
C ALA E 54 -38.82 5.88 -24.31
N THR E 55 -38.97 7.12 -23.85
CA THR E 55 -39.89 7.46 -22.78
C THR E 55 -41.32 7.43 -23.31
N ALA E 56 -42.29 7.29 -22.39
CA ALA E 56 -43.68 7.03 -22.77
C ALA E 56 -44.30 8.20 -23.53
N ASP E 57 -43.89 9.43 -23.25
CA ASP E 57 -44.38 10.56 -24.02
C ASP E 57 -43.58 10.78 -25.30
N VAL E 58 -42.50 10.06 -25.51
CA VAL E 58 -41.79 10.09 -26.77
C VAL E 58 -42.39 9.08 -27.74
N LEU E 59 -42.93 7.98 -27.22
CA LEU E 59 -43.61 7.00 -28.07
C LEU E 59 -44.97 7.48 -28.54
N ALA E 60 -45.53 8.51 -27.89
CA ALA E 60 -46.78 9.10 -28.34
C ALA E 60 -46.59 10.04 -29.52
N MET E 61 -45.40 10.61 -29.68
CA MET E 61 -45.06 11.44 -30.82
C MET E 61 -44.45 10.65 -31.96
N ALA E 62 -44.68 9.34 -31.99
CA ALA E 62 -44.04 8.50 -33.00
C ALA E 62 -44.69 8.69 -34.36
N LYS E 63 -45.97 8.37 -34.47
CA LYS E 63 -46.73 8.49 -35.71
C LYS E 63 -47.87 9.49 -35.52
N VAL E 64 -47.93 10.50 -36.39
CA VAL E 64 -48.75 11.69 -36.17
C VAL E 64 -50.14 11.57 -36.75
N GLU E 65 -51.01 12.51 -36.39
CA GLU E 65 -52.35 12.61 -36.95
C GLU E 65 -52.32 13.39 -38.25
N VAL E 66 -53.02 12.89 -39.27
CA VAL E 66 -53.21 13.58 -40.55
C VAL E 66 -54.64 13.35 -41.00
N ASN E 67 -55.37 14.45 -41.24
CA ASN E 67 -56.71 14.41 -41.80
C ASN E 67 -56.58 14.23 -43.32
N LEU E 68 -57.51 13.46 -43.91
CA LEU E 68 -57.52 13.21 -45.35
C LEU E 68 -58.07 14.38 -46.17
N ALA E 69 -58.18 15.58 -45.59
CA ALA E 69 -58.51 16.78 -46.35
C ALA E 69 -57.65 17.95 -45.91
N ALA E 70 -56.54 17.70 -45.22
CA ALA E 70 -55.73 18.76 -44.62
C ALA E 70 -54.47 19.07 -45.42
N ILE E 71 -53.99 18.13 -46.23
CA ILE E 71 -52.78 18.35 -47.01
C ILE E 71 -53.09 19.25 -48.19
N PRO E 72 -52.53 20.45 -48.27
CA PRO E 72 -52.89 21.37 -49.35
C PRO E 72 -52.13 21.04 -50.65
N LEU E 73 -52.65 21.59 -51.74
CA LEU E 73 -52.33 21.05 -53.07
C LEU E 73 -50.99 21.56 -53.60
N GLY E 74 -50.72 22.85 -53.41
CA GLY E 74 -49.52 23.43 -53.99
C GLY E 74 -48.41 23.75 -53.00
N LYS E 75 -48.26 22.90 -51.99
CA LYS E 75 -47.36 23.18 -50.88
C LYS E 75 -46.29 22.11 -50.77
N ASN E 76 -45.13 22.53 -50.28
CA ASN E 76 -43.92 21.71 -50.11
C ASN E 76 -43.45 21.77 -48.67
N VAL E 77 -44.37 21.52 -47.73
CA VAL E 77 -44.13 21.78 -46.31
C VAL E 77 -43.12 20.79 -45.72
N VAL E 78 -42.65 21.13 -44.53
CA VAL E 78 -41.71 20.28 -43.78
C VAL E 78 -42.31 20.08 -42.39
N VAL E 79 -43.10 19.03 -42.24
CA VAL E 79 -43.53 18.59 -40.92
C VAL E 79 -42.39 17.80 -40.30
N LYS E 80 -42.32 17.79 -38.97
CA LYS E 80 -41.21 17.11 -38.31
C LYS E 80 -41.71 15.96 -37.44
N TRP E 81 -42.51 15.09 -38.06
CA TRP E 81 -42.78 13.74 -37.59
C TRP E 81 -41.50 13.07 -37.10
N GLN E 82 -41.52 12.65 -35.81
CA GLN E 82 -40.35 12.08 -35.10
C GLN E 82 -39.14 13.02 -35.09
N GLY E 83 -39.34 14.32 -35.28
CA GLY E 83 -38.22 15.21 -35.51
C GLY E 83 -37.45 14.93 -36.78
N LYS E 84 -38.11 14.42 -37.81
CA LYS E 84 -37.50 14.05 -39.07
C LYS E 84 -38.13 14.91 -40.15
N PRO E 85 -37.32 15.57 -40.98
CA PRO E 85 -37.88 16.43 -42.03
C PRO E 85 -38.42 15.59 -43.18
N VAL E 86 -39.69 15.85 -43.53
CA VAL E 86 -40.37 15.14 -44.61
C VAL E 86 -40.96 16.18 -45.55
N PHE E 87 -41.09 15.80 -46.82
CA PHE E 87 -41.69 16.68 -47.82
C PHE E 87 -43.03 16.11 -48.25
N ILE E 88 -44.07 16.93 -48.19
CA ILE E 88 -45.44 16.48 -48.40
C ILE E 88 -46.08 17.35 -49.47
N ARG E 89 -46.83 16.72 -50.38
CA ARG E 89 -47.68 17.44 -51.33
C ARG E 89 -48.87 16.55 -51.68
N HIS E 90 -50.04 17.18 -51.84
CA HIS E 90 -51.20 16.51 -52.40
C HIS E 90 -50.91 16.05 -53.82
N ARG E 91 -51.30 14.83 -54.14
CA ARG E 91 -50.97 14.24 -55.43
C ARG E 91 -51.86 14.82 -56.53
N THR E 92 -51.24 15.13 -57.66
CA THR E 92 -51.85 15.48 -58.93
C THR E 92 -51.97 14.19 -59.72
N PRO E 93 -52.89 14.08 -60.68
CA PRO E 93 -52.78 12.98 -61.66
C PRO E 93 -51.54 13.04 -62.56
N HIS E 94 -50.76 14.14 -62.56
CA HIS E 94 -49.74 14.32 -63.59
C HIS E 94 -48.31 14.20 -63.05
N GLU E 95 -48.12 13.79 -61.80
CA GLU E 95 -46.79 13.95 -61.22
C GLU E 95 -45.93 12.69 -61.38
N ILE E 96 -46.54 11.56 -61.73
CA ILE E 96 -45.85 10.27 -61.69
C ILE E 96 -45.77 9.71 -63.10
N GLN E 97 -46.52 10.31 -64.03
CA GLN E 97 -46.36 10.00 -65.45
C GLN E 97 -45.03 10.47 -66.01
N GLU E 98 -44.37 11.41 -65.33
CA GLU E 98 -43.03 11.87 -65.68
C GLU E 98 -41.94 11.20 -64.86
N ALA E 99 -42.30 10.47 -63.80
CA ALA E 99 -41.30 10.02 -62.82
C ALA E 99 -40.52 8.82 -63.32
N ASN E 100 -41.19 7.71 -63.61
CA ASN E 100 -40.50 6.50 -64.01
C ASN E 100 -41.06 5.92 -65.31
N SER E 101 -41.65 6.76 -66.15
CA SER E 101 -42.20 6.34 -67.43
C SER E 101 -41.35 6.80 -68.61
N VAL E 102 -40.21 7.44 -68.36
CA VAL E 102 -39.32 7.90 -69.42
C VAL E 102 -38.10 6.99 -69.54
N ASP E 103 -37.43 6.70 -68.42
CA ASP E 103 -36.17 5.95 -68.66
C ASP E 103 -35.69 5.06 -67.51
N MET E 104 -35.45 3.78 -67.82
CA MET E 104 -34.81 2.90 -66.85
C MET E 104 -33.38 2.56 -67.22
N SER E 105 -32.96 2.81 -68.47
CA SER E 105 -31.54 2.83 -68.81
C SER E 105 -30.96 4.14 -68.29
N ALA E 106 -30.63 4.18 -67.03
CA ALA E 106 -30.58 5.36 -66.19
C ALA E 106 -29.56 5.08 -65.08
N LEU E 107 -29.72 5.83 -63.96
CA LEU E 107 -28.95 5.58 -62.75
C LEU E 107 -29.06 4.13 -62.29
N LYS E 108 -28.10 3.72 -61.44
CA LYS E 108 -27.54 2.37 -61.41
C LYS E 108 -28.56 1.25 -61.20
N ASP E 109 -29.68 1.53 -60.52
CA ASP E 109 -30.75 0.54 -60.42
C ASP E 109 -32.02 1.37 -60.37
N PRO E 110 -32.98 1.14 -61.28
CA PRO E 110 -34.15 2.03 -61.35
C PRO E 110 -35.19 1.69 -60.30
N GLN E 111 -36.16 2.59 -60.17
CA GLN E 111 -37.22 2.45 -59.19
C GLN E 111 -38.48 1.85 -59.80
N THR E 112 -39.43 1.53 -58.94
CA THR E 112 -40.75 1.06 -59.33
C THR E 112 -41.78 1.99 -58.68
N ASP E 113 -42.33 2.91 -59.48
CA ASP E 113 -43.21 3.94 -58.93
C ASP E 113 -44.60 3.43 -58.60
N ALA E 114 -44.93 2.18 -58.95
CA ALA E 114 -46.22 1.61 -58.59
C ALA E 114 -46.33 1.37 -57.09
N ASP E 115 -45.23 1.00 -56.44
CA ASP E 115 -45.22 0.75 -55.00
C ASP E 115 -44.20 1.58 -54.23
N ARG E 116 -43.40 2.41 -54.91
CA ARG E 116 -42.68 3.47 -54.21
C ARG E 116 -43.67 4.44 -53.61
N VAL E 117 -44.63 4.88 -54.44
CA VAL E 117 -45.86 5.51 -54.00
C VAL E 117 -46.93 4.48 -54.30
N LYS E 118 -47.23 3.67 -53.29
CA LYS E 118 -48.42 2.81 -53.28
C LYS E 118 -49.64 3.57 -52.78
N ASP E 119 -49.57 4.90 -52.74
CA ASP E 119 -50.57 5.79 -52.20
C ASP E 119 -51.31 6.43 -53.36
N PRO E 120 -52.53 5.97 -53.73
CA PRO E 120 -53.31 6.70 -54.72
C PRO E 120 -54.13 7.83 -54.11
N GLN E 121 -53.54 8.58 -53.19
CA GLN E 121 -54.10 9.83 -52.67
C GLN E 121 -53.12 10.99 -52.72
N TRP E 122 -51.87 10.76 -52.30
CA TRP E 122 -50.86 11.75 -51.92
C TRP E 122 -49.49 11.26 -52.37
N LEU E 123 -48.46 11.97 -51.92
CA LEU E 123 -47.06 11.53 -52.02
C LEU E 123 -46.35 11.97 -50.74
N ILE E 124 -45.69 11.04 -50.08
CA ILE E 124 -44.99 11.29 -48.80
C ILE E 124 -43.52 11.00 -49.09
N MET E 125 -42.65 11.99 -48.87
CA MET E 125 -41.21 11.83 -49.12
C MET E 125 -40.41 12.33 -47.91
N LEU E 126 -39.41 11.56 -47.49
CA LEU E 126 -38.45 12.00 -46.48
C LEU E 126 -37.34 12.81 -47.15
N GLY E 127 -37.24 14.10 -46.82
CA GLY E 127 -36.32 14.96 -47.54
C GLY E 127 -34.91 15.04 -47.01
N ILE E 128 -34.34 13.92 -46.59
CA ILE E 128 -32.92 13.88 -46.23
C ILE E 128 -32.17 13.13 -47.32
N CYS E 129 -31.15 13.69 -47.83
CA CYS E 129 -30.31 13.19 -48.91
C CYS E 129 -29.17 12.33 -48.37
N THR E 130 -28.16 12.13 -49.19
CA THR E 130 -27.08 11.17 -48.98
C THR E 130 -26.06 11.67 -47.96
N HIS E 131 -24.85 11.11 -48.07
CA HIS E 131 -23.65 11.27 -47.24
C HIS E 131 -23.45 12.72 -46.77
N LEU E 132 -23.46 13.70 -47.67
CA LEU E 132 -23.49 15.09 -47.25
C LEU E 132 -24.94 15.56 -47.22
N GLY E 133 -25.58 15.48 -46.06
CA GLY E 133 -27.02 15.46 -45.99
C GLY E 133 -27.76 16.79 -45.93
N CYS E 134 -27.55 17.64 -46.93
CA CYS E 134 -28.24 18.91 -46.99
C CYS E 134 -29.71 18.69 -47.35
N VAL E 135 -30.52 19.73 -47.14
CA VAL E 135 -31.96 19.66 -47.37
C VAL E 135 -32.31 20.41 -48.66
N PRO E 136 -33.30 19.96 -49.42
CA PRO E 136 -33.63 20.60 -50.69
C PRO E 136 -34.65 21.73 -50.53
N ILE E 137 -34.60 22.65 -51.50
CA ILE E 137 -35.55 23.76 -51.59
C ILE E 137 -36.69 23.33 -52.49
N GLY E 138 -37.93 23.50 -52.03
CA GLY E 138 -39.09 23.04 -52.78
C GLY E 138 -39.45 23.86 -54.00
N GLU E 139 -39.69 23.16 -55.12
CA GLU E 139 -40.14 23.72 -56.40
C GLU E 139 -39.15 24.75 -56.95
N ALA E 140 -37.96 24.25 -57.25
CA ALA E 140 -36.93 25.03 -57.91
C ALA E 140 -36.00 24.08 -58.65
N GLY E 141 -35.97 24.18 -59.98
CA GLY E 141 -35.09 23.35 -60.77
C GLY E 141 -35.36 23.35 -62.26
N ASP E 142 -35.17 22.19 -62.90
CA ASP E 142 -35.35 22.07 -64.35
C ASP E 142 -36.84 22.10 -64.70
N PHE E 143 -37.59 21.13 -64.20
CA PHE E 143 -39.03 21.04 -64.42
C PHE E 143 -39.62 20.33 -63.21
N GLY E 144 -40.20 21.10 -62.29
CA GLY E 144 -40.59 20.54 -61.01
C GLY E 144 -39.41 20.08 -60.17
N GLY E 145 -38.40 20.93 -60.01
CA GLY E 145 -37.20 20.56 -59.33
C GLY E 145 -37.29 20.66 -57.82
N TRP E 146 -36.22 20.20 -57.17
CA TRP E 146 -36.00 20.37 -55.74
C TRP E 146 -34.55 20.77 -55.53
N PHE E 147 -34.30 22.08 -55.48
CA PHE E 147 -32.95 22.62 -55.50
C PHE E 147 -32.23 22.33 -54.18
N CYS E 148 -31.15 21.54 -54.25
CA CYS E 148 -30.27 21.36 -53.10
C CYS E 148 -29.24 22.47 -53.12
N PRO E 149 -29.24 23.40 -52.17
CA PRO E 149 -28.24 24.48 -52.17
C PRO E 149 -26.87 24.06 -51.66
N CYS E 150 -26.68 22.79 -51.30
CA CYS E 150 -25.39 22.26 -50.88
C CYS E 150 -24.81 21.26 -51.86
N HIS E 151 -25.67 20.65 -52.71
CA HIS E 151 -25.18 19.58 -53.62
C HIS E 151 -25.32 19.93 -55.10
N GLY E 152 -26.23 20.85 -55.46
CA GLY E 152 -26.46 21.11 -56.86
C GLY E 152 -27.16 19.97 -57.57
N SER E 153 -27.46 18.90 -56.87
CA SER E 153 -28.09 17.70 -57.45
C SER E 153 -29.57 17.79 -57.14
N HIS E 154 -30.31 18.50 -57.99
CA HIS E 154 -31.72 18.70 -57.72
C HIS E 154 -32.54 17.51 -58.19
N TYR E 155 -33.67 17.29 -57.51
CA TYR E 155 -34.50 16.11 -57.73
C TYR E 155 -35.60 16.43 -58.73
N ASP E 156 -35.98 15.43 -59.50
CA ASP E 156 -37.20 15.48 -60.30
C ASP E 156 -38.30 14.83 -59.46
N ILE E 157 -39.45 14.53 -60.07
CA ILE E 157 -40.48 13.82 -59.32
C ILE E 157 -40.20 12.31 -59.36
N SER E 158 -39.12 11.92 -60.06
CA SER E 158 -38.58 10.57 -59.98
C SER E 158 -38.03 10.23 -58.59
N GLY E 159 -37.62 11.24 -57.81
CA GLY E 159 -37.04 11.00 -56.51
C GLY E 159 -35.54 10.86 -56.51
N ARG E 160 -34.90 10.95 -57.67
CA ARG E 160 -33.45 10.94 -57.75
C ARG E 160 -32.97 12.14 -58.55
N ILE E 161 -31.66 12.23 -58.64
CA ILE E 161 -30.96 13.27 -59.38
C ILE E 161 -31.18 13.12 -60.88
N ARG E 162 -30.86 14.18 -61.63
CA ARG E 162 -30.53 14.00 -63.03
C ARG E 162 -29.24 13.20 -63.10
N LYS E 163 -28.17 13.80 -62.59
CA LYS E 163 -26.86 13.16 -62.52
C LYS E 163 -26.04 13.96 -61.51
N GLY E 164 -25.63 13.31 -60.42
CA GLY E 164 -24.96 14.02 -59.36
C GLY E 164 -24.17 13.13 -58.41
N PRO E 165 -23.75 13.71 -57.28
CA PRO E 165 -22.98 12.95 -56.28
C PRO E 165 -23.82 12.19 -55.26
N ALA E 166 -25.11 12.00 -55.50
CA ALA E 166 -26.00 11.33 -54.56
C ALA E 166 -26.32 9.93 -55.08
N PRO E 167 -25.58 8.90 -54.65
CA PRO E 167 -25.70 7.57 -55.28
C PRO E 167 -27.02 6.86 -55.00
N LEU E 168 -27.36 6.69 -53.73
CA LEU E 168 -28.59 6.03 -53.34
C LEU E 168 -29.67 7.09 -53.14
N ASN E 169 -30.92 6.65 -53.12
CA ASN E 169 -32.04 7.56 -53.29
C ASN E 169 -32.95 7.56 -52.08
N LEU E 170 -34.08 8.25 -52.24
CA LEU E 170 -34.94 8.67 -51.14
C LEU E 170 -35.74 7.48 -50.60
N GLU E 171 -36.06 7.54 -49.30
CA GLU E 171 -36.71 6.45 -48.60
C GLU E 171 -38.13 6.89 -48.26
N ILE E 172 -39.07 5.97 -48.38
CA ILE E 172 -40.50 6.22 -48.21
C ILE E 172 -40.94 5.56 -46.89
N PRO E 173 -41.61 6.28 -46.00
CA PRO E 173 -41.96 5.70 -44.70
C PRO E 173 -43.21 4.83 -44.78
N ALA E 174 -43.47 4.12 -43.69
CA ALA E 174 -44.57 3.17 -43.64
C ALA E 174 -45.83 3.88 -43.14
N TYR E 175 -46.77 4.13 -44.06
CA TYR E 175 -48.09 4.62 -43.69
C TYR E 175 -49.14 3.64 -44.20
N GLU E 176 -50.13 3.37 -43.36
CA GLU E 176 -51.15 2.40 -43.68
C GLU E 176 -52.49 3.11 -43.80
N PHE E 177 -53.40 2.54 -44.60
CA PHE E 177 -54.61 3.25 -44.97
C PHE E 177 -55.76 2.94 -44.01
N ASP E 178 -56.54 3.96 -43.69
CA ASP E 178 -57.68 3.83 -42.79
C ASP E 178 -59.01 4.02 -43.50
N GLY E 179 -59.17 5.10 -44.27
CA GLY E 179 -60.40 5.40 -44.99
C GLY E 179 -60.91 6.81 -44.75
N ASP E 180 -60.79 7.31 -43.52
CA ASP E 180 -61.08 8.70 -43.23
C ASP E 180 -59.84 9.41 -42.69
N LYS E 181 -58.96 8.71 -41.98
CA LYS E 181 -57.67 9.23 -41.56
C LYS E 181 -56.56 8.52 -42.31
N VAL E 182 -55.32 8.92 -42.01
CA VAL E 182 -54.14 8.19 -42.43
C VAL E 182 -53.05 8.43 -41.39
N ILE E 183 -52.26 7.41 -41.12
CA ILE E 183 -51.24 7.45 -40.07
C ILE E 183 -49.88 7.22 -40.72
N VAL E 184 -49.09 8.29 -40.85
CA VAL E 184 -47.75 8.19 -41.40
C VAL E 184 -46.76 7.91 -40.27
N GLY E 185 -45.82 7.00 -40.52
CA GLY E 185 -44.85 6.64 -39.52
C GLY E 185 -43.85 5.57 -39.92
N GLY F 1 11.11 -1.95 -0.57
CA GLY F 1 10.14 -0.98 -0.08
C GLY F 1 10.53 -0.39 1.27
N PRO F 2 10.02 0.80 1.59
CA PRO F 2 10.34 1.43 2.86
C PRO F 2 9.48 0.86 3.97
N PRO F 3 10.08 0.48 5.10
CA PRO F 3 9.29 -0.01 6.23
C PRO F 3 8.76 1.12 7.09
N SER F 4 7.48 1.05 7.42
CA SER F 4 6.83 2.03 8.25
C SER F 4 6.91 1.59 9.72
N GLY F 5 6.18 2.30 10.59
CA GLY F 5 6.24 2.01 12.01
C GLY F 5 5.53 0.72 12.36
N LYS F 6 6.06 0.05 13.38
CA LYS F 6 5.53 -1.24 13.82
C LYS F 6 4.21 -1.07 14.55
N THR F 7 3.34 -2.06 14.40
CA THR F 7 1.99 -2.07 14.95
C THR F 7 1.78 -3.30 15.81
N TYR F 8 0.60 -3.38 16.42
CA TYR F 8 0.24 -4.51 17.27
C TYR F 8 -0.51 -5.59 16.50
N MET F 9 -0.01 -6.01 15.34
CA MET F 9 -0.56 -7.12 14.56
C MET F 9 0.43 -7.47 13.46
N GLY F 10 0.48 -8.76 13.12
CA GLY F 10 1.31 -9.21 12.02
C GLY F 10 0.52 -9.87 10.90
N TRP F 11 0.99 -11.02 10.46
CA TRP F 11 0.31 -11.82 9.44
C TRP F 11 0.42 -13.27 9.86
N TRP F 12 0.12 -14.18 8.92
CA TRP F 12 0.16 -15.61 9.21
C TRP F 12 1.60 -16.08 9.37
N GLY F 13 1.94 -16.58 10.55
CA GLY F 13 3.30 -17.01 10.83
C GLY F 13 3.99 -16.14 11.86
N HIS F 14 3.75 -14.84 11.81
CA HIS F 14 4.36 -13.86 12.70
C HIS F 14 3.30 -12.89 13.22
N MET F 15 2.22 -13.45 13.76
CA MET F 15 1.06 -12.66 14.20
C MET F 15 1.39 -11.71 15.34
N GLY F 16 2.37 -12.07 16.17
CA GLY F 16 2.83 -11.18 17.20
C GLY F 16 2.25 -11.39 18.58
N GLY F 17 1.84 -12.60 18.93
CA GLY F 17 1.37 -12.90 20.25
C GLY F 17 2.47 -13.45 21.13
N PRO F 18 2.10 -14.14 22.20
CA PRO F 18 3.09 -14.86 23.00
C PRO F 18 3.35 -16.25 22.44
N LYS F 19 4.39 -16.89 22.96
CA LYS F 19 4.71 -18.25 22.57
C LYS F 19 3.81 -19.24 23.31
N GLN F 20 3.44 -20.30 22.61
CA GLN F 20 2.57 -21.33 23.16
C GLN F 20 3.30 -22.67 23.24
N LYS F 21 2.90 -23.47 24.22
CA LYS F 21 3.41 -24.82 24.40
C LYS F 21 2.37 -25.62 25.16
N GLY F 22 2.03 -26.79 24.65
CA GLY F 22 1.24 -27.74 25.41
C GLY F 22 -0.26 -27.67 25.23
N ILE F 23 -0.75 -27.10 24.14
CA ILE F 23 -2.18 -27.06 23.83
C ILE F 23 -2.43 -27.90 22.58
N THR F 24 -3.36 -28.84 22.69
CA THR F 24 -3.73 -29.71 21.58
C THR F 24 -5.10 -29.29 21.06
N SER F 25 -5.37 -29.60 19.79
CA SER F 25 -6.60 -29.18 19.13
C SER F 25 -7.07 -30.27 18.19
N TYR F 26 -8.31 -30.72 18.37
CA TYR F 26 -8.93 -31.75 17.55
C TYR F 26 -10.11 -31.18 16.79
N ALA F 27 -10.47 -31.84 15.69
CA ALA F 27 -11.57 -31.41 14.83
C ALA F 27 -12.03 -32.59 13.99
N VAL F 28 -13.29 -32.51 13.54
CA VAL F 28 -13.88 -33.48 12.63
C VAL F 28 -14.31 -32.71 11.38
N SER F 29 -14.50 -33.43 10.29
CA SER F 29 -14.96 -32.83 9.04
C SER F 29 -16.40 -32.35 9.19
N PRO F 30 -16.78 -31.30 8.46
CA PRO F 30 -18.21 -30.97 8.36
C PRO F 30 -18.99 -31.95 7.51
N TYR F 31 -18.33 -32.61 6.56
CA TYR F 31 -18.98 -33.62 5.72
C TYR F 31 -19.32 -34.89 6.50
N ALA F 32 -18.72 -35.09 7.67
CA ALA F 32 -18.87 -36.33 8.41
C ALA F 32 -19.88 -36.26 9.53
N GLN F 33 -20.28 -35.06 9.94
CA GLN F 33 -21.26 -34.90 11.00
C GLN F 33 -22.59 -34.39 10.44
N LYS F 34 -23.62 -34.48 11.29
CA LYS F 34 -25.05 -34.34 10.97
C LYS F 34 -25.41 -33.06 10.23
N PRO F 35 -26.40 -33.09 9.34
CA PRO F 35 -26.97 -31.86 8.81
C PRO F 35 -28.15 -31.37 9.63
N LEU F 36 -28.31 -30.04 9.64
CA LEU F 36 -29.37 -29.33 10.37
C LEU F 36 -29.29 -29.64 11.87
N GLN F 37 -28.14 -29.29 12.46
CA GLN F 37 -27.90 -29.64 13.86
C GLN F 37 -28.41 -28.56 14.79
N GLY F 38 -27.95 -27.32 14.61
CA GLY F 38 -28.37 -26.22 15.44
C GLY F 38 -29.63 -25.52 14.99
N ILE F 39 -30.79 -26.14 15.24
CA ILE F 39 -32.09 -25.50 15.01
C ILE F 39 -32.87 -25.39 16.30
N PHE F 40 -33.16 -26.52 16.95
CA PHE F 40 -33.93 -26.53 18.18
C PHE F 40 -33.02 -26.81 19.37
N HIS F 41 -33.54 -26.47 20.56
CA HIS F 41 -32.91 -26.39 21.89
C HIS F 41 -31.93 -25.20 21.97
N ASN F 42 -31.71 -24.49 20.86
CA ASN F 42 -31.03 -23.20 20.91
C ASN F 42 -32.00 -22.10 21.29
N ALA F 43 -33.06 -21.93 20.49
CA ALA F 43 -34.13 -20.98 20.80
C ALA F 43 -35.24 -21.65 21.61
N VAL F 44 -34.83 -22.37 22.65
CA VAL F 44 -35.77 -22.94 23.61
C VAL F 44 -35.31 -22.50 24.99
N PHE F 45 -34.07 -22.81 25.34
CA PHE F 45 -33.53 -22.47 26.64
C PHE F 45 -32.19 -21.77 26.52
N ASN F 46 -31.44 -22.05 25.45
CA ASN F 46 -30.11 -21.46 25.32
C ASN F 46 -30.18 -19.98 24.94
N SER F 47 -30.92 -19.65 23.88
CA SER F 47 -31.10 -18.25 23.50
C SER F 47 -31.96 -17.51 24.51
N PHE F 48 -32.84 -18.23 25.22
CA PHE F 48 -33.58 -17.62 26.31
C PHE F 48 -32.67 -17.30 27.49
N ARG F 49 -31.58 -18.05 27.65
CA ARG F 49 -30.62 -17.76 28.71
C ARG F 49 -29.78 -16.53 28.39
N ARG F 50 -29.58 -16.23 27.11
CA ARG F 50 -28.64 -15.18 26.73
C ARG F 50 -29.20 -13.79 27.01
N PHE F 51 -30.42 -13.51 26.56
CA PHE F 51 -31.00 -12.20 26.80
C PHE F 51 -31.67 -12.09 28.17
N LYS F 52 -31.71 -13.17 28.94
CA LYS F 52 -32.15 -13.08 30.33
C LYS F 52 -31.11 -12.39 31.20
N SER F 53 -29.85 -12.41 30.79
CA SER F 53 -28.83 -11.66 31.53
C SER F 53 -28.91 -10.17 31.21
N GLN F 54 -29.18 -9.83 29.95
CA GLN F 54 -29.09 -8.46 29.46
C GLN F 54 -30.46 -7.86 29.13
N PHE F 55 -31.47 -8.11 29.97
CA PHE F 55 -32.74 -7.44 29.81
C PHE F 55 -33.08 -6.49 30.94
N LEU F 56 -32.43 -6.59 32.09
CA LEU F 56 -32.56 -5.59 33.14
C LEU F 56 -31.58 -4.44 32.96
N TYR F 57 -30.82 -4.43 31.88
CA TYR F 57 -30.00 -3.29 31.53
C TYR F 57 -30.60 -2.44 30.41
N VAL F 58 -31.69 -2.89 29.80
CA VAL F 58 -32.36 -2.17 28.72
C VAL F 58 -33.74 -1.68 29.14
N LEU F 59 -34.51 -2.53 29.80
CA LEU F 59 -35.89 -2.18 30.13
C LEU F 59 -36.00 -1.23 31.32
N ILE F 60 -34.98 -1.13 32.16
CA ILE F 60 -34.99 -0.09 33.19
C ILE F 60 -34.64 1.28 32.60
N PRO F 61 -33.67 1.44 31.69
CA PRO F 61 -33.59 2.73 30.97
C PRO F 61 -34.73 2.98 30.00
N ALA F 62 -35.50 1.97 29.62
CA ALA F 62 -36.65 2.18 28.76
C ALA F 62 -37.88 2.63 29.53
N GLY F 63 -38.06 2.12 30.74
CA GLY F 63 -39.22 2.47 31.55
C GLY F 63 -39.18 3.85 32.16
N ILE F 64 -38.07 4.58 32.02
CA ILE F 64 -37.98 5.96 32.44
C ILE F 64 -38.22 6.91 31.27
N TYR F 65 -37.69 6.59 30.10
CA TYR F 65 -37.86 7.43 28.93
C TYR F 65 -39.17 7.17 28.19
N TRP F 66 -40.00 6.26 28.70
CA TRP F 66 -41.34 6.09 28.22
C TRP F 66 -42.40 6.50 29.24
N TYR F 67 -42.05 6.53 30.53
CA TYR F 67 -42.90 7.20 31.49
C TYR F 67 -42.86 8.70 31.28
N TRP F 68 -41.70 9.24 30.89
CA TRP F 68 -41.53 10.68 30.82
C TRP F 68 -42.23 11.29 29.63
N TRP F 69 -42.28 10.59 28.50
CA TRP F 69 -42.93 11.11 27.31
C TRP F 69 -44.44 10.91 27.35
N LYS F 70 -44.92 9.78 27.86
CA LYS F 70 -46.35 9.56 27.97
C LYS F 70 -47.00 10.45 29.01
N ASN F 71 -46.23 10.89 30.02
CA ASN F 71 -46.76 11.81 31.00
C ASN F 71 -46.83 13.23 30.48
N GLY F 72 -45.98 13.59 29.53
CA GLY F 72 -45.96 14.94 28.98
C GLY F 72 -46.68 15.01 27.65
N ASN F 73 -47.41 13.94 27.32
CA ASN F 73 -48.32 13.94 26.21
C ASN F 73 -49.77 14.01 26.65
N GLU F 74 -50.05 13.74 27.92
CA GLU F 74 -51.33 14.04 28.52
C GLU F 74 -51.35 15.43 29.14
N TYR F 75 -50.31 16.22 28.91
CA TYR F 75 -50.23 17.59 29.38
C TYR F 75 -50.21 18.60 28.25
N ASN F 76 -49.63 18.26 27.09
CA ASN F 76 -49.98 18.97 25.85
C ASN F 76 -51.14 18.28 25.13
N GLU F 77 -52.12 17.88 25.91
CA GLU F 77 -53.45 17.46 25.48
C GLU F 77 -54.51 18.01 26.41
N PHE F 78 -54.12 18.48 27.58
CA PHE F 78 -54.98 19.10 28.58
C PHE F 78 -54.87 20.61 28.57
N LEU F 79 -53.72 21.16 28.22
CA LEU F 79 -53.57 22.61 28.13
C LEU F 79 -54.27 23.20 26.92
N TYR F 80 -54.40 22.44 25.85
CA TYR F 80 -55.08 22.89 24.65
C TYR F 80 -56.47 22.31 24.55
N SER F 81 -57.12 22.18 25.70
CA SER F 81 -58.48 21.70 25.81
C SER F 81 -59.33 22.82 26.41
N LYS F 82 -60.59 22.51 26.70
CA LYS F 82 -61.48 23.52 27.27
C LYS F 82 -61.32 23.64 28.78
N ALA F 83 -61.16 22.50 29.46
CA ALA F 83 -60.95 22.53 30.91
C ALA F 83 -59.58 23.10 31.27
N GLY F 84 -58.61 23.04 30.36
CA GLY F 84 -57.34 23.69 30.57
C GLY F 84 -57.32 25.08 29.97
N ARG F 85 -58.16 25.95 30.49
CA ARG F 85 -58.27 27.33 30.02
C ARG F 85 -57.53 28.30 30.91
N GLU F 86 -57.72 28.22 32.23
CA GLU F 86 -57.04 29.11 33.16
C GLU F 86 -55.62 28.68 33.42
N GLU F 87 -55.26 27.45 33.08
CA GLU F 87 -53.94 26.90 33.33
C GLU F 87 -53.00 27.04 32.14
N LEU F 88 -53.51 27.46 30.99
CA LEU F 88 -52.67 27.82 29.85
C LEU F 88 -52.34 29.30 29.83
N GLU F 89 -53.22 30.14 30.39
CA GLU F 89 -52.99 31.58 30.45
C GLU F 89 -51.82 31.95 31.36
N ARG F 90 -51.52 31.13 32.36
CA ARG F 90 -50.46 31.45 33.31
C ARG F 90 -49.10 30.90 32.90
N VAL F 91 -49.08 29.81 32.14
CA VAL F 91 -47.83 29.09 31.88
C VAL F 91 -47.08 29.66 30.69
N ASN F 92 -47.77 29.86 29.56
CA ASN F 92 -47.09 30.25 28.32
C ASN F 92 -46.58 31.69 28.38
N VAL F 93 -47.28 32.56 29.08
CA VAL F 93 -46.81 33.92 29.31
C VAL F 93 -46.80 34.18 30.80
N MET G 1 12.59 6.43 13.42
CA MET G 1 12.23 7.06 12.16
C MET G 1 11.42 8.33 12.37
N ALA G 2 11.43 9.20 11.36
CA ALA G 2 10.76 10.49 11.43
C ALA G 2 9.24 10.30 11.37
N PHE G 3 8.51 11.40 11.56
CA PHE G 3 7.05 11.33 11.55
C PHE G 3 6.50 11.16 10.14
N ARG G 4 7.20 11.64 9.13
CA ARG G 4 6.72 11.53 7.76
C ARG G 4 6.81 10.12 7.21
N LYS G 5 7.54 9.22 7.87
CA LYS G 5 7.60 7.82 7.47
C LYS G 5 7.07 6.91 8.58
N SER G 6 6.30 7.46 9.50
CA SER G 6 5.71 6.67 10.59
C SER G 6 4.19 6.73 10.52
N ASN G 7 3.66 7.84 10.00
CA ASN G 7 2.22 8.02 9.87
C ASN G 7 1.66 7.14 8.77
N VAL G 8 0.36 6.87 8.86
CA VAL G 8 -0.31 6.04 7.85
C VAL G 8 -0.39 6.77 6.52
N TYR G 9 -0.83 8.04 6.55
CA TYR G 9 -1.07 8.78 5.33
C TYR G 9 0.14 9.57 4.87
N LEU G 10 0.98 10.04 5.79
CA LEU G 10 2.15 10.82 5.39
C LEU G 10 3.22 9.96 4.74
N SER G 11 3.30 8.68 5.12
CA SER G 11 4.22 7.76 4.47
C SER G 11 3.78 7.41 3.06
N LEU G 12 2.50 7.59 2.73
CA LEU G 12 2.11 7.54 1.33
C LEU G 12 2.57 8.77 0.58
N VAL G 13 2.56 9.93 1.24
CA VAL G 13 3.09 11.14 0.62
C VAL G 13 4.61 11.08 0.55
N ASN G 14 5.24 10.47 1.56
CA ASN G 14 6.70 10.41 1.61
C ASN G 14 7.27 9.42 0.61
N SER G 15 6.57 8.31 0.36
CA SER G 15 7.05 7.31 -0.59
C SER G 15 6.85 7.73 -2.04
N TYR G 16 6.10 8.79 -2.31
CA TYR G 16 5.81 9.18 -3.68
C TYR G 16 6.41 10.51 -4.12
N ILE G 17 6.37 11.55 -3.28
CA ILE G 17 6.82 12.87 -3.73
C ILE G 17 7.86 13.49 -2.80
N ILE G 18 8.46 12.69 -1.91
CA ILE G 18 9.52 13.25 -1.08
C ILE G 18 10.79 12.41 -1.21
N ASP G 19 10.72 11.13 -0.85
CA ASP G 19 11.89 10.27 -0.83
C ASP G 19 11.83 9.17 -1.88
N SER G 20 11.13 9.40 -2.98
CA SER G 20 11.09 8.38 -4.02
C SER G 20 12.41 8.39 -4.79
N PRO G 21 13.10 7.26 -4.90
CA PRO G 21 14.39 7.23 -5.59
C PRO G 21 14.21 7.42 -7.09
N GLN G 22 14.71 8.52 -7.60
CA GLN G 22 14.69 8.85 -9.00
C GLN G 22 16.07 8.66 -9.61
N PRO G 23 16.15 8.34 -10.89
CA PRO G 23 17.46 8.33 -11.56
C PRO G 23 18.04 9.73 -11.65
N SER G 24 19.36 9.79 -11.76
CA SER G 24 20.08 11.05 -11.80
C SER G 24 20.12 11.66 -13.18
N SER G 25 19.55 10.99 -14.18
CA SER G 25 19.84 11.29 -15.58
C SER G 25 18.63 11.78 -16.37
N ILE G 26 17.44 11.87 -15.78
CA ILE G 26 16.23 12.16 -16.54
C ILE G 26 16.17 13.63 -16.91
N ASN G 27 15.59 13.93 -18.08
CA ASN G 27 15.54 15.29 -18.58
C ASN G 27 14.09 15.79 -18.54
N TYR G 28 13.85 16.95 -19.18
CA TYR G 28 12.59 17.67 -19.07
C TYR G 28 11.40 16.98 -19.77
N TRP G 29 11.57 15.80 -20.35
CA TRP G 29 10.43 15.05 -20.88
C TRP G 29 9.72 14.23 -19.82
N TRP G 30 10.33 14.02 -18.68
CA TRP G 30 9.70 13.35 -17.56
C TRP G 30 8.86 14.30 -16.71
N ASN G 31 8.60 15.51 -17.20
CA ASN G 31 7.76 16.46 -16.51
C ASN G 31 6.33 16.51 -17.06
N MET G 32 6.08 15.94 -18.24
CA MET G 32 4.75 16.00 -18.84
C MET G 32 3.74 15.19 -18.06
N GLY G 33 4.19 14.17 -17.33
CA GLY G 33 3.27 13.43 -16.50
C GLY G 33 2.86 14.16 -15.25
N SER G 34 3.61 15.17 -14.84
CA SER G 34 3.25 15.99 -13.69
C SER G 34 2.27 17.10 -14.05
N LEU G 35 2.34 17.64 -15.26
CA LEU G 35 1.39 18.64 -15.72
C LEU G 35 0.00 18.06 -15.84
N LEU G 36 -0.13 16.79 -16.19
CA LEU G 36 -1.43 16.14 -16.35
C LEU G 36 -2.14 15.91 -15.03
N GLY G 37 -1.46 16.04 -13.90
CA GLY G 37 -2.14 16.01 -12.63
C GLY G 37 -2.66 17.38 -12.27
N LEU G 38 -2.04 18.41 -12.84
CA LEU G 38 -2.53 19.76 -12.69
C LEU G 38 -3.61 20.08 -13.71
N CYS G 39 -3.47 19.50 -14.92
CA CYS G 39 -4.46 19.70 -15.98
C CYS G 39 -5.81 19.12 -15.59
N LEU G 40 -5.80 17.99 -14.89
CA LEU G 40 -7.03 17.36 -14.45
C LEU G 40 -7.65 18.05 -13.24
N VAL G 41 -6.85 18.76 -12.44
CA VAL G 41 -7.38 19.50 -11.32
C VAL G 41 -8.09 20.76 -11.79
N ILE G 42 -7.51 21.42 -12.81
CA ILE G 42 -8.09 22.63 -13.38
C ILE G 42 -9.44 22.36 -14.01
N GLN G 43 -9.54 21.28 -14.81
CA GLN G 43 -10.76 21.00 -15.56
C GLN G 43 -11.89 20.52 -14.65
N ILE G 44 -11.58 19.92 -13.51
CA ILE G 44 -12.63 19.54 -12.59
C ILE G 44 -13.10 20.74 -11.79
N VAL G 45 -12.17 21.62 -11.38
CA VAL G 45 -12.52 22.71 -10.48
C VAL G 45 -13.30 23.79 -11.21
N THR G 46 -12.85 24.18 -12.41
CA THR G 46 -13.58 25.16 -13.20
C THR G 46 -14.93 24.65 -13.69
N GLY G 47 -15.13 23.32 -13.71
CA GLY G 47 -16.39 22.79 -14.20
C GLY G 47 -17.45 22.65 -13.15
N ILE G 48 -17.07 22.52 -11.88
CA ILE G 48 -18.05 22.49 -10.82
C ILE G 48 -18.62 23.88 -10.59
N PHE G 49 -17.82 24.93 -10.79
CA PHE G 49 -18.34 26.29 -10.66
C PHE G 49 -19.19 26.69 -11.86
N MET G 50 -18.93 26.13 -13.04
CA MET G 50 -19.77 26.37 -14.20
C MET G 50 -21.02 25.51 -14.22
N ALA G 51 -21.07 24.46 -13.41
CA ALA G 51 -22.27 23.63 -13.30
C ALA G 51 -23.30 24.21 -12.37
N MET G 52 -23.02 25.33 -11.71
CA MET G 52 -24.00 26.01 -10.89
C MET G 52 -24.89 26.93 -11.69
N HIS G 53 -24.50 27.28 -12.91
CA HIS G 53 -25.24 28.22 -13.74
C HIS G 53 -25.65 27.61 -15.08
N TYR G 54 -25.81 26.29 -15.16
CA TYR G 54 -26.07 25.60 -16.41
C TYR G 54 -27.41 24.87 -16.36
N SER G 55 -28.12 24.88 -17.49
CA SER G 55 -29.39 24.18 -17.66
C SER G 55 -29.28 23.25 -18.86
N SER G 56 -29.54 21.97 -18.65
CA SER G 56 -29.25 20.96 -19.66
C SER G 56 -30.42 20.65 -20.59
N ASN G 57 -31.53 21.37 -20.49
CA ASN G 57 -32.63 21.18 -21.42
C ASN G 57 -32.25 21.69 -22.80
N ILE G 58 -32.90 21.14 -23.84
CA ILE G 58 -32.50 21.47 -25.20
C ILE G 58 -32.97 22.86 -25.62
N GLU G 59 -33.92 23.44 -24.90
CA GLU G 59 -34.38 24.79 -25.17
C GLU G 59 -33.74 25.83 -24.28
N LEU G 60 -32.89 25.40 -23.34
CA LEU G 60 -32.18 26.30 -22.44
C LEU G 60 -30.66 26.16 -22.53
N ALA G 61 -30.15 25.25 -23.36
CA ALA G 61 -28.73 24.93 -23.35
C ALA G 61 -27.89 26.02 -24.01
N PHE G 62 -28.32 26.54 -25.16
CA PHE G 62 -27.62 27.70 -25.74
C PHE G 62 -28.16 29.01 -25.21
N SER G 63 -28.42 29.09 -23.91
CA SER G 63 -28.63 30.36 -23.24
C SER G 63 -28.03 30.38 -21.85
N SER G 64 -27.71 29.23 -21.27
CA SER G 64 -27.01 29.15 -20.01
C SER G 64 -25.51 29.27 -20.19
N VAL G 65 -24.99 28.98 -21.37
CA VAL G 65 -23.58 29.26 -21.63
C VAL G 65 -23.36 30.75 -21.87
N GLU G 66 -24.37 31.44 -22.39
CA GLU G 66 -24.25 32.88 -22.60
C GLU G 66 -24.56 33.67 -21.34
N HIS G 67 -25.44 33.14 -20.49
CA HIS G 67 -25.69 33.73 -19.18
C HIS G 67 -24.44 33.69 -18.31
N ILE G 68 -23.64 32.63 -18.44
CA ILE G 68 -22.33 32.57 -17.80
C ILE G 68 -21.40 33.64 -18.36
N MET G 69 -21.37 33.80 -19.67
CA MET G 69 -20.39 34.69 -20.28
C MET G 69 -20.74 36.16 -20.16
N ARG G 70 -21.97 36.58 -19.93
CA ARG G 70 -22.20 38.03 -19.75
C ARG G 70 -22.75 38.40 -18.39
N ASP G 71 -23.40 37.50 -17.68
CA ASP G 71 -23.98 37.91 -16.41
C ASP G 71 -23.19 37.46 -15.19
N VAL G 72 -22.58 36.28 -15.23
CA VAL G 72 -21.85 35.75 -14.09
C VAL G 72 -20.57 36.55 -13.89
N HIS G 73 -20.27 36.90 -12.63
CA HIS G 73 -19.06 37.64 -12.29
C HIS G 73 -17.82 36.80 -12.57
N ASN G 74 -16.97 37.30 -13.47
CA ASN G 74 -15.79 36.60 -14.02
C ASN G 74 -16.18 35.26 -14.64
N GLY G 75 -17.35 35.21 -15.26
CA GLY G 75 -17.81 33.98 -15.87
C GLY G 75 -17.10 33.67 -17.16
N TYR G 76 -16.59 34.69 -17.84
CA TYR G 76 -15.79 34.47 -19.03
C TYR G 76 -14.41 33.92 -18.71
N ILE G 77 -13.92 34.15 -17.49
CA ILE G 77 -12.66 33.53 -17.06
C ILE G 77 -12.86 32.03 -16.87
N LEU G 78 -14.02 31.63 -16.33
CA LEU G 78 -14.28 30.21 -16.09
C LEU G 78 -14.44 29.43 -17.39
N ARG G 79 -15.17 29.98 -18.37
CA ARG G 79 -15.44 29.22 -19.58
C ARG G 79 -14.22 29.12 -20.46
N TYR G 80 -13.52 30.25 -20.68
CA TYR G 80 -12.36 30.26 -21.56
C TYR G 80 -11.23 29.40 -21.01
N LEU G 81 -11.16 29.24 -19.69
CA LEU G 81 -10.24 28.29 -19.09
C LEU G 81 -10.66 26.86 -19.33
N HIS G 82 -11.97 26.59 -19.31
CA HIS G 82 -12.50 25.24 -19.53
C HIS G 82 -12.72 24.93 -20.99
N ALA G 83 -12.27 25.77 -21.88
CA ALA G 83 -12.33 25.45 -23.30
C ALA G 83 -10.97 25.52 -23.97
N ASN G 84 -10.03 26.32 -23.47
CA ASN G 84 -8.65 26.25 -23.88
C ASN G 84 -7.84 25.32 -23.00
N GLY G 85 -8.32 24.99 -21.81
CA GLY G 85 -7.60 24.07 -20.95
C GLY G 85 -7.71 22.63 -21.39
N ALA G 86 -8.85 22.25 -21.98
CA ALA G 86 -9.01 20.89 -22.48
C ALA G 86 -8.20 20.66 -23.74
N SER G 87 -7.95 21.70 -24.53
CA SER G 87 -7.02 21.60 -25.64
C SER G 87 -5.56 21.66 -25.20
N PHE G 88 -5.30 22.08 -23.96
CA PHE G 88 -3.99 21.97 -23.35
C PHE G 88 -3.78 20.63 -22.66
N PHE G 89 -4.87 20.03 -22.16
CA PHE G 89 -4.89 18.66 -21.65
C PHE G 89 -4.41 17.65 -22.68
N PHE G 90 -4.73 17.85 -23.96
CA PHE G 90 -4.43 16.91 -25.01
C PHE G 90 -3.06 17.10 -25.64
N MET G 91 -2.53 18.32 -25.65
CA MET G 91 -1.21 18.53 -26.22
C MET G 91 -0.12 17.96 -25.33
N VAL G 92 -0.36 17.92 -24.02
CA VAL G 92 0.58 17.31 -23.10
C VAL G 92 0.50 15.79 -23.20
N MET G 93 -0.72 15.25 -23.31
CA MET G 93 -0.91 13.81 -23.37
C MET G 93 -0.42 13.21 -24.68
N PHE G 94 -0.42 13.98 -25.76
CA PHE G 94 0.21 13.51 -26.98
C PHE G 94 1.72 13.49 -26.86
N MET G 95 2.28 14.35 -26.02
CA MET G 95 3.71 14.37 -25.77
C MET G 95 4.12 13.44 -24.64
N HIS G 96 3.19 13.05 -23.78
CA HIS G 96 3.48 12.03 -22.77
C HIS G 96 3.61 10.66 -23.39
N MET G 97 2.66 10.28 -24.25
CA MET G 97 2.67 8.96 -24.86
C MET G 97 3.77 8.84 -25.91
N ALA G 98 4.18 9.95 -26.51
CA ALA G 98 5.23 9.90 -27.52
C ALA G 98 6.61 9.70 -26.91
N LYS G 99 6.82 10.20 -25.69
CA LYS G 99 8.06 9.93 -24.97
C LYS G 99 8.17 8.45 -24.62
N GLY G 100 7.11 7.89 -24.05
CA GLY G 100 7.06 6.51 -23.61
C GLY G 100 7.18 5.46 -24.69
N LEU G 101 7.05 5.82 -25.96
CA LEU G 101 7.38 4.88 -27.01
C LEU G 101 8.67 5.25 -27.72
N TYR G 102 9.29 6.37 -27.36
CA TYR G 102 10.66 6.63 -27.81
C TYR G 102 11.65 5.90 -26.90
N TYR G 103 11.61 6.22 -25.66
CA TYR G 103 12.52 5.56 -24.72
C TYR G 103 12.09 4.11 -24.69
N GLY G 104 10.92 3.82 -25.18
CA GLY G 104 10.34 2.46 -25.11
C GLY G 104 10.20 1.95 -23.68
N SER G 105 9.27 2.53 -22.92
CA SER G 105 9.03 2.07 -21.52
C SER G 105 7.98 0.95 -21.50
N TYR G 106 7.22 0.81 -22.58
CA TYR G 106 6.17 -0.20 -22.64
C TYR G 106 6.69 -1.61 -22.41
N ARG G 107 8.01 -1.80 -22.42
CA ARG G 107 8.61 -3.13 -22.36
C ARG G 107 8.54 -3.70 -20.95
N SER G 108 9.07 -4.90 -20.80
CA SER G 108 9.14 -5.52 -19.48
C SER G 108 10.14 -4.76 -18.61
N PRO G 109 9.84 -4.55 -17.33
CA PRO G 109 8.68 -5.03 -16.57
C PRO G 109 7.49 -4.07 -16.49
N ARG G 110 7.37 -3.11 -17.39
CA ARG G 110 6.30 -2.11 -17.33
C ARG G 110 5.36 -2.33 -18.51
N VAL G 111 4.43 -3.26 -18.35
CA VAL G 111 3.45 -3.56 -19.39
C VAL G 111 2.07 -3.27 -18.82
N THR G 112 1.90 -3.44 -17.51
CA THR G 112 0.68 -3.02 -16.86
C THR G 112 0.61 -1.49 -16.81
N LEU G 113 1.75 -0.83 -16.72
CA LEU G 113 1.81 0.63 -16.80
C LEU G 113 1.37 1.13 -18.17
N TRP G 114 1.65 0.36 -19.22
CA TRP G 114 1.25 0.75 -20.57
C TRP G 114 -0.19 0.37 -20.87
N ASN G 115 -0.72 -0.65 -20.20
CA ASN G 115 -2.07 -1.11 -20.47
C ASN G 115 -3.13 -0.29 -19.76
N VAL G 116 -2.84 0.19 -18.54
CA VAL G 116 -3.78 1.08 -17.85
C VAL G 116 -3.70 2.50 -18.39
N GLY G 117 -2.68 2.82 -19.19
CA GLY G 117 -2.59 4.10 -19.84
C GLY G 117 -3.41 4.16 -21.11
N VAL G 118 -3.62 3.02 -21.77
CA VAL G 118 -4.47 3.01 -22.95
C VAL G 118 -5.94 3.14 -22.55
N ILE G 119 -6.32 2.63 -21.38
CA ILE G 119 -7.68 2.80 -20.87
C ILE G 119 -7.97 4.26 -20.55
N ILE G 120 -6.97 5.01 -20.07
CA ILE G 120 -7.15 6.42 -19.76
C ILE G 120 -7.36 7.23 -21.04
N PHE G 121 -6.68 6.85 -22.12
CA PHE G 121 -6.81 7.59 -23.37
C PHE G 121 -8.16 7.37 -24.03
N ILE G 122 -8.80 6.23 -23.79
CA ILE G 122 -10.13 6.00 -24.32
C ILE G 122 -11.16 6.81 -23.56
N LEU G 123 -11.04 6.85 -22.23
CA LEU G 123 -11.98 7.58 -21.40
C LEU G 123 -11.81 9.09 -21.49
N THR G 124 -10.68 9.57 -22.00
CA THR G 124 -10.44 11.01 -22.16
C THR G 124 -11.06 11.54 -23.45
N ILE G 125 -11.03 10.72 -24.50
CA ILE G 125 -11.71 11.05 -25.75
C ILE G 125 -13.22 11.11 -25.55
N ALA G 126 -13.75 10.24 -24.68
CA ALA G 126 -15.19 10.17 -24.46
C ALA G 126 -15.73 11.36 -23.68
N THR G 127 -14.94 11.95 -22.77
CA THR G 127 -15.43 13.13 -22.05
C THR G 127 -15.47 14.36 -22.93
N ALA G 128 -14.44 14.56 -23.75
CA ALA G 128 -14.41 15.71 -24.64
C ALA G 128 -15.48 15.64 -25.72
N PHE G 129 -15.95 14.46 -26.08
CA PHE G 129 -17.11 14.34 -26.95
C PHE G 129 -18.40 14.68 -26.20
N LEU G 130 -18.58 14.12 -25.02
CA LEU G 130 -19.84 14.29 -24.29
C LEU G 130 -20.04 15.70 -23.77
N GLY G 131 -18.98 16.48 -23.61
CA GLY G 131 -19.11 17.82 -23.09
C GLY G 131 -19.24 18.87 -24.17
N TYR G 132 -18.69 18.58 -25.34
CA TYR G 132 -18.88 19.42 -26.51
C TYR G 132 -20.28 19.30 -27.08
N CYS G 133 -21.02 18.27 -26.71
CA CYS G 133 -22.42 18.14 -27.08
C CYS G 133 -23.34 18.84 -26.10
N CYS G 134 -22.80 19.47 -25.05
CA CYS G 134 -23.60 20.15 -24.05
C CYS G 134 -23.76 21.63 -24.31
N VAL G 135 -22.93 22.22 -25.17
CA VAL G 135 -23.13 23.59 -25.62
C VAL G 135 -24.40 23.72 -26.45
N TYR G 136 -24.69 22.68 -27.25
CA TYR G 136 -25.76 22.64 -28.24
C TYR G 136 -25.69 23.81 -29.21
N GLY G 137 -24.52 23.97 -29.84
CA GLY G 137 -24.37 24.81 -30.99
C GLY G 137 -24.71 24.05 -32.26
N GLN G 138 -24.25 24.58 -33.38
CA GLN G 138 -24.54 23.94 -34.65
C GLN G 138 -23.56 22.80 -34.95
N MET G 139 -22.30 22.92 -34.54
CA MET G 139 -21.37 21.80 -34.63
C MET G 139 -21.67 20.73 -33.58
N SER G 140 -22.36 21.10 -32.51
CA SER G 140 -22.70 20.21 -31.43
C SER G 140 -23.92 19.35 -31.71
N HIS G 141 -24.67 19.62 -32.76
CA HIS G 141 -25.80 18.78 -33.16
C HIS G 141 -25.43 17.78 -34.23
N TRP G 142 -24.75 18.24 -35.27
CA TRP G 142 -24.36 17.39 -36.38
C TRP G 142 -23.12 16.57 -36.12
N GLY G 143 -22.46 16.78 -34.97
CA GLY G 143 -21.40 15.91 -34.54
C GLY G 143 -21.91 14.73 -33.76
N ALA G 144 -23.00 14.93 -33.01
CA ALA G 144 -23.64 13.81 -32.34
C ALA G 144 -24.51 12.99 -33.28
N THR G 145 -24.95 13.58 -34.39
CA THR G 145 -25.74 12.84 -35.37
C THR G 145 -24.88 11.82 -36.11
N VAL G 146 -23.71 12.28 -36.59
CA VAL G 146 -22.83 11.45 -37.42
C VAL G 146 -22.24 10.30 -36.62
N ILE G 147 -21.88 10.55 -35.37
CA ILE G 147 -21.22 9.51 -34.57
C ILE G 147 -22.22 8.45 -34.10
N THR G 148 -23.39 8.87 -33.61
CA THR G 148 -24.36 7.90 -33.12
C THR G 148 -25.06 7.13 -34.23
N ASN G 149 -24.99 7.59 -35.48
CA ASN G 149 -25.53 6.84 -36.60
C ASN G 149 -24.67 5.66 -37.00
N LEU G 150 -23.41 5.61 -36.54
CA LEU G 150 -22.52 4.51 -36.87
C LEU G 150 -22.91 3.21 -36.17
N PHE G 151 -23.62 3.28 -35.06
CA PHE G 151 -23.97 2.09 -34.30
C PHE G 151 -25.21 1.38 -34.83
N SER G 152 -25.69 1.76 -36.01
CA SER G 152 -26.77 1.05 -36.68
C SER G 152 -26.26 0.00 -37.66
N ALA G 153 -24.95 -0.06 -37.88
CA ALA G 153 -24.36 -1.02 -38.80
C ALA G 153 -24.10 -2.38 -38.16
N ILE G 154 -24.26 -2.50 -36.85
CA ILE G 154 -24.11 -3.77 -36.16
C ILE G 154 -25.28 -4.67 -36.58
N PRO G 155 -25.01 -5.84 -37.15
CA PRO G 155 -26.11 -6.63 -37.74
C PRO G 155 -26.95 -7.31 -36.67
N PHE G 156 -28.28 -7.17 -36.81
CA PHE G 156 -29.36 -7.62 -35.93
C PHE G 156 -29.40 -6.90 -34.58
N VAL G 157 -28.46 -6.00 -34.30
CA VAL G 157 -28.41 -5.29 -33.03
C VAL G 157 -28.57 -3.78 -33.22
N GLY G 158 -28.27 -3.24 -34.40
CA GLY G 158 -28.08 -1.82 -34.66
C GLY G 158 -29.15 -0.83 -34.27
N ASN G 159 -30.35 -0.94 -34.85
CA ASN G 159 -31.38 0.06 -34.61
C ASN G 159 -32.06 -0.08 -33.24
N ASP G 160 -31.62 -1.02 -32.40
CA ASP G 160 -32.04 -1.09 -31.01
C ASP G 160 -30.93 -0.67 -30.06
N ILE G 161 -29.78 -0.28 -30.60
CA ILE G 161 -28.71 0.33 -29.83
C ILE G 161 -28.72 1.85 -29.98
N VAL G 162 -28.99 2.34 -31.20
CA VAL G 162 -29.07 3.77 -31.43
C VAL G 162 -30.30 4.37 -30.77
N SER G 163 -31.43 3.65 -30.82
CA SER G 163 -32.65 4.12 -30.17
C SER G 163 -32.57 4.04 -28.65
N TRP G 164 -31.62 3.30 -28.11
CA TRP G 164 -31.32 3.32 -26.69
C TRP G 164 -30.28 4.36 -26.34
N LEU G 165 -29.40 4.69 -27.29
CA LEU G 165 -28.43 5.75 -27.15
C LEU G 165 -29.03 7.13 -27.34
N TRP G 166 -30.15 7.23 -28.06
CA TRP G 166 -30.81 8.49 -28.34
C TRP G 166 -31.94 8.80 -27.36
N GLY G 167 -32.60 7.77 -26.84
CA GLY G 167 -33.80 8.01 -26.07
C GLY G 167 -34.96 8.48 -26.90
N GLY G 168 -35.02 8.09 -28.16
CA GLY G 168 -36.04 8.57 -29.08
C GLY G 168 -35.79 8.11 -30.49
N PHE G 169 -35.89 9.01 -31.46
CA PHE G 169 -35.70 8.67 -32.87
C PHE G 169 -34.69 9.56 -33.58
N SER G 170 -34.15 10.57 -32.92
CA SER G 170 -33.05 11.38 -33.43
C SER G 170 -32.35 12.00 -32.22
N VAL G 171 -31.52 13.01 -32.47
CA VAL G 171 -30.84 13.68 -31.37
C VAL G 171 -31.83 14.64 -30.72
N SER G 172 -32.58 14.15 -29.75
CA SER G 172 -33.69 14.84 -29.13
C SER G 172 -33.26 15.50 -27.83
N ASN G 173 -34.22 15.96 -27.06
CA ASN G 173 -34.01 16.46 -25.71
C ASN G 173 -33.55 15.42 -24.69
N PRO G 174 -33.99 14.14 -24.71
CA PRO G 174 -33.34 13.17 -23.82
C PRO G 174 -31.91 12.84 -24.19
N THR G 175 -31.45 13.18 -25.40
CA THR G 175 -30.07 12.95 -25.76
C THR G 175 -29.13 13.95 -25.08
N ILE G 176 -29.60 15.18 -24.88
CA ILE G 176 -28.75 16.20 -24.26
C ILE G 176 -28.81 16.11 -22.74
N GLN G 177 -29.93 15.64 -22.17
CA GLN G 177 -30.01 15.49 -20.73
C GLN G 177 -29.28 14.27 -20.20
N ARG G 178 -28.98 13.28 -21.05
CA ARG G 178 -28.18 12.15 -20.61
C ARG G 178 -26.69 12.34 -20.89
N PHE G 179 -26.34 13.26 -21.79
CA PHE G 179 -24.94 13.50 -22.10
C PHE G 179 -24.28 14.42 -21.08
N PHE G 180 -25.05 15.24 -20.37
CA PHE G 180 -24.46 16.05 -19.30
C PHE G 180 -24.22 15.21 -18.06
N ALA G 181 -25.14 14.29 -17.75
CA ALA G 181 -25.00 13.48 -16.54
C ALA G 181 -23.85 12.48 -16.68
N LEU G 182 -23.52 12.06 -17.89
CA LEU G 182 -22.34 11.24 -18.13
C LEU G 182 -21.09 12.07 -18.26
N HIS G 183 -21.21 13.37 -18.51
CA HIS G 183 -20.05 14.25 -18.49
C HIS G 183 -19.59 14.57 -17.07
N TYR G 184 -20.45 14.43 -16.08
CA TYR G 184 -19.97 14.69 -14.75
C TYR G 184 -19.24 13.48 -14.20
N LEU G 185 -19.53 12.27 -14.68
CA LEU G 185 -19.08 11.04 -14.02
C LEU G 185 -17.73 10.52 -14.49
N VAL G 186 -17.50 10.49 -15.81
CA VAL G 186 -16.29 9.91 -16.38
C VAL G 186 -15.01 10.67 -16.01
N PRO G 187 -15.02 11.99 -15.74
CA PRO G 187 -13.84 12.59 -15.08
C PRO G 187 -13.53 12.05 -13.69
N PHE G 188 -14.48 11.46 -12.98
CA PHE G 188 -14.22 10.82 -11.70
C PHE G 188 -13.78 9.37 -11.84
N ILE G 189 -13.97 8.77 -13.01
CA ILE G 189 -13.42 7.44 -13.29
C ILE G 189 -11.97 7.54 -13.78
N ILE G 190 -11.63 8.63 -14.47
CA ILE G 190 -10.25 8.88 -14.88
C ILE G 190 -9.35 9.07 -13.65
N ALA G 191 -9.86 9.73 -12.62
CA ALA G 191 -9.06 10.00 -11.43
C ALA G 191 -8.79 8.73 -10.63
N ALA G 192 -9.69 7.74 -10.69
CA ALA G 192 -9.41 6.46 -10.06
C ALA G 192 -8.52 5.57 -10.90
N MET G 193 -8.41 5.83 -12.20
CA MET G 193 -7.45 5.12 -13.04
C MET G 193 -6.07 5.74 -12.99
N VAL G 194 -5.95 6.98 -12.52
CA VAL G 194 -4.64 7.59 -12.36
C VAL G 194 -4.00 7.11 -11.04
N ILE G 195 -4.82 6.83 -10.03
CA ILE G 195 -4.33 6.27 -8.77
C ILE G 195 -3.80 4.85 -8.99
N MET G 196 -4.50 4.06 -9.82
CA MET G 196 -3.98 2.75 -10.18
C MET G 196 -2.77 2.86 -11.10
N HIS G 197 -2.67 3.95 -11.84
CA HIS G 197 -1.53 4.16 -12.73
C HIS G 197 -0.27 4.48 -11.95
N LEU G 198 -0.40 5.17 -10.82
CA LEU G 198 0.79 5.52 -10.03
C LEU G 198 1.28 4.34 -9.20
N MET G 199 0.39 3.41 -8.87
CA MET G 199 0.77 2.23 -8.09
C MET G 199 1.71 1.32 -8.89
N ALA G 200 1.44 1.13 -10.18
CA ALA G 200 2.30 0.31 -11.03
C ALA G 200 3.64 0.96 -11.34
N LEU G 201 3.82 2.23 -11.00
CA LEU G 201 5.09 2.92 -11.18
C LEU G 201 5.96 2.83 -9.93
N HIS G 202 5.34 2.71 -8.76
CA HIS G 202 6.09 2.70 -7.51
C HIS G 202 6.90 1.42 -7.33
N ILE G 203 6.54 0.34 -8.00
CA ILE G 203 7.24 -0.91 -7.82
C ILE G 203 8.42 -1.09 -8.77
N HIS G 204 8.54 -0.26 -9.79
CA HIS G 204 9.66 -0.35 -10.71
C HIS G 204 10.33 0.98 -11.01
N GLY G 205 9.71 2.10 -10.67
CA GLY G 205 10.31 3.39 -10.92
C GLY G 205 10.27 3.78 -12.37
N SER G 206 10.93 4.89 -12.66
CA SER G 206 11.01 5.40 -14.02
C SER G 206 12.20 4.81 -14.75
N SER G 207 12.20 4.99 -16.05
CA SER G 207 13.33 4.63 -16.88
C SER G 207 14.27 5.83 -16.96
N ASN G 208 15.20 5.80 -17.90
CA ASN G 208 16.19 6.84 -18.10
C ASN G 208 16.47 6.94 -19.59
N PRO G 209 16.97 8.09 -20.07
CA PRO G 209 17.29 8.23 -21.50
C PRO G 209 18.41 7.34 -22.01
N LEU G 210 19.17 6.69 -21.14
CA LEU G 210 20.17 5.75 -21.59
C LEU G 210 19.60 4.35 -21.81
N GLY G 211 18.54 3.98 -21.11
CA GLY G 211 17.91 2.70 -21.28
C GLY G 211 18.36 1.68 -20.26
N ILE G 212 19.64 1.75 -19.89
CA ILE G 212 20.28 0.82 -18.96
C ILE G 212 19.75 1.05 -17.55
N THR G 213 20.12 0.16 -16.63
CA THR G 213 19.64 0.26 -15.25
C THR G 213 20.18 1.50 -14.56
N GLY G 214 19.44 1.96 -13.56
CA GLY G 214 19.81 3.17 -12.86
C GLY G 214 19.73 3.01 -11.37
N ASN G 215 20.05 1.81 -10.86
CA ASN G 215 20.01 1.55 -9.40
C ASN G 215 21.37 1.85 -8.77
N LEU G 216 22.32 2.34 -9.56
CA LEU G 216 23.67 2.63 -9.07
C LEU G 216 23.88 4.10 -8.76
N ASP G 217 22.98 4.99 -9.17
CA ASP G 217 23.16 6.43 -8.99
C ASP G 217 21.77 7.05 -8.92
N ARG G 218 21.29 7.33 -7.71
CA ARG G 218 19.92 7.80 -7.50
C ARG G 218 19.92 9.06 -6.64
N ILE G 219 18.83 9.81 -6.75
CA ILE G 219 18.62 11.12 -6.09
C ILE G 219 17.19 11.15 -5.58
N PRO G 220 16.93 11.66 -4.37
CA PRO G 220 15.56 11.75 -3.88
C PRO G 220 14.76 12.81 -4.62
N MET G 221 13.46 12.81 -4.37
CA MET G 221 12.54 13.70 -5.08
C MET G 221 12.63 15.14 -4.57
N HIS G 222 12.72 15.31 -3.26
CA HIS G 222 12.69 16.64 -2.67
C HIS G 222 13.97 17.42 -2.98
N SER G 223 13.79 18.74 -3.19
CA SER G 223 14.77 19.78 -3.42
C SER G 223 15.46 19.71 -4.77
N TYR G 224 15.25 18.66 -5.57
CA TYR G 224 15.85 18.58 -6.89
C TYR G 224 14.84 18.46 -8.01
N PHE G 225 13.90 17.54 -7.90
CA PHE G 225 12.90 17.34 -8.94
C PHE G 225 11.60 18.05 -8.61
N ILE G 226 11.47 18.59 -7.39
CA ILE G 226 10.38 19.51 -7.11
C ILE G 226 10.71 20.90 -7.62
N PHE G 227 11.96 21.33 -7.48
CA PHE G 227 12.38 22.60 -8.06
C PHE G 227 12.67 22.51 -9.56
N LYS G 228 12.80 21.29 -10.11
CA LYS G 228 12.78 21.09 -11.55
C LYS G 228 11.35 20.96 -12.09
N ASP G 229 10.40 20.63 -11.21
CA ASP G 229 8.98 20.58 -11.58
C ASP G 229 8.43 21.98 -11.81
N LEU G 230 8.71 22.91 -10.90
CA LEU G 230 8.14 24.26 -10.93
C LEU G 230 8.66 25.11 -12.08
N VAL G 231 9.69 24.68 -12.80
CA VAL G 231 10.10 25.41 -13.99
C VAL G 231 9.03 25.29 -15.08
N THR G 232 8.48 24.09 -15.25
CA THR G 232 7.48 23.86 -16.29
C THR G 232 6.06 24.16 -15.85
N VAL G 233 5.78 24.19 -14.55
CA VAL G 233 4.44 24.56 -14.09
C VAL G 233 4.21 26.06 -14.23
N PHE G 234 5.25 26.87 -14.06
CA PHE G 234 5.11 28.30 -14.31
C PHE G 234 5.13 28.63 -15.79
N LEU G 235 5.67 27.76 -16.63
CA LEU G 235 5.58 27.94 -18.08
C LEU G 235 4.24 27.48 -18.60
N PHE G 236 3.62 26.52 -17.92
CA PHE G 236 2.31 26.02 -18.34
C PHE G 236 1.24 27.07 -18.15
N MET G 237 1.17 27.67 -16.96
CA MET G 237 0.17 28.68 -16.63
C MET G 237 0.45 30.02 -17.27
N LEU G 238 1.59 30.21 -17.89
CA LEU G 238 1.87 31.44 -18.64
C LEU G 238 1.35 31.39 -20.07
N ILE G 239 1.39 30.21 -20.72
CA ILE G 239 0.79 30.06 -22.04
C ILE G 239 -0.68 29.69 -21.94
N LEU G 240 -1.14 29.24 -20.77
CA LEU G 240 -2.56 29.20 -20.45
C LEU G 240 -3.10 30.57 -20.05
N ALA G 241 -2.28 31.61 -20.10
CA ALA G 241 -2.73 32.96 -19.80
C ALA G 241 -2.76 33.78 -21.08
N LEU G 242 -1.87 33.48 -22.00
CA LEU G 242 -1.82 34.17 -23.29
C LEU G 242 -2.90 33.71 -24.25
N PHE G 243 -3.70 32.73 -23.90
CA PHE G 243 -4.86 32.32 -24.67
C PHE G 243 -6.17 32.79 -24.05
N VAL G 244 -6.37 32.53 -22.76
CA VAL G 244 -7.59 32.92 -22.04
C VAL G 244 -7.78 34.43 -21.95
N PHE G 245 -6.74 35.23 -22.18
CA PHE G 245 -6.87 36.67 -22.12
C PHE G 245 -6.52 37.40 -23.42
N TYR G 246 -5.99 36.72 -24.42
CA TYR G 246 -5.60 37.47 -25.61
C TYR G 246 -6.14 36.89 -26.91
N SER G 247 -6.23 35.57 -27.01
CA SER G 247 -6.86 34.92 -28.16
C SER G 247 -7.72 33.77 -27.67
N PRO G 248 -8.87 34.06 -27.06
CA PRO G 248 -9.67 33.00 -26.44
C PRO G 248 -10.52 32.20 -27.40
N ASN G 249 -10.54 32.52 -28.68
CA ASN G 249 -11.41 31.82 -29.62
C ASN G 249 -10.65 31.34 -30.86
N THR G 250 -9.33 31.16 -30.75
CA THR G 250 -8.57 30.67 -31.89
C THR G 250 -8.74 29.16 -32.05
N LEU G 251 -8.70 28.42 -30.95
CA LEU G 251 -8.93 26.97 -30.99
C LEU G 251 -10.43 26.69 -30.83
N GLY G 252 -11.15 26.92 -31.91
CA GLY G 252 -12.59 26.71 -31.90
C GLY G 252 -13.18 27.03 -33.26
N HIS G 253 -14.45 26.62 -33.41
CA HIS G 253 -15.19 26.81 -34.65
C HIS G 253 -16.25 27.88 -34.47
N PRO G 254 -16.38 28.83 -35.40
CA PRO G 254 -17.38 29.89 -35.25
C PRO G 254 -18.81 29.40 -35.36
N ASP G 255 -19.05 28.24 -35.99
CA ASP G 255 -20.39 27.71 -36.12
C ASP G 255 -20.99 27.25 -34.79
N ASN G 256 -20.20 27.17 -33.73
CA ASN G 256 -20.71 26.82 -32.43
C ASN G 256 -21.30 28.02 -31.70
N TYR G 257 -21.33 29.19 -32.33
CA TYR G 257 -22.04 30.36 -31.83
C TYR G 257 -23.35 30.60 -32.57
N ILE G 258 -23.84 29.58 -33.26
CA ILE G 258 -25.21 29.52 -33.78
C ILE G 258 -25.92 28.41 -33.02
N PRO G 259 -27.15 28.63 -32.55
CA PRO G 259 -27.89 27.53 -31.91
C PRO G 259 -28.21 26.42 -32.88
N GLY G 260 -28.22 25.19 -32.37
CA GLY G 260 -28.31 24.03 -33.24
C GLY G 260 -29.69 23.87 -33.82
N ASN G 261 -29.74 23.55 -35.11
CA ASN G 261 -31.00 23.44 -35.83
C ASN G 261 -31.04 22.12 -36.58
N PRO G 262 -32.01 21.24 -36.29
CA PRO G 262 -32.12 19.97 -37.01
C PRO G 262 -32.67 20.09 -38.43
N LEU G 263 -32.80 21.28 -38.99
CA LEU G 263 -33.38 21.45 -40.31
C LEU G 263 -32.43 22.09 -41.32
N VAL G 264 -31.48 22.91 -40.89
CA VAL G 264 -30.48 23.48 -41.77
C VAL G 264 -29.14 22.82 -41.47
N THR G 265 -28.44 22.44 -42.53
CA THR G 265 -27.20 21.71 -42.37
C THR G 265 -26.02 22.60 -42.73
N PRO G 266 -24.92 22.51 -41.98
CA PRO G 266 -23.77 23.37 -42.27
C PRO G 266 -23.03 22.92 -43.52
N ALA G 267 -22.25 23.84 -44.07
CA ALA G 267 -21.47 23.55 -45.26
C ALA G 267 -20.27 22.65 -44.98
N SER G 268 -19.85 22.56 -43.72
CA SER G 268 -18.78 21.67 -43.31
C SER G 268 -19.02 21.26 -41.87
N ILE G 269 -18.88 19.98 -41.58
CA ILE G 269 -18.97 19.47 -40.22
C ILE G 269 -17.61 18.84 -39.90
N VAL G 270 -16.81 19.52 -39.08
CA VAL G 270 -15.47 19.08 -38.75
C VAL G 270 -15.30 19.06 -37.22
N PRO G 271 -14.49 18.17 -36.68
CA PRO G 271 -14.35 18.06 -35.22
C PRO G 271 -13.42 19.10 -34.63
N GLU G 272 -13.30 19.05 -33.30
CA GLU G 272 -12.23 19.74 -32.61
C GLU G 272 -10.89 19.10 -32.96
N TRP G 273 -9.83 19.91 -32.95
CA TRP G 273 -8.57 19.59 -33.65
C TRP G 273 -7.89 18.32 -33.14
N TYR G 274 -8.20 17.86 -31.94
CA TYR G 274 -7.55 16.68 -31.40
C TYR G 274 -8.30 15.39 -31.66
N LEU G 275 -9.43 15.45 -32.37
CA LEU G 275 -10.12 14.25 -32.86
C LEU G 275 -10.04 14.13 -34.36
N LEU G 276 -9.34 15.05 -35.01
CA LEU G 276 -9.13 15.11 -36.45
C LEU G 276 -8.34 13.95 -37.09
N PRO G 277 -7.25 13.41 -36.51
CA PRO G 277 -6.63 12.25 -37.16
C PRO G 277 -7.46 10.99 -37.07
N PHE G 278 -8.26 10.84 -36.02
CA PHE G 278 -9.17 9.72 -35.89
C PHE G 278 -10.43 9.88 -36.71
N TYR G 279 -10.69 11.08 -37.20
CA TYR G 279 -11.81 11.33 -38.09
C TYR G 279 -11.50 10.93 -39.53
N ALA G 280 -10.26 11.11 -39.96
CA ALA G 280 -9.86 10.74 -41.31
C ALA G 280 -9.74 9.25 -41.51
N ILE G 281 -9.63 8.48 -40.43
CA ILE G 281 -9.54 7.02 -40.52
C ILE G 281 -10.93 6.42 -40.71
N LEU G 282 -11.94 7.01 -40.06
CA LEU G 282 -13.32 6.56 -40.22
C LEU G 282 -13.84 6.87 -41.62
N ARG G 283 -13.52 8.04 -42.16
CA ARG G 283 -14.01 8.44 -43.46
C ARG G 283 -13.28 7.77 -44.62
N SER G 284 -12.17 7.09 -44.33
CA SER G 284 -11.36 6.46 -45.37
C SER G 284 -11.84 5.08 -45.77
N ILE G 285 -12.67 4.44 -44.94
CA ILE G 285 -13.18 3.10 -45.21
C ILE G 285 -14.62 3.24 -45.71
N PRO G 286 -14.93 2.82 -46.94
CA PRO G 286 -16.25 3.10 -47.52
C PRO G 286 -17.32 2.11 -47.11
N ASP G 287 -17.48 1.94 -45.79
CA ASP G 287 -18.50 1.08 -45.20
C ASP G 287 -18.66 1.49 -43.74
N LYS G 288 -19.90 1.56 -43.29
CA LYS G 288 -20.14 2.06 -41.94
C LYS G 288 -20.07 0.98 -40.87
N LEU G 289 -19.82 -0.28 -41.24
CA LEU G 289 -19.45 -1.29 -40.27
C LEU G 289 -17.94 -1.51 -40.21
N LEU G 290 -17.28 -1.55 -41.36
CA LEU G 290 -15.82 -1.65 -41.40
C LEU G 290 -15.12 -0.32 -41.18
N GLY G 291 -15.86 0.77 -41.02
CA GLY G 291 -15.28 2.05 -40.68
C GLY G 291 -15.28 2.30 -39.19
N VAL G 292 -16.30 1.81 -38.49
CA VAL G 292 -16.37 1.96 -37.05
C VAL G 292 -15.53 0.91 -36.33
N ILE G 293 -15.24 -0.21 -36.98
CA ILE G 293 -14.32 -1.20 -36.44
C ILE G 293 -12.88 -0.70 -36.55
N THR G 294 -12.55 -0.06 -37.67
CA THR G 294 -11.18 0.38 -37.92
C THR G 294 -10.76 1.51 -36.99
N MET G 295 -11.68 2.44 -36.70
CA MET G 295 -11.32 3.58 -35.86
C MET G 295 -11.25 3.20 -34.39
N PHE G 296 -11.99 2.19 -33.96
CA PHE G 296 -11.84 1.70 -32.59
C PHE G 296 -10.63 0.80 -32.45
N ALA G 297 -10.27 0.05 -33.49
CA ALA G 297 -9.03 -0.71 -33.50
C ALA G 297 -7.89 0.11 -34.10
N ALA G 298 -7.75 1.34 -33.63
CA ALA G 298 -6.59 2.18 -33.87
C ALA G 298 -6.11 2.87 -32.61
N ILE G 299 -6.93 2.93 -31.58
CA ILE G 299 -6.47 3.21 -30.23
C ILE G 299 -6.02 1.92 -29.54
N LEU G 300 -6.61 0.78 -29.92
CA LEU G 300 -6.28 -0.52 -29.35
C LEU G 300 -5.19 -1.24 -30.12
N VAL G 301 -4.47 -0.56 -31.01
CA VAL G 301 -3.31 -1.18 -31.65
C VAL G 301 -2.03 -0.90 -30.86
N LEU G 302 -2.13 -0.09 -29.80
CA LEU G 302 -0.97 0.15 -28.95
C LEU G 302 -0.64 -1.04 -28.07
N LEU G 303 -1.61 -1.92 -27.81
CA LEU G 303 -1.39 -3.08 -26.95
C LEU G 303 -0.56 -4.17 -27.58
N VAL G 304 -0.34 -4.14 -28.90
CA VAL G 304 0.47 -5.17 -29.56
C VAL G 304 1.93 -4.77 -29.65
N LEU G 305 2.29 -3.57 -29.25
CA LEU G 305 3.66 -3.08 -29.24
C LEU G 305 4.60 -3.74 -28.22
N PRO G 306 4.17 -4.19 -27.02
CA PRO G 306 5.09 -5.02 -26.22
C PRO G 306 5.47 -6.35 -26.85
N PHE G 307 4.65 -6.90 -27.73
CA PHE G 307 4.91 -8.19 -28.33
C PHE G 307 5.56 -8.11 -29.70
N THR G 308 5.84 -6.90 -30.19
CA THR G 308 6.32 -6.72 -31.55
C THR G 308 7.73 -6.16 -31.62
N ASP G 309 8.25 -5.59 -30.54
CA ASP G 309 9.63 -5.13 -30.50
C ASP G 309 10.56 -6.32 -30.30
N ARG G 310 11.46 -6.55 -31.24
CA ARG G 310 12.36 -7.69 -31.20
C ARG G 310 13.78 -7.31 -30.80
N SER G 311 13.99 -6.12 -30.27
CA SER G 311 15.34 -5.70 -29.97
C SER G 311 15.71 -6.03 -28.53
N VAL G 312 17.03 -6.00 -28.26
CA VAL G 312 17.55 -6.31 -26.93
C VAL G 312 17.95 -5.06 -26.16
N VAL G 313 18.06 -3.92 -26.83
CA VAL G 313 18.31 -2.62 -26.21
C VAL G 313 16.98 -1.92 -26.06
N ARG G 314 16.78 -1.26 -24.92
CA ARG G 314 15.55 -0.52 -24.67
C ARG G 314 15.72 0.95 -25.04
N GLY G 315 14.78 1.48 -25.81
CA GLY G 315 14.74 2.89 -26.15
C GLY G 315 15.47 3.20 -27.44
N ASN G 316 15.04 4.27 -28.12
CA ASN G 316 15.64 4.59 -29.45
C ASN G 316 16.72 5.67 -29.29
N THR G 317 17.65 5.47 -28.35
CA THR G 317 18.75 6.43 -28.23
C THR G 317 19.91 6.08 -29.17
N PHE G 318 20.36 4.83 -29.16
CA PHE G 318 21.46 4.38 -30.00
C PHE G 318 21.01 3.61 -31.23
N LYS G 319 19.76 3.78 -31.64
CA LYS G 319 19.17 3.06 -32.77
C LYS G 319 18.87 4.07 -33.87
N VAL G 320 19.63 4.02 -34.96
CA VAL G 320 19.52 5.06 -35.98
C VAL G 320 18.57 4.71 -37.11
N LEU G 321 18.14 3.45 -37.22
CA LEU G 321 17.04 3.12 -38.13
C LEU G 321 15.69 3.14 -37.43
N SER G 322 15.65 2.85 -36.14
CA SER G 322 14.45 2.96 -35.34
C SER G 322 14.17 4.39 -34.89
N LYS G 323 15.05 5.34 -35.23
CA LYS G 323 14.80 6.75 -35.01
C LYS G 323 14.25 7.43 -36.25
N PHE G 324 14.59 6.96 -37.43
CA PHE G 324 14.04 7.51 -38.66
C PHE G 324 12.58 7.12 -38.84
N PHE G 325 12.16 6.01 -38.26
CA PHE G 325 10.77 5.57 -38.36
C PHE G 325 9.92 6.02 -37.19
N PHE G 326 10.50 6.68 -36.19
CA PHE G 326 9.70 7.34 -35.18
C PHE G 326 9.19 8.69 -35.67
N PHE G 327 9.97 9.38 -36.50
CA PHE G 327 9.62 10.68 -37.03
C PHE G 327 8.87 10.58 -38.36
N ILE G 328 8.71 9.39 -38.91
CA ILE G 328 7.72 9.17 -39.96
C ILE G 328 6.33 8.99 -39.33
N PHE G 329 6.26 8.29 -38.21
CA PHE G 329 4.99 8.13 -37.50
C PHE G 329 4.49 9.44 -36.91
N VAL G 330 5.36 10.41 -36.64
CA VAL G 330 4.91 11.67 -36.05
C VAL G 330 4.25 12.56 -37.10
N PHE G 331 4.92 12.79 -38.22
CA PHE G 331 4.35 13.62 -39.27
C PHE G 331 3.25 12.93 -40.07
N ASN G 332 2.99 11.65 -39.82
CA ASN G 332 1.83 10.98 -40.38
C ASN G 332 0.58 11.21 -39.52
N PHE G 333 0.75 11.43 -38.22
CA PHE G 333 -0.35 11.80 -37.35
C PHE G 333 -0.75 13.26 -37.52
N VAL G 334 0.11 14.07 -38.14
CA VAL G 334 -0.18 15.46 -38.45
C VAL G 334 -0.87 15.59 -39.81
N LEU G 335 -0.43 14.79 -40.78
CA LEU G 335 -1.11 14.75 -42.08
C LEU G 335 -2.48 14.11 -41.96
N LEU G 336 -2.66 13.19 -41.01
CA LEU G 336 -3.99 12.63 -40.79
C LEU G 336 -4.91 13.63 -40.14
N GLY G 337 -4.39 14.51 -39.28
CA GLY G 337 -5.22 15.54 -38.68
C GLY G 337 -5.60 16.63 -39.64
N GLN G 338 -4.73 16.93 -40.59
CA GLN G 338 -5.04 17.93 -41.61
C GLN G 338 -6.13 17.46 -42.55
N ILE G 339 -6.15 16.17 -42.90
CA ILE G 339 -7.13 15.65 -43.86
C ILE G 339 -8.52 15.53 -43.23
N GLY G 340 -8.59 15.30 -41.93
CA GLY G 340 -9.88 15.28 -41.25
C GLY G 340 -10.57 16.62 -41.12
N ALA G 341 -9.95 17.71 -41.59
CA ALA G 341 -10.58 19.02 -41.66
C ALA G 341 -10.65 19.52 -43.10
N CYS G 342 -10.65 18.62 -44.06
CA CYS G 342 -10.76 18.96 -45.48
C CYS G 342 -12.12 18.52 -45.99
N HIS G 343 -12.33 18.67 -47.29
CA HIS G 343 -13.52 18.17 -47.93
C HIS G 343 -13.27 16.79 -48.52
N VAL G 344 -14.35 16.03 -48.71
CA VAL G 344 -14.26 14.70 -49.28
C VAL G 344 -14.11 14.87 -50.78
N GLU G 345 -12.86 14.96 -51.25
CA GLU G 345 -12.59 15.34 -52.62
C GLU G 345 -11.35 14.61 -53.10
N VAL G 346 -10.96 14.93 -54.33
CA VAL G 346 -9.71 14.42 -54.90
C VAL G 346 -8.62 15.46 -54.68
N PRO G 347 -7.46 15.10 -54.12
CA PRO G 347 -7.04 13.75 -53.73
C PRO G 347 -7.09 13.47 -52.25
N TYR G 348 -8.02 14.08 -51.52
CA TYR G 348 -8.03 13.92 -50.08
C TYR G 348 -8.78 12.68 -49.62
N VAL G 349 -9.07 11.76 -50.55
CA VAL G 349 -9.58 10.45 -50.19
C VAL G 349 -8.56 9.35 -50.41
N LEU G 350 -7.65 9.51 -51.38
CA LEU G 350 -6.54 8.58 -51.56
C LEU G 350 -5.36 8.92 -50.66
N MET G 351 -5.19 10.19 -50.30
CA MET G 351 -4.19 10.58 -49.32
C MET G 351 -4.55 10.16 -47.92
N GLY G 352 -5.82 10.17 -47.56
CA GLY G 352 -6.24 9.66 -46.28
C GLY G 352 -6.38 8.17 -46.22
N GLN G 353 -6.22 7.49 -47.36
CA GLN G 353 -6.24 6.03 -47.44
C GLN G 353 -4.86 5.43 -47.33
N ILE G 354 -3.86 6.04 -47.96
CA ILE G 354 -2.48 5.60 -47.81
C ILE G 354 -1.99 5.89 -46.40
N ALA G 355 -2.28 7.09 -45.89
CA ALA G 355 -1.77 7.50 -44.60
C ALA G 355 -2.49 6.86 -43.42
N THR G 356 -3.61 6.18 -43.63
CA THR G 356 -4.16 5.35 -42.56
C THR G 356 -3.67 3.92 -42.66
N PHE G 357 -2.93 3.58 -43.71
CA PHE G 357 -2.23 2.31 -43.78
C PHE G 357 -0.86 2.39 -43.10
N ILE G 358 -0.19 3.54 -43.21
CA ILE G 358 1.07 3.75 -42.50
C ILE G 358 0.86 3.87 -41.00
N TYR G 359 -0.37 4.13 -40.56
CA TYR G 359 -0.66 4.07 -39.14
C TYR G 359 -0.65 2.64 -38.63
N PHE G 360 -0.91 1.69 -39.50
CA PHE G 360 -0.99 0.28 -39.09
C PHE G 360 0.22 -0.53 -39.49
N ALA G 361 0.93 -0.14 -40.54
CA ALA G 361 2.15 -0.83 -40.92
C ALA G 361 3.31 -0.51 -39.98
N TYR G 362 3.20 0.54 -39.16
CA TYR G 362 4.23 0.84 -38.18
C TYR G 362 4.23 -0.20 -37.06
N PHE G 363 3.08 -0.41 -36.42
CA PHE G 363 3.00 -1.28 -35.27
C PHE G 363 3.13 -2.75 -35.61
N LEU G 364 2.98 -3.13 -36.89
CA LEU G 364 2.93 -4.54 -37.25
C LEU G 364 3.95 -4.97 -38.30
N ILE G 365 4.43 -4.09 -39.17
CA ILE G 365 5.37 -4.51 -40.21
C ILE G 365 6.69 -3.76 -40.09
N ILE G 366 6.66 -2.53 -39.61
CA ILE G 366 7.87 -1.71 -39.59
C ILE G 366 8.67 -1.95 -38.32
N VAL G 367 8.00 -2.10 -37.18
CA VAL G 367 8.70 -2.38 -35.93
C VAL G 367 9.44 -3.71 -35.92
N PRO G 368 8.81 -4.88 -36.20
CA PRO G 368 9.55 -6.14 -35.99
C PRO G 368 10.58 -6.44 -37.06
N VAL G 369 10.53 -5.80 -38.22
CA VAL G 369 11.54 -6.04 -39.23
C VAL G 369 12.79 -5.21 -38.95
N ILE G 370 12.61 -3.98 -38.49
CA ILE G 370 13.75 -3.10 -38.22
C ILE G 370 14.36 -3.39 -36.84
N SER G 371 13.58 -3.85 -35.87
CA SER G 371 14.13 -4.21 -34.58
C SER G 371 14.78 -5.58 -34.57
N THR G 372 14.81 -6.27 -35.70
CA THR G 372 15.52 -7.53 -35.89
C THR G 372 16.79 -7.35 -36.71
N ILE G 373 16.75 -6.46 -37.71
CA ILE G 373 17.94 -6.10 -38.47
C ILE G 373 19.00 -5.47 -37.59
N GLU G 374 18.60 -4.74 -36.56
CA GLU G 374 19.56 -4.08 -35.70
C GLU G 374 20.25 -5.07 -34.76
N ASN G 375 19.54 -6.13 -34.35
CA ASN G 375 20.13 -7.14 -33.48
C ASN G 375 21.26 -7.90 -34.18
N VAL G 376 21.17 -8.05 -35.49
CA VAL G 376 22.26 -8.69 -36.23
C VAL G 376 23.37 -7.69 -36.52
N LEU G 377 23.02 -6.41 -36.72
CA LEU G 377 24.03 -5.41 -37.04
C LEU G 377 24.82 -4.94 -35.81
N PHE G 378 24.28 -5.10 -34.61
CA PHE G 378 25.09 -4.93 -33.41
C PHE G 378 25.98 -6.14 -33.12
N TYR G 379 25.75 -7.26 -33.80
CA TYR G 379 26.47 -8.50 -33.56
C TYR G 379 27.63 -8.66 -34.53
N ILE G 380 27.37 -8.62 -35.84
CA ILE G 380 28.44 -8.82 -36.82
C ILE G 380 29.36 -7.62 -36.97
N GLY G 381 29.01 -6.49 -36.35
CA GLY G 381 29.93 -5.38 -36.28
C GLY G 381 31.00 -5.51 -35.22
N ARG G 382 30.84 -6.47 -34.31
CA ARG G 382 31.77 -6.69 -33.20
C ARG G 382 32.47 -8.04 -33.27
N VAL G 383 31.70 -9.12 -33.47
CA VAL G 383 32.21 -10.47 -33.29
C VAL G 383 33.10 -10.84 -34.46
N ASN G 384 34.36 -11.20 -34.15
CA ASN G 384 35.36 -11.56 -35.15
C ASN G 384 35.24 -13.05 -35.42
N LYS G 385 34.51 -13.40 -36.47
CA LYS G 385 34.34 -14.80 -36.87
C LYS G 385 34.33 -14.93 -38.38
N VAL H 2 -84.68 4.69 -3.35
CA VAL H 2 -83.56 4.39 -2.46
C VAL H 2 -82.86 5.68 -2.05
N THR H 3 -82.48 5.76 -0.77
CA THR H 3 -81.74 6.88 -0.24
C THR H 3 -80.25 6.53 -0.22
N ASP H 4 -79.43 7.43 0.31
CA ASP H 4 -78.01 7.13 0.46
C ASP H 4 -77.80 6.12 1.57
N GLN H 5 -76.78 5.27 1.40
CA GLN H 5 -76.51 4.22 2.37
C GLN H 5 -75.80 4.73 3.61
N LEU H 6 -75.38 5.98 3.63
CA LEU H 6 -74.61 6.51 4.74
C LEU H 6 -75.50 7.09 5.84
N GLU H 7 -76.47 7.93 5.47
CA GLU H 7 -77.20 8.74 6.44
C GLU H 7 -78.11 7.90 7.34
N ASP H 8 -78.62 6.78 6.84
CA ASP H 8 -79.44 5.92 7.69
C ASP H 8 -78.58 5.16 8.71
N LEU H 9 -77.38 4.75 8.29
CA LEU H 9 -76.41 4.24 9.27
C LEU H 9 -75.94 5.33 10.21
N ARG H 10 -75.86 6.58 9.72
CA ARG H 10 -75.56 7.70 10.59
C ARG H 10 -76.67 7.94 11.61
N GLU H 11 -77.91 7.56 11.28
CA GLU H 11 -79.05 7.77 12.16
C GLU H 11 -79.36 6.58 13.04
N HIS H 12 -79.13 5.35 12.56
CA HIS H 12 -79.41 4.16 13.36
C HIS H 12 -78.48 4.06 14.57
N PHE H 13 -77.18 4.29 14.37
CA PHE H 13 -76.24 4.33 15.48
C PHE H 13 -76.33 5.63 16.27
N LYS H 14 -77.01 6.64 15.74
CA LYS H 14 -77.41 7.79 16.54
C LYS H 14 -78.62 7.49 17.40
N ASN H 15 -79.25 6.33 17.23
CA ASN H 15 -80.48 5.96 17.91
C ASN H 15 -80.27 4.75 18.82
N THR H 16 -79.09 4.65 19.41
CA THR H 16 -78.75 3.57 20.36
C THR H 16 -78.32 4.20 21.69
N GLU H 17 -77.95 3.32 22.65
CA GLU H 17 -77.79 3.74 24.03
C GLU H 17 -76.58 4.67 24.23
N GLU H 18 -75.57 4.58 23.38
CA GLU H 18 -74.47 5.52 23.43
C GLU H 18 -74.64 6.66 22.43
N GLY H 19 -75.32 6.42 21.31
CA GLY H 19 -75.73 7.49 20.44
C GLY H 19 -76.72 8.48 21.04
N LYS H 20 -77.42 8.10 22.11
CA LYS H 20 -78.18 9.05 22.93
C LYS H 20 -77.30 9.81 23.91
N ALA H 21 -76.22 9.17 24.37
CA ALA H 21 -75.40 9.78 25.42
C ALA H 21 -74.60 10.96 24.88
N LEU H 22 -74.08 10.84 23.67
CA LEU H 22 -73.25 11.89 23.10
C LEU H 22 -74.03 12.85 22.22
N VAL H 23 -75.36 12.76 22.22
CA VAL H 23 -76.21 13.77 21.61
C VAL H 23 -77.01 14.54 22.64
N HIS H 24 -77.22 13.98 23.84
CA HIS H 24 -77.81 14.73 24.93
C HIS H 24 -76.76 15.58 25.65
N HIS H 25 -75.49 15.44 25.28
CA HIS H 25 -74.45 16.36 25.71
C HIS H 25 -74.24 17.50 24.73
N TYR H 26 -74.42 17.25 23.42
CA TYR H 26 -74.27 18.32 22.46
C TYR H 26 -75.45 19.28 22.53
N GLU H 27 -76.62 18.83 22.98
CA GLU H 27 -77.73 19.76 23.13
C GLU H 27 -77.55 20.64 24.37
N GLU H 28 -77.05 20.08 25.48
CA GLU H 28 -76.95 20.84 26.71
C GLU H 28 -75.76 21.78 26.72
N CYS H 29 -74.82 21.59 25.79
CA CYS H 29 -73.80 22.58 25.56
C CYS H 29 -74.24 23.61 24.54
N ALA H 30 -75.40 23.40 23.90
CA ALA H 30 -75.89 24.27 22.84
C ALA H 30 -76.91 25.30 23.30
N GLU H 31 -77.58 25.12 24.45
CA GLU H 31 -78.47 26.19 24.89
C GLU H 31 -77.73 27.24 25.70
N ARG H 32 -76.72 26.84 26.48
CA ARG H 32 -76.06 27.79 27.35
C ARG H 32 -74.95 28.56 26.64
N VAL H 33 -74.60 28.16 25.41
CA VAL H 33 -73.68 28.96 24.61
C VAL H 33 -74.40 30.18 24.04
N LYS H 34 -75.71 30.12 23.85
CA LYS H 34 -76.42 31.26 23.28
C LYS H 34 -77.50 31.83 24.19
N ILE H 35 -77.64 31.33 25.42
CA ILE H 35 -78.28 32.13 26.46
C ILE H 35 -77.46 33.40 26.70
N GLN H 36 -76.15 33.28 26.64
CA GLN H 36 -75.22 34.37 26.92
C GLN H 36 -74.87 35.20 25.68
N GLN H 37 -75.43 34.89 24.52
CA GLN H 37 -75.06 35.64 23.32
C GLN H 37 -75.82 36.96 23.21
N GLN H 38 -77.11 36.95 23.54
CA GLN H 38 -77.87 38.20 23.47
C GLN H 38 -77.67 39.08 24.69
N GLN H 39 -76.98 38.59 25.72
CA GLN H 39 -76.65 39.42 26.86
C GLN H 39 -75.61 40.46 26.45
N PRO H 40 -75.66 41.67 27.00
CA PRO H 40 -74.95 42.81 26.38
C PRO H 40 -73.43 42.72 26.51
N GLY H 41 -72.76 43.45 25.62
CA GLY H 41 -71.33 43.41 25.53
C GLY H 41 -70.78 42.31 24.65
N TYR H 42 -71.55 41.85 23.67
CA TYR H 42 -71.18 40.63 22.95
C TYR H 42 -70.00 40.84 22.01
N ALA H 43 -69.94 41.99 21.34
CA ALA H 43 -68.79 42.29 20.49
C ALA H 43 -67.62 42.85 21.26
N ASP H 44 -67.79 43.14 22.55
CA ASP H 44 -66.71 43.68 23.39
C ASP H 44 -66.30 42.70 24.48
N LEU H 45 -66.50 41.41 24.28
CA LEU H 45 -66.16 40.43 25.30
C LEU H 45 -65.65 39.16 24.62
N GLU H 46 -64.35 38.95 24.66
CA GLU H 46 -63.77 37.63 24.51
C GLU H 46 -63.92 36.89 25.84
N HIS H 47 -63.27 35.72 25.94
CA HIS H 47 -63.51 34.76 27.03
C HIS H 47 -65.00 34.37 27.06
N LYS H 48 -65.38 33.65 26.00
CA LYS H 48 -66.72 33.08 25.84
C LYS H 48 -66.61 31.75 25.10
N GLU H 49 -67.68 30.96 25.20
CA GLU H 49 -67.61 29.51 24.96
C GLU H 49 -67.94 29.17 23.50
N ASP H 50 -67.39 28.04 23.04
CA ASP H 50 -67.59 27.53 21.68
C ASP H 50 -67.68 26.02 21.77
N CYS H 51 -68.37 25.41 20.79
CA CYS H 51 -68.84 24.04 20.94
C CYS H 51 -68.30 23.11 19.86
N VAL H 52 -67.04 23.31 19.46
CA VAL H 52 -66.38 22.34 18.58
C VAL H 52 -65.90 21.14 19.40
N GLU H 53 -65.88 21.25 20.74
CA GLU H 53 -65.48 20.17 21.62
C GLU H 53 -66.46 19.02 21.58
N GLU H 54 -67.71 19.28 21.95
CA GLU H 54 -68.72 18.24 22.04
C GLU H 54 -69.22 17.78 20.69
N PHE H 55 -68.96 18.53 19.62
CA PHE H 55 -69.33 18.09 18.28
C PHE H 55 -68.43 16.96 17.81
N PHE H 56 -67.14 17.03 18.13
CA PHE H 56 -66.18 16.02 17.68
C PHE H 56 -66.32 14.71 18.43
N HIS H 57 -66.85 14.75 19.66
CA HIS H 57 -67.05 13.52 20.41
C HIS H 57 -68.20 12.70 19.84
N LEU H 58 -69.22 13.38 19.32
CA LEU H 58 -70.32 12.67 18.68
C LEU H 58 -69.96 12.22 17.27
N GLN H 59 -69.16 12.99 16.54
CA GLN H 59 -68.79 12.67 15.17
C GLN H 59 -67.52 11.83 15.10
N HIS H 60 -67.21 11.10 16.14
CA HIS H 60 -66.14 10.11 16.18
C HIS H 60 -66.64 8.74 16.60
N TYR H 61 -67.56 8.68 17.56
CA TYR H 61 -68.19 7.42 17.93
C TYR H 61 -69.08 6.92 16.81
N LEU H 62 -69.73 7.83 16.09
CA LEU H 62 -70.48 7.45 14.91
C LEU H 62 -69.54 7.01 13.79
N ASP H 63 -68.39 7.68 13.66
CA ASP H 63 -67.47 7.39 12.57
C ASP H 63 -66.65 6.12 12.78
N THR H 64 -66.70 5.52 13.97
CA THR H 64 -66.06 4.23 14.20
C THR H 64 -67.03 3.06 14.18
N ALA H 65 -68.33 3.33 14.36
CA ALA H 65 -69.34 2.31 14.19
C ALA H 65 -69.85 2.25 12.76
N THR H 66 -69.54 3.25 11.94
CA THR H 66 -69.95 3.27 10.54
C THR H 66 -68.78 3.03 9.59
N ALA H 67 -67.57 2.98 10.11
CA ALA H 67 -66.41 2.76 9.24
C ALA H 67 -66.31 1.33 8.70
N PRO H 68 -66.33 0.23 9.54
CA PRO H 68 -66.27 -1.09 8.90
C PRO H 68 -67.63 -1.64 8.53
N ARG H 69 -68.52 -0.81 7.99
CA ARG H 69 -69.86 -1.26 7.68
C ARG H 69 -70.41 -0.69 6.38
N LEU H 70 -69.72 0.22 5.72
CA LEU H 70 -70.34 0.99 4.65
C LEU H 70 -70.16 0.36 3.27
N PHE H 71 -68.95 -0.10 2.94
CA PHE H 71 -68.64 -0.51 1.58
C PHE H 71 -69.23 -1.87 1.21
N ASP H 72 -69.85 -2.57 2.15
CA ASP H 72 -70.65 -3.74 1.82
C ASP H 72 -72.06 -3.36 1.43
N LYS H 73 -72.58 -2.26 1.96
CA LYS H 73 -73.88 -1.74 1.54
C LYS H 73 -73.77 -0.97 0.23
N LEU H 74 -72.60 -0.43 -0.08
CA LEU H 74 -72.40 0.31 -1.32
C LEU H 74 -72.11 -0.65 -2.46
N LYS H 75 -71.72 -0.09 -3.60
CA LYS H 75 -71.34 -0.90 -4.74
C LYS H 75 -70.04 -0.35 -5.33
N PRO I 1 -6.69 5.01 30.77
CA PRO I 1 -5.37 5.50 31.17
C PRO I 1 -5.39 6.21 32.52
N GLN I 2 -5.48 5.44 33.63
CA GLN I 2 -5.82 6.12 34.92
C GLN I 2 -4.78 5.79 36.00
N SER I 3 -3.51 5.25 35.26
CA SER I 3 -2.32 4.95 36.14
C SER I 3 -2.58 4.06 37.37
N PHE I 4 -1.91 2.91 37.44
CA PHE I 4 -2.00 1.95 38.54
C PHE I 4 -1.33 2.36 39.87
N THR I 5 -0.49 3.16 39.48
CA THR I 5 0.00 3.85 40.66
C THR I 5 -1.11 4.61 41.37
N SER I 6 -1.92 5.35 40.60
CA SER I 6 -3.00 6.15 41.17
C SER I 6 -4.16 5.28 41.63
N ILE I 7 -4.38 4.15 40.95
CA ILE I 7 -5.41 3.20 41.36
C ILE I 7 -5.04 2.58 42.70
N ALA I 8 -3.76 2.25 42.87
CA ALA I 8 -3.29 1.66 44.12
C ALA I 8 -3.15 2.70 45.23
N ARG I 9 -2.98 3.98 44.88
CA ARG I 9 -2.95 5.02 45.89
C ARG I 9 -4.32 5.22 46.51
N ILE I 10 -5.36 5.27 45.67
CA ILE I 10 -6.73 5.38 46.17
C ILE I 10 -7.18 4.07 46.80
N GLY I 11 -6.76 2.94 46.22
CA GLY I 11 -7.24 1.65 46.68
C GLY I 11 -6.69 1.25 48.03
N ASP I 12 -5.43 1.62 48.30
CA ASP I 12 -4.87 1.33 49.62
C ASP I 12 -5.51 2.19 50.70
N TYR I 13 -5.91 3.42 50.36
CA TYR I 13 -6.51 4.32 51.34
C TYR I 13 -7.89 3.84 51.78
N ILE I 14 -8.62 3.14 50.91
CA ILE I 14 -9.89 2.56 51.31
C ILE I 14 -9.67 1.30 52.14
N LEU I 15 -8.66 0.51 51.81
CA LEU I 15 -8.40 -0.73 52.54
C LEU I 15 -7.79 -0.47 53.90
N LYS I 16 -7.03 0.61 54.06
CA LYS I 16 -6.49 0.95 55.37
C LYS I 16 -7.57 1.52 56.28
N SER I 17 -8.52 2.25 55.70
CA SER I 17 -9.59 2.86 56.46
C SER I 17 -10.57 1.78 56.94
N PRO I 18 -10.81 1.63 58.24
CA PRO I 18 -11.71 0.57 58.70
C PRO I 18 -13.17 0.89 58.55
N VAL I 19 -13.54 2.14 58.29
CA VAL I 19 -14.95 2.52 58.22
C VAL I 19 -15.34 2.66 56.75
N LEU I 20 -14.35 2.89 55.88
CA LEU I 20 -14.66 2.94 54.46
C LEU I 20 -14.75 1.55 53.85
N SER I 21 -14.00 0.59 54.39
CA SER I 21 -13.98 -0.77 53.89
C SER I 21 -15.07 -1.64 54.47
N LYS I 22 -16.11 -1.05 55.05
CA LYS I 22 -17.37 -1.75 55.27
C LYS I 22 -18.47 -1.21 54.39
N LEU I 23 -18.17 -0.20 53.58
CA LEU I 23 -19.08 0.37 52.60
C LEU I 23 -18.75 -0.04 51.18
N CYS I 24 -17.47 -0.04 50.82
CA CYS I 24 -17.07 -0.26 49.44
C CYS I 24 -16.77 -1.72 49.11
N VAL I 25 -16.33 -2.52 50.08
CA VAL I 25 -15.96 -3.90 49.77
C VAL I 25 -17.15 -4.83 49.46
N PRO I 26 -18.39 -4.67 49.98
CA PRO I 26 -19.46 -5.53 49.42
C PRO I 26 -19.90 -5.09 48.04
N VAL I 27 -19.84 -3.79 47.75
CA VAL I 27 -20.12 -3.29 46.41
C VAL I 27 -19.05 -3.74 45.44
N ALA I 28 -17.82 -3.91 45.92
CA ALA I 28 -16.76 -4.43 45.06
C ALA I 28 -16.93 -5.92 44.76
N ASN I 29 -17.65 -6.65 45.60
CA ASN I 29 -17.85 -8.08 45.39
C ASN I 29 -19.02 -8.40 44.49
N GLN I 30 -20.10 -7.63 44.56
CA GLN I 30 -21.21 -7.85 43.63
C GLN I 30 -20.87 -7.36 42.24
N PHE I 31 -19.96 -6.40 42.13
CA PHE I 31 -19.51 -5.91 40.84
C PHE I 31 -18.65 -6.93 40.12
N ILE I 32 -18.03 -7.86 40.85
CA ILE I 32 -17.17 -8.86 40.23
C ILE I 32 -18.00 -10.01 39.65
N ASN I 33 -18.98 -10.50 40.43
CA ASN I 33 -19.83 -11.58 39.96
C ASN I 33 -20.76 -11.14 38.84
N LEU I 34 -21.21 -9.89 38.86
CA LEU I 34 -22.05 -9.38 37.79
C LEU I 34 -21.26 -9.03 36.55
N ALA I 35 -19.93 -8.90 36.66
CA ALA I 35 -19.11 -8.82 35.46
C ALA I 35 -19.08 -10.15 34.73
N GLY I 36 -18.96 -11.24 35.47
CA GLY I 36 -19.08 -12.57 34.90
C GLY I 36 -17.89 -13.05 34.11
N TYR I 37 -16.71 -12.49 34.34
CA TYR I 37 -15.54 -12.90 33.58
C TYR I 37 -14.97 -14.23 34.05
N LYS I 38 -15.32 -14.68 35.26
CA LYS I 38 -14.82 -15.96 35.74
C LYS I 38 -15.49 -17.14 35.04
N LYS I 39 -16.74 -16.96 34.60
CA LYS I 39 -17.47 -18.04 33.95
C LYS I 39 -16.90 -18.38 32.57
N LEU I 40 -16.20 -17.44 31.94
CA LEU I 40 -15.49 -17.69 30.69
C LEU I 40 -14.09 -18.23 30.90
N GLY I 41 -13.71 -18.51 32.14
CA GLY I 41 -12.39 -19.03 32.43
C GLY I 41 -11.30 -18.00 32.26
N LEU I 42 -11.39 -16.88 32.97
CA LEU I 42 -10.38 -15.83 32.91
C LEU I 42 -10.22 -15.19 34.28
N LYS I 43 -8.98 -14.87 34.62
CA LYS I 43 -8.69 -14.00 35.75
C LYS I 43 -8.81 -12.54 35.30
N PHE I 44 -8.68 -11.61 36.25
CA PHE I 44 -8.91 -10.22 35.88
C PHE I 44 -7.73 -9.63 35.10
N ASP I 45 -6.51 -10.07 35.39
CA ASP I 45 -5.35 -9.52 34.71
C ASP I 45 -5.22 -9.97 33.27
N ASP I 46 -6.08 -10.88 32.82
CA ASP I 46 -6.17 -11.22 31.41
C ASP I 46 -6.87 -10.13 30.62
N LEU I 47 -7.79 -9.42 31.26
CA LEU I 47 -8.69 -8.46 30.63
C LEU I 47 -8.01 -7.15 30.25
N ILE I 48 -6.83 -6.90 30.80
CA ILE I 48 -6.18 -5.60 30.65
C ILE I 48 -5.66 -5.42 29.24
N ALA I 49 -5.91 -4.26 28.66
CA ALA I 49 -5.41 -3.95 27.33
C ALA I 49 -3.89 -3.83 27.34
N GLU I 50 -3.27 -4.37 26.31
CA GLU I 50 -1.81 -4.53 26.27
C GLU I 50 -1.17 -3.69 25.17
N GLU I 51 -1.84 -2.67 24.67
CA GLU I 51 -1.37 -1.92 23.52
C GLU I 51 -0.69 -0.61 23.90
N ASN I 52 0.05 -0.59 25.00
CA ASN I 52 0.87 0.54 25.42
C ASN I 52 2.25 0.05 25.87
N PRO I 53 3.29 0.91 25.80
CA PRO I 53 4.66 0.44 26.10
C PRO I 53 4.99 0.13 27.55
N ILE I 54 4.02 0.14 28.45
CA ILE I 54 4.23 -0.33 29.81
C ILE I 54 3.72 -1.76 29.99
N MET I 55 2.58 -2.09 29.40
CA MET I 55 2.10 -3.46 29.43
C MET I 55 2.89 -4.38 28.52
N GLN I 56 3.60 -3.82 27.52
CA GLN I 56 4.49 -4.66 26.73
C GLN I 56 5.77 -4.98 27.48
N THR I 57 6.17 -4.12 28.42
CA THR I 57 7.32 -4.40 29.27
C THR I 57 6.97 -5.44 30.35
N ALA I 58 5.80 -5.30 30.97
CA ALA I 58 5.39 -6.17 32.06
C ALA I 58 5.04 -7.58 31.60
N LEU I 59 4.93 -7.83 30.30
CA LEU I 59 4.65 -9.17 29.81
C LEU I 59 5.91 -9.94 29.46
N ARG I 60 6.98 -9.25 29.07
CA ARG I 60 8.26 -9.92 28.83
C ARG I 60 8.88 -10.42 30.12
N ARG I 61 8.76 -9.67 31.20
CA ARG I 61 9.37 -10.03 32.48
C ARG I 61 8.62 -11.12 33.21
N LEU I 62 7.51 -11.57 32.69
CA LEU I 62 6.70 -12.60 33.32
C LEU I 62 7.38 -13.95 33.15
N PRO I 63 7.33 -14.82 34.16
CA PRO I 63 7.94 -16.15 34.04
C PRO I 63 7.21 -17.02 33.03
N GLU I 64 7.95 -17.93 32.41
CA GLU I 64 7.43 -18.69 31.27
C GLU I 64 6.42 -19.75 31.65
N ASP I 65 6.43 -20.22 32.90
CA ASP I 65 5.39 -21.16 33.30
C ASP I 65 4.04 -20.47 33.48
N GLU I 66 4.06 -19.17 33.79
CA GLU I 66 2.83 -18.37 33.83
C GLU I 66 2.48 -17.79 32.48
N SER I 67 3.46 -17.58 31.61
CA SER I 67 3.20 -17.04 30.29
C SER I 67 2.56 -18.07 29.37
N TYR I 68 2.77 -19.37 29.61
CA TYR I 68 2.14 -20.40 28.82
C TYR I 68 0.71 -20.69 29.27
N ALA I 69 0.45 -20.63 30.58
CA ALA I 69 -0.88 -20.93 31.09
C ALA I 69 -1.87 -19.82 30.83
N ARG I 70 -1.41 -18.62 30.51
CA ARG I 70 -2.27 -17.49 30.20
C ARG I 70 -2.67 -17.48 28.74
N ALA I 71 -1.82 -17.97 27.84
CA ALA I 71 -2.17 -18.10 26.43
C ALA I 71 -3.22 -19.16 26.18
N TYR I 72 -3.42 -20.09 27.12
CA TYR I 72 -4.47 -21.09 27.01
C TYR I 72 -5.80 -20.60 27.57
N ARG I 73 -5.77 -19.75 28.60
CA ARG I 73 -7.01 -19.20 29.14
C ARG I 73 -7.67 -18.25 28.16
N ILE I 74 -6.89 -17.60 27.31
CA ILE I 74 -7.42 -16.69 26.31
C ILE I 74 -8.08 -17.48 25.18
N ILE I 75 -7.43 -18.55 24.73
CA ILE I 75 -7.93 -19.35 23.62
C ILE I 75 -9.16 -20.14 24.03
N ARG I 76 -9.18 -20.64 25.27
CA ARG I 76 -10.38 -21.30 25.80
C ARG I 76 -11.57 -20.35 25.95
N ALA I 77 -11.33 -19.04 26.06
CA ALA I 77 -12.41 -18.08 26.16
C ALA I 77 -12.93 -17.61 24.82
N HIS I 78 -12.09 -17.59 23.78
CA HIS I 78 -12.54 -17.28 22.43
C HIS I 78 -13.43 -18.36 21.83
N GLN I 79 -13.27 -19.60 22.27
CA GLN I 79 -14.11 -20.70 21.82
C GLN I 79 -15.40 -20.82 22.61
N THR I 80 -15.42 -20.40 23.87
CA THR I 80 -16.67 -20.40 24.63
C THR I 80 -17.62 -19.32 24.13
N GLU I 81 -17.06 -18.22 23.62
CA GLU I 81 -17.84 -17.12 23.06
C GLU I 81 -18.47 -17.50 21.73
N LEU I 82 -17.73 -18.24 20.90
CA LEU I 82 -18.19 -18.56 19.55
C LEU I 82 -19.36 -19.53 19.55
N THR I 83 -19.36 -20.48 20.48
CA THR I 83 -20.45 -21.43 20.60
C THR I 83 -21.61 -20.90 21.42
N HIS I 84 -21.49 -19.69 21.96
CA HIS I 84 -22.51 -18.95 22.72
C HIS I 84 -22.94 -19.65 24.00
N HIS I 85 -22.17 -20.62 24.48
CA HIS I 85 -22.43 -21.33 25.73
C HIS I 85 -21.53 -20.77 26.82
N LEU I 86 -21.57 -21.40 27.98
CA LEU I 86 -20.62 -21.12 29.05
C LEU I 86 -19.90 -22.40 29.43
N LEU I 87 -18.74 -22.25 30.06
CA LEU I 87 -17.98 -23.39 30.54
C LEU I 87 -18.72 -24.04 31.71
N PRO I 88 -18.45 -25.32 31.98
CA PRO I 88 -19.05 -25.96 33.16
C PRO I 88 -18.52 -25.35 34.45
N ARG I 89 -19.22 -25.63 35.53
CA ARG I 89 -18.85 -25.10 36.84
C ARG I 89 -17.65 -25.80 37.46
N ASN I 90 -17.04 -26.76 36.77
CA ASN I 90 -15.76 -27.32 37.18
C ASN I 90 -14.58 -26.59 36.57
N GLU I 91 -14.81 -25.67 35.63
CA GLU I 91 -13.75 -24.92 34.99
C GLU I 91 -13.90 -23.42 35.20
N TRP I 92 -14.53 -23.02 36.30
CA TRP I 92 -14.63 -21.62 36.68
C TRP I 92 -13.55 -21.30 37.70
N ILE I 93 -12.93 -20.14 37.54
CA ILE I 93 -11.96 -19.66 38.51
C ILE I 93 -12.67 -19.32 39.81
N LYS I 94 -12.18 -19.88 40.91
CA LYS I 94 -12.78 -19.66 42.22
C LYS I 94 -12.30 -18.33 42.78
N ALA I 95 -12.77 -18.01 43.98
CA ALA I 95 -12.47 -16.72 44.60
C ALA I 95 -11.11 -16.67 45.27
N GLN I 96 -10.31 -17.73 45.17
CA GLN I 96 -8.99 -17.76 45.79
C GLN I 96 -7.85 -17.67 44.80
N GLU I 97 -8.04 -18.16 43.59
CA GLU I 97 -6.99 -18.13 42.58
C GLU I 97 -7.05 -16.90 41.67
N ASP I 98 -7.98 -15.98 41.91
CA ASP I 98 -8.04 -14.73 41.15
C ASP I 98 -7.19 -13.70 41.88
N VAL I 99 -5.89 -13.75 41.62
CA VAL I 99 -4.92 -12.90 42.28
C VAL I 99 -4.14 -12.12 41.23
N PRO I 100 -3.61 -10.93 41.55
CA PRO I 100 -2.83 -10.21 40.53
C PRO I 100 -1.44 -10.77 40.32
N TYR I 101 -1.24 -11.47 39.20
CA TYR I 101 0.08 -11.95 38.84
C TYR I 101 0.87 -10.95 38.03
N LEU I 102 0.25 -9.84 37.62
CA LEU I 102 0.86 -8.88 36.74
C LEU I 102 1.08 -7.52 37.38
N LEU I 103 0.43 -7.24 38.50
CA LEU I 103 0.57 -5.98 39.22
C LEU I 103 1.96 -5.71 39.80
N PRO I 104 2.74 -6.71 40.30
CA PRO I 104 4.13 -6.38 40.66
C PRO I 104 5.00 -5.97 39.48
N TYR I 105 4.82 -6.58 38.32
CA TYR I 105 5.62 -6.21 37.15
C TYR I 105 5.15 -4.89 36.55
N ILE I 106 3.92 -4.48 36.83
CA ILE I 106 3.37 -3.24 36.30
C ILE I 106 3.83 -2.05 37.12
N LEU I 107 3.79 -2.16 38.45
CA LEU I 107 4.05 -1.04 39.34
C LEU I 107 5.51 -0.60 39.32
N GLU I 108 6.43 -1.47 38.92
CA GLU I 108 7.83 -1.10 38.83
C GLU I 108 8.23 -0.68 37.42
N ALA I 109 7.44 -0.99 36.41
CA ALA I 109 7.65 -0.43 35.09
C ALA I 109 7.14 0.99 34.99
N GLU I 110 6.25 1.39 35.90
CA GLU I 110 5.73 2.75 35.96
C GLU I 110 6.62 3.66 36.79
N ALA I 111 7.13 3.18 37.93
CA ALA I 111 8.00 3.97 38.77
C ALA I 111 9.35 4.24 38.11
N ALA I 112 9.78 3.39 37.20
CA ALA I 112 10.97 3.68 36.42
C ALA I 112 10.70 4.63 35.27
N ALA I 113 9.42 4.82 34.91
CA ALA I 113 9.05 5.80 33.90
C ALA I 113 8.78 7.17 34.52
N LYS I 114 8.46 7.20 35.80
CA LYS I 114 8.34 8.44 36.57
C LYS I 114 9.68 8.82 37.23
N GLU I 115 10.78 8.41 36.64
CA GLU I 115 12.08 8.89 37.07
C GLU I 115 12.88 9.34 35.85
N LYS I 116 12.58 8.75 34.70
CA LYS I 116 13.25 9.15 33.47
C LYS I 116 12.75 10.49 32.94
N ASP I 117 11.51 10.86 33.26
CA ASP I 117 10.98 12.16 32.91
C ASP I 117 11.22 13.23 33.96
N GLU I 118 11.31 12.83 35.23
CA GLU I 118 11.68 13.77 36.28
C GLU I 118 13.13 14.19 36.18
N LEU I 119 13.98 13.33 35.61
CA LEU I 119 15.38 13.67 35.44
C LEU I 119 15.68 14.34 34.11
N ASP I 120 14.69 14.47 33.23
CA ASP I 120 14.87 15.20 31.98
C ASP I 120 14.17 16.54 31.95
N ASN I 121 13.43 16.89 33.01
CA ASN I 121 12.82 18.21 33.17
C ASN I 121 13.17 18.67 34.56
N ILE I 122 14.32 19.34 34.70
CA ILE I 122 14.95 19.51 36.00
C ILE I 122 15.66 20.85 36.01
N GLU I 123 15.60 21.54 37.15
CA GLU I 123 16.03 22.93 37.28
C GLU I 123 17.11 23.08 38.36
N VAL I 124 18.16 22.27 38.26
CA VAL I 124 19.28 22.35 39.19
C VAL I 124 20.01 23.67 39.02
N SER I 125 20.45 24.27 40.12
CA SER I 125 21.15 25.54 40.13
C SER I 125 22.43 25.44 40.94
N LYS I 126 23.38 26.31 40.63
CA LYS I 126 24.64 26.39 41.37
C LYS I 126 24.47 27.29 42.60
N SER J 2 -21.87 -41.40 -10.35
CA SER J 2 -23.33 -41.48 -10.23
C SER J 2 -23.92 -40.09 -10.06
N LEU J 3 -24.67 -39.90 -8.96
CA LEU J 3 -25.46 -38.68 -8.77
C LEU J 3 -24.57 -37.48 -8.53
N TYR J 4 -23.50 -37.63 -7.74
CA TYR J 4 -22.61 -36.49 -7.50
C TYR J 4 -21.77 -36.18 -8.74
N LYS J 5 -21.25 -37.19 -9.42
CA LYS J 5 -20.46 -37.01 -10.64
C LYS J 5 -21.32 -36.81 -11.89
N THR J 6 -22.63 -36.61 -11.76
CA THR J 6 -23.44 -36.33 -12.93
C THR J 6 -23.31 -34.87 -13.33
N PHE J 7 -23.77 -33.97 -12.46
CA PHE J 7 -23.80 -32.55 -12.77
C PHE J 7 -23.22 -31.68 -11.67
N PHE J 8 -22.59 -32.26 -10.64
CA PHE J 8 -21.99 -31.46 -9.58
C PHE J 8 -20.47 -31.49 -9.60
N LYS J 9 -19.86 -32.53 -10.17
CA LYS J 9 -18.41 -32.56 -10.36
C LYS J 9 -17.97 -31.52 -11.39
N ARG J 10 -18.70 -31.40 -12.49
CA ARG J 10 -18.30 -30.55 -13.61
C ARG J 10 -18.65 -29.10 -13.30
N ASN J 11 -17.64 -28.26 -13.08
CA ASN J 11 -17.99 -26.83 -12.87
C ASN J 11 -18.50 -26.23 -14.19
N ALA J 12 -17.94 -26.67 -15.32
CA ALA J 12 -18.49 -26.16 -16.58
C ALA J 12 -19.98 -26.42 -16.69
N VAL J 13 -20.47 -27.46 -16.01
CA VAL J 13 -21.90 -27.67 -15.82
C VAL J 13 -22.42 -26.83 -14.66
N PHE J 14 -21.67 -26.79 -13.55
CA PHE J 14 -22.05 -26.04 -12.36
C PHE J 14 -22.05 -24.53 -12.57
N VAL J 15 -21.53 -24.04 -13.69
CA VAL J 15 -21.70 -22.66 -14.13
C VAL J 15 -22.71 -22.69 -15.28
N GLY J 16 -22.72 -23.79 -16.03
CA GLY J 16 -23.63 -23.89 -17.17
C GLY J 16 -25.08 -24.11 -16.78
N THR J 17 -25.33 -25.13 -15.95
CA THR J 17 -26.69 -25.51 -15.60
C THR J 17 -27.35 -24.52 -14.64
N ILE J 18 -26.57 -23.83 -13.81
CA ILE J 18 -27.13 -22.74 -13.02
C ILE J 18 -27.49 -21.55 -13.89
N PHE J 19 -26.92 -21.45 -15.09
CA PHE J 19 -27.29 -20.44 -16.07
C PHE J 19 -28.39 -20.94 -17.02
N ALA J 20 -28.31 -22.21 -17.41
CA ALA J 20 -29.30 -22.79 -18.31
C ALA J 20 -30.63 -23.00 -17.59
N GLY J 21 -30.57 -23.39 -16.32
CA GLY J 21 -31.80 -23.56 -15.55
C GLY J 21 -32.49 -22.23 -15.26
N ALA J 22 -31.70 -21.16 -15.15
CA ALA J 22 -32.26 -19.84 -14.88
C ALA J 22 -32.96 -19.24 -16.09
N PHE J 23 -32.69 -19.76 -17.29
CA PHE J 23 -33.39 -19.27 -18.48
C PHE J 23 -34.82 -19.79 -18.51
N VAL J 24 -35.04 -21.07 -18.18
CA VAL J 24 -36.40 -21.57 -18.14
C VAL J 24 -37.04 -21.33 -16.79
N PHE J 25 -36.27 -20.92 -15.78
CA PHE J 25 -36.86 -20.60 -14.48
C PHE J 25 -37.70 -19.35 -14.54
N GLN J 26 -37.27 -18.33 -15.28
CA GLN J 26 -38.00 -17.06 -15.29
C GLN J 26 -39.34 -17.19 -16.02
N THR J 27 -39.49 -18.18 -16.90
CA THR J 27 -40.65 -18.23 -17.79
C THR J 27 -41.76 -19.13 -17.27
N VAL J 28 -41.41 -20.21 -16.57
CA VAL J 28 -42.43 -21.03 -15.94
C VAL J 28 -42.91 -20.42 -14.63
N PHE J 29 -42.19 -19.41 -14.13
CA PHE J 29 -42.50 -18.77 -12.86
C PHE J 29 -43.20 -17.42 -13.04
N ASP J 30 -42.89 -16.69 -14.12
CA ASP J 30 -43.64 -15.48 -14.42
C ASP J 30 -45.05 -15.81 -14.87
N THR J 31 -45.19 -16.85 -15.70
CA THR J 31 -46.51 -17.29 -16.13
C THR J 31 -47.31 -17.87 -14.95
N ALA J 32 -46.63 -18.47 -13.99
CA ALA J 32 -47.32 -19.05 -12.84
C ALA J 32 -47.85 -17.98 -11.91
N ILE J 33 -47.22 -16.80 -11.87
CA ILE J 33 -47.70 -15.73 -11.01
C ILE J 33 -48.50 -14.68 -11.77
N THR J 34 -48.44 -14.67 -13.10
CA THR J 34 -49.34 -13.82 -13.89
C THR J 34 -50.54 -14.65 -14.36
N SER J 35 -50.87 -15.65 -13.56
CA SER J 35 -52.17 -16.33 -13.59
C SER J 35 -52.76 -16.51 -12.21
N TRP J 36 -51.96 -16.33 -11.16
CA TRP J 36 -52.47 -16.26 -9.80
C TRP J 36 -52.93 -14.85 -9.44
N TYR J 37 -52.26 -13.83 -9.97
CA TYR J 37 -52.69 -12.46 -9.71
C TYR J 37 -54.00 -12.16 -10.40
N GLU J 38 -54.20 -12.73 -11.60
CA GLU J 38 -55.44 -12.53 -12.34
C GLU J 38 -56.61 -13.23 -11.66
N ASN J 39 -56.41 -14.50 -11.27
CA ASN J 39 -57.50 -15.29 -10.74
C ASN J 39 -57.90 -14.86 -9.33
N HIS J 40 -56.96 -14.26 -8.59
CA HIS J 40 -57.29 -13.74 -7.27
C HIS J 40 -58.17 -12.50 -7.36
N ASN J 41 -58.00 -11.70 -8.42
CA ASN J 41 -58.73 -10.46 -8.62
C ASN J 41 -59.51 -10.55 -9.92
N LYS J 42 -60.71 -11.11 -9.87
CA LYS J 42 -61.58 -11.15 -11.03
C LYS J 42 -62.85 -10.35 -10.77
N GLY J 43 -63.39 -9.76 -11.83
CA GLY J 43 -64.43 -8.78 -11.71
C GLY J 43 -63.94 -7.39 -11.43
N LYS J 44 -62.62 -7.18 -11.36
CA LYS J 44 -62.02 -5.88 -11.10
C LYS J 44 -60.98 -5.51 -12.15
N LEU J 45 -60.81 -6.32 -13.19
CA LEU J 45 -59.84 -6.03 -14.22
C LEU J 45 -60.51 -5.20 -15.31
N TRP J 46 -59.77 -4.91 -16.37
CA TRP J 46 -60.37 -4.19 -17.48
C TRP J 46 -61.02 -5.12 -18.48
N LYS J 47 -60.46 -6.32 -18.66
CA LYS J 47 -61.01 -7.27 -19.62
C LYS J 47 -62.33 -7.86 -19.12
N ASP J 48 -62.56 -7.85 -17.81
CA ASP J 48 -63.83 -8.33 -17.27
C ASP J 48 -64.95 -7.34 -17.53
N VAL J 49 -64.69 -6.05 -17.26
CA VAL J 49 -65.72 -5.03 -17.44
C VAL J 49 -65.80 -4.53 -18.88
N LYS J 50 -64.99 -5.05 -19.78
CA LYS J 50 -65.15 -4.82 -21.22
C LYS J 50 -65.87 -5.98 -21.88
N ALA J 51 -66.70 -6.66 -21.10
CA ALA J 51 -67.56 -7.72 -21.59
C ALA J 51 -68.99 -7.62 -21.08
N ARG J 52 -69.25 -6.78 -20.07
CA ARG J 52 -70.61 -6.42 -19.69
C ARG J 52 -71.02 -5.06 -20.23
N ILE J 53 -70.12 -4.37 -20.94
CA ILE J 53 -70.48 -3.18 -21.70
C ILE J 53 -70.61 -3.51 -23.20
N ALA J 54 -70.84 -4.78 -23.53
CA ALA J 54 -71.01 -5.18 -24.92
C ALA J 54 -72.34 -4.74 -25.50
N ALA J 55 -73.30 -4.34 -24.66
CA ALA J 55 -74.59 -3.86 -25.14
C ALA J 55 -74.48 -2.43 -25.66
N ALA K 1 53.30 22.29 41.26
CA ALA K 1 52.71 22.20 39.93
C ALA K 1 52.75 23.56 39.24
N GLU K 2 53.94 24.02 38.88
CA GLU K 2 54.10 25.32 38.27
C GLU K 2 55.23 25.28 37.26
N VAL K 3 54.94 25.69 36.03
CA VAL K 3 55.95 25.70 34.98
C VAL K 3 56.93 26.83 35.24
N THR K 4 58.19 26.62 34.86
CA THR K 4 59.23 27.61 35.05
C THR K 4 60.02 27.73 33.77
N GLN K 5 60.10 28.94 33.23
CA GLN K 5 60.78 29.17 31.97
C GLN K 5 62.02 30.03 32.19
N LEU K 6 63.05 29.81 31.39
CA LEU K 6 64.27 30.61 31.44
C LEU K 6 64.89 30.58 30.06
N SER K 7 64.65 31.63 29.29
CA SER K 7 65.12 31.72 27.91
C SER K 7 66.57 32.21 27.85
N ASN K 8 67.48 31.35 28.31
CA ASN K 8 68.91 31.61 28.20
C ASN K 8 69.40 31.05 26.87
N GLY K 9 69.19 31.84 25.82
CA GLY K 9 69.47 31.40 24.47
C GLY K 9 68.27 30.69 23.85
N ILE K 10 67.93 29.53 24.41
CA ILE K 10 66.78 28.75 23.98
C ILE K 10 65.89 28.54 25.20
N VAL K 11 64.57 28.54 24.98
CA VAL K 11 63.59 28.35 26.05
C VAL K 11 63.76 26.97 26.66
N VAL K 12 63.79 26.92 28.00
CA VAL K 12 63.92 25.67 28.75
C VAL K 12 62.72 25.63 29.69
N ALA K 13 61.64 24.99 29.25
CA ALA K 13 60.49 24.82 30.12
C ALA K 13 60.64 23.57 30.96
N THR K 14 60.02 23.59 32.13
CA THR K 14 60.16 22.50 33.09
C THR K 14 58.95 22.51 34.01
N GLU K 15 58.37 21.34 34.27
CA GLU K 15 57.41 21.18 35.36
C GLU K 15 57.94 20.12 36.31
N HIS K 16 58.32 20.53 37.51
CA HIS K 16 58.77 19.59 38.50
C HIS K 16 57.57 18.86 39.11
N ASN K 17 57.85 17.75 39.78
CA ASN K 17 56.89 16.93 40.50
C ASN K 17 57.65 16.07 41.50
N PRO K 18 57.87 16.54 42.74
CA PRO K 18 58.66 15.78 43.72
C PRO K 18 57.91 14.61 44.36
N SER K 19 57.25 13.80 43.53
CA SER K 19 56.62 12.56 43.97
C SER K 19 56.74 11.45 42.95
N ALA K 20 57.43 11.68 41.84
CA ALA K 20 57.51 10.69 40.77
C ALA K 20 58.79 9.86 40.89
N HIS K 21 58.76 8.69 40.25
CA HIS K 21 59.87 7.75 40.24
C HIS K 21 60.67 7.77 38.94
N THR K 22 60.19 8.51 37.95
CA THR K 22 60.77 8.54 36.62
C THR K 22 60.99 10.00 36.25
N ALA K 23 61.79 10.23 35.21
CA ALA K 23 62.14 11.59 34.81
C ALA K 23 62.35 11.61 33.29
N SER K 24 61.61 12.48 32.61
CA SER K 24 61.66 12.59 31.16
C SER K 24 62.35 13.89 30.76
N VAL K 25 63.21 13.81 29.76
CA VAL K 25 63.92 14.97 29.21
C VAL K 25 63.91 14.84 27.70
N GLY K 26 63.36 15.84 27.00
CA GLY K 26 63.30 15.77 25.56
C GLY K 26 63.40 17.11 24.87
N VAL K 27 62.91 17.20 23.64
CA VAL K 27 62.84 18.46 22.90
C VAL K 27 61.67 18.45 21.93
N VAL K 28 60.85 19.49 21.97
CA VAL K 28 59.69 19.64 21.11
C VAL K 28 59.94 20.78 20.14
N PHE K 29 59.54 20.61 18.89
CA PHE K 29 59.84 21.57 17.83
C PHE K 29 58.59 22.34 17.43
N GLY K 30 58.80 23.35 16.57
CA GLY K 30 57.73 24.18 16.07
C GLY K 30 57.26 23.89 14.67
N SER K 31 57.76 22.84 14.03
CA SER K 31 57.29 22.41 12.73
C SER K 31 56.26 21.31 12.91
N GLY K 32 55.70 20.84 11.81
CA GLY K 32 54.75 19.76 11.91
C GLY K 32 54.37 19.19 10.57
N ALA K 33 53.22 18.51 10.55
CA ALA K 33 52.66 18.02 9.29
C ALA K 33 52.17 19.17 8.42
N ALA K 34 51.81 20.28 9.04
CA ALA K 34 51.29 21.44 8.34
C ALA K 34 52.39 22.40 7.89
N ASN K 35 53.62 21.92 7.76
CA ASN K 35 54.71 22.72 7.21
C ASN K 35 55.44 21.97 6.10
N GLU K 36 54.71 21.14 5.36
CA GLU K 36 55.28 20.33 4.30
C GLU K 36 54.65 20.68 2.96
N ASN K 37 55.37 20.35 1.90
CA ASN K 37 54.87 20.45 0.54
C ASN K 37 54.10 19.20 0.19
N PRO K 38 53.37 19.17 -0.93
CA PRO K 38 52.74 17.92 -1.36
C PRO K 38 53.72 16.83 -1.79
N TYR K 39 54.96 17.15 -2.14
CA TYR K 39 55.86 16.17 -2.73
C TYR K 39 56.93 15.68 -1.76
N ASN K 40 56.91 16.15 -0.50
CA ASN K 40 57.74 15.55 0.54
C ASN K 40 56.92 15.32 1.79
N ASN K 41 55.66 14.94 1.61
CA ASN K 41 54.78 14.65 2.73
C ASN K 41 55.19 13.33 3.36
N GLY K 42 55.09 13.27 4.69
CA GLY K 42 55.53 12.11 5.43
C GLY K 42 56.98 12.14 5.84
N VAL K 43 57.69 13.23 5.57
CA VAL K 43 59.11 13.30 5.87
C VAL K 43 59.35 13.44 7.36
N SER K 44 58.35 13.84 8.13
CA SER K 44 58.50 13.84 9.59
C SER K 44 58.22 12.46 10.18
N ASN K 45 57.40 11.65 9.52
CA ASN K 45 57.21 10.27 9.95
C ASN K 45 58.39 9.37 9.60
N LEU K 46 59.29 9.83 8.74
CA LEU K 46 60.55 9.17 8.47
C LEU K 46 61.69 9.81 9.26
N TRP K 47 61.38 10.77 10.14
CA TRP K 47 62.32 11.31 11.11
C TRP K 47 62.02 10.85 12.53
N LYS K 48 60.78 10.51 12.84
CA LYS K 48 60.49 9.83 14.09
C LYS K 48 61.07 8.43 14.09
N ASN K 49 60.93 7.72 12.97
CA ASN K 49 61.21 6.29 12.95
C ASN K 49 62.70 5.98 12.98
N ILE K 50 63.54 6.76 12.31
CA ILE K 50 64.98 6.50 12.39
C ILE K 50 65.59 7.00 13.70
N PHE K 51 64.85 7.76 14.49
CA PHE K 51 65.25 8.01 15.87
C PHE K 51 64.95 6.78 16.73
N LEU K 52 63.86 6.08 16.45
CA LEU K 52 63.47 4.88 17.16
C LEU K 52 64.02 3.61 16.52
N SER K 53 65.10 3.72 15.75
CA SER K 53 65.57 2.61 14.93
C SER K 53 66.32 1.59 15.78
N LYS K 54 66.99 0.65 15.11
CA LYS K 54 67.55 -0.51 15.78
C LYS K 54 68.88 -0.17 16.45
N GLU K 55 69.84 0.34 15.68
CA GLU K 55 71.13 0.74 16.21
C GLU K 55 71.05 1.98 17.10
N ASN K 56 69.94 2.71 17.08
CA ASN K 56 69.81 3.91 17.89
C ASN K 56 69.14 3.63 19.23
N SER K 57 68.23 2.67 19.28
CA SER K 57 67.64 2.25 20.54
C SER K 57 68.44 1.17 21.22
N ALA K 58 69.49 0.67 20.58
CA ALA K 58 70.41 -0.28 21.21
C ALA K 58 71.42 0.41 22.10
N VAL K 59 71.89 1.59 21.72
CA VAL K 59 72.85 2.30 22.54
C VAL K 59 72.19 2.87 23.78
N ALA K 60 70.93 3.31 23.67
CA ALA K 60 70.22 3.80 24.84
C ALA K 60 69.79 2.69 25.78
N ALA K 61 69.72 1.46 25.30
CA ALA K 61 69.43 0.33 26.18
C ALA K 61 70.66 -0.11 26.96
N LYS K 62 71.85 0.25 26.50
CA LYS K 62 73.09 -0.02 27.21
C LYS K 62 73.46 1.09 28.16
N GLU K 63 72.54 2.03 28.42
CA GLU K 63 72.71 3.03 29.46
C GLU K 63 71.50 3.14 30.36
N GLY K 64 70.38 2.52 30.02
CA GLY K 64 69.21 2.49 30.87
C GLY K 64 68.10 3.44 30.48
N LEU K 65 68.03 3.88 29.22
CA LEU K 65 67.11 4.93 28.80
C LEU K 65 66.20 4.42 27.68
N ALA K 66 64.98 4.94 27.67
CA ALA K 66 64.01 4.63 26.63
C ALA K 66 63.94 5.77 25.63
N LEU K 67 63.43 5.47 24.44
CA LEU K 67 63.24 6.45 23.40
C LEU K 67 61.76 6.53 23.05
N SER K 68 61.32 7.73 22.65
CA SER K 68 59.92 7.95 22.34
C SER K 68 59.79 9.19 21.47
N SER K 69 58.76 9.21 20.62
CA SER K 69 58.55 10.33 19.71
C SER K 69 57.07 10.41 19.34
N ASN K 70 56.71 11.48 18.63
CA ASN K 70 55.32 11.73 18.22
C ASN K 70 55.31 12.78 17.12
N ILE K 71 54.53 12.54 16.08
CA ILE K 71 54.38 13.46 14.95
C ILE K 71 52.93 13.93 14.89
N SER K 72 52.73 15.25 14.78
CA SER K 72 51.41 15.83 14.67
C SER K 72 51.44 16.96 13.65
N ARG K 73 50.40 17.78 13.65
CA ARG K 73 50.28 18.84 12.66
C ARG K 73 51.03 20.12 13.04
N ASP K 74 51.43 20.28 14.29
CA ASP K 74 52.14 21.49 14.67
C ASP K 74 53.32 21.28 15.61
N PHE K 75 53.63 20.05 16.00
CA PHE K 75 54.79 19.81 16.86
C PHE K 75 55.26 18.37 16.69
N GLN K 76 56.58 18.18 16.71
CA GLN K 76 57.21 16.88 16.78
C GLN K 76 58.03 16.76 18.07
N SER K 77 58.11 15.55 18.60
CA SER K 77 58.78 15.27 19.87
C SER K 77 59.91 14.27 19.66
N TYR K 78 60.91 14.35 20.55
CA TYR K 78 61.97 13.34 20.64
C TYR K 78 62.32 13.22 22.13
N ILE K 79 61.72 12.24 22.81
CA ILE K 79 61.76 12.14 24.26
C ILE K 79 62.74 11.04 24.68
N VAL K 80 63.54 11.33 25.71
CA VAL K 80 64.51 10.38 26.27
C VAL K 80 64.17 10.20 27.75
N SER K 81 63.43 9.15 28.08
CA SER K 81 63.08 8.89 29.47
C SER K 81 64.26 8.26 30.20
N SER K 82 64.26 8.37 31.53
CA SER K 82 65.46 8.08 32.33
C SER K 82 65.04 7.57 33.71
N LEU K 83 66.00 7.56 34.63
CA LEU K 83 65.89 7.37 36.07
C LEU K 83 66.36 8.65 36.77
N PRO K 84 65.82 8.99 37.95
CA PRO K 84 66.02 10.36 38.47
C PRO K 84 67.44 10.72 38.85
N GLY K 85 68.29 9.74 39.11
CA GLY K 85 69.69 10.06 39.31
C GLY K 85 70.53 10.11 38.06
N SER K 86 70.02 9.57 36.95
CA SER K 86 70.78 9.41 35.73
C SER K 86 70.37 10.40 34.65
N THR K 87 69.91 11.58 35.03
CA THR K 87 69.49 12.58 34.05
C THR K 87 70.64 13.50 33.67
N ASP K 88 71.78 12.92 33.30
CA ASP K 88 72.87 13.69 32.74
C ASP K 88 73.51 13.00 31.54
N LYS K 89 73.25 11.71 31.35
CA LYS K 89 73.52 11.07 30.07
C LYS K 89 72.32 11.16 29.13
N SER K 90 71.18 11.65 29.63
CA SER K 90 70.03 11.89 28.78
C SER K 90 70.27 13.08 27.86
N LEU K 91 70.99 14.08 28.32
CA LEU K 91 71.38 15.18 27.44
C LEU K 91 72.52 14.76 26.52
N ASP K 92 73.47 14.00 27.04
CA ASP K 92 74.65 13.63 26.28
C ASP K 92 74.35 12.58 25.23
N PHE K 93 73.24 11.85 25.38
CA PHE K 93 72.75 11.06 24.25
C PHE K 93 72.08 11.95 23.23
N LEU K 94 71.36 12.97 23.69
CA LEU K 94 70.73 13.93 22.80
C LEU K 94 71.75 14.89 22.18
N ASN K 95 72.93 15.02 22.79
CA ASN K 95 73.98 15.88 22.27
C ASN K 95 74.82 15.22 21.18
N GLN K 96 74.55 13.95 20.86
CA GLN K 96 75.18 13.29 19.72
C GLN K 96 74.21 13.00 18.59
N SER K 97 72.90 13.15 18.82
CA SER K 97 71.89 12.81 17.83
C SER K 97 71.42 14.01 17.02
N PHE K 98 71.35 15.19 17.62
CA PHE K 98 70.83 16.38 16.96
C PHE K 98 71.85 17.50 16.84
N ILE K 99 72.54 17.82 17.94
CA ILE K 99 73.47 18.95 17.94
C ILE K 99 74.77 18.58 17.23
N GLN K 100 75.08 17.30 17.13
CA GLN K 100 76.34 16.84 16.57
C GLN K 100 75.98 16.05 15.30
N GLN K 101 76.96 15.33 14.74
CA GLN K 101 76.92 14.80 13.38
C GLN K 101 75.72 13.92 13.09
N LYS K 102 75.30 13.90 11.82
CA LYS K 102 74.21 13.08 11.31
C LYS K 102 74.73 12.15 10.22
N ALA K 103 75.84 11.47 10.48
CA ALA K 103 76.42 10.55 9.52
C ALA K 103 76.09 9.09 9.82
N ASN K 104 75.98 8.73 11.10
CA ASN K 104 75.69 7.35 11.46
C ASN K 104 74.21 7.02 11.27
N LEU K 105 73.32 7.96 11.58
CA LEU K 105 71.89 7.70 11.46
C LEU K 105 71.41 7.72 10.01
N LEU K 106 72.10 8.44 9.12
CA LEU K 106 71.65 8.67 7.76
C LEU K 106 72.46 7.85 6.75
N SER K 107 72.94 6.68 7.17
CA SER K 107 73.67 5.81 6.26
C SER K 107 72.70 5.11 5.31
N SER K 108 73.26 4.52 4.25
CA SER K 108 72.41 3.96 3.21
C SER K 108 71.75 2.65 3.62
N SER K 109 72.41 1.86 4.46
CA SER K 109 71.84 0.60 4.89
C SER K 109 70.71 0.80 5.90
N ASN K 110 70.84 1.80 6.77
CA ASN K 110 69.79 2.09 7.73
C ASN K 110 68.62 2.83 7.11
N PHE K 111 68.81 3.42 5.92
CA PHE K 111 67.74 4.19 5.31
C PHE K 111 66.69 3.29 4.66
N GLU K 112 67.09 2.45 3.71
CA GLU K 112 66.12 1.62 2.99
C GLU K 112 65.83 0.30 3.70
N ALA K 113 65.67 0.40 5.01
CA ALA K 113 65.06 -0.64 5.84
C ALA K 113 64.06 -0.06 6.81
N THR K 114 64.15 1.23 7.13
CA THR K 114 63.10 1.92 7.85
C THR K 114 61.98 2.36 6.92
N LYS K 115 62.31 2.67 5.66
CA LYS K 115 61.28 3.02 4.69
C LYS K 115 60.41 1.81 4.37
N LYS K 116 61.01 0.62 4.31
CA LYS K 116 60.22 -0.59 4.19
C LYS K 116 59.45 -0.88 5.48
N SER K 117 59.98 -0.45 6.62
CA SER K 117 59.21 -0.55 7.86
C SER K 117 58.06 0.45 7.86
N VAL K 118 58.27 1.62 7.26
CA VAL K 118 57.26 2.68 7.29
C VAL K 118 56.18 2.41 6.25
N LEU K 119 56.55 1.92 5.06
CA LEU K 119 55.58 1.69 3.99
C LEU K 119 54.58 0.61 4.34
N LYS K 120 54.98 -0.38 5.14
CA LYS K 120 54.06 -1.40 5.60
C LYS K 120 53.06 -0.83 6.60
N GLN K 121 53.46 0.20 7.35
CA GLN K 121 52.60 0.74 8.39
C GLN K 121 51.46 1.56 7.79
N VAL K 122 51.76 2.36 6.76
CA VAL K 122 50.73 3.14 6.09
C VAL K 122 49.80 2.22 5.31
N GLN K 123 50.34 1.19 4.68
CA GLN K 123 49.53 0.28 3.87
C GLN K 123 48.62 -0.59 4.74
N ASP K 124 49.07 -0.94 5.94
CA ASP K 124 48.18 -1.62 6.88
C ASP K 124 47.14 -0.66 7.43
N PHE K 125 47.49 0.63 7.54
CA PHE K 125 46.58 1.63 8.08
C PHE K 125 45.39 1.87 7.16
N GLU K 126 45.59 1.78 5.84
CA GLU K 126 44.52 2.07 4.91
C GLU K 126 43.51 0.94 4.84
N GLU K 127 43.95 -0.30 4.98
CA GLU K 127 43.06 -1.44 4.81
C GLU K 127 42.48 -1.97 6.11
N ASN K 128 42.86 -1.42 7.26
CA ASN K 128 42.41 -1.97 8.52
C ASN K 128 41.78 -0.94 9.44
N ASP K 129 42.28 0.29 9.40
CA ASP K 129 41.96 1.30 10.40
C ASP K 129 40.91 2.25 9.82
N HIS K 130 39.64 1.87 9.95
CA HIS K 130 38.56 2.62 9.33
C HIS K 130 38.12 3.87 10.11
N PRO K 131 37.93 3.86 11.47
CA PRO K 131 37.66 5.16 12.12
C PRO K 131 38.90 5.96 12.45
N ASN K 132 39.89 5.95 11.55
CA ASN K 132 40.98 6.92 11.57
C ASN K 132 41.35 7.43 10.20
N ARG K 133 41.05 6.70 9.13
CA ARG K 133 41.25 7.15 7.78
C ARG K 133 40.02 7.85 7.20
N VAL K 134 38.89 7.79 7.91
CA VAL K 134 37.76 8.65 7.60
C VAL K 134 37.94 10.00 8.23
N LEU K 135 38.40 10.03 9.48
CA LEU K 135 38.74 11.27 10.16
C LEU K 135 39.95 11.95 9.55
N GLU K 136 40.80 11.20 8.85
CA GLU K 136 41.90 11.82 8.13
C GLU K 136 41.45 12.45 6.82
N HIS K 137 40.48 11.95 6.10
CA HIS K 137 39.98 12.62 4.88
C HIS K 137 39.10 13.80 5.24
N LEU K 138 38.58 13.89 6.45
CA LEU K 138 37.89 15.11 6.86
C LEU K 138 38.85 16.28 7.04
N HIS K 139 40.12 16.03 7.34
CA HIS K 139 41.09 17.10 7.30
C HIS K 139 41.64 17.33 5.90
N SER K 140 41.28 16.48 4.95
CA SER K 140 41.74 16.57 3.58
C SER K 140 40.67 17.07 2.62
N THR K 141 39.41 17.09 3.05
CA THR K 141 38.34 17.62 2.22
C THR K 141 37.82 18.96 2.72
N ALA K 142 38.03 19.29 3.99
CA ALA K 142 37.60 20.56 4.55
C ALA K 142 38.65 21.63 4.41
N PHE K 143 39.89 21.25 4.12
CA PHE K 143 40.98 22.19 3.97
C PHE K 143 41.77 21.88 2.71
N GLN K 144 41.08 21.67 1.60
CA GLN K 144 41.75 21.30 0.37
C GLN K 144 42.51 22.47 -0.22
N ASN K 145 43.67 22.17 -0.82
CA ASN K 145 44.60 23.13 -1.43
C ASN K 145 45.03 24.22 -0.45
N THR K 146 45.29 23.78 0.80
CA THR K 146 45.72 24.70 1.90
C THR K 146 46.63 23.90 2.85
N PRO K 147 47.67 24.47 3.49
CA PRO K 147 48.66 23.69 4.27
C PRO K 147 48.12 22.78 5.36
N LEU K 148 46.87 22.92 5.80
CA LEU K 148 46.33 22.07 6.86
C LEU K 148 45.71 20.79 6.32
N SER K 149 46.07 20.39 5.11
CA SER K 149 45.41 19.29 4.40
C SER K 149 46.12 17.95 4.56
N LEU K 150 47.44 17.96 4.56
CA LEU K 150 48.22 16.75 4.35
C LEU K 150 48.14 15.84 5.57
N PRO K 151 48.14 14.52 5.40
CA PRO K 151 48.10 13.61 6.55
C PRO K 151 49.45 13.49 7.23
N THR K 152 49.39 13.20 8.53
CA THR K 152 50.58 13.19 9.37
C THR K 152 51.51 12.03 9.03
N ARG K 153 50.95 10.90 8.59
CA ARG K 153 51.77 9.75 8.22
C ARG K 153 52.37 9.91 6.83
N GLY K 154 51.70 10.64 5.94
CA GLY K 154 52.05 10.65 4.54
C GLY K 154 51.24 9.63 3.77
N THR K 155 51.32 9.74 2.45
CA THR K 155 50.55 8.86 1.58
C THR K 155 51.49 7.91 0.84
N LEU K 156 50.95 6.76 0.45
CA LEU K 156 51.72 5.64 -0.09
C LEU K 156 52.37 5.94 -1.42
N GLU K 157 51.96 6.99 -2.11
CA GLU K 157 52.64 7.43 -3.32
C GLU K 157 53.58 8.59 -3.09
N SER K 158 53.32 9.43 -2.09
CA SER K 158 54.30 10.45 -1.70
C SER K 158 55.43 9.83 -0.91
N LEU K 159 55.12 8.83 -0.06
CA LEU K 159 56.11 8.15 0.77
C LEU K 159 56.80 7.02 0.03
N GLU K 160 57.26 7.29 -1.19
CA GLU K 160 58.06 6.32 -1.92
C GLU K 160 59.26 6.97 -2.57
N ASN K 161 59.22 8.28 -2.82
CA ASN K 161 60.31 8.98 -3.48
C ASN K 161 61.19 9.75 -2.51
N LEU K 162 61.09 9.46 -1.21
CA LEU K 162 61.90 10.16 -0.22
C LEU K 162 63.32 9.62 -0.27
N VAL K 163 64.15 10.27 -1.08
CA VAL K 163 65.58 10.03 -1.10
C VAL K 163 66.17 10.71 0.13
N VAL K 164 67.33 10.23 0.60
CA VAL K 164 67.96 10.74 1.82
C VAL K 164 68.41 12.20 1.68
N ALA K 165 68.48 12.73 0.46
CA ALA K 165 68.72 14.15 0.29
C ALA K 165 67.55 14.98 0.81
N ASP K 166 66.32 14.43 0.71
CA ASP K 166 65.15 15.16 1.18
C ASP K 166 65.06 15.15 2.70
N LEU K 167 65.46 14.04 3.32
CA LEU K 167 65.36 13.89 4.77
C LEU K 167 66.33 14.79 5.52
N GLU K 168 67.41 15.22 4.88
CA GLU K 168 68.34 16.18 5.46
C GLU K 168 68.08 17.60 5.00
N SER K 169 67.40 17.79 3.86
CA SER K 169 66.98 19.12 3.47
C SER K 169 65.84 19.63 4.34
N PHE K 170 65.08 18.72 4.96
CA PHE K 170 64.03 19.13 5.90
C PHE K 170 64.63 19.64 7.20
N ALA K 171 65.82 19.20 7.55
CA ALA K 171 66.38 19.49 8.87
C ALA K 171 66.86 20.93 8.97
N ASN K 172 67.55 21.41 7.94
CA ASN K 172 68.17 22.73 7.99
C ASN K 172 67.16 23.86 7.90
N ASN K 173 65.90 23.57 7.61
CA ASN K 173 64.87 24.58 7.57
C ASN K 173 63.93 24.55 8.78
N HIS K 174 63.78 23.39 9.44
CA HIS K 174 62.76 23.27 10.46
C HIS K 174 63.28 22.72 11.78
N PHE K 175 64.58 22.48 11.92
CA PHE K 175 65.16 22.06 13.19
C PHE K 175 66.10 23.13 13.72
N LEU K 176 65.68 24.38 13.64
CA LEU K 176 66.57 25.51 13.85
C LEU K 176 66.52 25.99 15.29
N ASN K 177 67.24 27.08 15.58
CA ASN K 177 67.51 27.48 16.95
C ASN K 177 66.30 28.15 17.60
N SER K 178 65.55 28.94 16.83
CA SER K 178 64.34 29.57 17.36
C SER K 178 63.22 28.55 17.52
N ASN K 179 63.11 27.62 16.56
CA ASN K 179 62.19 26.50 16.63
C ASN K 179 62.76 25.41 17.52
N ALA K 180 62.76 25.68 18.83
CA ALA K 180 63.37 24.76 19.78
C ALA K 180 62.83 25.06 21.16
N VAL K 181 62.27 24.04 21.82
CA VAL K 181 61.86 24.14 23.21
C VAL K 181 62.36 22.89 23.92
N VAL K 182 63.16 23.07 24.98
CA VAL K 182 63.72 21.95 25.72
C VAL K 182 62.91 21.69 26.98
N VAL K 183 62.09 20.64 26.95
CA VAL K 183 61.20 20.35 28.06
C VAL K 183 61.86 19.32 28.97
N GLY K 184 61.56 19.38 30.26
CA GLY K 184 61.85 18.28 31.14
C GLY K 184 60.84 18.19 32.25
N THR K 185 60.16 17.06 32.36
CA THR K 185 59.08 16.89 33.33
C THR K 185 59.44 15.74 34.28
N GLY K 186 58.48 15.37 35.12
CA GLY K 186 58.65 14.23 35.99
C GLY K 186 59.37 14.49 37.30
N ASN K 187 60.70 14.50 37.30
CA ASN K 187 61.42 14.65 38.57
C ASN K 187 62.66 15.52 38.44
N ILE K 188 62.86 16.22 37.33
CA ILE K 188 64.05 17.02 37.14
C ILE K 188 63.82 18.43 37.66
N LYS K 189 64.78 18.95 38.44
CA LYS K 189 64.66 20.31 38.94
C LYS K 189 64.92 21.30 37.81
N HIS K 190 64.46 22.54 38.02
CA HIS K 190 64.67 23.56 36.99
C HIS K 190 66.12 23.99 36.95
N GLU K 191 66.72 24.23 38.12
CA GLU K 191 68.12 24.64 38.17
C GLU K 191 69.06 23.47 37.89
N ASP K 192 68.56 22.23 38.03
CA ASP K 192 69.36 21.07 37.64
C ASP K 192 69.56 21.02 36.13
N LEU K 193 68.57 21.49 35.37
CA LEU K 193 68.62 21.42 33.91
C LEU K 193 69.31 22.62 33.29
N VAL K 194 69.31 23.77 33.99
CA VAL K 194 69.83 25.00 33.40
C VAL K 194 71.35 24.95 33.29
N ASN K 195 72.03 24.60 34.38
CA ASN K 195 73.48 24.57 34.35
C ASN K 195 74.00 23.38 33.56
N SER K 196 73.20 22.33 33.44
CA SER K 196 73.58 21.16 32.66
C SER K 196 73.64 21.47 31.18
N ILE K 197 72.84 22.42 30.72
CA ILE K 197 72.93 22.84 29.32
C ILE K 197 74.10 23.79 29.13
N GLU K 198 74.26 24.75 30.04
CA GLU K 198 75.38 25.68 29.97
C GLU K 198 76.67 25.11 30.55
N SER K 199 76.67 23.86 31.01
CA SER K 199 77.93 23.14 31.15
C SER K 199 78.59 22.94 29.81
N LYS K 200 77.77 22.70 28.78
CA LYS K 200 78.21 22.73 27.39
C LYS K 200 77.97 24.14 26.86
N ASN K 201 77.99 24.32 25.54
CA ASN K 201 77.81 25.63 24.94
C ASN K 201 76.51 25.79 24.16
N LEU K 202 76.18 24.83 23.28
CA LEU K 202 74.91 24.74 22.57
C LEU K 202 74.64 25.98 21.70
N SER K 203 75.49 26.16 20.68
CA SER K 203 75.36 27.26 19.75
C SER K 203 74.96 26.73 18.38
N LEU K 204 73.67 26.85 18.03
CA LEU K 204 73.16 26.44 16.74
C LEU K 204 73.07 27.68 15.83
N GLN K 205 72.53 27.52 14.59
CA GLN K 205 72.93 28.48 13.55
C GLN K 205 72.19 29.81 13.61
N THR K 206 70.87 29.78 13.24
CA THR K 206 70.12 31.02 13.31
C THR K 206 68.75 30.93 14.01
N GLY K 207 67.91 29.99 13.59
CA GLY K 207 66.49 30.07 13.85
C GLY K 207 65.71 30.44 12.60
N THR K 208 64.41 30.99 12.83
CA THR K 208 63.65 31.67 11.77
C THR K 208 63.37 30.75 10.57
N LYS K 209 62.44 29.73 10.86
CA LYS K 209 61.73 28.86 9.91
C LYS K 209 61.18 29.67 8.72
N PRO K 210 61.17 29.13 7.49
CA PRO K 210 61.14 29.95 6.28
C PRO K 210 59.99 30.92 6.06
N VAL K 211 58.76 30.23 5.68
CA VAL K 211 57.72 31.09 5.11
C VAL K 211 56.29 30.88 5.64
N LEU K 212 55.75 29.67 5.51
CA LEU K 212 54.32 29.36 5.64
C LEU K 212 53.51 30.10 4.58
N LYS K 213 53.65 29.77 3.36
CA LYS K 213 53.10 30.42 2.17
C LYS K 213 51.66 30.92 2.34
N LYS K 214 50.74 30.00 2.60
CA LYS K 214 49.31 30.31 2.62
C LYS K 214 48.75 30.17 4.03
N LYS K 215 47.45 30.40 4.15
CA LYS K 215 46.71 30.29 5.40
C LYS K 215 45.72 29.15 5.30
N ALA K 216 45.06 28.86 6.43
CA ALA K 216 44.05 27.81 6.46
C ALA K 216 42.67 28.41 6.21
N ALA K 217 41.87 27.71 5.42
CA ALA K 217 40.54 28.18 5.05
C ALA K 217 39.58 27.01 4.98
N PHE K 218 38.47 27.11 5.72
CA PHE K 218 37.43 26.10 5.68
C PHE K 218 36.70 26.13 4.34
N LEU K 219 36.29 24.95 3.87
CA LEU K 219 35.50 24.83 2.66
C LEU K 219 34.44 23.76 2.84
N GLY K 220 33.23 24.03 2.36
CA GLY K 220 32.16 23.06 2.46
C GLY K 220 32.27 22.05 1.33
N SER K 221 32.33 20.77 1.70
CA SER K 221 32.62 19.71 0.75
C SER K 221 32.15 18.38 1.33
N GLU K 222 32.40 17.31 0.58
CA GLU K 222 32.19 15.94 1.05
C GLU K 222 33.02 15.01 0.19
N VAL K 223 33.32 13.84 0.74
CA VAL K 223 34.05 12.79 0.01
C VAL K 223 33.48 11.44 0.41
N ARG K 224 33.24 10.57 -0.57
CA ARG K 224 32.59 9.29 -0.37
C ARG K 224 33.49 8.17 -0.88
N LEU K 225 33.70 7.16 -0.04
CA LEU K 225 34.51 5.99 -0.40
C LEU K 225 33.64 4.76 -0.20
N ARG K 226 32.84 4.43 -1.20
CA ARG K 226 31.88 3.34 -1.07
C ARG K 226 32.56 2.00 -1.31
N ASP K 227 32.38 1.09 -0.36
CA ASP K 227 33.03 -0.22 -0.37
C ASP K 227 31.98 -1.19 0.14
N ASP K 228 31.44 -2.01 -0.76
CA ASP K 228 30.29 -2.86 -0.47
C ASP K 228 30.65 -4.14 0.28
N THR K 229 31.94 -4.44 0.45
CA THR K 229 32.33 -5.68 1.10
C THR K 229 32.53 -5.53 2.60
N LEU K 230 32.67 -4.30 3.11
CA LEU K 230 32.79 -4.09 4.54
C LEU K 230 31.41 -4.22 5.20
N PRO K 231 31.36 -4.66 6.46
CA PRO K 231 30.07 -4.87 7.12
C PRO K 231 29.50 -3.66 7.87
N LYS K 232 30.00 -2.45 7.64
CA LYS K 232 29.60 -1.30 8.46
C LYS K 232 29.61 -0.04 7.62
N ALA K 233 29.31 1.08 8.29
CA ALA K 233 29.45 2.41 7.72
C ALA K 233 30.02 3.34 8.78
N TRP K 234 31.13 4.00 8.45
CA TRP K 234 31.75 5.00 9.30
C TRP K 234 31.56 6.37 8.65
N ILE K 235 31.18 7.36 9.45
CA ILE K 235 30.79 8.69 8.95
C ILE K 235 31.28 9.75 9.93
N SER K 236 31.93 10.79 9.42
CA SER K 236 32.39 11.92 10.21
C SER K 236 31.91 13.22 9.58
N LEU K 237 31.72 14.26 10.39
CA LEU K 237 31.06 15.48 9.94
C LEU K 237 31.37 16.63 10.89
N ALA K 238 31.77 17.78 10.35
CA ALA K 238 32.17 18.89 11.21
C ALA K 238 31.96 20.24 10.52
N VAL K 239 31.85 21.29 11.33
CA VAL K 239 31.81 22.67 10.89
C VAL K 239 33.09 23.34 11.36
N GLU K 240 33.26 24.63 11.04
CA GLU K 240 34.44 25.36 11.49
C GLU K 240 34.38 25.58 12.99
N GLY K 241 35.54 25.85 13.57
CA GLY K 241 35.66 25.99 15.00
C GLY K 241 36.67 27.02 15.43
N GLU K 242 37.09 26.95 16.69
CA GLU K 242 37.91 27.96 17.34
C GLU K 242 39.33 27.50 17.46
N PRO K 243 40.30 28.26 16.98
CA PRO K 243 41.71 27.86 17.08
C PRO K 243 42.24 28.09 18.49
N VAL K 244 43.53 27.83 18.66
CA VAL K 244 44.18 28.30 19.87
C VAL K 244 44.41 29.81 19.74
N ASN K 245 44.61 30.46 20.90
CA ASN K 245 44.58 31.91 21.05
C ASN K 245 43.27 32.49 20.50
N SER K 246 42.18 32.01 21.07
CA SER K 246 40.84 32.44 20.71
C SER K 246 40.06 32.67 21.99
N PRO K 247 39.24 33.74 22.05
CA PRO K 247 38.48 34.02 23.26
C PRO K 247 37.33 33.05 23.51
N ASN K 248 36.95 32.26 22.52
CA ASN K 248 35.92 31.23 22.66
C ASN K 248 36.54 29.84 22.60
N TYR K 249 37.72 29.67 23.20
CA TYR K 249 38.38 28.38 23.17
C TYR K 249 37.67 27.38 24.08
N PHE K 250 37.42 27.75 25.33
CA PHE K 250 36.73 26.86 26.25
C PHE K 250 35.24 26.79 25.98
N VAL K 251 34.69 27.65 25.14
CA VAL K 251 33.26 27.65 24.88
C VAL K 251 32.90 26.64 23.79
N ALA K 252 33.78 26.48 22.79
CA ALA K 252 33.59 25.43 21.80
C ALA K 252 33.82 24.04 22.39
N LYS K 253 34.66 23.93 23.42
CA LYS K 253 34.90 22.65 24.08
C LYS K 253 33.77 22.29 25.01
N LEU K 254 33.14 23.28 25.63
CA LEU K 254 32.04 23.02 26.54
C LEU K 254 30.81 22.52 25.80
N ALA K 255 30.66 22.90 24.54
CA ALA K 255 29.50 22.52 23.75
C ALA K 255 29.64 21.14 23.13
N ALA K 256 30.85 20.68 22.86
CA ALA K 256 31.06 19.31 22.40
C ALA K 256 30.76 18.31 23.50
N GLN K 257 30.97 18.70 24.75
CA GLN K 257 30.69 17.84 25.90
C GLN K 257 29.20 17.70 26.16
N ILE K 258 28.37 18.58 25.58
CA ILE K 258 26.93 18.54 25.81
C ILE K 258 26.32 17.28 25.19
N PHE K 259 26.80 16.90 24.00
CA PHE K 259 26.30 15.70 23.35
C PHE K 259 27.19 14.48 23.55
N GLY K 260 28.49 14.67 23.78
CA GLY K 260 29.34 13.67 24.41
C GLY K 260 29.64 12.43 23.58
N SER K 261 29.82 11.32 24.29
CA SER K 261 30.26 10.04 23.75
C SER K 261 29.23 8.95 24.04
N TYR K 262 29.28 7.88 23.26
CA TYR K 262 28.30 6.82 23.37
C TYR K 262 28.90 5.50 22.91
N ASN K 263 28.55 4.43 23.63
CA ASN K 263 28.91 3.07 23.24
C ASN K 263 27.69 2.20 23.45
N ALA K 264 27.20 1.55 22.38
CA ALA K 264 25.90 0.89 22.41
C ALA K 264 25.91 -0.39 23.22
N PHE K 265 27.07 -0.94 23.54
CA PHE K 265 27.15 -2.21 24.23
C PHE K 265 27.55 -2.08 25.70
N GLU K 266 28.08 -0.94 26.12
CA GLU K 266 28.35 -0.73 27.53
C GLU K 266 27.06 -0.29 28.21
N PRO K 267 26.62 -0.98 29.27
CA PRO K 267 25.30 -0.68 29.85
C PRO K 267 25.22 0.67 30.55
N ALA K 268 26.26 1.08 31.27
CA ALA K 268 26.21 2.36 31.96
C ALA K 268 26.39 3.55 31.03
N SER K 269 26.84 3.33 29.79
CA SER K 269 26.92 4.39 28.80
C SER K 269 25.60 4.65 28.10
N ARG K 270 24.60 3.79 28.31
CA ARG K 270 23.27 3.98 27.76
C ARG K 270 22.40 4.85 28.65
N LEU K 271 22.89 5.24 29.83
CA LEU K 271 22.08 5.90 30.84
C LEU K 271 22.47 7.35 31.05
N GLN K 272 23.16 7.95 30.10
CA GLN K 272 23.67 9.29 30.26
C GLN K 272 22.57 10.33 30.10
N GLY K 273 22.86 11.55 30.54
CA GLY K 273 21.89 12.64 30.48
C GLY K 273 21.94 13.41 29.19
N ILE K 274 21.93 12.70 28.06
CA ILE K 274 21.97 13.30 26.74
C ILE K 274 20.61 13.12 26.09
N LYS K 275 20.13 14.17 25.43
CA LYS K 275 18.80 14.18 24.83
C LYS K 275 18.73 13.43 23.51
N LEU K 276 19.87 13.02 22.97
CA LEU K 276 19.91 12.27 21.73
C LEU K 276 19.74 10.77 21.94
N LEU K 277 19.90 10.29 23.18
CA LEU K 277 19.93 8.87 23.49
C LEU K 277 18.57 8.32 23.86
N ASP K 278 17.51 8.87 23.28
CA ASP K 278 16.22 8.21 23.23
C ASP K 278 15.63 8.16 21.83
N ASN K 279 16.17 8.93 20.88
CA ASN K 279 15.84 8.75 19.48
C ASN K 279 16.66 7.63 18.85
N ILE K 280 17.92 7.50 19.26
CA ILE K 280 18.79 6.46 18.71
C ILE K 280 18.48 5.10 19.33
N GLN K 281 18.25 5.06 20.63
CA GLN K 281 18.04 3.79 21.33
C GLN K 281 16.66 3.18 21.13
N GLU K 282 15.84 3.71 20.23
CA GLU K 282 14.54 3.13 19.94
C GLU K 282 14.58 2.21 18.73
N TYR K 283 15.27 2.61 17.66
CA TYR K 283 15.40 1.81 16.46
C TYR K 283 16.82 1.33 16.23
N GLN K 284 17.72 1.56 17.19
CA GLN K 284 19.11 1.09 17.22
C GLN K 284 19.88 1.59 15.99
N LEU K 285 20.05 2.90 15.95
CA LEU K 285 20.58 3.54 14.75
C LEU K 285 22.09 3.38 14.61
N CYS K 286 22.84 3.27 15.71
CA CYS K 286 24.29 3.24 15.61
C CYS K 286 24.87 2.34 16.68
N ASP K 287 26.20 2.24 16.68
CA ASP K 287 27.00 1.57 17.70
C ASP K 287 27.83 2.54 18.53
N ASN K 288 28.37 3.58 17.90
CA ASN K 288 29.26 4.54 18.53
C ASN K 288 28.90 5.93 18.06
N PHE K 289 29.11 6.92 18.93
CA PHE K 289 29.44 8.27 18.48
C PHE K 289 30.24 8.98 19.56
N ASN K 290 31.03 9.95 19.14
CA ASN K 290 31.80 10.80 20.04
C ASN K 290 31.89 12.18 19.42
N HIS K 291 31.78 13.22 20.25
CA HIS K 291 31.84 14.59 19.78
C HIS K 291 33.18 15.20 20.13
N PHE K 292 33.83 15.82 19.15
CA PHE K 292 35.18 16.35 19.32
C PHE K 292 35.19 17.86 19.13
N SER K 293 36.32 18.47 19.52
CA SER K 293 36.56 19.88 19.26
C SER K 293 38.07 20.05 19.08
N LEU K 294 38.52 19.98 17.84
CA LEU K 294 39.93 20.12 17.53
C LEU K 294 40.29 21.59 17.38
N SER K 295 41.54 21.91 17.71
CA SER K 295 41.99 23.29 17.69
C SER K 295 43.45 23.34 17.28
N TYR K 296 43.76 24.18 16.31
CA TYR K 296 45.11 24.34 15.80
C TYR K 296 45.51 25.80 15.88
N LYS K 297 46.64 26.11 15.24
CA LYS K 297 47.15 27.48 15.20
C LYS K 297 46.33 28.39 14.30
N ASP K 298 45.49 27.85 13.42
CA ASP K 298 44.83 28.66 12.41
C ASP K 298 43.32 28.47 12.38
N SER K 299 42.84 27.27 12.68
CA SER K 299 41.41 26.97 12.55
C SER K 299 41.02 25.95 13.61
N GLY K 300 39.85 25.36 13.45
CA GLY K 300 39.37 24.32 14.34
C GLY K 300 38.19 23.62 13.71
N LEU K 301 37.81 22.48 14.29
CA LEU K 301 36.69 21.70 13.80
C LEU K 301 35.84 21.24 14.98
N TRP K 302 34.52 21.35 14.83
CA TRP K 302 33.56 20.94 15.84
C TRP K 302 32.58 19.98 15.19
N GLY K 303 32.46 18.77 15.74
CA GLY K 303 31.64 17.78 15.06
C GLY K 303 31.50 16.45 15.78
N PHE K 304 31.40 15.35 15.02
CA PHE K 304 31.21 14.02 15.59
C PHE K 304 31.64 12.97 14.57
N SER K 305 31.81 11.74 15.04
CA SER K 305 32.07 10.57 14.20
C SER K 305 31.26 9.40 14.73
N THR K 306 30.70 8.59 13.84
CA THR K 306 29.83 7.48 14.21
C THR K 306 30.22 6.22 13.46
N ALA K 307 29.64 5.09 13.87
CA ALA K 307 29.81 3.82 13.18
C ALA K 307 28.59 2.96 13.42
N THR K 308 28.03 2.40 12.35
CA THR K 308 26.73 1.73 12.46
C THR K 308 26.67 0.53 11.53
N ARG K 309 25.78 -0.40 11.89
CA ARG K 309 25.46 -1.55 11.04
C ARG K 309 24.05 -1.48 10.46
N ASN K 310 23.18 -0.64 11.01
CA ASN K 310 21.84 -0.39 10.47
C ASN K 310 21.99 0.50 9.26
N VAL K 311 22.30 -0.12 8.12
CA VAL K 311 22.71 0.64 6.94
C VAL K 311 21.54 1.09 6.08
N THR K 312 20.30 0.85 6.52
CA THR K 312 19.15 1.39 5.83
C THR K 312 18.67 2.69 6.44
N MET K 313 18.81 2.83 7.76
CA MET K 313 18.33 4.00 8.50
C MET K 313 19.46 4.97 8.79
N ILE K 314 20.39 5.13 7.86
CA ILE K 314 21.50 6.08 8.02
C ILE K 314 20.98 7.52 8.01
N ASP K 315 20.07 7.83 7.09
CA ASP K 315 19.57 9.19 6.97
C ASP K 315 18.64 9.59 8.11
N ASP K 316 18.08 8.63 8.82
CA ASP K 316 17.38 8.92 10.06
C ASP K 316 18.34 9.26 11.19
N LEU K 317 19.58 8.81 11.11
CA LEU K 317 20.56 9.08 12.15
C LEU K 317 21.19 10.45 11.98
N ILE K 318 21.49 10.83 10.74
CA ILE K 318 22.06 12.15 10.47
C ILE K 318 21.01 13.24 10.67
N HIS K 319 19.73 12.91 10.50
CA HIS K 319 18.65 13.88 10.72
C HIS K 319 18.45 14.17 12.19
N PHE K 320 18.47 13.14 13.04
CA PHE K 320 18.15 13.33 14.45
C PHE K 320 19.28 13.98 15.24
N THR K 321 20.52 13.92 14.77
CA THR K 321 21.59 14.58 15.50
C THR K 321 21.78 16.02 15.07
N LEU K 322 21.47 16.36 13.82
CA LEU K 322 21.59 17.74 13.38
C LEU K 322 20.44 18.60 13.87
N LYS K 323 19.32 18.00 14.23
CA LYS K 323 18.21 18.71 14.84
C LYS K 323 18.46 19.06 16.29
N GLN K 324 19.42 18.42 16.94
CA GLN K 324 19.82 18.74 18.29
C GLN K 324 20.84 19.87 18.34
N TRP K 325 21.61 20.04 17.27
CA TRP K 325 22.57 21.15 17.20
C TRP K 325 21.88 22.49 17.08
N ASN K 326 20.63 22.51 16.59
CA ASN K 326 19.87 23.74 16.47
C ASN K 326 19.50 24.31 17.82
N ARG K 327 19.35 23.45 18.83
CA ARG K 327 18.90 23.91 20.14
C ARG K 327 19.96 24.69 20.90
N LEU K 328 21.21 24.67 20.45
CA LEU K 328 22.26 25.47 21.08
C LEU K 328 22.13 26.95 20.77
N THR K 329 21.28 27.34 19.81
CA THR K 329 21.02 28.74 19.54
C THR K 329 19.66 29.21 20.01
N ILE K 330 18.69 28.31 20.21
CA ILE K 330 17.32 28.69 20.50
C ILE K 330 16.86 28.19 21.87
N SER K 331 17.15 26.93 22.19
CA SER K 331 16.50 26.33 23.35
C SER K 331 17.44 25.46 24.17
N VAL K 332 18.68 25.88 24.37
CA VAL K 332 19.58 25.13 25.25
C VAL K 332 19.19 25.45 26.69
N THR K 333 19.29 24.45 27.56
CA THR K 333 18.78 24.54 28.92
C THR K 333 19.93 24.76 29.91
N ASP K 334 19.61 25.42 31.02
CA ASP K 334 20.61 25.73 32.04
C ASP K 334 21.11 24.47 32.75
N THR K 335 20.30 23.41 32.80
CA THR K 335 20.74 22.16 33.41
C THR K 335 21.79 21.47 32.55
N GLU K 336 21.60 21.48 31.23
CA GLU K 336 22.58 20.88 30.32
C GLU K 336 23.89 21.64 30.29
N VAL K 337 23.90 22.91 30.68
CA VAL K 337 25.15 23.67 30.72
C VAL K 337 25.97 23.29 31.94
N GLU K 338 25.32 23.12 33.09
CA GLU K 338 26.02 22.82 34.33
C GLU K 338 26.54 21.39 34.40
N ARG K 339 25.94 20.47 33.65
CA ARG K 339 26.49 19.12 33.54
C ARG K 339 27.73 19.10 32.65
N ALA K 340 27.69 19.85 31.55
CA ALA K 340 28.86 19.92 30.67
C ALA K 340 29.97 20.77 31.25
N LYS K 341 29.63 21.76 32.08
CA LYS K 341 30.64 22.52 32.82
C LYS K 341 31.35 21.65 33.84
N SER K 342 30.67 20.67 34.42
CA SER K 342 31.25 19.77 35.40
C SER K 342 32.09 18.67 34.75
N LEU K 343 31.61 18.08 33.67
CA LEU K 343 32.32 16.97 33.03
C LEU K 343 33.50 17.43 32.19
N LEU K 344 33.55 18.70 31.78
CA LEU K 344 34.70 19.16 31.01
C LEU K 344 35.93 19.31 31.88
N LYS K 345 35.74 19.70 33.14
CA LYS K 345 36.90 19.86 34.03
C LYS K 345 37.43 18.51 34.49
N LEU K 346 36.58 17.48 34.55
CA LEU K 346 37.07 16.14 34.86
C LEU K 346 37.88 15.58 33.70
N GLN K 347 37.39 15.78 32.47
CA GLN K 347 38.13 15.35 31.29
C GLN K 347 39.43 16.13 31.11
N LEU K 348 39.38 17.44 31.41
CA LEU K 348 40.57 18.26 31.23
C LEU K 348 41.60 17.98 32.33
N GLY K 349 41.15 17.51 33.48
CA GLY K 349 42.03 17.22 34.58
C GLY K 349 42.57 15.81 34.56
N GLN K 350 42.28 15.06 33.50
CA GLN K 350 42.89 13.76 33.27
C GLN K 350 43.82 13.74 32.08
N LEU K 351 43.74 14.73 31.19
CA LEU K 351 44.72 14.90 30.14
C LEU K 351 45.97 15.61 30.66
N TYR K 352 45.80 16.52 31.63
CA TYR K 352 46.89 17.32 32.15
C TYR K 352 47.42 16.80 33.48
N GLU K 353 46.79 15.78 34.07
CA GLU K 353 47.25 15.20 35.32
C GLU K 353 47.32 13.69 35.23
N SER K 354 47.89 13.19 34.13
CA SER K 354 48.11 11.76 33.98
C SER K 354 49.42 11.38 34.66
N GLY K 355 49.72 10.09 34.67
CA GLY K 355 50.91 9.60 35.34
C GLY K 355 52.14 9.58 34.46
N ASN K 356 51.95 9.57 33.16
CA ASN K 356 53.04 9.44 32.20
C ASN K 356 53.78 10.76 32.05
N PRO K 357 55.08 10.83 32.35
CA PRO K 357 55.83 12.07 32.09
C PRO K 357 56.15 12.30 30.63
N VAL K 358 55.96 11.30 29.75
CA VAL K 358 56.20 11.50 28.34
C VAL K 358 55.04 12.26 27.71
N ASN K 359 53.80 11.95 28.10
CA ASN K 359 52.64 12.67 27.63
C ASN K 359 52.60 14.10 28.14
N ASP K 360 53.19 14.36 29.31
CA ASP K 360 53.26 15.70 29.86
C ASP K 360 54.43 16.50 29.32
N ALA K 361 55.19 15.95 28.38
CA ALA K 361 56.17 16.72 27.64
C ALA K 361 55.71 17.09 26.23
N ASN K 362 54.75 16.35 25.68
CA ASN K 362 54.16 16.75 24.41
C ASN K 362 53.21 17.92 24.61
N LEU K 363 52.48 17.93 25.73
CA LEU K 363 51.57 19.02 26.04
C LEU K 363 52.33 20.31 26.32
N LEU K 364 53.38 20.22 27.12
CA LEU K 364 54.11 21.37 27.61
C LEU K 364 55.26 21.75 26.71
N GLY K 365 55.16 21.45 25.43
CA GLY K 365 56.16 21.86 24.46
C GLY K 365 55.50 22.61 23.31
N ALA K 366 54.19 22.55 23.26
CA ALA K 366 53.43 23.34 22.31
C ALA K 366 52.77 24.55 22.95
N GLU K 367 52.31 24.44 24.19
CA GLU K 367 51.71 25.58 24.87
C GLU K 367 52.76 26.60 25.26
N VAL K 368 53.98 26.16 25.52
CA VAL K 368 55.07 27.10 25.78
C VAL K 368 55.61 27.67 24.49
N LEU K 369 55.42 26.98 23.37
CA LEU K 369 55.97 27.44 22.10
C LEU K 369 55.05 28.47 21.44
N ILE K 370 53.76 28.20 21.37
CA ILE K 370 52.82 29.14 20.75
C ILE K 370 52.51 30.30 21.68
N LYS K 371 51.93 29.99 22.85
CA LYS K 371 51.45 31.01 23.78
C LYS K 371 52.56 31.70 24.55
N GLY K 372 53.81 31.25 24.44
CA GLY K 372 54.91 31.81 25.20
C GLY K 372 55.13 31.16 26.54
N SER K 373 54.05 30.87 27.27
CA SER K 373 54.12 30.15 28.53
C SER K 373 52.81 29.42 28.74
N LYS K 374 52.80 28.53 29.73
CA LYS K 374 51.72 27.58 29.92
C LYS K 374 50.69 28.14 30.88
N LEU K 375 49.42 28.03 30.52
CA LEU K 375 48.34 28.36 31.41
C LEU K 375 48.12 27.22 32.41
N SER K 376 47.89 27.60 33.67
CA SER K 376 47.73 26.61 34.71
C SER K 376 46.35 25.95 34.63
N LEU K 377 46.16 24.93 35.46
CA LEU K 377 44.87 24.27 35.59
C LEU K 377 44.01 24.94 36.64
N GLY K 378 44.58 25.76 37.51
CA GLY K 378 43.79 26.52 38.44
C GLY K 378 43.04 27.64 37.75
N GLU K 379 43.67 28.21 36.73
CA GLU K 379 43.07 29.30 35.98
C GLU K 379 42.09 28.80 34.93
N ALA K 380 42.37 27.66 34.31
CA ALA K 380 41.42 27.09 33.36
C ALA K 380 40.19 26.53 34.05
N PHE K 381 40.31 26.10 35.30
CA PHE K 381 39.15 25.68 36.08
C PHE K 381 38.30 26.86 36.52
N LYS K 382 38.87 28.05 36.58
CA LYS K 382 38.10 29.23 36.96
C LYS K 382 37.30 29.79 35.80
N LYS K 383 37.95 29.98 34.65
CA LYS K 383 37.29 30.62 33.52
C LYS K 383 36.38 29.67 32.74
N ILE K 384 36.32 28.39 33.12
CA ILE K 384 35.24 27.54 32.64
C ILE K 384 33.98 27.82 33.44
N ASP K 385 34.11 28.16 34.72
CA ASP K 385 32.97 28.45 35.58
C ASP K 385 32.31 29.80 35.31
N ALA K 386 32.80 30.59 34.34
CA ALA K 386 32.23 31.88 34.04
C ALA K 386 31.36 31.89 32.78
N ILE K 387 31.31 30.79 32.04
CA ILE K 387 30.49 30.71 30.84
C ILE K 387 29.02 30.62 31.23
N THR K 388 28.17 31.39 30.53
CA THR K 388 26.75 31.48 30.83
C THR K 388 25.98 30.89 29.65
N VAL K 389 24.68 30.60 29.87
CA VAL K 389 23.81 30.08 28.82
C VAL K 389 23.62 31.11 27.70
N LYS K 390 23.72 32.40 28.02
CA LYS K 390 23.68 33.42 26.98
C LYS K 390 24.93 33.37 26.11
N ASP K 391 26.08 33.05 26.71
CA ASP K 391 27.34 33.00 25.96
C ASP K 391 27.44 31.77 25.08
N VAL K 392 26.70 30.72 25.36
CA VAL K 392 26.65 29.57 24.45
C VAL K 392 25.87 29.94 23.20
N LYS K 393 24.69 30.54 23.38
CA LYS K 393 23.86 30.95 22.26
C LYS K 393 24.48 32.07 21.45
N ALA K 394 25.37 32.87 22.04
CA ALA K 394 26.11 33.85 21.24
C ALA K 394 27.18 33.19 20.39
N TRP K 395 27.82 32.14 20.92
CA TRP K 395 28.81 31.42 20.14
C TRP K 395 28.15 30.55 19.07
N ALA K 396 27.04 29.90 19.42
CA ALA K 396 26.44 28.91 18.51
C ALA K 396 25.77 29.57 17.32
N GLY K 397 25.32 30.81 17.46
CA GLY K 397 24.75 31.53 16.33
C GLY K 397 25.76 31.92 15.28
N LYS K 398 27.03 32.02 15.64
CA LYS K 398 28.08 32.35 14.68
C LYS K 398 28.61 31.14 13.95
N ARG K 399 28.82 30.03 14.67
CA ARG K 399 29.53 28.88 14.13
C ARG K 399 28.62 27.80 13.57
N LEU K 400 27.43 27.64 14.13
CA LEU K 400 26.57 26.51 13.79
C LEU K 400 25.41 26.87 12.88
N TRP K 401 24.68 27.95 13.19
CA TRP K 401 23.37 28.20 12.61
C TRP K 401 23.49 28.61 11.14
N ASP K 402 23.03 27.73 10.26
CA ASP K 402 23.03 27.87 8.81
C ASP K 402 24.44 28.15 8.28
N GLN K 403 25.34 27.20 8.53
CA GLN K 403 26.70 27.34 7.99
C GLN K 403 27.10 26.01 7.37
N ASP K 404 28.11 26.06 6.52
CA ASP K 404 28.54 24.94 5.69
C ASP K 404 29.08 23.80 6.54
N ILE K 405 29.06 22.61 5.96
CA ILE K 405 29.52 21.40 6.61
C ILE K 405 30.52 20.70 5.71
N ALA K 406 31.33 19.83 6.31
CA ALA K 406 32.21 18.92 5.62
C ALA K 406 31.90 17.51 6.08
N ILE K 407 31.74 16.58 5.13
CA ILE K 407 31.32 15.22 5.44
C ILE K 407 32.41 14.28 4.93
N ALA K 408 32.46 13.07 5.49
CA ALA K 408 33.31 12.00 5.01
C ALA K 408 32.74 10.67 5.46
N GLY K 409 32.81 9.67 4.58
CA GLY K 409 32.24 8.38 4.91
C GLY K 409 32.86 7.23 4.13
N THR K 410 32.73 6.02 4.67
CA THR K 410 33.09 4.82 3.93
C THR K 410 32.27 3.64 4.39
N GLY K 411 32.28 2.59 3.58
CA GLY K 411 31.58 1.37 3.89
C GLY K 411 30.27 1.26 3.11
N GLN K 412 29.18 1.01 3.82
CA GLN K 412 27.85 0.83 3.23
C GLN K 412 27.10 2.16 3.26
N ILE K 413 27.59 3.12 2.47
CA ILE K 413 27.08 4.48 2.56
C ILE K 413 26.18 4.82 1.38
N GLU K 414 25.51 3.81 0.84
CA GLU K 414 24.51 4.06 -0.21
C GLU K 414 23.29 4.78 0.35
N GLY K 415 22.90 4.48 1.57
CA GLY K 415 21.77 5.13 2.22
C GLY K 415 22.03 6.51 2.78
N LEU K 416 23.21 7.06 2.53
CA LEU K 416 23.54 8.42 2.94
C LEU K 416 23.10 9.38 1.84
N LEU K 417 22.20 10.29 2.18
CA LEU K 417 21.68 11.24 1.20
C LEU K 417 22.74 12.28 0.85
N ASP K 418 22.41 13.12 -0.13
CA ASP K 418 23.42 13.99 -0.70
C ASP K 418 23.60 15.25 0.14
N TYR K 419 24.24 16.27 -0.46
CA TYR K 419 24.73 17.42 0.31
C TYR K 419 23.58 18.29 0.81
N MET K 420 22.72 18.76 -0.10
CA MET K 420 21.72 19.75 0.28
C MET K 420 20.51 19.18 0.99
N ARG K 421 20.41 17.86 1.12
CA ARG K 421 19.46 17.30 2.06
C ARG K 421 20.02 17.30 3.48
N ILE K 422 21.34 17.29 3.61
CA ILE K 422 22.00 17.38 4.90
C ILE K 422 22.32 18.82 5.28
N ARG K 423 22.70 19.63 4.29
CA ARG K 423 22.98 21.05 4.52
C ARG K 423 21.74 21.81 4.97
N SER K 424 20.55 21.32 4.62
CA SER K 424 19.29 21.95 4.97
C SER K 424 18.77 21.52 6.34
N ASP K 425 19.64 21.08 7.23
CA ASP K 425 19.27 20.82 8.60
C ASP K 425 20.08 21.65 9.59
N MET K 426 20.95 22.54 9.11
CA MET K 426 21.72 23.44 9.96
C MET K 426 20.94 24.67 10.39
N SER K 427 19.69 24.78 9.97
CA SER K 427 18.78 25.81 10.46
C SER K 427 17.38 25.25 10.24
N MET K 428 16.71 24.89 11.34
CA MET K 428 15.41 24.23 11.22
C MET K 428 14.37 25.16 10.61
N MET K 429 14.36 26.42 11.04
CA MET K 429 13.48 27.47 10.55
C MET K 429 12.01 27.04 10.58
N ARG K 430 11.59 26.64 11.77
CA ARG K 430 10.24 26.90 12.25
C ARG K 430 10.30 27.97 13.34
N TRP K 431 11.40 28.72 13.36
CA TRP K 431 11.73 29.61 14.46
C TRP K 431 12.53 30.82 13.96
N LEU L 1 40.62 -5.02 56.99
CA LEU L 1 40.34 -3.77 56.31
C LEU L 1 41.57 -2.88 56.28
N THR L 2 42.24 -2.82 55.15
CA THR L 2 43.47 -2.04 55.00
C THR L 2 43.18 -0.85 54.10
N VAL L 3 43.40 0.36 54.64
CA VAL L 3 43.20 1.60 53.91
C VAL L 3 44.57 2.22 53.66
N SER L 4 44.75 2.79 52.47
CA SER L 4 46.03 3.38 52.10
C SER L 4 45.78 4.54 51.15
N ALA L 5 46.62 5.58 51.28
CA ALA L 5 46.50 6.74 50.42
C ALA L 5 47.83 7.49 50.39
N ARG L 6 48.10 8.16 49.27
CA ARG L 6 49.25 9.05 49.17
C ARG L 6 48.80 10.39 48.61
N ASP L 7 49.33 11.48 49.16
CA ASP L 7 48.79 12.80 48.93
C ASP L 7 49.54 13.52 47.81
N ALA L 8 48.86 14.51 47.20
CA ALA L 8 49.41 15.35 46.17
C ALA L 8 48.59 16.64 46.11
N PRO L 9 49.17 17.77 45.68
CA PRO L 9 48.40 19.01 45.54
C PRO L 9 47.84 19.25 44.14
N THR L 10 47.06 18.28 43.64
CA THR L 10 46.45 18.38 42.32
C THR L 10 44.94 18.19 42.45
N LYS L 11 44.24 18.23 41.30
CA LYS L 11 42.80 18.47 41.25
C LYS L 11 41.96 17.19 41.28
N ILE L 12 42.35 16.15 40.55
CA ILE L 12 41.57 14.92 40.52
C ILE L 12 42.05 13.97 41.59
N SER L 13 41.21 12.98 41.90
CA SER L 13 41.57 11.89 42.80
C SER L 13 41.08 10.58 42.19
N THR L 14 41.37 9.47 42.88
CA THR L 14 40.99 8.15 42.41
C THR L 14 40.87 7.22 43.61
N LEU L 15 39.72 6.57 43.75
CA LEU L 15 39.46 5.65 44.85
C LEU L 15 39.16 4.27 44.29
N ALA L 16 39.91 3.26 44.74
CA ALA L 16 39.76 1.90 44.24
C ALA L 16 39.62 0.93 45.41
N VAL L 17 38.87 -0.14 45.18
CA VAL L 17 38.67 -1.21 46.15
C VAL L 17 39.00 -2.53 45.46
N LYS L 18 39.95 -3.27 46.01
CA LYS L 18 40.41 -4.51 45.41
C LYS L 18 40.04 -5.70 46.27
N VAL L 19 39.36 -6.67 45.67
CA VAL L 19 38.88 -7.87 46.34
C VAL L 19 39.54 -9.08 45.70
N HIS L 20 39.94 -10.06 46.53
CA HIS L 20 40.54 -11.30 46.03
C HIS L 20 39.43 -12.18 45.46
N GLY L 21 39.00 -11.84 44.25
CA GLY L 21 37.86 -12.49 43.65
C GLY L 21 37.95 -12.76 42.16
N GLY L 22 39.15 -13.00 41.65
CA GLY L 22 39.31 -13.24 40.24
C GLY L 22 38.80 -14.61 39.80
N SER L 23 39.22 -15.01 38.59
CA SER L 23 38.71 -16.23 38.01
C SER L 23 39.28 -17.48 38.66
N ARG L 24 40.39 -17.35 39.40
CA ARG L 24 41.02 -18.51 40.02
C ARG L 24 40.29 -18.98 41.27
N TYR L 25 39.27 -18.27 41.73
CA TYR L 25 38.46 -18.70 42.86
C TYR L 25 37.05 -19.09 42.44
N ALA L 26 36.78 -19.15 41.14
CA ALA L 26 35.43 -19.35 40.66
C ALA L 26 34.95 -20.78 40.91
N THR L 27 33.67 -20.91 41.25
CA THR L 27 33.10 -22.23 41.51
C THR L 27 32.71 -22.92 40.20
N LYS L 28 31.92 -22.23 39.38
CA LYS L 28 31.61 -22.66 38.03
C LYS L 28 32.35 -21.76 37.05
N ASP L 29 32.40 -22.18 35.79
CA ASP L 29 33.18 -21.46 34.80
C ASP L 29 32.45 -20.19 34.41
N GLY L 30 33.06 -19.04 34.70
CA GLY L 30 32.51 -17.76 34.33
C GLY L 30 31.66 -17.07 35.36
N VAL L 31 31.58 -17.60 36.58
CA VAL L 31 30.73 -16.98 37.59
C VAL L 31 31.34 -15.69 38.12
N ALA L 32 32.65 -15.49 37.94
CA ALA L 32 33.27 -14.21 38.27
C ALA L 32 33.19 -13.22 37.13
N HIS L 33 32.85 -13.67 35.92
CA HIS L 33 32.59 -12.76 34.82
C HIS L 33 31.20 -12.17 34.89
N LEU L 34 30.25 -12.90 35.48
CA LEU L 34 28.90 -12.38 35.62
C LEU L 34 28.72 -11.53 36.86
N LEU L 35 29.49 -11.78 37.93
CA LEU L 35 29.52 -10.86 39.05
C LEU L 35 30.18 -9.54 38.66
N ASN L 36 31.17 -9.60 37.77
CA ASN L 36 31.86 -8.39 37.32
C ASN L 36 30.96 -7.53 36.43
N ARG L 37 30.10 -8.14 35.62
CA ARG L 37 29.18 -7.38 34.79
C ARG L 37 27.93 -6.94 35.55
N PHE L 38 27.83 -7.30 36.82
CA PHE L 38 26.61 -7.01 37.58
C PHE L 38 26.78 -5.86 38.57
N ASN L 39 27.99 -5.52 38.98
CA ASN L 39 28.11 -4.41 39.90
C ASN L 39 27.98 -3.09 39.14
N PHE L 40 27.61 -2.04 39.88
CA PHE L 40 27.06 -0.78 39.35
C PHE L 40 25.81 -1.03 38.51
N GLN L 41 24.85 -1.71 39.13
CA GLN L 41 23.49 -1.89 38.61
C GLN L 41 22.56 -1.38 39.70
N ASN L 42 21.28 -1.74 39.62
CA ASN L 42 20.28 -1.32 40.59
C ASN L 42 20.65 -1.73 42.01
N THR L 43 20.84 -0.75 42.87
CA THR L 43 21.07 -0.94 44.30
C THR L 43 19.70 -0.92 44.98
N ASN L 44 19.60 -1.55 46.15
CA ASN L 44 18.34 -1.71 46.88
C ASN L 44 17.66 -0.39 47.23
N THR L 45 18.39 0.71 47.31
CA THR L 45 17.81 2.02 47.59
C THR L 45 17.91 2.99 46.42
N ARG L 46 19.01 2.96 45.68
CA ARG L 46 19.25 3.89 44.58
C ARG L 46 19.28 3.14 43.27
N SER L 47 18.66 3.71 42.24
CA SER L 47 18.63 3.07 40.94
C SER L 47 19.94 3.30 40.19
N ALA L 48 20.10 2.59 39.08
CA ALA L 48 21.29 2.73 38.25
C ALA L 48 21.21 3.94 37.34
N LEU L 49 20.02 4.49 37.14
CA LEU L 49 19.87 5.75 36.41
C LEU L 49 20.10 6.94 37.33
N LYS L 50 19.74 6.83 38.59
CA LYS L 50 20.01 7.91 39.54
C LYS L 50 21.49 8.05 39.83
N LEU L 51 22.26 6.96 39.78
CA LEU L 51 23.68 7.02 40.06
C LEU L 51 24.48 7.64 38.92
N VAL L 52 24.07 7.45 37.68
CA VAL L 52 24.80 8.03 36.56
C VAL L 52 24.54 9.52 36.44
N ARG L 53 23.29 9.95 36.65
CA ARG L 53 22.96 11.36 36.50
C ARG L 53 23.42 12.20 37.67
N GLU L 54 23.54 11.62 38.86
CA GLU L 54 24.01 12.37 40.02
C GLU L 54 25.49 12.70 39.91
N SER L 55 26.29 11.75 39.43
CA SER L 55 27.74 11.94 39.38
C SER L 55 28.21 12.63 38.11
N GLU L 56 27.37 12.75 37.09
CA GLU L 56 27.72 13.63 35.97
C GLU L 56 27.71 15.08 36.37
N LEU L 57 26.83 15.46 37.30
CA LEU L 57 26.77 16.84 37.77
C LEU L 57 27.85 17.17 38.77
N LEU L 58 28.49 16.17 39.36
CA LEU L 58 29.61 16.37 40.27
C LEU L 58 30.96 16.24 39.59
N GLY L 59 31.06 15.41 38.56
CA GLY L 59 32.32 15.03 37.98
C GLY L 59 32.74 13.72 38.58
N GLY L 60 32.57 12.63 37.86
CA GLY L 60 32.91 11.33 38.41
C GLY L 60 32.34 10.17 37.63
N THR L 61 33.13 9.12 37.47
CA THR L 61 32.72 7.92 36.74
C THR L 61 32.99 6.71 37.61
N PHE L 62 32.57 5.55 37.10
CA PHE L 62 32.75 4.28 37.81
C PHE L 62 33.14 3.22 36.79
N LYS L 63 33.78 2.16 37.29
CA LYS L 63 34.36 1.13 36.44
C LYS L 63 34.60 -0.13 37.27
N SER L 64 34.44 -1.29 36.64
CA SER L 64 34.76 -2.58 37.24
C SER L 64 35.62 -3.37 36.28
N THR L 65 36.64 -4.06 36.80
CA THR L 65 37.59 -4.76 35.94
C THR L 65 37.91 -6.12 36.55
N LEU L 66 37.91 -7.15 35.71
CA LEU L 66 38.18 -8.52 36.11
C LEU L 66 39.51 -9.00 35.54
N ASP L 67 40.28 -9.70 36.37
CA ASP L 67 41.47 -10.41 35.92
C ASP L 67 41.51 -11.75 36.65
N ARG L 68 42.66 -12.43 36.58
CA ARG L 68 42.74 -13.77 37.15
C ARG L 68 42.87 -13.77 38.66
N GLU L 69 43.22 -12.64 39.27
CA GLU L 69 43.36 -12.58 40.73
C GLU L 69 42.34 -11.65 41.39
N TYR L 70 42.13 -10.45 40.85
CA TYR L 70 41.38 -9.42 41.55
C TYR L 70 40.11 -9.03 40.80
N ILE L 71 39.12 -8.60 41.57
CA ILE L 71 38.01 -7.76 41.10
C ILE L 71 38.21 -6.39 41.71
N THR L 72 38.32 -5.36 40.88
CA THR L 72 38.60 -4.01 41.34
C THR L 72 37.49 -3.05 40.92
N LEU L 73 37.19 -2.10 41.80
CA LEU L 73 36.08 -1.17 41.64
C LEU L 73 36.63 0.25 41.74
N LYS L 74 36.75 0.93 40.61
CA LYS L 74 37.42 2.23 40.57
C LYS L 74 36.41 3.37 40.44
N ALA L 75 36.83 4.55 40.88
CA ALA L 75 36.01 5.76 40.75
C ALA L 75 36.95 6.96 40.74
N THR L 76 36.96 7.72 39.64
CA THR L 76 37.80 8.90 39.52
C THR L 76 36.94 10.15 39.66
N PHE L 77 37.45 11.16 40.34
CA PHE L 77 36.62 12.28 40.75
C PHE L 77 37.49 13.49 41.09
N LEU L 78 36.84 14.65 41.18
CA LEU L 78 37.50 15.88 41.62
C LEU L 78 37.66 15.86 43.14
N LYS L 79 38.68 16.57 43.63
CA LYS L 79 39.29 16.25 44.93
C LYS L 79 38.35 16.46 46.11
N ASP L 80 37.50 17.47 46.06
CA ASP L 80 36.80 17.94 47.25
C ASP L 80 35.33 17.48 47.32
N ASP L 81 35.02 16.27 46.89
CA ASP L 81 33.74 15.65 47.18
C ASP L 81 33.93 14.18 47.50
N LEU L 82 34.91 13.90 48.36
CA LEU L 82 35.23 12.53 48.74
C LEU L 82 34.13 11.73 49.47
N PRO L 83 33.27 12.29 50.35
CA PRO L 83 32.24 11.45 50.97
C PRO L 83 31.18 10.88 50.04
N TYR L 84 31.02 11.41 48.83
CA TYR L 84 30.00 10.85 47.95
C TYR L 84 30.43 9.52 47.36
N TYR L 85 31.73 9.32 47.14
CA TYR L 85 32.22 8.16 46.40
C TYR L 85 32.64 7.02 47.31
N VAL L 86 32.96 7.29 48.57
CA VAL L 86 33.11 6.22 49.55
C VAL L 86 31.76 5.58 49.80
N ASN L 87 30.70 6.37 49.83
CA ASN L 87 29.36 5.84 50.07
C ASN L 87 28.76 5.20 48.83
N ALA L 88 29.30 5.46 47.65
CA ALA L 88 28.76 4.83 46.45
C ALA L 88 29.31 3.43 46.26
N LEU L 89 30.60 3.22 46.52
CA LEU L 89 31.19 1.91 46.34
C LEU L 89 30.82 0.97 47.48
N ALA L 90 30.49 1.50 48.65
CA ALA L 90 30.07 0.66 49.76
C ALA L 90 28.68 0.10 49.55
N ASP L 91 27.81 0.83 48.86
CA ASP L 91 26.50 0.32 48.54
C ASP L 91 26.54 -0.73 47.44
N VAL L 92 27.62 -0.76 46.67
CA VAL L 92 27.75 -1.77 45.63
C VAL L 92 28.09 -3.13 46.24
N LEU L 93 28.99 -3.15 47.21
CA LEU L 93 29.41 -4.40 47.85
C LEU L 93 28.39 -4.94 48.84
N TYR L 94 27.35 -4.18 49.16
CA TYR L 94 26.48 -4.55 50.26
C TYR L 94 25.04 -4.82 49.85
N LYS L 95 24.47 -4.00 48.98
CA LYS L 95 23.01 -4.02 48.79
C LYS L 95 22.65 -3.98 47.31
N THR L 96 23.29 -4.82 46.51
CA THR L 96 22.89 -4.94 45.11
C THR L 96 21.64 -5.80 45.02
N ALA L 97 20.77 -5.50 44.05
CA ALA L 97 19.40 -6.01 44.08
C ALA L 97 19.27 -7.47 43.68
N PHE L 98 19.98 -7.88 42.61
CA PHE L 98 19.93 -9.22 42.01
C PHE L 98 18.50 -9.57 41.58
N LYS L 99 18.03 -8.81 40.60
CA LYS L 99 16.74 -8.91 39.92
C LYS L 99 16.88 -9.74 38.66
N PRO L 100 15.92 -10.64 38.38
CA PRO L 100 16.07 -11.56 37.25
C PRO L 100 15.99 -10.89 35.90
N HIS L 101 15.34 -9.73 35.78
CA HIS L 101 15.24 -9.08 34.48
C HIS L 101 16.49 -8.31 34.12
N GLU L 102 17.31 -7.95 35.11
CA GLU L 102 18.59 -7.31 34.81
C GLU L 102 19.59 -8.31 34.25
N LEU L 103 19.48 -9.57 34.66
CA LEU L 103 20.35 -10.60 34.11
C LEU L 103 20.06 -10.83 32.64
N THR L 104 18.77 -10.88 32.25
CA THR L 104 18.44 -11.21 30.87
C THR L 104 18.51 -9.99 29.94
N GLU L 105 18.23 -8.79 30.45
CA GLU L 105 18.20 -7.60 29.60
C GLU L 105 19.53 -6.86 29.55
N SER L 106 20.31 -6.89 30.62
CA SER L 106 21.54 -6.11 30.70
C SER L 106 22.80 -6.97 30.80
N VAL L 107 22.83 -7.93 31.71
CA VAL L 107 24.10 -8.58 32.07
C VAL L 107 24.47 -9.67 31.07
N LEU L 108 23.52 -10.53 30.71
CA LEU L 108 23.82 -11.57 29.73
C LEU L 108 24.12 -11.08 28.31
N PRO L 109 23.49 -10.02 27.77
CA PRO L 109 24.00 -9.50 26.49
C PRO L 109 25.35 -8.83 26.59
N ALA L 110 25.73 -8.33 27.76
CA ALA L 110 27.04 -7.70 27.93
C ALA L 110 28.13 -8.75 28.06
N ALA L 111 27.83 -9.87 28.73
CA ALA L 111 28.80 -10.95 28.82
C ALA L 111 28.99 -11.66 27.50
N ARG L 112 27.94 -11.78 26.69
CA ARG L 112 28.06 -12.38 25.37
C ARG L 112 28.75 -11.44 24.38
N TYR L 113 28.75 -10.14 24.66
CA TYR L 113 29.53 -9.23 23.84
C TYR L 113 31.01 -9.35 24.14
N ASP L 114 31.36 -9.48 25.42
CA ASP L 114 32.76 -9.60 25.83
C ASP L 114 33.37 -10.90 25.33
N TYR L 115 32.58 -11.95 25.18
CA TYR L 115 33.12 -13.22 24.71
C TYR L 115 33.42 -13.18 23.23
N ALA L 116 32.56 -12.54 22.44
CA ALA L 116 32.74 -12.52 20.99
C ALA L 116 33.86 -11.61 20.54
N VAL L 117 34.24 -10.62 21.34
CA VAL L 117 35.41 -9.81 21.01
C VAL L 117 36.69 -10.59 21.27
N ALA L 118 36.75 -11.30 22.39
CA ALA L 118 37.96 -12.02 22.76
C ALA L 118 38.22 -13.24 21.90
N GLU L 119 37.19 -13.79 21.26
CA GLU L 119 37.34 -15.03 20.52
C GLU L 119 37.68 -14.84 19.06
N GLN L 120 37.71 -13.61 18.56
CA GLN L 120 38.16 -13.36 17.20
C GLN L 120 39.63 -12.98 17.14
N CYS L 121 40.33 -13.02 18.26
CA CYS L 121 41.77 -12.83 18.39
C CYS L 121 42.45 -14.16 18.63
N PRO L 122 43.48 -14.51 17.88
CA PRO L 122 44.17 -15.80 18.10
C PRO L 122 45.26 -15.76 19.15
N VAL L 123 45.55 -14.61 19.75
CA VAL L 123 46.57 -14.50 20.79
C VAL L 123 45.97 -14.64 22.18
N LYS L 124 44.79 -14.09 22.40
CA LYS L 124 44.09 -14.35 23.66
C LYS L 124 43.47 -15.73 23.70
N SER L 125 43.34 -16.39 22.55
CA SER L 125 42.87 -17.78 22.54
C SER L 125 44.00 -18.74 22.91
N ALA L 126 45.21 -18.47 22.41
CA ALA L 126 46.34 -19.33 22.76
C ALA L 126 46.81 -19.10 24.19
N GLU L 127 46.70 -17.86 24.68
CA GLU L 127 47.15 -17.54 26.03
C GLU L 127 46.26 -18.18 27.09
N ASP L 128 44.97 -18.32 26.80
CA ASP L 128 44.07 -19.02 27.70
C ASP L 128 44.30 -20.53 27.67
N GLN L 129 44.97 -21.04 26.64
CA GLN L 129 45.32 -22.45 26.59
C GLN L 129 46.60 -22.77 27.34
N LEU L 130 47.56 -21.83 27.38
CA LEU L 130 48.75 -22.01 28.20
C LEU L 130 48.43 -22.05 29.67
N TYR L 131 47.37 -21.36 30.10
CA TYR L 131 46.99 -21.44 31.50
C TYR L 131 46.31 -22.77 31.79
N ALA L 132 45.63 -23.35 30.81
CA ALA L 132 44.85 -24.55 31.07
C ALA L 132 45.74 -25.79 31.20
N ILE L 133 46.75 -25.91 30.34
CA ILE L 133 47.61 -27.09 30.38
C ILE L 133 48.74 -26.99 31.39
N THR L 134 48.97 -25.81 31.97
CA THR L 134 50.04 -25.66 32.96
C THR L 134 49.51 -25.79 34.38
N PHE L 135 48.47 -25.05 34.71
CA PHE L 135 47.76 -25.17 35.97
C PHE L 135 46.39 -25.73 35.65
N ARG L 136 46.12 -26.96 36.06
CA ARG L 136 44.92 -27.62 35.56
C ARG L 136 43.67 -27.08 36.24
N LYS L 137 43.64 -27.08 37.56
CA LYS L 137 42.56 -26.49 38.33
C LYS L 137 43.11 -25.33 39.13
N GLY L 138 42.31 -24.26 39.25
CA GLY L 138 42.75 -23.08 39.96
C GLY L 138 43.10 -21.94 39.03
N LEU L 139 44.40 -21.73 38.79
CA LEU L 139 44.84 -20.62 37.94
C LEU L 139 44.54 -20.85 36.47
N GLY L 140 44.18 -22.05 36.06
CA GLY L 140 43.87 -22.31 34.66
C GLY L 140 42.38 -22.35 34.38
N ASN L 141 41.60 -21.74 35.24
CA ASN L 141 40.16 -21.66 35.04
C ASN L 141 39.84 -20.69 33.91
N PRO L 142 38.69 -20.86 33.25
CA PRO L 142 38.31 -19.92 32.19
C PRO L 142 38.01 -18.53 32.73
N LEU L 143 38.43 -17.52 31.98
CA LEU L 143 38.21 -16.14 32.38
C LEU L 143 36.79 -15.70 32.13
N LEU L 144 36.30 -15.89 30.91
CA LEU L 144 35.00 -15.37 30.48
C LEU L 144 33.92 -16.44 30.65
N TYR L 145 32.74 -16.16 30.11
CA TYR L 145 31.59 -17.05 30.21
C TYR L 145 31.13 -17.40 28.79
N ASP L 146 31.31 -18.65 28.40
CA ASP L 146 30.94 -19.11 27.07
C ASP L 146 29.62 -19.87 27.05
N GLY L 147 29.22 -20.47 28.16
CA GLY L 147 27.94 -21.11 28.28
C GLY L 147 27.95 -22.63 28.30
N VAL L 148 29.12 -23.27 28.45
CA VAL L 148 29.14 -24.73 28.45
C VAL L 148 28.67 -25.29 29.79
N GLU L 149 28.62 -24.46 30.82
CA GLU L 149 28.05 -24.79 32.12
C GLU L 149 27.07 -23.69 32.49
N ARG L 150 25.88 -24.08 32.90
CA ARG L 150 24.78 -23.13 33.10
C ARG L 150 24.83 -22.61 34.52
N VAL L 151 25.17 -21.33 34.68
CA VAL L 151 25.23 -20.68 35.99
C VAL L 151 23.98 -19.83 36.17
N SER L 152 23.30 -20.03 37.29
CA SER L 152 22.00 -19.43 37.53
C SER L 152 22.15 -18.08 38.22
N LEU L 153 21.02 -17.46 38.57
CA LEU L 153 21.06 -16.25 39.37
C LEU L 153 21.43 -16.55 40.81
N GLN L 154 21.09 -17.75 41.29
CA GLN L 154 21.39 -18.12 42.67
C GLN L 154 22.88 -18.35 42.87
N ASP L 155 23.59 -18.74 41.81
CA ASP L 155 25.03 -18.97 41.94
C ASP L 155 25.80 -17.66 41.97
N ILE L 156 25.33 -16.64 41.25
CA ILE L 156 25.96 -15.32 41.30
C ILE L 156 25.73 -14.68 42.66
N LYS L 157 24.56 -14.92 43.26
CA LYS L 157 24.32 -14.47 44.62
C LYS L 157 25.10 -15.26 45.64
N ASP L 158 25.52 -16.48 45.30
CA ASP L 158 26.33 -17.30 46.20
C ASP L 158 27.82 -17.05 46.04
N PHE L 159 28.25 -16.60 44.87
CA PHE L 159 29.65 -16.24 44.69
C PHE L 159 29.99 -14.93 45.37
N ALA L 160 29.01 -14.03 45.49
CA ALA L 160 29.24 -12.74 46.12
C ALA L 160 29.17 -12.80 47.63
N ASP L 161 28.50 -13.80 48.20
CA ASP L 161 28.47 -14.01 49.64
C ASP L 161 29.81 -14.48 50.18
N LYS L 162 30.65 -15.05 49.34
CA LYS L 162 31.96 -15.56 49.71
C LYS L 162 33.08 -14.57 49.45
N VAL L 163 33.04 -13.89 48.31
CA VAL L 163 34.16 -13.07 47.87
C VAL L 163 34.11 -11.69 48.53
N TYR L 164 32.94 -11.07 48.59
CA TYR L 164 32.79 -9.73 49.17
C TYR L 164 32.69 -9.84 50.70
N THR L 165 33.85 -9.91 51.35
CA THR L 165 33.94 -9.89 52.80
C THR L 165 35.03 -8.91 53.21
N LYS L 166 35.13 -8.66 54.53
CA LYS L 166 36.08 -7.67 55.03
C LYS L 166 37.52 -8.14 54.97
N GLU L 167 37.76 -9.45 55.03
CA GLU L 167 39.13 -9.94 55.01
C GLU L 167 39.72 -9.97 53.61
N ASN L 168 38.91 -9.78 52.57
CA ASN L 168 39.41 -9.72 51.21
C ASN L 168 39.64 -8.31 50.70
N LEU L 169 39.25 -7.29 51.47
CA LEU L 169 39.27 -5.93 50.95
C LEU L 169 40.66 -5.31 51.02
N GLU L 170 40.95 -4.49 50.02
CA GLU L 170 42.16 -3.65 49.99
C GLU L 170 41.71 -2.30 49.45
N VAL L 171 41.31 -1.41 50.35
CA VAL L 171 40.85 -0.08 49.96
C VAL L 171 42.07 0.79 49.75
N SER L 172 42.21 1.34 48.56
CA SER L 172 43.34 2.19 48.21
C SER L 172 42.85 3.60 47.91
N GLY L 173 43.78 4.46 47.55
CA GLY L 173 43.46 5.84 47.21
C GLY L 173 44.65 6.56 46.63
N GLU L 174 44.46 7.25 45.52
CA GLU L 174 45.50 8.05 44.89
C GLU L 174 45.06 9.50 44.88
N ASN L 175 46.00 10.39 45.25
CA ASN L 175 45.77 11.83 45.40
C ASN L 175 44.64 12.09 46.40
N VAL L 176 44.72 11.40 47.54
CA VAL L 176 43.74 11.48 48.61
C VAL L 176 44.52 11.68 49.91
N VAL L 177 44.11 12.66 50.71
CA VAL L 177 44.67 12.80 52.05
C VAL L 177 44.28 11.59 52.89
N GLU L 178 45.28 10.98 53.54
CA GLU L 178 45.08 9.66 54.13
C GLU L 178 44.33 9.74 55.45
N ALA L 179 44.33 10.91 56.09
CA ALA L 179 43.83 11.01 57.46
C ALA L 179 42.32 10.89 57.53
N ASP L 180 41.60 11.60 56.65
CA ASP L 180 40.14 11.56 56.68
C ASP L 180 39.58 10.46 55.79
N LEU L 181 40.40 9.89 54.91
CA LEU L 181 39.97 8.71 54.16
C LEU L 181 39.76 7.53 55.10
N LYS L 182 40.68 7.34 56.05
CA LYS L 182 40.50 6.31 57.07
C LYS L 182 39.37 6.64 58.03
N ARG L 183 38.92 7.90 58.08
CA ARG L 183 37.79 8.23 58.93
C ARG L 183 36.46 7.99 58.22
N PHE L 184 36.37 8.32 56.93
CA PHE L 184 35.12 8.14 56.20
C PHE L 184 34.80 6.68 55.98
N VAL L 185 35.83 5.85 55.83
CA VAL L 185 35.65 4.42 55.65
C VAL L 185 35.08 3.78 56.92
N ASP L 186 35.43 4.33 58.09
CA ASP L 186 35.01 3.73 59.35
C ASP L 186 33.53 3.94 59.66
N GLU L 187 32.90 5.00 59.12
CA GLU L 187 31.46 5.18 59.23
C GLU L 187 30.76 4.92 57.90
N SER L 188 31.32 4.02 57.09
CA SER L 188 30.72 3.64 55.82
C SER L 188 30.01 2.30 56.00
N LEU L 189 29.49 1.74 54.91
CA LEU L 189 28.80 0.47 54.97
C LEU L 189 29.72 -0.73 54.86
N LEU L 190 30.98 -0.54 54.46
CA LEU L 190 31.93 -1.64 54.44
C LEU L 190 32.71 -1.76 55.75
N SER L 191 31.95 -1.67 56.84
CA SER L 191 32.35 -2.10 58.17
C SER L 191 31.25 -2.89 58.85
N THR L 192 30.03 -2.86 58.32
CA THR L 192 28.98 -3.78 58.67
C THR L 192 28.99 -5.02 57.78
N LEU L 193 30.01 -5.16 56.94
CA LEU L 193 30.20 -6.37 56.16
C LEU L 193 30.53 -7.54 57.09
N PRO L 194 30.21 -8.77 56.69
CA PRO L 194 30.64 -9.92 57.49
C PRO L 194 32.12 -10.19 57.30
N ALA L 195 32.83 -10.36 58.41
CA ALA L 195 34.24 -10.71 58.35
C ALA L 195 34.34 -12.22 58.14
N GLY L 196 34.75 -12.63 56.95
CA GLY L 196 34.87 -14.04 56.66
C GLY L 196 36.29 -14.53 56.81
N LYS L 197 36.93 -14.86 55.69
CA LYS L 197 38.32 -15.28 55.71
C LYS L 197 38.94 -14.91 54.38
N SER L 198 40.25 -14.68 54.41
CA SER L 198 40.98 -14.39 53.18
C SER L 198 41.11 -15.66 52.34
N LEU L 199 40.86 -15.53 51.05
CA LEU L 199 40.89 -16.69 50.18
C LEU L 199 42.25 -16.96 49.56
N VAL L 200 43.23 -16.08 49.77
CA VAL L 200 44.55 -16.29 49.20
C VAL L 200 45.29 -17.34 50.02
N SER L 201 46.12 -18.14 49.36
CA SER L 201 46.88 -19.19 49.99
C SER L 201 48.35 -19.02 49.68
N LYS L 202 49.19 -19.36 50.65
CA LYS L 202 50.62 -19.07 50.56
C LYS L 202 51.42 -20.24 50.02
N SER L 203 50.77 -21.35 49.70
CA SER L 203 51.44 -22.47 49.06
C SER L 203 51.78 -22.14 47.62
N GLU L 204 52.75 -22.86 47.08
CA GLU L 204 52.97 -22.64 45.65
C GLU L 204 52.09 -23.57 44.82
N PRO L 205 51.57 -23.13 43.69
CA PRO L 205 50.69 -24.00 42.91
C PRO L 205 51.46 -25.03 42.12
N LYS L 206 50.81 -26.17 41.89
CA LYS L 206 51.42 -27.26 41.15
C LYS L 206 51.37 -26.99 39.66
N PHE L 207 52.46 -27.31 38.96
CA PHE L 207 52.54 -27.10 37.53
C PHE L 207 52.89 -28.41 36.84
N PHE L 208 52.76 -28.40 35.52
CA PHE L 208 52.95 -29.59 34.69
C PHE L 208 53.78 -29.20 33.49
N LEU L 209 54.75 -30.04 33.14
CA LEU L 209 55.73 -29.71 32.12
C LEU L 209 55.70 -30.73 30.98
N GLY L 210 55.93 -30.25 29.77
CA GLY L 210 55.99 -31.09 28.60
C GLY L 210 54.69 -31.41 27.93
N GLU L 211 53.64 -30.61 28.17
CA GLU L 211 52.32 -30.90 27.63
C GLU L 211 52.09 -30.11 26.35
N GLU L 212 50.96 -30.40 25.69
CA GLU L 212 50.73 -29.98 24.32
C GLU L 212 49.23 -29.88 24.04
N ASN L 213 48.86 -28.97 23.14
CA ASN L 213 47.48 -28.85 22.68
C ASN L 213 47.45 -28.11 21.36
N ARG L 214 46.45 -28.45 20.53
CA ARG L 214 46.32 -27.95 19.16
C ARG L 214 44.87 -27.59 18.89
N VAL L 215 44.63 -26.47 18.21
CA VAL L 215 43.29 -25.91 17.97
C VAL L 215 43.22 -25.36 16.56
N ARG L 216 42.21 -25.79 15.80
CA ARG L 216 42.00 -25.29 14.44
C ARG L 216 41.26 -23.96 14.46
N PHE L 217 41.70 -23.02 13.62
CA PHE L 217 41.19 -21.66 13.63
C PHE L 217 41.36 -21.05 12.24
N ILE L 218 40.38 -20.26 11.83
CA ILE L 218 40.40 -19.58 10.52
C ILE L 218 40.98 -18.18 10.71
N GLY L 219 42.13 -17.92 10.10
CA GLY L 219 42.72 -16.59 10.17
C GLY L 219 44.22 -16.62 10.27
N ASP L 220 44.79 -15.87 11.21
CA ASP L 220 46.23 -15.91 11.43
C ASP L 220 46.60 -17.10 12.29
N SER L 221 47.88 -17.46 12.24
CA SER L 221 48.42 -18.59 12.97
C SER L 221 49.31 -18.08 14.10
N VAL L 222 49.27 -18.76 15.25
CA VAL L 222 50.01 -18.36 16.43
C VAL L 222 50.64 -19.61 17.06
N ALA L 223 51.94 -19.54 17.34
CA ALA L 223 52.65 -20.55 18.12
C ALA L 223 53.14 -19.91 19.41
N ALA L 224 53.05 -20.66 20.52
CA ALA L 224 53.31 -20.08 21.83
C ALA L 224 53.92 -21.12 22.76
N ILE L 225 54.78 -20.67 23.67
CA ILE L 225 55.38 -21.52 24.69
C ILE L 225 55.18 -20.88 26.05
N GLY L 226 55.14 -21.72 27.10
CA GLY L 226 54.91 -21.24 28.45
C GLY L 226 55.71 -21.96 29.51
N ILE L 227 56.32 -21.19 30.42
CA ILE L 227 57.20 -21.73 31.46
C ILE L 227 56.67 -21.25 32.81
N PRO L 228 56.44 -22.13 33.77
CA PRO L 228 56.03 -21.67 35.10
C PRO L 228 57.21 -21.34 36.01
N VAL L 229 57.20 -20.16 36.63
CA VAL L 229 58.31 -19.71 37.46
C VAL L 229 57.85 -19.65 38.91
N ASN L 230 58.81 -19.62 39.82
CA ASN L 230 58.54 -19.65 41.26
C ASN L 230 58.96 -18.33 41.88
N LYS L 231 58.79 -18.22 43.19
CA LYS L 231 59.14 -16.97 43.89
C LYS L 231 60.56 -17.01 44.41
N ALA L 232 61.49 -17.46 43.56
CA ALA L 232 62.91 -17.21 43.76
C ALA L 232 63.64 -16.86 42.48
N SER L 233 63.13 -17.27 41.32
CA SER L 233 63.69 -16.91 40.02
C SER L 233 62.82 -15.87 39.33
N LEU L 234 62.08 -15.10 40.12
CA LEU L 234 61.10 -14.16 39.62
C LEU L 234 61.73 -12.93 38.97
N ALA L 235 63.02 -12.67 39.22
CA ALA L 235 63.72 -11.57 38.60
C ALA L 235 64.51 -11.98 37.37
N GLN L 236 64.94 -13.24 37.29
CA GLN L 236 65.69 -13.72 36.13
C GLN L 236 64.78 -13.83 34.91
N TYR L 237 63.53 -14.22 35.12
CA TYR L 237 62.56 -14.26 34.03
C TYR L 237 61.94 -12.90 33.77
N GLU L 238 62.16 -11.93 34.64
CA GLU L 238 61.69 -10.57 34.39
C GLU L 238 62.71 -9.79 33.56
N VAL L 239 63.99 -10.10 33.71
CA VAL L 239 65.02 -9.51 32.85
C VAL L 239 64.93 -10.09 31.44
N LEU L 240 64.64 -11.39 31.34
CA LEU L 240 64.55 -12.04 30.04
C LEU L 240 63.36 -11.53 29.24
N ALA L 241 62.27 -11.19 29.92
CA ALA L 241 61.09 -10.71 29.22
C ALA L 241 61.29 -9.32 28.65
N ASN L 242 62.21 -8.54 29.20
CA ASN L 242 62.52 -7.23 28.66
C ASN L 242 63.68 -7.26 27.68
N TYR L 243 64.64 -8.16 27.89
CA TYR L 243 65.76 -8.31 26.95
C TYR L 243 65.29 -8.89 25.62
N LEU L 244 64.25 -9.74 25.63
CA LEU L 244 63.74 -10.32 24.40
C LEU L 244 62.94 -9.31 23.59
N THR L 245 62.38 -8.30 24.24
CA THR L 245 61.62 -7.25 23.59
C THR L 245 62.43 -5.98 23.40
N SER L 246 63.68 -5.95 23.86
CA SER L 246 64.54 -4.80 23.64
C SER L 246 65.18 -4.85 22.26
N ALA L 247 66.03 -3.87 21.99
CA ALA L 247 66.86 -3.88 20.80
C ALA L 247 68.22 -4.54 21.04
N LEU L 248 68.44 -5.08 22.24
CA LEU L 248 69.68 -5.74 22.57
C LEU L 248 69.74 -7.18 22.08
N SER L 249 68.61 -7.71 21.60
CA SER L 249 68.53 -9.10 21.18
C SER L 249 68.28 -9.18 19.69
N GLU L 250 68.93 -10.15 19.04
CA GLU L 250 68.70 -10.43 17.62
C GLU L 250 67.39 -11.16 17.38
N LEU L 251 66.79 -11.73 18.43
CA LEU L 251 65.49 -12.38 18.35
C LEU L 251 64.33 -11.40 18.46
N SER L 252 64.60 -10.09 18.40
CA SER L 252 63.55 -9.09 18.60
C SER L 252 62.61 -9.01 17.40
N GLY L 253 63.10 -9.27 16.20
CA GLY L 253 62.25 -9.17 15.03
C GLY L 253 61.39 -10.38 14.77
N LEU L 254 61.53 -11.44 15.56
CA LEU L 254 60.77 -12.66 15.38
C LEU L 254 59.78 -12.90 16.51
N ILE L 255 59.74 -12.01 17.49
CA ILE L 255 58.92 -12.19 18.68
C ILE L 255 57.87 -11.09 18.69
N SER L 256 56.61 -11.49 18.67
CA SER L 256 55.52 -10.52 18.73
C SER L 256 55.26 -10.07 20.15
N SER L 257 55.45 -10.95 21.13
CA SER L 257 55.09 -10.66 22.51
C SER L 257 55.92 -11.54 23.44
N ALA L 258 56.27 -10.96 24.59
CA ALA L 258 56.95 -11.67 25.66
C ALA L 258 56.62 -10.97 26.97
N LYS L 259 56.18 -11.73 27.97
CA LYS L 259 55.70 -11.12 29.20
C LYS L 259 55.82 -12.11 30.35
N LEU L 260 55.92 -11.57 31.56
CA LEU L 260 55.86 -12.35 32.78
C LEU L 260 54.71 -11.82 33.63
N ASP L 261 53.85 -12.72 34.09
CA ASP L 261 52.66 -12.34 34.87
C ASP L 261 53.00 -12.49 36.34
N LYS L 262 53.30 -11.37 36.99
CA LYS L 262 53.70 -11.37 38.40
C LYS L 262 52.48 -11.64 39.28
N PHE L 263 52.42 -12.82 39.87
CA PHE L 263 51.50 -13.09 40.96
C PHE L 263 52.29 -13.21 42.25
N THR L 264 51.58 -13.38 43.37
CA THR L 264 52.22 -13.45 44.67
C THR L 264 52.72 -14.86 44.99
N ASP L 265 52.47 -15.84 44.13
CA ASP L 265 52.96 -17.19 44.30
C ASP L 265 54.01 -17.59 43.28
N GLY L 266 54.27 -16.75 42.28
CA GLY L 266 55.15 -17.12 41.20
C GLY L 266 54.82 -16.37 39.92
N GLY L 267 54.61 -17.10 38.84
CA GLY L 267 54.25 -16.46 37.59
C GLY L 267 54.36 -17.42 36.44
N LEU L 268 54.07 -16.89 35.25
CA LEU L 268 54.09 -17.64 34.01
C LEU L 268 54.75 -16.79 32.94
N PHE L 269 55.92 -17.22 32.46
CA PHE L 269 56.57 -16.57 31.34
C PHE L 269 55.98 -17.11 30.06
N THR L 270 55.35 -16.25 29.26
CA THR L 270 54.78 -16.65 27.99
C THR L 270 55.46 -15.90 26.84
N LEU L 271 55.47 -16.53 25.67
CA LEU L 271 56.04 -15.95 24.47
C LEU L 271 55.11 -16.26 23.30
N PHE L 272 55.05 -15.36 22.33
CA PHE L 272 54.12 -15.52 21.21
C PHE L 272 54.78 -15.17 19.89
N VAL L 273 54.47 -15.95 18.86
CA VAL L 273 54.89 -15.71 17.48
C VAL L 273 53.65 -15.73 16.62
N ARG L 274 53.49 -14.74 15.74
CA ARG L 274 52.24 -14.58 14.99
C ARG L 274 52.56 -14.05 13.59
N ASP L 275 51.92 -14.62 12.58
CA ASP L 275 52.01 -14.14 11.20
C ASP L 275 50.80 -14.62 10.42
N GLN L 276 50.64 -14.10 9.21
CA GLN L 276 49.57 -14.54 8.33
C GLN L 276 49.89 -15.88 7.69
N ASP L 277 51.12 -16.04 7.21
CA ASP L 277 51.59 -17.31 6.69
C ASP L 277 51.83 -18.26 7.86
N SER L 278 51.84 -19.56 7.58
CA SER L 278 52.15 -20.53 8.61
C SER L 278 53.50 -21.20 8.40
N ALA L 279 54.20 -20.92 7.31
CA ALA L 279 55.59 -21.31 7.16
C ALA L 279 56.54 -20.30 7.77
N VAL L 280 56.10 -19.06 7.96
CA VAL L 280 56.89 -18.08 8.70
C VAL L 280 56.80 -18.35 10.19
N VAL L 281 55.62 -18.75 10.68
CA VAL L 281 55.46 -19.11 12.08
C VAL L 281 56.23 -20.37 12.40
N SER L 282 56.32 -21.29 11.43
CA SER L 282 57.02 -22.56 11.65
C SER L 282 58.52 -22.36 11.78
N SER L 283 59.09 -21.48 10.96
CA SER L 283 60.54 -21.29 10.93
C SER L 283 61.02 -20.21 11.88
N ASN L 284 60.13 -19.55 12.60
CA ASN L 284 60.51 -18.58 13.61
C ASN L 284 60.46 -19.14 15.01
N ILE L 285 59.48 -19.98 15.32
CA ILE L 285 59.45 -20.65 16.61
C ILE L 285 60.53 -21.72 16.71
N LYS L 286 61.07 -22.18 15.58
CA LYS L 286 62.16 -23.14 15.60
C LYS L 286 63.52 -22.48 15.78
N LYS L 287 63.63 -21.19 15.47
CA LYS L 287 64.87 -20.45 15.70
C LYS L 287 64.97 -19.92 17.12
N ILE L 288 63.85 -19.73 17.81
CA ILE L 288 63.87 -19.15 19.14
C ILE L 288 64.23 -20.20 20.18
N VAL L 289 63.65 -21.39 20.09
CA VAL L 289 63.98 -22.45 21.03
C VAL L 289 65.38 -22.99 20.78
N ALA L 290 65.88 -22.87 19.55
CA ALA L 290 67.24 -23.33 19.26
C ALA L 290 68.30 -22.41 19.86
N ASP L 291 68.01 -21.11 19.92
CA ASP L 291 68.95 -20.16 20.51
C ASP L 291 68.79 -20.04 22.02
N LEU L 292 67.60 -20.26 22.55
CA LEU L 292 67.40 -20.20 23.99
C LEU L 292 67.93 -21.44 24.69
N LYS L 293 68.07 -22.55 23.97
CA LYS L 293 68.63 -23.76 24.57
C LYS L 293 70.14 -23.73 24.67
N LYS L 294 70.81 -22.91 23.84
CA LYS L 294 72.26 -22.77 23.96
C LYS L 294 72.65 -22.02 25.21
N GLY L 295 72.09 -20.84 25.41
CA GLY L 295 72.36 -20.02 26.57
C GLY L 295 72.30 -18.56 26.22
N LYS L 296 72.01 -17.74 27.23
CA LYS L 296 71.91 -16.30 27.05
C LYS L 296 72.60 -15.59 28.20
N ASP L 297 73.08 -14.38 27.93
CA ASP L 297 73.68 -13.52 28.94
C ASP L 297 72.79 -12.31 29.14
N LEU L 298 72.25 -12.17 30.36
CA LEU L 298 71.22 -11.19 30.66
C LEU L 298 71.76 -9.93 31.33
N SER L 299 73.01 -9.94 31.77
CA SER L 299 73.59 -8.84 32.54
C SER L 299 73.73 -7.47 31.84
N PRO L 300 73.81 -7.35 30.50
CA PRO L 300 73.68 -5.98 29.95
C PRO L 300 72.32 -5.34 30.15
N ALA L 301 71.26 -6.12 30.20
CA ALA L 301 69.91 -5.55 30.31
C ALA L 301 69.44 -5.54 31.76
N ILE L 302 70.14 -4.76 32.58
CA ILE L 302 69.78 -4.58 33.98
C ILE L 302 69.35 -3.13 34.27
N ASN L 303 70.10 -2.16 33.75
CA ASN L 303 69.65 -0.78 33.84
C ASN L 303 68.50 -0.49 32.90
N TYR L 304 68.31 -1.30 31.85
CA TYR L 304 67.16 -1.15 30.99
C TYR L 304 65.90 -1.76 31.58
N THR L 305 66.01 -2.79 32.41
CA THR L 305 64.83 -3.35 33.05
C THR L 305 64.52 -2.71 34.39
N LYS L 306 65.44 -1.90 34.93
CA LYS L 306 65.10 -1.09 36.10
C LYS L 306 64.21 0.08 35.71
N LEU L 307 64.44 0.65 34.53
CA LEU L 307 63.57 1.70 33.99
C LEU L 307 62.18 1.15 33.68
N LYS L 308 62.11 0.04 32.95
CA LYS L 308 60.85 -0.52 32.50
C LYS L 308 60.05 -1.15 33.63
N ASN L 309 60.65 -1.40 34.79
CA ASN L 309 59.90 -1.88 35.93
C ASN L 309 59.29 -0.75 36.73
N ALA L 310 59.96 0.41 36.78
CA ALA L 310 59.43 1.55 37.52
C ALA L 310 58.37 2.31 36.74
N VAL L 311 58.30 2.12 35.42
CA VAL L 311 57.22 2.72 34.64
C VAL L 311 55.90 2.02 34.93
N GLN L 312 55.90 0.68 34.95
CA GLN L 312 54.70 -0.06 35.30
C GLN L 312 54.37 0.06 36.78
N ASN L 313 55.36 0.39 37.61
CA ASN L 313 55.13 0.52 39.05
C ASN L 313 54.74 1.93 39.44
N GLU L 314 53.72 2.48 38.77
CA GLU L 314 53.08 3.72 39.19
C GLU L 314 51.59 3.55 39.46
N SER L 315 50.97 2.49 38.96
CA SER L 315 49.59 2.13 39.28
C SER L 315 49.65 0.69 39.79
N VAL L 316 49.97 0.53 41.08
CA VAL L 316 50.36 -0.76 41.61
C VAL L 316 50.31 -0.68 43.13
N SER L 317 50.23 -1.85 43.79
CA SER L 317 50.48 -1.97 45.22
C SER L 317 51.93 -2.35 45.52
N SER L 318 52.80 -2.33 44.50
CA SER L 318 54.25 -2.47 44.54
C SER L 318 54.77 -3.78 45.13
N PRO L 319 54.65 -4.92 44.42
CA PRO L 319 55.52 -6.07 44.77
C PRO L 319 56.92 -5.88 44.19
N ILE L 320 57.87 -5.55 45.05
CA ILE L 320 59.18 -5.12 44.58
C ILE L 320 60.03 -6.34 44.23
N GLU L 321 60.79 -6.22 43.14
CA GLU L 321 61.70 -7.27 42.68
C GLU L 321 63.13 -6.78 42.67
N LEU L 322 63.57 -6.14 43.76
CA LEU L 322 64.91 -5.54 43.81
C LEU L 322 65.93 -6.65 43.96
N ASN L 323 66.13 -7.41 42.88
CA ASN L 323 67.04 -8.54 42.88
C ASN L 323 67.79 -8.65 41.57
N PHE L 324 67.83 -7.58 40.78
CA PHE L 324 68.46 -7.61 39.46
C PHE L 324 69.98 -7.73 39.51
N ASP L 325 70.58 -7.69 40.71
CA ASP L 325 72.02 -7.78 40.83
C ASP L 325 72.52 -9.18 40.49
N ALA L 326 71.88 -10.20 41.03
CA ALA L 326 72.32 -11.59 40.85
C ALA L 326 71.55 -12.26 39.72
N VAL L 327 71.67 -11.69 38.52
CA VAL L 327 71.11 -12.26 37.30
C VAL L 327 72.21 -12.18 36.25
N LYS L 328 72.67 -13.34 35.77
CA LYS L 328 73.67 -13.30 34.71
C LYS L 328 73.37 -14.21 33.52
N ASP L 329 72.79 -15.40 33.77
CA ASP L 329 72.71 -16.41 32.71
C ASP L 329 71.33 -17.06 32.70
N PHE L 330 70.99 -17.64 31.55
CA PHE L 330 69.74 -18.36 31.37
C PHE L 330 69.92 -19.44 30.32
N LYS L 331 69.34 -20.61 30.58
CA LYS L 331 69.36 -21.72 29.64
C LYS L 331 68.03 -22.45 29.71
N LEU L 332 67.41 -22.68 28.55
CA LEU L 332 66.04 -23.17 28.48
C LEU L 332 65.96 -24.65 28.78
N GLY L 333 64.98 -25.02 29.60
CA GLY L 333 64.78 -26.40 29.98
C GLY L 333 63.51 -27.00 29.43
N LYS L 334 62.55 -27.30 30.30
CA LYS L 334 61.28 -27.90 29.91
C LYS L 334 60.19 -26.83 29.83
N PHE L 335 59.31 -26.97 28.84
CA PHE L 335 58.28 -25.97 28.61
C PHE L 335 57.05 -26.65 28.03
N ASN L 336 55.93 -25.93 28.09
CA ASN L 336 54.68 -26.32 27.46
C ASN L 336 54.53 -25.58 26.14
N TYR L 337 53.60 -26.05 25.30
CA TYR L 337 53.52 -25.56 23.92
C TYR L 337 52.12 -25.74 23.36
N VAL L 338 51.57 -24.69 22.73
CA VAL L 338 50.32 -24.81 21.99
C VAL L 338 50.51 -24.23 20.59
N ALA L 339 49.58 -24.61 19.70
CA ALA L 339 49.52 -24.09 18.34
C ALA L 339 48.07 -23.79 17.99
N VAL L 340 47.82 -22.60 17.44
CA VAL L 340 46.48 -22.13 17.13
C VAL L 340 46.46 -21.62 15.70
N GLY L 341 45.56 -22.15 14.89
CA GLY L 341 45.39 -21.65 13.54
C GLY L 341 45.34 -22.75 12.49
N ASP L 342 46.14 -22.60 11.45
CA ASP L 342 46.27 -23.60 10.41
C ASP L 342 47.09 -24.76 10.94
N VAL L 343 46.52 -25.57 11.83
CA VAL L 343 47.38 -26.44 12.62
C VAL L 343 47.50 -27.79 11.92
N SER L 344 48.21 -27.76 10.79
CA SER L 344 48.76 -28.94 10.15
C SER L 344 50.12 -28.68 9.55
N ASN L 345 50.50 -27.41 9.37
CA ASN L 345 51.82 -27.01 8.92
C ASN L 345 52.65 -26.41 10.04
N LEU L 346 52.13 -26.37 11.23
CA LEU L 346 52.79 -25.92 12.44
C LEU L 346 53.44 -27.10 13.16
N PRO L 347 54.59 -26.90 13.81
CA PRO L 347 55.35 -28.04 14.33
C PRO L 347 54.71 -28.67 15.56
N TYR L 348 55.16 -29.89 15.84
CA TYR L 348 54.79 -30.62 17.05
C TYR L 348 55.84 -30.34 18.12
N LEU L 349 55.59 -30.88 19.33
CA LEU L 349 56.50 -30.59 20.44
C LEU L 349 57.81 -31.34 20.30
N ASP L 350 57.77 -32.54 19.73
CA ASP L 350 58.96 -33.37 19.66
C ASP L 350 59.94 -32.92 18.60
N GLU L 351 59.53 -32.06 17.67
CA GLU L 351 60.49 -31.49 16.73
C GLU L 351 61.21 -30.31 17.37
N LEU L 352 60.48 -29.23 17.66
CA LEU L 352 60.96 -28.08 18.43
C LEU L 352 59.75 -27.30 18.97
N MET M 1 -13.75 23.47 -52.69
CA MET M 1 -14.83 23.86 -53.59
C MET M 1 -14.37 24.97 -54.51
N THR M 2 -15.27 25.44 -55.36
CA THR M 2 -14.97 26.51 -56.29
C THR M 2 -14.87 27.83 -55.53
N ALA M 3 -14.13 28.80 -56.11
CA ALA M 3 -13.94 30.10 -55.47
C ALA M 3 -15.23 30.90 -55.35
N ALA M 4 -16.24 30.60 -56.16
CA ALA M 4 -17.51 31.32 -56.06
C ALA M 4 -18.34 30.85 -54.87
N GLU M 5 -18.39 29.55 -54.61
CA GLU M 5 -19.26 29.00 -53.57
C GLU M 5 -18.63 29.04 -52.19
N HIS M 6 -17.44 29.63 -52.06
CA HIS M 6 -16.83 29.88 -50.76
C HIS M 6 -16.89 31.36 -50.36
N GLY M 7 -16.69 32.27 -51.31
CA GLY M 7 -16.74 33.68 -51.03
C GLY M 7 -15.35 34.31 -51.07
N LEU M 8 -15.33 35.63 -51.22
CA LEU M 8 -14.08 36.35 -51.19
C LEU M 8 -13.54 36.43 -49.78
N HIS M 9 -12.26 36.75 -49.67
CA HIS M 9 -11.62 36.89 -48.36
C HIS M 9 -11.74 38.33 -47.91
N ALA M 10 -12.33 38.53 -46.72
CA ALA M 10 -12.45 39.84 -46.09
C ALA M 10 -11.07 40.39 -45.73
N PRO M 11 -10.65 41.52 -46.32
CA PRO M 11 -9.29 42.00 -46.11
C PRO M 11 -9.05 42.56 -44.70
N ALA M 12 -7.83 42.99 -44.42
CA ALA M 12 -7.42 43.33 -43.06
C ALA M 12 -7.31 44.85 -42.93
N TYR M 13 -8.39 45.47 -42.49
CA TYR M 13 -8.35 46.88 -42.13
C TYR M 13 -7.78 47.05 -40.73
N ALA M 14 -7.30 48.25 -40.44
CA ALA M 14 -6.62 48.53 -39.19
C ALA M 14 -7.63 49.08 -38.18
N TRP M 15 -8.26 48.16 -37.47
CA TRP M 15 -9.30 48.53 -36.51
C TRP M 15 -8.62 49.05 -35.27
N SER M 16 -9.17 50.07 -34.63
CA SER M 16 -8.56 50.74 -33.50
C SER M 16 -8.59 49.93 -32.21
N HIS M 17 -9.35 48.84 -32.16
CA HIS M 17 -9.42 47.99 -30.98
C HIS M 17 -8.51 46.76 -31.08
N ASN M 18 -7.62 46.71 -32.07
CA ASN M 18 -6.65 45.62 -32.16
C ASN M 18 -5.38 45.97 -31.39
N GLY M 19 -4.59 44.94 -31.12
CA GLY M 19 -3.47 45.07 -30.23
C GLY M 19 -3.87 44.61 -28.85
N PRO M 20 -2.89 44.15 -28.06
CA PRO M 20 -3.21 43.65 -26.72
C PRO M 20 -3.41 44.73 -25.68
N PHE M 21 -3.06 45.99 -25.99
CA PHE M 21 -3.16 47.08 -25.03
C PHE M 21 -4.25 48.09 -25.38
N GLU M 22 -5.08 47.80 -26.37
CA GLU M 22 -6.08 48.74 -26.85
C GLU M 22 -7.46 48.42 -26.29
N THR M 23 -8.40 49.31 -26.62
CA THR M 23 -9.71 49.35 -25.98
C THR M 23 -10.75 49.75 -27.01
N PHE M 24 -12.02 49.65 -26.62
CA PHE M 24 -13.12 50.11 -27.46
C PHE M 24 -13.11 51.62 -27.63
N ASP M 25 -13.69 52.07 -28.73
CA ASP M 25 -13.87 53.50 -29.01
C ASP M 25 -15.31 53.84 -28.69
N HIS M 26 -15.54 54.44 -27.53
CA HIS M 26 -16.90 54.70 -27.10
C HIS M 26 -17.54 55.89 -27.80
N ALA M 27 -16.77 56.70 -28.53
CA ALA M 27 -17.36 57.66 -29.44
C ALA M 27 -17.81 57.02 -30.75
N SER M 28 -17.36 55.80 -31.03
CA SER M 28 -17.82 55.06 -32.19
C SER M 28 -18.87 54.02 -31.84
N ILE M 29 -19.02 53.67 -30.56
CA ILE M 29 -20.14 52.85 -30.14
C ILE M 29 -21.41 53.68 -30.05
N ARG M 30 -21.29 54.94 -29.60
CA ARG M 30 -22.45 55.82 -29.49
C ARG M 30 -22.98 56.20 -30.87
N ARG M 31 -22.10 56.49 -31.81
CA ARG M 31 -22.50 56.74 -33.18
C ARG M 31 -22.99 55.49 -33.89
N GLY M 32 -22.74 54.31 -33.35
CA GLY M 32 -23.18 53.07 -33.95
C GLY M 32 -24.56 52.60 -33.53
N TYR M 33 -25.00 52.98 -32.34
CA TYR M 33 -26.37 52.67 -31.94
C TYR M 33 -27.37 53.52 -32.71
N GLN M 34 -26.97 54.71 -33.13
CA GLN M 34 -27.87 55.55 -33.91
C GLN M 34 -28.05 55.04 -35.33
N VAL M 35 -27.15 54.19 -35.81
CA VAL M 35 -27.36 53.55 -37.11
C VAL M 35 -28.10 52.22 -36.93
N TYR M 36 -28.16 51.69 -35.70
CA TYR M 36 -29.01 50.53 -35.49
C TYR M 36 -30.48 50.92 -35.42
N ARG M 37 -30.79 52.04 -34.76
CA ARG M 37 -32.19 52.37 -34.50
C ARG M 37 -32.90 52.87 -35.75
N GLU M 38 -32.18 53.51 -36.66
CA GLU M 38 -32.80 54.14 -37.82
C GLU M 38 -32.74 53.29 -39.08
N VAL M 39 -31.90 52.24 -39.11
CA VAL M 39 -31.61 51.53 -40.34
C VAL M 39 -31.95 50.04 -40.24
N CYS M 40 -31.43 49.34 -39.23
CA CYS M 40 -31.62 47.89 -39.17
C CYS M 40 -32.47 47.44 -37.99
N ALA M 41 -33.17 48.34 -37.33
CA ALA M 41 -34.14 47.88 -36.36
C ALA M 41 -35.44 47.45 -37.02
N ALA M 42 -35.59 47.72 -38.31
CA ALA M 42 -36.82 47.40 -39.02
C ALA M 42 -36.95 45.91 -39.30
N CYS M 43 -35.84 45.24 -39.59
CA CYS M 43 -35.88 43.82 -39.95
C CYS M 43 -35.00 42.92 -39.10
N HIS M 44 -34.00 43.45 -38.41
CA HIS M 44 -33.10 42.63 -37.61
C HIS M 44 -33.38 42.80 -36.12
N SER M 45 -33.11 41.73 -35.36
CA SER M 45 -33.40 41.70 -33.94
C SER M 45 -32.12 41.70 -33.13
N LEU M 46 -32.24 42.06 -31.85
CA LEU M 46 -31.10 42.12 -30.94
C LEU M 46 -31.63 41.79 -29.54
N ASP M 47 -31.58 40.51 -29.18
CA ASP M 47 -32.33 40.01 -28.03
C ASP M 47 -31.44 39.66 -26.85
N ARG M 48 -30.13 39.58 -27.04
CA ARG M 48 -29.20 39.26 -25.97
C ARG M 48 -28.73 40.49 -25.21
N VAL M 49 -28.99 41.69 -25.72
CA VAL M 49 -28.48 42.94 -25.17
C VAL M 49 -29.59 43.59 -24.36
N ALA M 50 -29.30 43.90 -23.10
CA ALA M 50 -30.26 44.58 -22.24
C ALA M 50 -30.10 46.09 -22.36
N TRP M 51 -31.09 46.82 -21.81
CA TRP M 51 -31.00 48.27 -21.83
C TRP M 51 -29.94 48.77 -20.85
N ARG M 52 -29.80 48.11 -19.71
CA ARG M 52 -28.96 48.58 -18.63
C ARG M 52 -27.48 48.35 -18.86
N THR M 53 -27.08 47.73 -19.95
CA THR M 53 -25.66 47.54 -20.20
C THR M 53 -25.03 48.74 -20.89
N LEU M 54 -25.82 49.70 -21.34
CA LEU M 54 -25.30 50.84 -22.09
C LEU M 54 -25.00 52.04 -21.22
N VAL M 55 -25.26 51.98 -19.91
CA VAL M 55 -24.97 53.11 -19.04
C VAL M 55 -23.47 53.09 -18.71
N GLY M 56 -22.79 54.19 -19.00
CA GLY M 56 -21.35 54.24 -18.85
C GLY M 56 -20.54 53.71 -20.00
N VAL M 57 -21.19 53.33 -21.10
CA VAL M 57 -20.51 52.81 -22.29
C VAL M 57 -20.90 53.61 -23.53
N SER M 58 -22.19 53.75 -23.77
CA SER M 58 -22.69 54.44 -24.96
C SER M 58 -23.52 55.67 -24.64
N HIS M 59 -24.25 55.69 -23.53
CA HIS M 59 -25.09 56.81 -23.15
C HIS M 59 -25.01 57.00 -21.64
N THR M 60 -25.79 57.95 -21.11
CA THR M 60 -25.88 58.15 -19.68
C THR M 60 -27.15 57.50 -19.13
N ASN M 61 -27.33 57.55 -17.81
CA ASN M 61 -28.47 56.89 -17.19
C ASN M 61 -29.76 57.63 -17.49
N GLU M 62 -29.70 58.96 -17.57
CA GLU M 62 -30.85 59.73 -18.00
C GLU M 62 -31.12 59.55 -19.49
N GLU M 63 -30.10 59.23 -20.27
CA GLU M 63 -30.28 59.11 -21.71
C GLU M 63 -30.86 57.76 -22.10
N VAL M 64 -30.54 56.71 -21.35
CA VAL M 64 -31.08 55.38 -21.64
C VAL M 64 -32.51 55.26 -21.10
N ARG M 65 -32.83 55.99 -20.04
CA ARG M 65 -34.17 55.95 -19.46
C ARG M 65 -35.23 56.51 -20.38
N ASN M 66 -34.85 57.38 -21.32
CA ASN M 66 -35.79 57.91 -22.31
C ASN M 66 -35.74 57.17 -23.64
N MET M 67 -34.87 56.18 -23.77
CA MET M 67 -34.85 55.33 -24.95
C MET M 67 -35.65 54.06 -24.76
N ALA M 68 -35.81 53.60 -23.52
CA ALA M 68 -36.51 52.38 -23.22
C ALA M 68 -37.95 52.61 -22.80
N GLU M 69 -38.36 53.86 -22.63
CA GLU M 69 -39.71 54.16 -22.17
C GLU M 69 -40.72 54.24 -23.30
N GLU M 70 -40.26 54.34 -24.55
CA GLU M 70 -41.19 54.50 -25.66
C GLU M 70 -41.87 53.18 -26.02
N PHE M 71 -41.21 52.05 -25.80
CA PHE M 71 -41.77 50.76 -26.17
C PHE M 71 -42.80 50.31 -25.14
N GLU M 72 -43.52 49.24 -25.48
CA GLU M 72 -44.57 48.69 -24.64
C GLU M 72 -44.33 47.21 -24.42
N TYR M 73 -44.31 46.79 -23.17
CA TYR M 73 -44.01 45.41 -22.80
C TYR M 73 -45.20 44.80 -22.09
N ASP M 74 -45.20 43.47 -22.00
CA ASP M 74 -46.27 42.78 -21.30
C ASP M 74 -46.11 42.92 -19.80
N ASP M 75 -47.24 43.01 -19.11
CA ASP M 75 -47.30 43.21 -17.68
C ASP M 75 -47.91 41.96 -17.06
N GLU M 76 -47.99 41.92 -15.73
CA GLU M 76 -48.75 40.82 -15.15
C GLU M 76 -50.25 41.08 -15.35
N PRO M 77 -51.08 40.04 -15.40
CA PRO M 77 -52.51 40.24 -15.62
C PRO M 77 -53.18 40.95 -14.44
N ASP M 78 -54.31 41.57 -14.74
CA ASP M 78 -55.05 42.34 -13.76
C ASP M 78 -55.87 41.40 -12.87
N GLU M 79 -56.65 42.00 -11.95
CA GLU M 79 -57.48 41.24 -11.02
C GLU M 79 -58.57 40.46 -11.75
N GLN M 80 -59.05 40.97 -12.89
CA GLN M 80 -60.03 40.21 -13.67
C GLN M 80 -59.35 39.10 -14.45
N GLY M 81 -58.11 39.31 -14.88
CA GLY M 81 -57.36 38.26 -15.53
C GLY M 81 -57.06 38.53 -16.99
N ASN M 82 -57.23 39.76 -17.40
CA ASN M 82 -56.95 40.15 -18.78
C ASN M 82 -55.58 40.83 -18.87
N PRO M 83 -54.86 40.66 -19.98
CA PRO M 83 -53.49 41.18 -20.06
C PRO M 83 -53.43 42.69 -20.17
N LYS M 84 -52.34 43.23 -19.65
CA LYS M 84 -52.07 44.67 -19.62
C LYS M 84 -50.79 44.94 -20.40
N LYS M 85 -50.39 46.21 -20.40
CA LYS M 85 -49.13 46.65 -20.99
C LYS M 85 -48.52 47.74 -20.13
N ARG M 86 -47.23 48.01 -20.35
CA ARG M 86 -46.48 48.98 -19.58
C ARG M 86 -45.25 49.39 -20.38
N PRO M 87 -44.69 50.56 -20.13
CA PRO M 87 -43.43 50.93 -20.78
C PRO M 87 -42.26 50.13 -20.21
N GLY M 88 -41.13 50.23 -20.88
CA GLY M 88 -39.99 49.39 -20.58
C GLY M 88 -39.05 50.00 -19.56
N LYS M 89 -38.72 49.21 -18.54
CA LYS M 89 -37.78 49.62 -17.52
C LYS M 89 -36.35 49.27 -17.97
N LEU M 90 -35.39 49.49 -17.07
CA LEU M 90 -33.98 49.33 -17.46
C LEU M 90 -33.55 47.88 -17.54
N SER M 91 -34.19 46.99 -16.80
CA SER M 91 -33.79 45.59 -16.78
C SER M 91 -34.27 44.80 -17.98
N ASP M 92 -35.05 45.42 -18.88
CA ASP M 92 -35.65 44.71 -20.00
C ASP M 92 -34.64 44.51 -21.11
N TYR M 93 -35.08 43.85 -22.18
CA TYR M 93 -34.25 43.55 -23.34
C TYR M 93 -34.77 44.29 -24.55
N ILE M 94 -33.86 44.71 -25.42
CA ILE M 94 -34.15 45.47 -26.63
C ILE M 94 -35.05 44.67 -27.57
N PRO M 95 -36.21 45.19 -27.95
CA PRO M 95 -37.19 44.38 -28.67
C PRO M 95 -36.94 44.33 -30.18
N GLY M 96 -37.52 43.30 -30.79
CA GLY M 96 -37.46 43.11 -32.23
C GLY M 96 -38.82 43.23 -32.88
N PRO M 97 -38.84 43.44 -34.20
CA PRO M 97 -40.10 43.75 -34.90
C PRO M 97 -41.13 42.63 -34.94
N TYR M 98 -40.75 41.46 -35.42
CA TYR M 98 -41.72 40.42 -35.71
C TYR M 98 -42.02 39.58 -34.47
N PRO M 99 -43.26 39.11 -34.31
CA PRO M 99 -43.60 38.32 -33.13
C PRO M 99 -43.28 36.84 -33.27
N ASN M 100 -43.14 36.35 -34.49
CA ASN M 100 -42.79 34.94 -34.71
C ASN M 100 -41.97 34.83 -35.99
N GLU M 101 -41.69 33.60 -36.40
CA GLU M 101 -40.76 33.32 -37.49
C GLU M 101 -41.43 33.28 -38.86
N GLN M 102 -42.66 32.75 -38.93
CA GLN M 102 -43.38 32.73 -40.20
C GLN M 102 -43.79 34.13 -40.63
N ALA M 103 -44.07 35.01 -39.66
CA ALA M 103 -44.35 36.40 -39.96
C ALA M 103 -43.11 37.16 -40.43
N ALA M 104 -41.92 36.66 -40.09
CA ALA M 104 -40.69 37.30 -40.55
C ALA M 104 -40.31 36.86 -41.96
N ARG M 105 -40.61 35.62 -42.33
CA ARG M 105 -40.45 35.17 -43.70
C ARG M 105 -41.52 35.73 -44.62
N ALA M 106 -42.70 36.07 -44.07
CA ALA M 106 -43.77 36.63 -44.89
C ALA M 106 -43.46 38.04 -45.37
N ALA M 107 -42.53 38.73 -44.73
CA ALA M 107 -42.18 40.09 -45.09
C ALA M 107 -40.82 40.21 -45.76
N ASN M 108 -40.11 39.11 -45.99
CA ASN M 108 -38.76 39.16 -46.54
C ASN M 108 -38.57 38.21 -47.71
N GLN M 109 -39.67 37.76 -48.32
CA GLN M 109 -39.70 36.88 -49.49
C GLN M 109 -38.96 35.56 -49.23
N GLY M 110 -39.46 34.82 -48.26
CA GLY M 110 -38.93 33.51 -47.93
C GLY M 110 -37.76 33.45 -46.98
N ALA M 111 -36.86 34.43 -47.03
CA ALA M 111 -35.68 34.42 -46.19
C ALA M 111 -36.06 34.76 -44.75
N LEU M 112 -35.13 34.51 -43.84
CA LEU M 112 -35.29 34.86 -42.43
C LEU M 112 -34.05 35.61 -42.00
N PRO M 113 -34.15 36.89 -41.66
CA PRO M 113 -32.99 37.63 -41.18
C PRO M 113 -32.60 37.18 -39.78
N PRO M 114 -31.33 36.92 -39.53
CA PRO M 114 -30.91 36.33 -38.26
C PRO M 114 -30.82 37.38 -37.16
N ASP M 115 -30.50 36.91 -35.96
CA ASP M 115 -30.21 37.78 -34.83
C ASP M 115 -28.80 38.36 -34.98
N LEU M 116 -28.63 39.60 -34.55
CA LEU M 116 -27.35 40.28 -34.68
C LEU M 116 -26.65 40.46 -33.34
N SER M 117 -26.97 39.62 -32.36
CA SER M 117 -26.25 39.69 -31.09
C SER M 117 -24.86 39.05 -31.20
N LEU M 118 -24.80 37.82 -31.69
CA LEU M 118 -23.55 37.09 -31.86
C LEU M 118 -23.34 36.92 -33.37
N ILE M 119 -22.75 37.93 -34.00
CA ILE M 119 -22.55 37.89 -35.44
C ILE M 119 -21.12 38.16 -35.87
N VAL M 120 -20.29 38.85 -35.06
CA VAL M 120 -18.87 38.92 -35.37
C VAL M 120 -18.14 37.69 -34.91
N LYS M 121 -18.68 36.97 -33.92
CA LYS M 121 -18.07 35.74 -33.44
C LYS M 121 -18.53 34.50 -34.17
N ALA M 122 -19.77 34.51 -34.68
CA ALA M 122 -20.36 33.37 -35.37
C ALA M 122 -20.11 33.39 -36.86
N ARG M 123 -19.14 34.17 -37.33
CA ARG M 123 -18.82 34.23 -38.75
C ARG M 123 -17.30 34.17 -38.91
N HIS M 124 -16.85 33.50 -39.95
CA HIS M 124 -15.42 33.43 -40.23
C HIS M 124 -15.00 34.71 -40.94
N GLY M 125 -13.98 35.37 -40.41
CA GLY M 125 -13.60 36.68 -40.88
C GLY M 125 -13.71 37.65 -39.74
N GLY M 126 -14.74 37.48 -38.93
CA GLY M 126 -14.85 38.21 -37.69
C GLY M 126 -15.34 39.62 -37.91
N CYS M 127 -14.61 40.57 -37.32
CA CYS M 127 -14.98 41.98 -37.41
C CYS M 127 -14.81 42.53 -38.82
N ASP M 128 -14.20 41.75 -39.66
CA ASP M 128 -13.81 42.28 -40.97
C ASP M 128 -14.86 41.88 -41.95
N TYR M 129 -15.58 40.88 -41.55
CA TYR M 129 -16.61 40.36 -42.42
C TYR M 129 -17.79 41.31 -42.53
N ILE M 130 -18.26 41.84 -41.40
CA ILE M 130 -19.34 42.82 -41.47
C ILE M 130 -18.70 44.21 -41.55
N PHE M 131 -17.90 44.45 -42.58
CA PHE M 131 -17.68 45.75 -43.18
C PHE M 131 -17.68 45.68 -44.69
N SER M 132 -17.21 44.55 -45.24
CA SER M 132 -17.16 44.31 -46.66
C SER M 132 -18.45 43.70 -47.17
N LEU M 133 -19.23 43.08 -46.28
CA LEU M 133 -20.59 42.67 -46.61
C LEU M 133 -21.45 43.89 -46.92
N LEU M 134 -21.34 44.94 -46.11
CA LEU M 134 -22.15 46.13 -46.31
C LEU M 134 -21.57 47.03 -47.40
N THR M 135 -20.27 47.23 -47.39
CA THR M 135 -19.57 48.03 -48.39
C THR M 135 -18.89 47.06 -49.35
N GLY M 136 -19.46 46.90 -50.53
CA GLY M 136 -19.01 45.83 -51.41
C GLY M 136 -20.11 45.20 -52.23
N TYR M 137 -21.33 45.68 -52.08
CA TYR M 137 -22.36 45.40 -53.07
C TYR M 137 -21.96 46.05 -54.38
N PRO M 138 -21.90 45.30 -55.47
CA PRO M 138 -21.54 45.90 -56.76
C PRO M 138 -22.72 46.67 -57.34
N ASP M 139 -22.40 47.47 -58.36
CA ASP M 139 -23.44 48.19 -59.08
C ASP M 139 -24.27 47.23 -59.92
N GLU M 140 -23.61 46.40 -60.72
CA GLU M 140 -24.26 45.31 -61.42
C GLU M 140 -23.56 43.99 -61.12
N PRO M 141 -24.28 42.88 -61.12
CA PRO M 141 -23.64 41.57 -60.99
C PRO M 141 -22.78 41.26 -62.19
N PRO M 142 -21.76 40.40 -62.05
CA PRO M 142 -20.84 40.16 -63.17
C PRO M 142 -21.50 39.37 -64.29
N ALA M 143 -20.84 39.40 -65.44
CA ALA M 143 -21.47 38.95 -66.68
C ALA M 143 -21.57 37.43 -66.74
N GLY M 144 -22.70 36.89 -66.30
CA GLY M 144 -22.91 35.47 -66.42
C GLY M 144 -23.65 34.82 -65.28
N VAL M 145 -23.68 35.48 -64.13
CA VAL M 145 -24.33 34.91 -62.95
C VAL M 145 -25.84 35.03 -63.10
N ALA M 146 -26.55 33.95 -62.83
CA ALA M 146 -28.01 33.90 -62.94
C ALA M 146 -28.59 34.10 -61.55
N LEU M 147 -29.30 35.20 -61.37
CA LEU M 147 -29.85 35.49 -60.05
C LEU M 147 -31.31 35.10 -59.99
N PRO M 148 -31.77 34.48 -58.92
CA PRO M 148 -33.20 34.18 -58.77
C PRO M 148 -34.00 35.45 -58.56
N PRO M 149 -35.31 35.42 -58.82
CA PRO M 149 -36.13 36.63 -58.58
C PRO M 149 -36.30 36.93 -57.09
N GLY M 150 -35.66 38.00 -56.64
CA GLY M 150 -35.67 38.36 -55.24
C GLY M 150 -34.37 38.09 -54.52
N SER M 151 -33.23 38.25 -55.17
CA SER M 151 -31.94 38.01 -54.56
C SER M 151 -30.91 38.92 -55.21
N ASN M 152 -29.87 39.25 -54.45
CA ASN M 152 -28.88 40.23 -54.86
C ASN M 152 -27.49 39.63 -54.81
N TYR M 153 -26.60 40.16 -55.66
CA TYR M 153 -25.22 39.71 -55.69
C TYR M 153 -24.39 40.54 -54.73
N ASN M 154 -23.60 39.87 -53.90
CA ASN M 154 -22.60 40.49 -53.05
C ASN M 154 -21.54 39.43 -52.78
N PRO M 155 -20.32 39.60 -53.29
CA PRO M 155 -19.39 38.46 -53.31
C PRO M 155 -18.64 38.25 -52.02
N TYR M 156 -19.32 38.35 -50.88
CA TYR M 156 -18.77 37.95 -49.60
C TYR M 156 -19.66 36.94 -48.91
N PHE M 157 -20.88 36.80 -49.34
CA PHE M 157 -21.73 35.71 -48.93
C PHE M 157 -21.33 34.47 -49.70
N PRO M 158 -21.25 33.30 -49.04
CA PRO M 158 -20.82 32.07 -49.73
C PRO M 158 -21.85 31.63 -50.76
N GLY M 159 -21.45 31.66 -52.03
CA GLY M 159 -22.31 31.31 -53.15
C GLY M 159 -22.49 32.42 -54.16
N GLY M 160 -22.50 33.67 -53.70
CA GLY M 160 -22.61 34.82 -54.55
C GLY M 160 -23.93 35.56 -54.44
N SER M 161 -25.01 34.89 -54.08
CA SER M 161 -26.35 35.48 -54.09
C SER M 161 -26.87 35.56 -52.67
N ILE M 162 -27.30 36.76 -52.27
CA ILE M 162 -27.77 37.03 -50.92
C ILE M 162 -29.12 37.72 -51.02
N ALA M 163 -30.04 37.37 -50.12
CA ALA M 163 -31.37 37.97 -50.12
C ALA M 163 -31.36 39.43 -49.67
N MET M 164 -30.31 39.85 -48.97
CA MET M 164 -30.25 41.19 -48.39
C MET M 164 -29.86 42.22 -49.45
N ALA M 165 -30.60 43.33 -49.49
CA ALA M 165 -30.30 44.43 -50.38
C ALA M 165 -29.47 45.49 -49.66
N ARG M 166 -28.84 46.37 -50.44
CA ARG M 166 -27.98 47.39 -49.88
C ARG M 166 -28.82 48.46 -49.20
N VAL M 167 -28.49 48.75 -47.94
CA VAL M 167 -29.28 49.68 -47.13
C VAL M 167 -28.54 50.99 -46.88
N LEU M 168 -27.21 50.95 -46.81
CA LEU M 168 -26.43 52.14 -46.45
C LEU M 168 -26.19 52.98 -47.69
N PHE M 169 -26.62 54.24 -47.62
CA PHE M 169 -26.27 55.25 -48.62
C PHE M 169 -25.76 56.48 -47.89
N ASP M 170 -25.28 57.45 -48.66
CA ASP M 170 -24.62 58.61 -48.08
C ASP M 170 -25.64 59.58 -47.49
N ASP M 171 -25.33 60.07 -46.28
CA ASP M 171 -26.05 61.14 -45.61
C ASP M 171 -27.51 60.79 -45.33
N MET M 172 -27.76 59.55 -44.93
CA MET M 172 -29.09 59.11 -44.56
C MET M 172 -29.33 59.14 -43.06
N VAL M 173 -28.31 59.52 -42.28
CA VAL M 173 -28.44 59.68 -40.83
C VAL M 173 -27.85 61.03 -40.48
N GLU M 174 -28.29 61.59 -39.35
CA GLU M 174 -27.83 62.88 -38.87
C GLU M 174 -27.14 62.66 -37.54
N TYR M 175 -25.81 62.80 -37.52
CA TYR M 175 -25.05 62.54 -36.31
C TYR M 175 -25.15 63.74 -35.37
N GLU M 176 -25.43 63.45 -34.10
CA GLU M 176 -25.67 64.49 -33.11
C GLU M 176 -24.40 65.19 -32.64
N ASP M 177 -23.22 64.71 -33.03
CA ASP M 177 -21.98 65.41 -32.75
C ASP M 177 -21.42 66.15 -33.96
N GLY M 178 -21.73 65.69 -35.17
CA GLY M 178 -21.39 66.39 -36.38
C GLY M 178 -20.15 65.83 -37.04
N THR M 179 -20.35 64.95 -38.01
CA THR M 179 -19.34 64.22 -38.77
C THR M 179 -19.95 63.87 -40.11
N PRO M 180 -19.15 63.72 -41.17
CA PRO M 180 -19.72 63.34 -42.46
C PRO M 180 -20.22 61.91 -42.49
N ALA M 181 -21.54 61.74 -42.46
CA ALA M 181 -22.15 60.42 -42.41
C ALA M 181 -22.16 59.84 -43.82
N THR M 182 -21.04 59.29 -44.24
CA THR M 182 -20.90 58.68 -45.54
C THR M 182 -21.22 57.19 -45.44
N THR M 183 -20.88 56.45 -46.50
CA THR M 183 -21.16 55.02 -46.54
C THR M 183 -20.28 54.26 -45.56
N SER M 184 -18.96 54.43 -45.68
CA SER M 184 -18.04 53.67 -44.83
C SER M 184 -17.96 54.26 -43.43
N GLN M 185 -18.43 55.49 -43.22
CA GLN M 185 -18.42 56.06 -41.88
C GLN M 185 -19.49 55.44 -41.00
N MET M 186 -20.71 55.26 -41.53
CA MET M 186 -21.73 54.56 -40.76
C MET M 186 -21.46 53.07 -40.70
N ALA M 187 -20.76 52.52 -41.69
CA ALA M 187 -20.43 51.11 -41.69
C ALA M 187 -19.33 50.77 -40.69
N LYS M 188 -18.49 51.73 -40.34
CA LYS M 188 -17.51 51.52 -39.28
C LYS M 188 -18.19 51.49 -37.92
N ASP M 189 -19.18 52.34 -37.73
CA ASP M 189 -19.78 52.51 -36.41
C ASP M 189 -20.71 51.35 -36.04
N VAL M 190 -21.36 50.73 -37.02
CA VAL M 190 -22.19 49.56 -36.70
C VAL M 190 -21.33 48.38 -36.28
N THR M 191 -20.17 48.22 -36.91
CA THR M 191 -19.31 47.09 -36.61
C THR M 191 -18.59 47.28 -35.28
N THR M 192 -18.33 48.53 -34.88
CA THR M 192 -17.79 48.79 -33.56
C THR M 192 -18.86 48.58 -32.48
N PHE M 193 -20.11 48.89 -32.80
CA PHE M 193 -21.20 48.65 -31.85
C PHE M 193 -21.53 47.16 -31.77
N LEU M 194 -21.53 46.47 -32.92
CA LEU M 194 -21.91 45.06 -32.93
C LEU M 194 -20.85 44.17 -32.32
N ASN M 195 -19.57 44.54 -32.44
CA ASN M 195 -18.50 43.83 -31.74
C ASN M 195 -18.62 43.98 -30.23
N TRP M 196 -19.12 45.13 -29.77
CA TRP M 196 -19.38 45.31 -28.34
C TRP M 196 -20.53 44.43 -27.87
N CYS M 197 -21.52 44.19 -28.74
CA CYS M 197 -22.68 43.39 -28.34
C CYS M 197 -22.34 41.92 -28.17
N ALA M 198 -21.28 41.45 -28.82
CA ALA M 198 -20.83 40.07 -28.64
C ALA M 198 -19.88 39.94 -27.46
N GLU M 199 -18.92 40.86 -27.34
CA GLU M 199 -17.89 40.83 -26.31
C GLU M 199 -17.95 42.10 -25.47
N PRO M 200 -18.85 42.16 -24.48
CA PRO M 200 -18.89 43.33 -23.60
C PRO M 200 -17.78 43.38 -22.57
N GLU M 201 -17.00 42.31 -22.42
CA GLU M 201 -15.92 42.23 -21.45
C GLU M 201 -14.57 42.64 -22.02
N HIS M 202 -14.54 43.17 -23.24
CA HIS M 202 -13.32 43.24 -24.03
C HIS M 202 -12.29 44.20 -23.44
N ASP M 203 -12.73 45.29 -22.82
CA ASP M 203 -11.79 46.22 -22.19
C ASP M 203 -11.39 45.77 -20.79
N GLU M 204 -12.29 45.09 -20.09
CA GLU M 204 -11.95 44.56 -18.77
C GLU M 204 -11.00 43.37 -18.87
N ARG M 205 -11.14 42.57 -19.92
CA ARG M 205 -10.36 41.34 -20.06
C ARG M 205 -8.89 41.65 -20.31
N LYS M 206 -8.60 42.60 -21.19
CA LYS M 206 -7.23 42.95 -21.51
C LYS M 206 -6.53 43.75 -20.43
N ARG M 207 -7.26 44.22 -19.41
CA ARG M 207 -6.64 44.84 -18.26
C ARG M 207 -6.25 43.84 -17.18
N LEU M 208 -7.08 42.83 -16.93
CA LEU M 208 -6.69 41.69 -16.12
C LEU M 208 -5.71 40.77 -16.85
N GLY M 209 -5.54 40.95 -18.15
CA GLY M 209 -4.54 40.26 -18.94
C GLY M 209 -3.16 40.87 -18.87
N LEU M 210 -2.98 41.90 -18.04
CA LEU M 210 -1.66 42.37 -17.65
C LEU M 210 -1.36 42.17 -16.17
N LYS M 211 -2.37 41.86 -15.35
CA LYS M 211 -2.06 41.52 -13.97
C LYS M 211 -1.40 40.15 -13.88
N THR M 212 -1.75 39.23 -14.77
CA THR M 212 -1.26 37.86 -14.66
C THR M 212 -0.01 37.62 -15.49
N VAL M 213 0.12 38.23 -16.68
CA VAL M 213 1.32 38.00 -17.48
C VAL M 213 2.52 38.81 -17.01
N ILE M 214 2.33 39.72 -16.06
CA ILE M 214 3.44 40.40 -15.42
C ILE M 214 3.86 39.67 -14.15
N ILE M 215 2.90 39.12 -13.42
CA ILE M 215 3.23 38.30 -12.25
C ILE M 215 3.88 36.99 -12.67
N LEU M 216 3.30 36.31 -13.66
CA LEU M 216 3.75 34.96 -13.98
C LEU M 216 5.02 34.93 -14.80
N SER M 217 5.27 35.94 -15.63
CA SER M 217 6.51 35.94 -16.39
C SER M 217 7.70 36.31 -15.51
N SER M 218 7.43 37.02 -14.41
CA SER M 218 8.46 37.27 -13.41
C SER M 218 8.64 36.09 -12.47
N LEU M 219 7.54 35.43 -12.10
CA LEU M 219 7.58 34.21 -11.30
C LEU M 219 8.21 33.03 -12.02
N TYR M 220 8.20 33.04 -13.35
CA TYR M 220 8.87 32.01 -14.14
C TYR M 220 10.37 32.27 -14.27
N LEU M 221 10.79 33.54 -14.26
CA LEU M 221 12.20 33.85 -14.36
C LEU M 221 12.94 33.60 -13.05
N LEU M 222 12.24 33.66 -11.92
CA LEU M 222 12.90 33.40 -10.64
C LEU M 222 13.16 31.91 -10.45
N SER M 223 12.29 31.04 -10.98
CA SER M 223 12.43 29.61 -10.81
C SER M 223 13.53 29.01 -11.68
N ILE M 224 14.09 29.76 -12.61
CA ILE M 224 15.27 29.29 -13.34
C ILE M 224 16.55 29.67 -12.60
N TRP M 225 16.57 30.82 -11.91
CA TRP M 225 17.68 31.13 -11.03
C TRP M 225 17.73 30.18 -9.83
N VAL M 226 16.56 29.92 -9.23
CA VAL M 226 16.51 29.17 -7.99
C VAL M 226 16.85 27.70 -8.23
N LYS M 227 16.41 27.15 -9.37
CA LYS M 227 16.69 25.75 -9.69
C LYS M 227 18.17 25.52 -9.95
N LYS M 228 18.77 26.41 -10.74
CA LYS M 228 20.21 26.26 -11.09
C LYS M 228 21.06 26.30 -9.82
N PHE M 229 20.65 27.09 -8.82
CA PHE M 229 21.46 27.25 -7.62
C PHE M 229 21.53 25.98 -6.79
N LYS M 230 20.39 25.34 -6.56
CA LYS M 230 20.36 24.08 -5.82
C LYS M 230 20.81 22.89 -6.66
N TRP M 231 20.96 23.07 -7.97
CA TRP M 231 21.46 22.02 -8.84
C TRP M 231 22.92 22.26 -9.23
N ALA M 232 23.68 22.89 -8.34
CA ALA M 232 25.09 23.17 -8.63
C ALA M 232 26.01 22.10 -8.08
N GLY M 233 25.62 21.40 -7.01
CA GLY M 233 26.45 20.35 -6.47
C GLY M 233 26.47 19.11 -7.33
N ILE M 234 25.31 18.73 -7.88
CA ILE M 234 25.21 17.49 -8.64
C ILE M 234 25.87 17.62 -9.99
N LYS M 235 25.85 18.82 -10.57
CA LYS M 235 26.43 19.00 -11.90
C LYS M 235 27.95 19.07 -11.90
N THR M 236 28.59 19.07 -10.74
CA THR M 236 30.04 19.22 -10.66
C THR M 236 30.70 18.14 -9.80
N ARG M 237 30.04 17.01 -9.58
CA ARG M 237 30.65 15.91 -8.87
C ARG M 237 31.73 15.26 -9.73
N LYS M 238 32.78 14.77 -9.07
CA LYS M 238 33.86 14.09 -9.76
C LYS M 238 33.88 12.62 -9.37
N PHE M 239 34.51 11.82 -10.23
CA PHE M 239 34.61 10.38 -10.03
C PHE M 239 35.98 9.91 -10.49
N VAL M 240 36.50 8.89 -9.81
CA VAL M 240 37.80 8.31 -10.16
C VAL M 240 37.78 6.84 -9.71
N PHE M 241 38.33 5.96 -10.55
CA PHE M 241 38.32 4.53 -10.29
C PHE M 241 39.74 4.06 -10.01
N ASN M 242 40.00 3.68 -8.77
CA ASN M 242 41.19 2.91 -8.44
C ASN M 242 40.77 1.46 -8.39
N PRO M 243 41.18 0.61 -9.33
CA PRO M 243 40.76 -0.79 -9.32
C PRO M 243 41.35 -1.51 -8.13
N PRO M 244 40.56 -2.39 -7.50
CA PRO M 244 41.03 -3.04 -6.27
C PRO M 244 42.18 -4.00 -6.53
N LYS M 245 42.75 -4.49 -5.43
CA LYS M 245 43.89 -5.40 -5.51
C LYS M 245 43.46 -6.71 -6.16
N PRO M 246 44.35 -7.37 -6.93
CA PRO M 246 43.91 -8.45 -7.83
C PRO M 246 43.37 -9.70 -7.16
N ARG M 247 43.35 -9.78 -5.83
CA ARG M 247 42.51 -10.77 -5.18
C ARG M 247 41.04 -10.46 -5.41
N LYS M 248 40.67 -9.18 -5.32
CA LYS M 248 39.28 -8.76 -5.37
C LYS M 248 38.71 -8.84 -6.78
N GLY N 1 2.86 -7.81 7.86
CA GLY N 1 2.25 -7.69 6.56
C GLY N 1 2.64 -8.80 5.60
N PRO N 2 1.81 -9.06 4.61
CA PRO N 2 2.13 -10.12 3.64
C PRO N 2 3.11 -9.62 2.58
N PRO N 3 4.16 -10.38 2.31
CA PRO N 3 5.10 -9.97 1.26
C PRO N 3 4.63 -10.42 -0.12
N SER N 4 4.69 -9.50 -1.06
CA SER N 4 4.31 -9.77 -2.43
C SER N 4 5.53 -10.21 -3.23
N GLY N 5 5.38 -10.30 -4.55
CA GLY N 5 6.46 -10.79 -5.39
C GLY N 5 7.58 -9.77 -5.53
N LYS N 6 8.80 -10.29 -5.66
CA LYS N 6 9.99 -9.45 -5.75
C LYS N 6 10.08 -8.77 -7.10
N THR N 7 10.64 -7.56 -7.10
CA THR N 7 10.75 -6.72 -8.27
C THR N 7 12.21 -6.32 -8.50
N TYR N 8 12.45 -5.59 -9.58
CA TYR N 8 13.79 -5.13 -9.92
C TYR N 8 14.07 -3.72 -9.39
N MET N 9 13.79 -3.47 -8.11
CA MET N 9 14.11 -2.22 -7.43
C MET N 9 13.89 -2.39 -5.94
N GLY N 10 14.69 -1.71 -5.15
CA GLY N 10 14.54 -1.72 -3.71
C GLY N 10 14.27 -0.35 -3.12
N TRP N 11 14.99 -0.01 -2.06
CA TRP N 11 14.90 1.30 -1.43
C TRP N 11 16.32 1.72 -1.05
N TRP N 12 16.44 2.74 -0.21
CA TRP N 12 17.74 3.25 0.19
C TRP N 12 18.41 2.25 1.13
N GLY N 13 19.56 1.75 0.70
CA GLY N 13 20.29 0.76 1.49
C GLY N 13 20.33 -0.60 0.81
N HIS N 14 19.23 -0.98 0.18
CA HIS N 14 19.08 -2.27 -0.48
C HIS N 14 18.46 -2.09 -1.86
N MET N 15 19.06 -1.18 -2.65
CA MET N 15 18.52 -0.80 -3.95
C MET N 15 18.50 -1.97 -4.95
N GLY N 16 19.42 -2.90 -4.81
CA GLY N 16 19.42 -4.10 -5.63
C GLY N 16 20.31 -4.09 -6.84
N GLY N 17 21.42 -3.34 -6.82
CA GLY N 17 22.36 -3.36 -7.91
C GLY N 17 23.49 -4.33 -7.64
N PRO N 18 24.61 -4.15 -8.32
CA PRO N 18 25.81 -4.92 -8.01
C PRO N 18 26.61 -4.26 -6.89
N LYS N 19 27.59 -5.01 -6.39
CA LYS N 19 28.48 -4.47 -5.36
C LYS N 19 29.56 -3.60 -6.00
N GLN N 20 29.92 -2.53 -5.30
CA GLN N 20 30.92 -1.59 -5.77
C GLN N 20 32.13 -1.59 -4.86
N LYS N 21 33.29 -1.30 -5.45
CA LYS N 21 34.54 -1.16 -4.72
C LYS N 21 35.46 -0.27 -5.54
N GLY N 22 36.02 0.75 -4.90
CA GLY N 22 37.09 1.51 -5.51
C GLY N 22 36.70 2.74 -6.29
N ILE N 23 35.52 3.30 -6.04
CA ILE N 23 35.08 4.53 -6.69
C ILE N 23 34.96 5.62 -5.63
N THR N 24 35.62 6.75 -5.86
CA THR N 24 35.59 7.88 -4.95
C THR N 24 34.72 8.99 -5.56
N SER N 25 34.18 9.85 -4.71
CA SER N 25 33.26 10.90 -5.13
C SER N 25 33.50 12.15 -4.31
N TYR N 26 33.75 13.27 -4.98
CA TYR N 26 33.99 14.56 -4.36
C TYR N 26 32.90 15.54 -4.76
N ALA N 27 32.71 16.56 -3.93
CA ALA N 27 31.68 17.58 -4.16
C ALA N 27 32.04 18.82 -3.36
N VAL N 28 31.51 19.97 -3.81
CA VAL N 28 31.64 21.25 -3.14
C VAL N 28 30.22 21.72 -2.82
N SER N 29 30.11 22.64 -1.88
CA SER N 29 28.83 23.25 -1.53
C SER N 29 28.30 24.10 -2.67
N PRO N 30 26.98 24.21 -2.81
CA PRO N 30 26.43 25.23 -3.72
C PRO N 30 26.58 26.64 -3.18
N TYR N 31 26.64 26.79 -1.86
CA TYR N 31 26.84 28.11 -1.25
C TYR N 31 28.24 28.65 -1.48
N ALA N 32 29.19 27.80 -1.85
CA ALA N 32 30.59 28.20 -1.94
C ALA N 32 31.04 28.52 -3.36
N GLN N 33 30.28 28.13 -4.37
CA GLN N 33 30.62 28.40 -5.75
C GLN N 33 29.68 29.44 -6.35
N LYS N 34 30.09 29.97 -7.51
CA LYS N 34 29.57 31.16 -8.18
C LYS N 34 28.06 31.15 -8.40
N PRO N 35 27.41 32.31 -8.36
CA PRO N 35 26.03 32.40 -8.82
C PRO N 35 25.95 32.79 -10.29
N LEU N 36 24.88 32.31 -10.94
CA LEU N 36 24.58 32.52 -12.36
C LEU N 36 25.73 32.01 -13.24
N GLN N 37 26.00 30.70 -13.11
CA GLN N 37 27.14 30.11 -13.79
C GLN N 37 26.76 29.65 -15.19
N GLY N 38 25.75 28.79 -15.30
CA GLY N 38 25.32 28.27 -16.58
C GLY N 38 24.30 29.14 -17.30
N ILE N 39 24.74 30.24 -17.90
CA ILE N 39 23.90 31.08 -18.75
C ILE N 39 24.46 31.13 -20.17
N PHE N 40 25.69 31.62 -20.33
CA PHE N 40 26.31 31.74 -21.64
C PHE N 40 27.39 30.67 -21.82
N HIS N 41 27.75 30.46 -23.09
CA HIS N 41 28.56 29.39 -23.68
C HIS N 41 27.84 28.04 -23.65
N ASN N 42 26.65 27.97 -23.03
CA ASN N 42 25.77 26.82 -23.19
C ASN N 42 24.98 26.94 -24.48
N ALA N 43 24.19 28.01 -24.61
CA ALA N 43 23.46 28.30 -25.85
C ALA N 43 24.29 29.16 -26.79
N VAL N 44 25.55 28.77 -26.99
CA VAL N 44 26.43 29.39 -27.98
C VAL N 44 26.97 28.28 -28.86
N PHE N 45 27.62 27.29 -28.23
CA PHE N 45 28.21 26.19 -28.97
C PHE N 45 27.80 24.84 -28.38
N ASN N 46 27.50 24.79 -27.08
CA ASN N 46 27.16 23.53 -26.44
C ASN N 46 25.76 23.06 -26.83
N SER N 47 24.75 23.92 -26.65
CA SER N 47 23.40 23.56 -27.07
C SER N 47 23.28 23.51 -28.58
N PHE N 48 24.13 24.25 -29.30
CA PHE N 48 24.18 24.13 -30.74
C PHE N 48 24.78 22.79 -31.16
N ARG N 49 25.63 22.20 -30.33
CA ARG N 49 26.19 20.88 -30.63
C ARG N 49 25.16 19.78 -30.42
N ARG N 50 24.20 19.99 -29.52
CA ARG N 50 23.29 18.92 -29.13
C ARG N 50 22.27 18.61 -30.23
N PHE N 51 21.59 19.62 -30.75
CA PHE N 51 20.60 19.38 -31.80
C PHE N 51 21.23 19.33 -33.18
N LYS N 52 22.54 19.55 -33.30
CA LYS N 52 23.23 19.30 -34.57
C LYS N 52 23.36 17.81 -34.85
N SER N 53 23.33 16.98 -33.81
CA SER N 53 23.33 15.54 -34.04
C SER N 53 21.96 15.05 -34.47
N GLN N 54 20.90 15.60 -33.89
CA GLN N 54 19.54 15.09 -34.05
C GLN N 54 18.66 16.04 -34.87
N PHE N 55 19.20 16.61 -35.95
CA PHE N 55 18.37 17.39 -36.86
C PHE N 55 18.24 16.76 -38.25
N LEU N 56 19.13 15.84 -38.62
CA LEU N 56 18.93 15.06 -39.84
C LEU N 56 18.07 13.83 -39.61
N TYR N 57 17.53 13.65 -38.41
CA TYR N 57 16.55 12.61 -38.15
C TYR N 57 15.13 13.15 -38.08
N VAL N 58 14.95 14.46 -38.10
CA VAL N 58 13.64 15.09 -38.03
C VAL N 58 13.29 15.79 -39.34
N LEU N 59 14.23 16.54 -39.91
CA LEU N 59 13.93 17.34 -41.09
C LEU N 59 13.87 16.52 -42.38
N ILE N 60 14.44 15.32 -42.40
CA ILE N 60 14.25 14.45 -43.56
C ILE N 60 12.86 13.78 -43.50
N PRO N 61 12.35 13.28 -42.36
CA PRO N 61 10.93 12.92 -42.34
C PRO N 61 9.96 14.09 -42.43
N ALA N 62 10.42 15.32 -42.21
CA ALA N 62 9.55 16.48 -42.37
C ALA N 62 9.47 16.94 -43.81
N GLY N 63 10.56 16.84 -44.56
CA GLY N 63 10.58 17.27 -45.95
C GLY N 63 9.85 16.35 -46.90
N ILE N 64 9.38 15.20 -46.45
CA ILE N 64 8.55 14.33 -47.27
C ILE N 64 7.07 14.55 -46.98
N TYR N 65 6.71 14.75 -45.71
CA TYR N 65 5.31 14.96 -45.35
C TYR N 65 4.89 16.42 -45.50
N TRP N 66 5.77 17.28 -45.97
CA TRP N 66 5.42 18.62 -46.35
C TRP N 66 5.53 18.86 -47.85
N TYR N 67 6.33 18.06 -48.55
CA TYR N 67 6.24 18.04 -50.01
C TYR N 67 4.94 17.41 -50.44
N TRP N 68 4.46 16.40 -49.72
CA TRP N 68 3.31 15.62 -50.16
C TRP N 68 2.00 16.37 -49.98
N TRP N 69 1.88 17.19 -48.94
CA TRP N 69 0.66 17.94 -48.71
C TRP N 69 0.60 19.22 -49.54
N LYS N 70 1.73 19.90 -49.71
CA LYS N 70 1.74 21.10 -50.54
C LYS N 70 1.57 20.78 -52.02
N ASN N 71 1.93 19.58 -52.44
CA ASN N 71 1.70 19.18 -53.82
C ASN N 71 0.26 18.80 -54.08
N GLY N 72 -0.45 18.33 -53.06
CA GLY N 72 -1.84 17.92 -53.22
C GLY N 72 -2.79 18.99 -52.74
N ASN N 73 -2.27 20.18 -52.51
CA ASN N 73 -3.08 21.36 -52.28
C ASN N 73 -3.09 22.29 -53.45
N GLU N 74 -2.16 22.13 -54.39
CA GLU N 74 -2.24 22.77 -55.69
C GLU N 74 -2.98 21.91 -56.70
N TYR N 75 -3.57 20.81 -56.25
CA TYR N 75 -4.36 19.93 -57.10
C TYR N 75 -5.83 19.90 -56.71
N ASN N 76 -6.16 20.07 -55.42
CA ASN N 76 -7.51 20.50 -55.06
C ASN N 76 -7.57 22.03 -54.94
N GLU N 77 -6.95 22.68 -55.91
CA GLU N 77 -7.09 24.09 -56.21
C GLU N 77 -7.13 24.32 -57.70
N PHE N 78 -6.74 23.32 -58.49
CA PHE N 78 -6.77 23.33 -59.95
C PHE N 78 -7.96 22.55 -60.50
N LEU N 79 -8.41 21.52 -59.79
CA LEU N 79 -9.57 20.76 -60.25
C LEU N 79 -10.88 21.52 -60.05
N TYR N 80 -10.94 22.41 -59.06
CA TYR N 80 -12.12 23.22 -58.81
C TYR N 80 -11.93 24.64 -59.34
N SER N 81 -11.25 24.75 -60.46
CA SER N 81 -11.02 26.01 -61.14
C SER N 81 -11.68 25.93 -62.52
N LYS N 82 -11.46 26.95 -63.34
CA LYS N 82 -12.06 26.97 -64.66
C LYS N 82 -11.23 26.19 -65.67
N ALA N 83 -9.90 26.30 -65.59
CA ALA N 83 -9.03 25.55 -66.49
C ALA N 83 -9.05 24.05 -66.17
N GLY N 84 -9.38 23.68 -64.94
CA GLY N 84 -9.58 22.29 -64.60
C GLY N 84 -11.02 21.87 -64.74
N ARG N 85 -11.53 21.93 -65.95
CA ARG N 85 -12.92 21.58 -66.26
C ARG N 85 -13.04 20.18 -66.85
N GLU N 86 -12.22 19.85 -67.84
CA GLU N 86 -12.27 18.53 -68.46
C GLU N 86 -11.53 17.49 -67.63
N GLU N 87 -10.72 17.91 -66.66
CA GLU N 87 -9.93 17.01 -65.84
C GLU N 87 -10.60 16.67 -64.52
N LEU N 88 -11.70 17.35 -64.19
CA LEU N 88 -12.53 16.97 -63.05
C LEU N 88 -13.66 16.04 -63.45
N GLU N 89 -14.12 16.13 -64.69
CA GLU N 89 -15.18 15.25 -65.19
C GLU N 89 -14.74 13.80 -65.29
N ARG N 90 -13.45 13.53 -65.47
CA ARG N 90 -12.98 12.17 -65.65
C ARG N 90 -12.58 11.51 -64.33
N VAL N 91 -12.17 12.28 -63.34
CA VAL N 91 -11.56 11.73 -62.13
C VAL N 91 -12.61 11.36 -61.10
N ASN N 92 -13.55 12.26 -60.81
CA ASN N 92 -14.47 12.04 -59.70
C ASN N 92 -15.50 10.95 -60.02
N VAL N 93 -15.87 10.82 -61.28
CA VAL N 93 -16.74 9.73 -61.72
C VAL N 93 -16.05 9.01 -62.87
N LYS O 1 45.43 7.64 -8.30
CA LYS O 1 46.32 7.96 -7.19
C LYS O 1 45.56 7.92 -5.85
N SER O 2 46.06 8.65 -4.86
CA SER O 2 45.54 8.55 -3.50
C SER O 2 44.17 9.22 -3.40
N THR O 3 43.45 8.87 -2.34
CA THR O 3 42.15 9.45 -2.07
C THR O 3 42.24 10.73 -1.24
N TYR O 4 43.43 11.13 -0.82
CA TYR O 4 43.65 12.37 -0.09
C TYR O 4 44.05 13.50 -1.00
N ARG O 5 43.82 13.37 -2.30
CA ARG O 5 44.19 14.37 -3.30
C ARG O 5 42.94 14.73 -4.10
N THR O 6 42.24 15.76 -3.64
CA THR O 6 41.00 16.18 -4.26
C THR O 6 41.29 16.85 -5.60
N PRO O 7 40.39 16.73 -6.58
CA PRO O 7 40.57 17.40 -7.86
C PRO O 7 40.33 18.89 -7.73
N ASN O 8 40.67 19.62 -8.79
CA ASN O 8 40.61 21.07 -8.78
C ASN O 8 39.19 21.55 -9.05
N PHE O 9 38.72 22.46 -8.20
CA PHE O 9 37.40 23.05 -8.35
C PHE O 9 37.48 24.56 -8.55
N ASP O 10 38.66 25.09 -8.84
CA ASP O 10 38.85 26.52 -8.97
C ASP O 10 38.34 27.08 -10.29
N ASP O 11 37.95 26.24 -11.23
CA ASP O 11 37.29 26.73 -12.43
C ASP O 11 35.84 27.15 -12.16
N VAL O 12 35.25 26.69 -11.05
CA VAL O 12 33.86 26.97 -10.74
C VAL O 12 33.74 27.70 -9.41
N LEU O 13 34.86 27.93 -8.75
CA LEU O 13 34.84 28.48 -7.40
C LEU O 13 34.86 30.01 -7.41
N LYS O 14 34.31 30.60 -6.35
CA LYS O 14 34.39 32.03 -6.15
C LYS O 14 35.79 32.41 -5.67
N GLU O 15 36.13 33.68 -5.81
CA GLU O 15 37.44 34.17 -5.41
C GLU O 15 37.44 34.77 -4.01
N ASN O 16 36.28 35.17 -3.49
CA ASN O 16 36.16 35.69 -2.14
C ASN O 16 34.95 34.99 -1.51
N ASN O 17 35.22 33.95 -0.72
CA ASN O 17 34.17 33.09 -0.18
C ASN O 17 33.74 33.56 1.21
N ASP O 18 33.14 34.76 1.21
CA ASP O 18 32.52 35.24 2.46
C ASP O 18 31.22 34.43 2.57
N ALA O 19 30.82 34.06 3.77
CA ALA O 19 29.69 33.16 3.96
C ALA O 19 28.36 33.86 3.74
N ASP O 20 28.28 35.15 4.06
CA ASP O 20 27.05 35.91 3.91
C ASP O 20 26.81 36.41 2.49
N LYS O 21 27.74 36.16 1.55
CA LYS O 21 27.56 36.62 0.17
C LYS O 21 26.45 35.82 -0.50
N GLY O 22 26.51 34.49 -0.39
CA GLY O 22 25.52 33.61 -0.95
C GLY O 22 24.41 33.23 -0.01
N ARG O 23 24.47 33.66 1.24
CA ARG O 23 23.38 33.45 2.17
C ARG O 23 22.35 34.56 2.12
N SER O 24 22.68 35.70 1.52
CA SER O 24 21.72 36.78 1.34
C SER O 24 21.02 36.71 -0.01
N TYR O 25 21.77 36.53 -1.09
CA TYR O 25 21.16 36.50 -2.43
C TYR O 25 20.40 35.22 -2.70
N ALA O 26 20.53 34.20 -1.86
CA ALA O 26 19.73 33.00 -1.98
C ALA O 26 18.56 32.98 -1.02
N TYR O 27 18.31 34.07 -0.32
CA TYR O 27 17.09 34.25 0.45
C TYR O 27 16.30 35.46 0.00
N PHE O 28 16.92 36.37 -0.76
CA PHE O 28 16.16 37.41 -1.45
C PHE O 28 15.37 36.83 -2.61
N MET O 29 15.92 35.82 -3.30
CA MET O 29 15.24 35.25 -4.46
C MET O 29 14.18 34.23 -4.07
N VAL O 30 14.43 33.45 -3.02
CA VAL O 30 13.39 32.58 -2.50
C VAL O 30 12.38 33.38 -1.69
N GLY O 31 12.78 34.56 -1.20
CA GLY O 31 11.82 35.45 -0.59
C GLY O 31 10.92 36.12 -1.62
N ALA O 32 11.48 36.45 -2.79
CA ALA O 32 10.69 37.08 -3.84
C ALA O 32 9.78 36.09 -4.53
N MET O 33 10.15 34.81 -4.54
CA MET O 33 9.34 33.76 -5.18
C MET O 33 8.43 33.07 -4.17
N GLY O 34 8.06 33.79 -3.12
CA GLY O 34 7.08 33.32 -2.17
C GLY O 34 6.21 34.50 -1.80
N LEU O 35 6.49 35.63 -2.43
CA LEU O 35 5.69 36.84 -2.32
C LEU O 35 4.73 36.98 -3.49
N LEU O 36 5.20 36.75 -4.71
CA LEU O 36 4.30 36.74 -5.86
C LEU O 36 3.41 35.50 -5.87
N SER O 37 3.87 34.40 -5.28
CA SER O 37 3.06 33.19 -5.17
C SER O 37 2.11 33.22 -3.99
N SER O 38 2.12 34.29 -3.19
CA SER O 38 1.13 34.49 -2.16
C SER O 38 0.08 35.54 -2.55
N ALA O 39 0.45 36.50 -3.39
CA ALA O 39 -0.52 37.44 -3.95
C ALA O 39 -1.11 36.93 -5.24
N GLY O 40 -0.39 36.10 -5.98
CA GLY O 40 -0.90 35.50 -7.20
C GLY O 40 -1.66 34.22 -6.94
N ALA O 41 -1.88 33.88 -5.68
CA ALA O 41 -2.69 32.74 -5.29
C ALA O 41 -3.88 33.11 -4.41
N LYS O 42 -3.89 34.28 -3.80
CA LYS O 42 -5.12 34.74 -3.17
C LYS O 42 -6.09 35.31 -4.19
N SER O 43 -5.58 35.91 -5.27
CA SER O 43 -6.43 36.46 -6.31
C SER O 43 -7.11 35.38 -7.13
N THR O 44 -6.52 34.19 -7.22
CA THR O 44 -7.18 33.12 -7.96
C THR O 44 -8.30 32.47 -7.16
N VAL O 45 -8.09 32.25 -5.86
CA VAL O 45 -9.15 31.69 -5.01
C VAL O 45 -10.30 32.68 -4.84
N GLU O 46 -10.05 33.97 -5.04
CA GLU O 46 -11.07 34.98 -4.86
C GLU O 46 -11.91 35.14 -6.11
N THR O 47 -11.32 34.89 -7.28
CA THR O 47 -12.06 34.93 -8.53
C THR O 47 -13.09 33.81 -8.58
N PHE O 48 -12.77 32.65 -8.03
CA PHE O 48 -13.67 31.52 -8.06
C PHE O 48 -14.80 31.62 -7.04
N ILE O 49 -14.65 32.46 -6.02
CA ILE O 49 -15.70 32.66 -5.03
C ILE O 49 -16.45 33.97 -5.23
N SER O 50 -16.03 34.81 -6.17
CA SER O 50 -16.81 35.97 -6.54
C SER O 50 -17.92 35.61 -7.53
N SER O 51 -17.80 34.48 -8.21
CA SER O 51 -18.81 34.05 -9.17
C SER O 51 -20.09 33.59 -8.50
N MET O 52 -20.03 33.18 -7.25
CA MET O 52 -21.21 32.71 -6.52
C MET O 52 -21.98 33.84 -5.86
N THR O 53 -21.66 35.10 -6.17
CA THR O 53 -22.39 36.24 -5.63
C THR O 53 -23.61 36.52 -6.50
N ALA O 54 -24.23 37.67 -6.30
CA ALA O 54 -25.45 38.00 -7.02
C ALA O 54 -25.15 38.33 -8.47
N THR O 55 -25.88 37.70 -9.38
CA THR O 55 -25.65 37.82 -10.80
C THR O 55 -26.15 39.18 -11.28
N ALA O 56 -25.64 39.63 -12.45
CA ALA O 56 -25.86 41.00 -12.91
C ALA O 56 -27.32 41.28 -13.22
N ASP O 57 -28.07 40.27 -13.68
CA ASP O 57 -29.50 40.47 -13.89
C ASP O 57 -30.33 40.26 -12.62
N VAL O 58 -29.70 39.83 -11.53
CA VAL O 58 -30.39 39.78 -10.24
C VAL O 58 -30.23 41.11 -9.51
N LEU O 59 -29.14 41.83 -9.76
CA LEU O 59 -28.96 43.16 -9.18
C LEU O 59 -29.82 44.20 -9.87
N ALA O 60 -30.33 43.91 -11.06
CA ALA O 60 -31.25 44.81 -11.74
C ALA O 60 -32.66 44.73 -11.19
N MET O 61 -33.04 43.59 -10.61
CA MET O 61 -34.32 43.42 -9.95
C MET O 61 -34.27 43.77 -8.47
N ALA O 62 -33.30 44.56 -8.06
CA ALA O 62 -33.13 44.86 -6.64
C ALA O 62 -34.18 45.85 -6.16
N LYS O 63 -34.18 47.06 -6.72
CA LYS O 63 -35.12 48.10 -6.37
C LYS O 63 -35.97 48.47 -7.58
N VAL O 64 -37.29 48.41 -7.43
CA VAL O 64 -38.23 48.43 -8.55
C VAL O 64 -38.67 49.84 -8.94
N GLU O 65 -39.33 49.94 -10.09
CA GLU O 65 -39.95 51.17 -10.54
C GLU O 65 -41.34 51.34 -9.93
N VAL O 66 -41.63 52.55 -9.44
CA VAL O 66 -42.97 52.90 -8.96
C VAL O 66 -43.26 54.33 -9.41
N ASN O 67 -44.37 54.50 -10.12
CA ASN O 67 -44.88 55.81 -10.52
C ASN O 67 -45.61 56.42 -9.32
N LEU O 68 -45.49 57.74 -9.15
CA LEU O 68 -46.15 58.46 -8.06
C LEU O 68 -47.65 58.71 -8.30
N ALA O 69 -48.26 58.01 -9.25
CA ALA O 69 -49.71 58.03 -9.41
C ALA O 69 -50.26 56.64 -9.68
N ALA O 70 -49.48 55.59 -9.40
CA ALA O 70 -49.85 54.22 -9.74
C ALA O 70 -50.38 53.42 -8.56
N ILE O 71 -50.05 53.80 -7.34
CA ILE O 71 -50.51 53.08 -6.15
C ILE O 71 -51.97 53.41 -5.89
N PRO O 72 -52.88 52.45 -5.99
CA PRO O 72 -54.30 52.76 -5.83
C PRO O 72 -54.69 52.84 -4.35
N LEU O 73 -55.85 53.46 -4.13
CA LEU O 73 -56.16 54.00 -2.81
C LEU O 73 -56.69 52.93 -1.85
N GLY O 74 -57.56 52.05 -2.33
CA GLY O 74 -58.20 51.09 -1.45
C GLY O 74 -57.69 49.67 -1.60
N LYS O 75 -56.40 49.50 -1.87
CA LYS O 75 -55.83 48.21 -2.22
C LYS O 75 -54.76 47.81 -1.22
N ASN O 76 -54.63 46.49 -1.03
CA ASN O 76 -53.71 45.85 -0.10
C ASN O 76 -52.84 44.85 -0.83
N VAL O 77 -52.22 45.29 -1.93
CA VAL O 77 -51.55 44.40 -2.87
C VAL O 77 -50.26 43.81 -2.28
N VAL O 78 -49.75 42.79 -2.97
CA VAL O 78 -48.50 42.14 -2.58
C VAL O 78 -47.62 42.12 -3.82
N VAL O 79 -46.80 43.16 -3.97
CA VAL O 79 -45.74 43.15 -4.96
C VAL O 79 -44.58 42.34 -4.38
N LYS O 80 -43.77 41.76 -5.26
CA LYS O 80 -42.68 40.91 -4.77
C LYS O 80 -41.34 41.47 -5.21
N TRP O 81 -41.12 42.75 -4.90
CA TRP O 81 -39.82 43.38 -4.84
C TRP O 81 -38.80 42.48 -4.14
N GLN O 82 -37.72 42.14 -4.87
CA GLN O 82 -36.68 41.19 -4.44
C GLN O 82 -37.24 39.81 -4.10
N GLY O 83 -38.41 39.46 -4.62
CA GLY O 83 -39.08 38.26 -4.14
C GLY O 83 -39.50 38.30 -2.70
N LYS O 84 -39.81 39.48 -2.18
CA LYS O 84 -40.17 39.69 -0.79
C LYS O 84 -41.58 40.25 -0.75
N PRO O 85 -42.48 39.64 0.03
CA PRO O 85 -43.86 40.13 0.07
C PRO O 85 -43.95 41.42 0.88
N VAL O 86 -44.54 42.44 0.26
CA VAL O 86 -44.72 43.76 0.88
C VAL O 86 -46.19 44.14 0.76
N PHE O 87 -46.67 44.93 1.72
CA PHE O 87 -48.04 45.42 1.70
C PHE O 87 -48.03 46.92 1.43
N ILE O 88 -48.81 47.34 0.43
CA ILE O 88 -48.77 48.71 -0.07
C ILE O 88 -50.20 49.27 -0.06
N ARG O 89 -50.33 50.52 0.38
CA ARG O 89 -51.59 51.25 0.24
C ARG O 89 -51.27 52.75 0.12
N HIS O 90 -52.03 53.44 -0.72
CA HIS O 90 -52.00 54.90 -0.75
C HIS O 90 -52.45 55.46 0.59
N ARG O 91 -51.72 56.46 1.07
CA ARG O 91 -51.97 57.01 2.41
C ARG O 91 -53.21 57.91 2.40
N THR O 92 -54.02 57.73 3.42
CA THR O 92 -55.15 58.59 3.79
C THR O 92 -54.60 59.60 4.80
N PRO O 93 -55.23 60.76 4.95
CA PRO O 93 -54.92 61.59 6.14
C PRO O 93 -55.32 60.95 7.48
N HIS O 94 -56.07 59.85 7.50
CA HIS O 94 -56.68 59.37 8.75
C HIS O 94 -56.05 58.08 9.28
N GLU O 95 -54.95 57.60 8.70
CA GLU O 95 -54.55 56.24 9.03
C GLU O 95 -53.53 56.20 10.16
N ILE O 96 -52.93 57.34 10.50
CA ILE O 96 -51.77 57.36 11.40
C ILE O 96 -52.16 58.14 12.66
N GLN O 97 -53.28 58.85 12.61
CA GLN O 97 -53.86 59.45 13.81
C GLN O 97 -54.37 58.41 14.80
N GLU O 98 -54.60 57.18 14.35
CA GLU O 98 -54.99 56.07 15.20
C GLU O 98 -53.81 55.17 15.55
N ALA O 99 -52.65 55.35 14.91
CA ALA O 99 -51.58 54.36 15.00
C ALA O 99 -50.80 54.49 16.31
N ASN O 100 -50.19 55.66 16.56
CA ASN O 100 -49.37 55.83 17.75
C ASN O 100 -49.76 57.07 18.53
N SER O 101 -51.02 57.49 18.42
CA SER O 101 -51.52 58.65 19.15
C SER O 101 -52.45 58.26 20.30
N VAL O 102 -52.64 56.97 20.53
CA VAL O 102 -53.50 56.50 21.62
C VAL O 102 -52.68 55.99 22.80
N ASP O 103 -51.69 55.14 22.55
CA ASP O 103 -51.06 54.57 23.76
C ASP O 103 -49.60 54.13 23.62
N MET O 104 -48.73 54.65 24.48
CA MET O 104 -47.37 54.15 24.56
C MET O 104 -47.11 53.32 25.81
N SER O 105 -47.98 53.39 26.82
CA SER O 105 -47.99 52.41 27.90
C SER O 105 -48.63 51.14 27.36
N ALA O 106 -47.87 50.35 26.67
CA ALA O 106 -48.30 49.42 25.63
C ALA O 106 -47.27 48.30 25.56
N LEU O 107 -47.24 47.60 24.42
CA LEU O 107 -46.21 46.60 24.13
C LEU O 107 -44.79 47.17 24.34
N LYS O 108 -43.84 46.24 24.49
CA LYS O 108 -42.67 46.40 25.36
C LYS O 108 -41.80 47.63 25.05
N ASP O 109 -41.78 48.11 23.80
CA ASP O 109 -41.09 49.35 23.50
C ASP O 109 -41.90 49.97 22.36
N PRO O 110 -42.41 51.19 22.51
CA PRO O 110 -43.32 51.75 21.51
C PRO O 110 -42.58 52.29 20.29
N GLN O 111 -43.37 52.59 19.26
CA GLN O 111 -42.83 53.08 18.00
C GLN O 111 -42.90 54.60 17.93
N THR O 112 -42.27 55.14 16.89
CA THR O 112 -42.32 56.55 16.55
C THR O 112 -42.83 56.67 15.12
N ASP O 113 -44.11 57.02 14.97
CA ASP O 113 -44.73 57.02 13.65
C ASP O 113 -44.33 58.21 12.79
N ALA O 114 -43.60 59.18 13.35
CA ALA O 114 -43.12 60.31 12.55
C ALA O 114 -42.06 59.89 11.54
N ASP O 115 -41.23 58.91 11.90
CA ASP O 115 -40.17 58.42 11.01
C ASP O 115 -40.23 56.92 10.76
N ARG O 116 -41.17 56.21 11.36
CA ARG O 116 -41.48 54.86 10.89
C ARG O 116 -42.05 54.96 9.47
N VAL O 117 -43.03 55.84 9.30
CA VAL O 117 -43.44 56.34 8.01
C VAL O 117 -42.96 57.79 8.00
N LYS O 118 -41.77 57.97 7.44
CA LYS O 118 -41.26 59.29 7.08
C LYS O 118 -41.74 59.71 5.70
N ASP O 119 -42.76 59.03 5.18
CA ASP O 119 -43.30 59.19 3.85
C ASP O 119 -44.60 59.97 3.94
N PRO O 120 -44.62 61.28 3.65
CA PRO O 120 -45.90 61.98 3.58
C PRO O 120 -46.56 61.86 2.21
N GLN O 121 -46.54 60.68 1.62
CA GLN O 121 -47.29 60.33 0.42
C GLN O 121 -48.10 59.05 0.57
N TRP O 122 -47.48 58.01 1.12
CA TRP O 122 -47.90 56.60 1.06
C TRP O 122 -47.58 55.92 2.38
N LEU O 123 -47.73 54.60 2.41
CA LEU O 123 -47.23 53.74 3.48
C LEU O 123 -46.72 52.45 2.85
N ILE O 124 -45.48 52.08 3.16
CA ILE O 124 -44.83 50.90 2.60
C ILE O 124 -44.56 49.97 3.78
N MET O 125 -45.08 48.75 3.75
CA MET O 125 -44.89 47.80 4.85
C MET O 125 -44.46 46.44 4.28
N LEU O 126 -43.44 45.82 4.91
CA LEU O 126 -43.07 44.43 4.60
C LEU O 126 -43.94 43.48 5.40
N GLY O 127 -44.75 42.68 4.72
CA GLY O 127 -45.72 41.86 5.41
C GLY O 127 -45.27 40.48 5.85
N ILE O 128 -44.05 40.37 6.37
CA ILE O 128 -43.59 39.12 6.97
C ILE O 128 -43.53 39.33 8.47
N CYS O 129 -44.10 38.40 9.22
CA CYS O 129 -44.25 38.49 10.66
C CYS O 129 -43.17 37.70 11.38
N THR O 130 -43.26 37.39 12.57
CA THR O 130 -42.22 36.89 13.46
C THR O 130 -41.88 35.43 13.16
N HIS O 131 -41.31 34.79 14.19
CA HIS O 131 -40.76 33.41 14.27
C HIS O 131 -41.61 32.41 13.49
N LEU O 132 -42.92 32.34 13.70
CA LEU O 132 -43.78 31.56 12.82
C LEU O 132 -44.35 32.48 11.75
N GLY O 133 -43.69 32.53 10.59
CA GLY O 133 -43.84 33.66 9.69
C GLY O 133 -44.96 33.62 8.67
N CYS O 134 -46.20 33.47 9.14
CA CYS O 134 -47.35 33.46 8.25
C CYS O 134 -47.61 34.88 7.72
N VAL O 135 -48.42 34.95 6.67
CA VAL O 135 -48.72 36.21 5.98
C VAL O 135 -50.12 36.67 6.36
N PRO O 136 -50.35 37.98 6.49
CA PRO O 136 -51.67 38.47 6.91
C PRO O 136 -52.62 38.70 5.73
N ILE O 137 -53.91 38.65 6.05
CA ILE O 137 -54.98 38.93 5.10
C ILE O 137 -55.35 40.40 5.22
N GLY O 138 -55.39 41.10 4.10
CA GLY O 138 -55.63 42.54 4.09
C GLY O 138 -57.05 42.95 4.39
N GLU O 139 -57.20 43.92 5.30
CA GLU O 139 -58.46 44.56 5.69
C GLU O 139 -59.47 43.55 6.25
N ALA O 140 -59.07 42.94 7.37
CA ALA O 140 -59.94 42.05 8.14
C ALA O 140 -59.48 42.06 9.59
N GLY O 141 -60.34 42.55 10.48
CA GLY O 141 -60.01 42.55 11.90
C GLY O 141 -60.94 43.38 12.76
N ASP O 142 -60.38 44.03 13.79
CA ASP O 142 -61.17 44.83 14.72
C ASP O 142 -61.61 46.13 14.07
N PHE O 143 -60.66 46.96 13.67
CA PHE O 143 -60.93 48.23 13.00
C PHE O 143 -59.74 48.50 12.10
N GLY O 144 -59.88 48.23 10.80
CA GLY O 144 -58.73 48.27 9.91
C GLY O 144 -57.71 47.21 10.22
N GLY O 145 -58.16 45.96 10.37
CA GLY O 145 -57.26 44.88 10.77
C GLY O 145 -56.46 44.29 9.62
N TRP O 146 -55.57 43.38 10.01
CA TRP O 146 -54.81 42.55 9.07
C TRP O 146 -54.80 41.13 9.64
N PHE O 147 -55.77 40.32 9.21
CA PHE O 147 -56.01 39.01 9.82
C PHE O 147 -54.90 38.04 9.45
N CYS O 148 -54.16 37.56 10.46
CA CYS O 148 -53.21 36.48 10.26
C CYS O 148 -53.95 35.17 10.46
N PRO O 149 -54.12 34.35 9.42
CA PRO O 149 -54.82 33.08 9.58
C PRO O 149 -53.99 31.97 10.21
N CYS O 150 -52.75 32.26 10.59
CA CYS O 150 -51.89 31.30 11.29
C CYS O 150 -51.60 31.72 12.72
N HIS O 151 -51.74 33.01 13.03
CA HIS O 151 -51.35 33.49 14.39
C HIS O 151 -52.53 34.06 15.19
N GLY O 152 -53.60 34.49 14.52
CA GLY O 152 -54.67 35.15 15.25
C GLY O 152 -54.30 36.51 15.78
N SER O 153 -53.07 36.95 15.56
CA SER O 153 -52.56 38.22 16.07
C SER O 153 -52.66 39.22 14.93
N HIS O 154 -53.83 39.84 14.78
CA HIS O 154 -54.04 40.75 13.67
C HIS O 154 -53.50 42.13 13.99
N TYR O 155 -53.08 42.83 12.94
CA TYR O 155 -52.40 44.11 13.07
C TYR O 155 -53.41 45.25 12.98
N ASP O 156 -53.12 46.33 13.69
CA ASP O 156 -53.81 47.59 13.50
C ASP O 156 -52.96 48.42 12.53
N ILE O 157 -53.26 49.71 12.37
CA ILE O 157 -52.40 50.54 11.53
C ILE O 157 -51.19 51.01 12.33
N SER O 158 -51.13 50.63 13.62
CA SER O 158 -49.93 50.78 14.45
C SER O 158 -48.77 49.93 13.95
N GLY O 159 -49.04 48.84 13.25
CA GLY O 159 -48.00 47.94 12.79
C GLY O 159 -47.67 46.82 13.74
N ARG O 160 -48.33 46.76 14.89
CA ARG O 160 -48.17 45.65 15.81
C ARG O 160 -49.52 45.06 16.17
N ILE O 161 -49.45 44.02 16.99
CA ILE O 161 -50.60 43.30 17.49
C ILE O 161 -51.40 44.17 18.45
N ARG O 162 -52.64 43.74 18.73
CA ARG O 162 -53.28 44.14 19.97
C ARG O 162 -52.50 43.52 21.11
N LYS O 163 -52.51 42.19 21.16
CA LYS O 163 -51.78 41.42 22.15
C LYS O 163 -51.69 40.00 21.62
N GLY O 164 -50.48 39.52 21.37
CA GLY O 164 -50.31 38.22 20.76
C GLY O 164 -48.93 37.61 20.93
N PRO O 165 -48.65 36.55 20.16
CA PRO O 165 -47.35 35.87 20.24
C PRO O 165 -46.27 36.46 19.34
N ALA O 166 -46.45 37.66 18.80
CA ALA O 166 -45.49 38.28 17.90
C ALA O 166 -44.74 39.39 18.64
N PRO O 167 -43.55 39.09 19.20
CA PRO O 167 -42.89 40.05 20.10
C PRO O 167 -42.35 41.29 19.41
N LEU O 168 -41.52 41.11 18.39
CA LEU O 168 -40.95 42.23 17.66
C LEU O 168 -41.83 42.51 16.44
N ASN O 169 -41.65 43.68 15.87
CA ASN O 169 -42.64 44.23 14.95
C ASN O 169 -42.05 44.45 13.56
N LEU O 170 -42.87 45.09 12.72
CA LEU O 170 -42.67 45.13 11.28
C LEU O 170 -41.52 46.07 10.90
N GLU O 171 -40.84 45.75 9.80
CA GLU O 171 -39.66 46.48 9.36
C GLU O 171 -40.02 47.25 8.10
N ILE O 172 -39.49 48.46 7.99
CA ILE O 172 -39.80 49.40 6.92
C ILE O 172 -38.58 49.49 6.02
N PRO O 173 -38.71 49.34 4.71
CA PRO O 173 -37.52 49.34 3.83
C PRO O 173 -37.07 50.75 3.49
N ALA O 174 -35.90 50.82 2.88
CA ALA O 174 -35.28 52.11 2.57
C ALA O 174 -35.73 52.57 1.19
N TYR O 175 -36.60 53.58 1.15
CA TYR O 175 -36.97 54.24 -0.09
C TYR O 175 -36.65 55.72 0.03
N GLU O 176 -36.09 56.28 -1.03
CA GLU O 176 -35.65 57.66 -1.01
C GLU O 176 -36.48 58.45 -2.03
N PHE O 177 -36.63 59.75 -1.79
CA PHE O 177 -37.59 60.54 -2.54
C PHE O 177 -36.95 61.18 -3.77
N ASP O 178 -37.70 61.21 -4.87
CA ASP O 178 -37.22 61.79 -6.12
C ASP O 178 -37.98 63.04 -6.50
N GLY O 179 -39.32 63.00 -6.50
CA GLY O 179 -40.16 64.13 -6.86
C GLY O 179 -41.22 63.79 -7.89
N ASP O 180 -40.86 62.97 -8.88
CA ASP O 180 -41.83 62.44 -9.83
C ASP O 180 -41.89 60.92 -9.75
N LYS O 181 -40.79 60.25 -9.42
CA LYS O 181 -40.77 58.82 -9.16
C LYS O 181 -40.49 58.58 -7.68
N VAL O 182 -40.44 57.30 -7.32
CA VAL O 182 -39.94 56.87 -6.01
C VAL O 182 -39.35 55.47 -6.19
N ILE O 183 -38.27 55.20 -5.48
CA ILE O 183 -37.54 53.94 -5.62
C ILE O 183 -37.54 53.24 -4.26
N VAL O 184 -38.35 52.19 -4.15
CA VAL O 184 -38.39 51.40 -2.92
C VAL O 184 -37.36 50.28 -3.00
N GLY O 185 -36.66 50.06 -1.89
CA GLY O 185 -35.63 49.03 -1.86
C GLY O 185 -34.87 48.90 -0.55
N GLU P 1 -20.94 67.82 -49.48
CA GLU P 1 -19.71 68.31 -50.09
C GLU P 1 -18.70 67.19 -50.25
N VAL P 2 -18.64 66.30 -49.28
CA VAL P 2 -17.62 65.26 -49.21
C VAL P 2 -18.27 63.91 -49.52
N THR P 3 -17.59 63.12 -50.34
CA THR P 3 -18.02 61.74 -50.61
C THR P 3 -17.26 60.79 -49.70
N ASP P 4 -17.65 59.52 -49.76
CA ASP P 4 -17.03 58.48 -48.94
C ASP P 4 -15.61 58.18 -49.43
N GLN P 5 -14.69 58.00 -48.49
CA GLN P 5 -13.27 57.88 -48.78
C GLN P 5 -12.93 56.52 -49.38
N LEU P 6 -13.80 55.53 -49.22
CA LEU P 6 -13.54 54.20 -49.76
C LEU P 6 -13.64 54.19 -51.28
N GLU P 7 -14.53 55.01 -51.83
CA GLU P 7 -14.87 54.86 -53.24
C GLU P 7 -13.88 55.58 -54.16
N ASP P 8 -13.25 56.66 -53.70
CA ASP P 8 -12.24 57.29 -54.53
C ASP P 8 -10.92 56.53 -54.46
N LEU P 9 -10.61 55.95 -53.29
CA LEU P 9 -9.46 55.05 -53.19
C LEU P 9 -9.65 53.80 -54.03
N ARG P 10 -10.90 53.34 -54.17
CA ARG P 10 -11.18 52.22 -55.05
C ARG P 10 -10.99 52.61 -56.51
N GLU P 11 -11.14 53.88 -56.85
CA GLU P 11 -11.00 54.33 -58.23
C GLU P 11 -9.58 54.84 -58.54
N HIS P 12 -8.88 55.39 -57.56
CA HIS P 12 -7.52 55.87 -57.79
C HIS P 12 -6.56 54.72 -58.07
N PHE P 13 -6.66 53.64 -57.30
CA PHE P 13 -5.88 52.44 -57.57
C PHE P 13 -6.39 51.67 -58.77
N LYS P 14 -7.59 51.98 -59.26
CA LYS P 14 -8.07 51.43 -60.51
C LYS P 14 -7.45 52.11 -61.72
N ASN P 15 -6.74 53.22 -61.53
CA ASN P 15 -5.98 53.86 -62.61
C ASN P 15 -4.51 53.88 -62.21
N THR P 16 -3.85 52.73 -62.42
CA THR P 16 -2.41 52.58 -62.30
C THR P 16 -1.97 51.61 -63.38
N GLU P 17 -0.67 51.35 -63.44
CA GLU P 17 -0.12 50.42 -64.43
C GLU P 17 -0.59 48.98 -64.19
N GLU P 18 -0.89 48.63 -62.95
CA GLU P 18 -1.42 47.32 -62.62
C GLU P 18 -2.92 47.22 -62.84
N GLY P 19 -3.68 48.20 -62.34
CA GLY P 19 -5.13 48.18 -62.39
C GLY P 19 -5.75 48.29 -63.76
N LYS P 20 -4.96 48.66 -64.79
CA LYS P 20 -5.45 48.56 -66.15
C LYS P 20 -5.57 47.10 -66.59
N ALA P 21 -4.62 46.27 -66.18
CA ALA P 21 -4.55 44.91 -66.72
C ALA P 21 -5.66 44.01 -66.19
N LEU P 22 -6.06 44.18 -64.93
CA LEU P 22 -7.12 43.36 -64.37
C LEU P 22 -8.51 43.95 -64.59
N VAL P 23 -8.61 45.03 -65.35
CA VAL P 23 -9.88 45.44 -65.95
C VAL P 23 -9.86 45.29 -67.47
N HIS P 24 -8.67 45.19 -68.07
CA HIS P 24 -8.53 44.79 -69.47
C HIS P 24 -8.61 43.27 -69.63
N HIS P 25 -8.72 42.52 -68.54
CA HIS P 25 -9.01 41.10 -68.60
C HIS P 25 -10.45 40.79 -68.23
N TYR P 26 -11.09 41.64 -67.43
CA TYR P 26 -12.51 41.49 -67.16
C TYR P 26 -13.36 41.94 -68.35
N GLU P 27 -12.79 42.73 -69.27
CA GLU P 27 -13.56 43.17 -70.42
C GLU P 27 -13.80 42.04 -71.41
N GLU P 28 -12.79 41.19 -71.63
CA GLU P 28 -12.93 40.16 -72.64
C GLU P 28 -13.50 38.87 -72.07
N CYS P 29 -13.81 38.95 -70.79
CA CYS P 29 -14.56 37.81 -70.22
C CYS P 29 -16.00 38.27 -70.10
N ALA P 30 -16.21 39.57 -70.13
CA ALA P 30 -17.57 40.10 -70.18
C ALA P 30 -18.11 40.21 -71.60
N GLU P 31 -17.26 40.18 -72.61
CA GLU P 31 -17.78 40.26 -73.97
C GLU P 31 -18.37 38.93 -74.42
N ARG P 32 -17.82 37.82 -73.95
CA ARG P 32 -18.08 36.52 -74.54
C ARG P 32 -19.12 35.71 -73.79
N VAL P 33 -19.65 36.22 -72.69
CA VAL P 33 -20.80 35.57 -72.06
C VAL P 33 -22.11 36.06 -72.69
N LYS P 34 -22.03 37.00 -73.63
CA LYS P 34 -23.22 37.32 -74.40
C LYS P 34 -22.97 37.45 -75.89
N ILE P 35 -21.74 37.21 -76.36
CA ILE P 35 -21.57 36.86 -77.77
C ILE P 35 -22.24 35.51 -78.04
N GLN P 36 -22.11 34.56 -77.12
CA GLN P 36 -22.63 33.22 -77.35
C GLN P 36 -23.96 32.93 -76.66
N GLN P 37 -24.42 33.78 -75.74
CA GLN P 37 -25.72 33.53 -75.13
C GLN P 37 -26.87 34.10 -75.95
N GLN P 38 -26.57 34.89 -76.98
CA GLN P 38 -27.57 35.35 -77.94
C GLN P 38 -27.70 34.44 -79.15
N GLN P 39 -26.72 33.57 -79.39
CA GLN P 39 -26.81 32.63 -80.50
C GLN P 39 -27.92 31.61 -80.22
N PRO P 40 -28.59 31.06 -81.29
CA PRO P 40 -29.82 30.28 -81.09
C PRO P 40 -29.71 29.07 -80.17
N GLY P 41 -30.38 29.16 -79.03
CA GLY P 41 -30.17 28.26 -77.93
C GLY P 41 -29.52 28.95 -76.74
N TYR P 42 -30.28 29.07 -75.65
CA TYR P 42 -29.76 29.58 -74.39
C TYR P 42 -29.64 28.50 -73.32
N ALA P 43 -30.68 27.67 -73.15
CA ALA P 43 -30.66 26.58 -72.18
C ALA P 43 -30.27 25.24 -72.82
N ASP P 44 -29.15 25.21 -73.54
CA ASP P 44 -28.66 23.94 -74.09
C ASP P 44 -27.13 24.00 -74.18
N LEU P 45 -26.45 23.63 -73.11
CA LEU P 45 -25.00 23.80 -73.09
C LEU P 45 -24.34 22.73 -72.24
N GLU P 46 -23.02 22.56 -72.50
CA GLU P 46 -22.16 21.86 -71.55
C GLU P 46 -22.10 22.64 -70.24
N HIS P 47 -21.50 23.81 -70.31
CA HIS P 47 -21.59 24.91 -69.38
C HIS P 47 -21.24 26.12 -70.21
N LYS P 48 -21.37 27.31 -69.63
CA LYS P 48 -20.92 28.51 -70.31
C LYS P 48 -20.02 29.30 -69.39
N GLU P 49 -19.08 30.04 -70.00
CA GLU P 49 -18.02 30.72 -69.30
C GLU P 49 -18.58 31.79 -68.37
N ASP P 50 -18.16 31.76 -67.12
CA ASP P 50 -18.59 32.73 -66.13
C ASP P 50 -17.44 33.66 -65.79
N CYS P 51 -17.78 34.82 -65.26
CA CYS P 51 -16.77 35.82 -64.92
C CYS P 51 -16.75 36.09 -63.42
N VAL P 52 -17.13 35.11 -62.61
CA VAL P 52 -16.84 35.15 -61.18
C VAL P 52 -15.38 34.84 -60.89
N GLU P 53 -14.65 34.34 -61.88
CA GLU P 53 -13.21 34.14 -61.81
C GLU P 53 -12.45 35.45 -61.93
N GLU P 54 -12.69 36.21 -63.00
CA GLU P 54 -11.96 37.44 -63.23
C GLU P 54 -12.47 38.59 -62.38
N PHE P 55 -13.67 38.45 -61.79
CA PHE P 55 -14.16 39.47 -60.87
C PHE P 55 -13.40 39.42 -59.55
N PHE P 56 -13.11 38.21 -59.06
CA PHE P 56 -12.43 38.05 -57.78
C PHE P 56 -10.96 38.43 -57.88
N HIS P 57 -10.36 38.29 -59.07
CA HIS P 57 -8.98 38.69 -59.27
C HIS P 57 -8.83 40.21 -59.25
N LEU P 58 -9.79 40.91 -59.83
CA LEU P 58 -9.75 42.37 -59.80
C LEU P 58 -10.11 42.89 -58.42
N GLN P 59 -11.13 42.33 -57.78
CA GLN P 59 -11.53 42.80 -56.46
C GLN P 59 -10.79 42.06 -55.34
N HIS P 60 -9.49 41.93 -55.49
CA HIS P 60 -8.59 41.47 -54.44
C HIS P 60 -7.39 42.39 -54.28
N TYR P 61 -6.85 42.90 -55.39
CA TYR P 61 -5.84 43.94 -55.29
C TYR P 61 -6.46 45.25 -54.85
N LEU P 62 -7.72 45.48 -55.23
CA LEU P 62 -8.44 46.66 -54.75
C LEU P 62 -8.81 46.53 -53.28
N ASP P 63 -8.72 45.33 -52.72
CA ASP P 63 -8.92 45.13 -51.30
C ASP P 63 -7.62 45.03 -50.51
N THR P 64 -6.48 44.83 -51.18
CA THR P 64 -5.20 44.82 -50.47
C THR P 64 -4.42 46.12 -50.60
N ALA P 65 -4.73 46.93 -51.61
CA ALA P 65 -4.20 48.28 -51.68
C ALA P 65 -5.05 49.29 -50.94
N THR P 66 -6.23 48.87 -50.46
CA THR P 66 -7.13 49.74 -49.73
C THR P 66 -7.31 49.25 -48.29
N ALA P 67 -6.68 48.14 -47.92
CA ALA P 67 -6.81 47.66 -46.55
C ALA P 67 -6.00 48.51 -45.55
N PRO P 68 -4.64 48.69 -45.66
CA PRO P 68 -3.99 49.52 -44.65
C PRO P 68 -3.94 50.99 -45.03
N ARG P 69 -5.02 51.52 -45.61
CA ARG P 69 -5.01 52.88 -46.11
C ARG P 69 -6.31 53.61 -45.80
N LEU P 70 -7.29 52.95 -45.19
CA LEU P 70 -8.64 53.52 -45.10
C LEU P 70 -8.90 54.24 -43.79
N PHE P 71 -8.64 53.59 -42.65
CA PHE P 71 -9.10 54.09 -41.36
C PHE P 71 -8.32 55.30 -40.86
N ASP P 72 -7.28 55.75 -41.58
CA ASP P 72 -6.65 57.03 -41.33
C ASP P 72 -7.38 58.16 -42.07
N LYS P 73 -8.18 57.83 -43.08
CA LYS P 73 -8.89 58.84 -43.85
C LYS P 73 -10.24 59.20 -43.22
N LEU P 74 -11.03 58.19 -42.85
CA LEU P 74 -12.30 58.47 -42.20
C LEU P 74 -12.11 58.46 -40.69
N LYS P 75 -13.04 59.11 -40.00
CA LYS P 75 -13.00 59.24 -38.55
C LYS P 75 -13.44 57.95 -37.88
N PRO Q 1 13.20 -9.38 -27.41
CA PRO Q 1 13.25 -10.82 -27.12
C PRO Q 1 13.48 -11.67 -28.34
N GLN Q 2 14.67 -11.55 -28.96
CA GLN Q 2 14.97 -12.28 -30.23
C GLN Q 2 15.81 -13.55 -29.99
N SER Q 3 16.60 -13.62 -28.91
CA SER Q 3 17.43 -14.82 -28.57
C SER Q 3 18.78 -14.78 -29.28
N PHE Q 4 19.90 -14.96 -28.56
CA PHE Q 4 21.28 -14.84 -29.14
C PHE Q 4 21.84 -16.11 -29.77
N THR Q 5 20.72 -17.00 -29.25
CA THR Q 5 21.04 -18.22 -29.99
C THR Q 5 20.65 -17.92 -31.41
N SER Q 6 19.48 -17.29 -31.60
CA SER Q 6 19.03 -17.03 -32.96
C SER Q 6 19.80 -15.91 -33.61
N ILE Q 7 20.25 -14.93 -32.81
CA ILE Q 7 21.09 -13.85 -33.32
C ILE Q 7 22.43 -14.40 -33.78
N ALA Q 8 22.99 -15.33 -33.02
CA ALA Q 8 24.26 -15.94 -33.38
C ALA Q 8 24.12 -16.96 -34.49
N ARG Q 9 22.94 -17.54 -34.65
CA ARG Q 9 22.71 -18.46 -35.77
C ARG Q 9 22.71 -17.70 -37.10
N ILE Q 10 22.01 -16.57 -37.14
CA ILE Q 10 22.00 -15.73 -38.33
C ILE Q 10 23.34 -15.03 -38.51
N GLY Q 11 23.95 -14.62 -37.40
CA GLY Q 11 25.17 -13.83 -37.48
C GLY Q 11 26.38 -14.64 -37.94
N ASP Q 12 26.45 -15.91 -37.54
CA ASP Q 12 27.53 -16.74 -38.01
C ASP Q 12 27.39 -17.07 -39.49
N TYR Q 13 26.16 -17.17 -39.99
CA TYR Q 13 25.94 -17.50 -41.39
C TYR Q 13 26.36 -16.37 -42.32
N ILE Q 14 26.29 -15.13 -41.85
CA ILE Q 14 26.78 -14.01 -42.65
C ILE Q 14 28.30 -13.94 -42.59
N LEU Q 15 28.89 -14.25 -41.44
CA LEU Q 15 30.34 -14.19 -41.30
C LEU Q 15 31.04 -15.34 -41.99
N LYS Q 16 30.40 -16.51 -42.08
CA LYS Q 16 30.99 -17.61 -42.83
C LYS Q 16 30.90 -17.38 -44.33
N SER Q 17 29.84 -16.74 -44.78
CA SER Q 17 29.64 -16.46 -46.20
C SER Q 17 30.61 -15.40 -46.66
N PRO Q 18 31.47 -15.67 -47.66
CA PRO Q 18 32.44 -14.65 -48.07
C PRO Q 18 31.87 -13.57 -48.96
N VAL Q 19 30.67 -13.76 -49.52
CA VAL Q 19 30.10 -12.78 -50.44
C VAL Q 19 29.07 -11.94 -49.71
N LEU Q 20 28.52 -12.47 -48.61
CA LEU Q 20 27.59 -11.69 -47.81
C LEU Q 20 28.32 -10.72 -46.88
N SER Q 21 29.52 -11.10 -46.43
CA SER Q 21 30.30 -10.29 -45.52
C SER Q 21 31.17 -9.26 -46.22
N LYS Q 22 30.87 -8.94 -47.47
CA LYS Q 22 31.36 -7.72 -48.08
C LYS Q 22 30.23 -6.73 -48.33
N LEU Q 23 29.01 -7.11 -47.99
CA LEU Q 23 27.85 -6.25 -48.09
C LEU Q 23 27.38 -5.75 -46.73
N CYS Q 24 27.36 -6.62 -45.72
CA CYS Q 24 26.78 -6.29 -44.44
C CYS Q 24 27.78 -5.72 -43.44
N VAL Q 25 29.06 -6.09 -43.53
CA VAL Q 25 30.03 -5.63 -42.53
C VAL Q 25 30.40 -4.14 -42.65
N PRO Q 26 30.38 -3.43 -43.80
CA PRO Q 26 30.57 -1.97 -43.69
C PRO Q 26 29.34 -1.26 -43.18
N VAL Q 27 28.15 -1.80 -43.46
CA VAL Q 27 26.91 -1.25 -42.90
C VAL Q 27 26.87 -1.51 -41.40
N ALA Q 28 27.47 -2.60 -40.94
CA ALA Q 28 27.54 -2.86 -39.50
C ALA Q 28 28.52 -1.92 -38.79
N ASN Q 29 29.48 -1.35 -39.52
CA ASN Q 29 30.46 -0.46 -38.90
C ASN Q 29 30.00 0.99 -38.83
N GLN Q 30 29.26 1.46 -39.83
CA GLN Q 30 28.71 2.81 -39.75
C GLN Q 30 27.55 2.89 -38.78
N PHE Q 31 26.87 1.76 -38.55
CA PHE Q 31 25.78 1.71 -37.58
C PHE Q 31 26.30 1.78 -36.16
N ILE Q 32 27.57 1.43 -35.92
CA ILE Q 32 28.13 1.45 -34.58
C ILE Q 32 28.57 2.86 -34.20
N ASN Q 33 29.26 3.54 -35.12
CA ASN Q 33 29.71 4.92 -34.86
C ASN Q 33 28.55 5.90 -34.81
N LEU Q 34 27.50 5.67 -35.60
CA LEU Q 34 26.34 6.54 -35.55
C LEU Q 34 25.45 6.25 -34.34
N ALA Q 35 25.61 5.10 -33.69
CA ALA Q 35 24.97 4.89 -32.41
C ALA Q 35 25.59 5.78 -31.35
N GLY Q 36 26.92 5.88 -31.34
CA GLY Q 36 27.61 6.81 -30.48
C GLY Q 36 27.71 6.40 -29.03
N TYR Q 37 27.59 5.12 -28.73
CA TYR Q 37 27.65 4.69 -27.34
C TYR Q 37 29.07 4.66 -26.79
N LYS Q 38 30.08 4.66 -27.66
CA LYS Q 38 31.45 4.66 -27.18
C LYS Q 38 31.87 6.01 -26.62
N LYS Q 39 31.28 7.09 -27.11
CA LYS Q 39 31.62 8.42 -26.64
C LYS Q 39 31.17 8.69 -25.22
N LEU Q 40 30.17 7.95 -24.74
CA LEU Q 40 29.74 8.01 -23.35
C LEU Q 40 30.51 7.07 -22.45
N GLY Q 41 31.52 6.39 -22.97
CA GLY Q 41 32.30 5.47 -22.19
C GLY Q 41 31.56 4.20 -21.84
N LEU Q 42 31.09 3.47 -22.85
CA LEU Q 42 30.37 2.22 -22.64
C LEU Q 42 30.70 1.24 -23.76
N LYS Q 43 30.84 -0.03 -23.40
CA LYS Q 43 30.86 -1.11 -24.37
C LYS Q 43 29.43 -1.49 -24.72
N PHE Q 44 29.28 -2.40 -25.69
CA PHE Q 44 27.91 -2.72 -26.11
C PHE Q 44 27.18 -3.61 -25.12
N ASP Q 45 27.90 -4.48 -24.42
CA ASP Q 45 27.24 -5.39 -23.49
C ASP Q 45 26.76 -4.70 -22.22
N ASP Q 46 27.08 -3.42 -22.05
CA ASP Q 46 26.50 -2.63 -20.97
C ASP Q 46 25.07 -2.25 -21.28
N LEU Q 47 24.73 -2.10 -22.57
CA LEU Q 47 23.46 -1.57 -23.03
C LEU Q 47 22.31 -2.56 -22.91
N ILE Q 48 22.61 -3.84 -22.69
CA ILE Q 48 21.60 -4.88 -22.74
C ILE Q 48 20.71 -4.81 -21.51
N ALA Q 49 19.40 -4.91 -21.71
CA ALA Q 49 18.45 -4.91 -20.62
C ALA Q 49 18.61 -6.17 -19.78
N GLU Q 50 18.52 -6.01 -18.46
CA GLU Q 50 18.84 -7.07 -17.53
C GLU Q 50 17.64 -7.52 -16.71
N GLU Q 51 16.43 -7.25 -17.18
CA GLU Q 51 15.23 -7.50 -16.40
C GLU Q 51 14.52 -8.80 -16.80
N ASN Q 52 15.27 -9.83 -17.14
CA ASN Q 52 14.76 -11.17 -17.41
C ASN Q 52 15.62 -12.22 -16.71
N PRO Q 53 15.05 -13.42 -16.39
CA PRO Q 53 15.82 -14.40 -15.60
C PRO Q 53 16.98 -15.10 -16.29
N ILE Q 54 17.36 -14.70 -17.50
CA ILE Q 54 18.57 -15.21 -18.13
C ILE Q 54 19.72 -14.23 -17.98
N MET Q 55 19.46 -12.93 -18.11
CA MET Q 55 20.48 -11.93 -17.87
C MET Q 55 20.79 -11.78 -16.38
N GLN Q 56 19.88 -12.19 -15.50
CA GLN Q 56 20.21 -12.19 -14.08
C GLN Q 56 21.10 -13.36 -13.72
N THR Q 57 21.04 -14.45 -14.49
CA THR Q 57 21.95 -15.57 -14.29
C THR Q 57 23.34 -15.25 -14.83
N ALA Q 58 23.41 -14.64 -16.00
CA ALA Q 58 24.69 -14.36 -16.65
C ALA Q 58 25.48 -13.25 -15.98
N LEU Q 59 24.90 -12.53 -15.03
CA LEU Q 59 25.63 -11.49 -14.31
C LEU Q 59 26.23 -11.99 -13.01
N ARG Q 60 25.61 -13.00 -12.37
CA ARG Q 60 26.20 -13.61 -11.20
C ARG Q 60 27.46 -14.40 -11.52
N ARG Q 61 27.48 -15.08 -12.65
CA ARG Q 61 28.62 -15.92 -13.03
C ARG Q 61 29.79 -15.11 -13.55
N LEU Q 62 29.67 -13.81 -13.65
CA LEU Q 62 30.73 -12.95 -14.16
C LEU Q 62 31.81 -12.81 -13.09
N PRO Q 63 33.09 -12.79 -13.47
CA PRO Q 63 34.15 -12.61 -12.48
C PRO Q 63 34.13 -11.22 -11.87
N GLU Q 64 34.60 -11.13 -10.62
CA GLU Q 64 34.45 -9.93 -9.82
C GLU Q 64 35.35 -8.80 -10.25
N ASP Q 65 36.46 -9.09 -10.94
CA ASP Q 65 37.29 -8.00 -11.45
C ASP Q 65 36.63 -7.31 -12.64
N GLU Q 66 35.80 -8.04 -13.38
CA GLU Q 66 35.00 -7.46 -14.45
C GLU Q 66 33.68 -6.89 -13.96
N SER Q 67 33.16 -7.43 -12.85
CA SER Q 67 31.91 -6.93 -12.30
C SER Q 67 32.08 -5.57 -11.62
N TYR Q 68 33.28 -5.26 -11.15
CA TYR Q 68 33.52 -3.95 -10.54
C TYR Q 68 33.81 -2.88 -11.58
N ALA Q 69 34.48 -3.22 -12.68
CA ALA Q 69 34.82 -2.24 -13.69
C ALA Q 69 33.63 -1.85 -14.55
N ARG Q 70 32.56 -2.64 -14.54
CA ARG Q 70 31.35 -2.36 -15.28
C ARG Q 70 30.41 -1.45 -14.51
N ALA Q 71 30.41 -1.55 -13.17
CA ALA Q 71 29.63 -0.64 -12.35
C ALA Q 71 30.15 0.79 -12.37
N TYR Q 72 31.41 0.99 -12.75
CA TYR Q 72 31.97 2.32 -12.90
C TYR Q 72 31.71 2.92 -14.28
N ARG Q 73 31.65 2.11 -15.33
CA ARG Q 73 31.34 2.62 -16.66
C ARG Q 73 29.90 3.10 -16.74
N ILE Q 74 29.01 2.52 -15.94
CA ILE Q 74 27.62 2.93 -15.94
C ILE Q 74 27.46 4.27 -15.21
N ILE Q 75 28.15 4.42 -14.08
CA ILE Q 75 28.05 5.63 -13.26
C ILE Q 75 28.73 6.80 -13.97
N ARG Q 76 29.85 6.55 -14.64
CA ARG Q 76 30.50 7.59 -15.45
C ARG Q 76 29.65 8.03 -16.65
N ALA Q 77 28.71 7.20 -17.11
CA ALA Q 77 27.85 7.57 -18.21
C ALA Q 77 26.60 8.32 -17.76
N HIS Q 78 26.10 8.06 -16.55
CA HIS Q 78 24.98 8.82 -16.00
C HIS Q 78 25.35 10.26 -15.67
N GLN Q 79 26.62 10.52 -15.38
CA GLN Q 79 27.08 11.87 -15.12
C GLN Q 79 27.45 12.63 -16.38
N THR Q 80 27.86 11.95 -17.45
CA THR Q 80 28.11 12.63 -18.71
C THR Q 80 26.81 13.08 -19.36
N GLU Q 81 25.72 12.35 -19.13
CA GLU Q 81 24.41 12.70 -19.64
C GLU Q 81 23.81 13.90 -18.91
N LEU Q 82 24.03 13.99 -17.61
CA LEU Q 82 23.41 15.04 -16.80
C LEU Q 82 23.99 16.42 -17.10
N THR Q 83 25.29 16.48 -17.37
CA THR Q 83 25.95 17.73 -17.71
C THR Q 83 25.84 18.07 -19.18
N HIS Q 84 25.22 17.20 -19.98
CA HIS Q 84 24.92 17.36 -21.41
C HIS Q 84 26.18 17.51 -22.27
N HIS Q 85 27.34 17.16 -21.75
CA HIS Q 85 28.59 17.18 -22.50
C HIS Q 85 28.93 15.77 -22.95
N LEU Q 86 30.12 15.61 -23.54
CA LEU Q 86 30.67 14.31 -23.83
C LEU Q 86 32.03 14.17 -23.16
N LEU Q 87 32.46 12.93 -22.98
CA LEU Q 87 33.76 12.65 -22.40
C LEU Q 87 34.86 13.07 -23.39
N PRO Q 88 36.07 13.33 -22.90
CA PRO Q 88 37.18 13.62 -23.82
C PRO Q 88 37.55 12.40 -24.65
N ARG Q 89 38.30 12.65 -25.71
CA ARG Q 89 38.70 11.59 -26.62
C ARG Q 89 39.81 10.70 -26.06
N ASN Q 90 40.27 10.94 -24.83
CA ASN Q 90 41.15 10.02 -24.14
C ASN Q 90 40.39 9.00 -23.30
N GLU Q 91 39.07 9.14 -23.16
CA GLU Q 91 38.28 8.20 -22.39
C GLU Q 91 37.18 7.55 -23.24
N TRP Q 92 37.42 7.43 -24.54
CA TRP Q 92 36.51 6.71 -25.43
C TRP Q 92 37.03 5.30 -25.64
N ILE Q 93 36.12 4.34 -25.63
CA ILE Q 93 36.47 2.96 -25.93
C ILE Q 93 36.86 2.85 -27.39
N LYS Q 94 38.03 2.27 -27.64
CA LYS Q 94 38.53 2.11 -28.99
C LYS Q 94 37.89 0.90 -29.65
N ALA Q 95 38.27 0.64 -30.90
CA ALA Q 95 37.66 -0.43 -31.68
C ALA Q 95 38.24 -1.80 -31.36
N GLN Q 96 39.14 -1.91 -30.38
CA GLN Q 96 39.73 -3.20 -30.03
C GLN Q 96 39.26 -3.74 -28.70
N GLU Q 97 38.89 -2.89 -27.76
CA GLU Q 97 38.44 -3.32 -26.45
C GLU Q 97 36.93 -3.46 -26.36
N ASP Q 98 36.20 -3.24 -27.45
CA ASP Q 98 34.75 -3.46 -27.45
C ASP Q 98 34.49 -4.91 -27.89
N VAL Q 99 34.57 -5.80 -26.91
CA VAL Q 99 34.46 -7.24 -27.14
C VAL Q 99 33.33 -7.77 -26.27
N PRO Q 100 32.66 -8.87 -26.65
CA PRO Q 100 31.61 -9.41 -25.78
C PRO Q 100 32.15 -10.17 -24.59
N TYR Q 101 32.07 -9.56 -23.40
CA TYR Q 101 32.46 -10.24 -22.18
C TYR Q 101 31.29 -10.99 -21.55
N LEU Q 102 30.09 -10.84 -22.09
CA LEU Q 102 28.90 -11.42 -21.49
C LEU Q 102 28.24 -12.47 -22.37
N LEU Q 103 28.58 -12.54 -23.64
CA LEU Q 103 28.02 -13.51 -24.57
C LEU Q 103 28.37 -14.97 -24.27
N PRO Q 104 29.57 -15.34 -23.77
CA PRO Q 104 29.74 -16.74 -23.32
C PRO Q 104 28.86 -17.14 -22.15
N TYR Q 105 28.63 -16.24 -21.19
CA TYR Q 105 27.78 -16.57 -20.06
C TYR Q 105 26.30 -16.56 -20.44
N ILE Q 106 25.94 -15.89 -21.54
CA ILE Q 106 24.56 -15.81 -21.99
C ILE Q 106 24.18 -17.06 -22.77
N LEU Q 107 25.05 -17.50 -23.69
CA LEU Q 107 24.72 -18.58 -24.61
C LEU Q 107 24.60 -19.92 -23.92
N GLU Q 108 25.20 -20.10 -22.74
CA GLU Q 108 25.06 -21.34 -21.99
C GLU Q 108 23.96 -21.29 -20.95
N ALA Q 109 23.49 -20.10 -20.58
CA ALA Q 109 22.29 -20.01 -19.76
C ALA Q 109 21.03 -20.21 -20.57
N GLU Q 110 21.12 -20.05 -21.89
CA GLU Q 110 20.00 -20.29 -22.80
C GLU Q 110 19.90 -21.75 -23.21
N ALA Q 111 21.05 -22.38 -23.52
CA ALA Q 111 21.05 -23.78 -23.91
C ALA Q 111 20.66 -24.70 -22.77
N ALA Q 112 20.85 -24.28 -21.52
CA ALA Q 112 20.35 -25.04 -20.40
C ALA Q 112 18.88 -24.79 -20.15
N ALA Q 113 18.32 -23.73 -20.71
CA ALA Q 113 16.88 -23.48 -20.63
C ALA Q 113 16.12 -24.14 -21.78
N LYS Q 114 16.81 -24.43 -22.88
CA LYS Q 114 16.26 -25.21 -23.99
C LYS Q 114 16.56 -26.70 -23.81
N GLU Q 115 16.71 -27.15 -22.57
CA GLU Q 115 16.79 -28.58 -22.31
C GLU Q 115 15.84 -28.92 -21.17
N LYS Q 116 15.57 -27.95 -20.31
CA LYS Q 116 14.64 -28.17 -19.21
C LYS Q 116 13.18 -28.16 -19.69
N ASP Q 117 12.89 -27.49 -20.79
CA ASP Q 117 11.56 -27.52 -21.38
C ASP Q 117 11.38 -28.63 -22.40
N GLU Q 118 12.46 -29.02 -23.08
CA GLU Q 118 12.39 -30.17 -23.98
C GLU Q 118 12.24 -31.47 -23.21
N LEU Q 119 12.70 -31.53 -21.97
CA LEU Q 119 12.56 -32.72 -21.17
C LEU Q 119 11.28 -32.73 -20.33
N ASP Q 120 10.51 -31.65 -20.35
CA ASP Q 120 9.22 -31.62 -19.66
C ASP Q 120 8.04 -31.67 -20.61
N ASN Q 121 8.26 -31.66 -21.92
CA ASN Q 121 7.21 -31.85 -22.93
C ASN Q 121 7.73 -32.91 -23.89
N ILE Q 122 7.47 -34.18 -23.57
CA ILE Q 122 8.20 -35.28 -24.17
C ILE Q 122 7.25 -36.46 -24.30
N GLU Q 123 7.38 -37.20 -25.41
CA GLU Q 123 6.42 -38.23 -25.82
C GLU Q 123 7.11 -39.58 -26.00
N VAL Q 124 7.85 -39.99 -24.97
CA VAL Q 124 8.53 -41.30 -25.00
C VAL Q 124 7.48 -42.41 -24.98
N SER Q 125 7.74 -43.48 -25.75
CA SER Q 125 6.84 -44.61 -25.84
C SER Q 125 7.60 -45.91 -25.60
N LYS Q 126 6.87 -46.93 -25.19
CA LYS Q 126 7.44 -48.26 -25.00
C LYS Q 126 7.43 -49.04 -26.32
N SER R 1 26.60 39.55 7.87
CA SER R 1 26.34 40.26 9.13
C SER R 1 25.46 41.48 8.89
N SER R 2 24.40 41.62 9.69
CA SER R 2 23.40 42.67 9.68
C SER R 2 22.63 42.75 8.35
N LEU R 3 22.62 41.70 7.55
CA LEU R 3 21.68 41.54 6.45
C LEU R 3 20.95 40.21 6.47
N TYR R 4 21.62 39.13 6.88
CA TYR R 4 20.98 37.82 6.95
C TYR R 4 20.18 37.63 8.24
N LYS R 5 20.64 38.20 9.35
CA LYS R 5 19.90 38.13 10.61
C LYS R 5 18.92 39.29 10.78
N THR R 6 18.64 40.04 9.72
CA THR R 6 17.60 41.06 9.81
C THR R 6 16.23 40.39 9.71
N PHE R 7 15.90 39.87 8.54
CA PHE R 7 14.63 39.15 8.42
C PHE R 7 14.73 37.94 7.50
N PHE R 8 15.93 37.36 7.32
CA PHE R 8 16.12 36.17 6.50
C PHE R 8 16.29 34.89 7.31
N LYS R 9 16.73 34.99 8.57
CA LYS R 9 16.90 33.85 9.45
C LYS R 9 15.59 33.35 10.06
N ARG R 10 14.69 34.27 10.41
CA ARG R 10 13.48 33.94 11.17
C ARG R 10 12.40 33.41 10.24
N ASN R 11 11.92 32.18 10.48
CA ASN R 11 10.81 31.68 9.65
C ASN R 11 9.46 32.23 10.09
N ALA R 12 9.31 32.66 11.35
CA ALA R 12 8.12 33.39 11.76
C ALA R 12 8.00 34.70 10.99
N VAL R 13 9.13 35.27 10.58
CA VAL R 13 9.16 36.33 9.57
C VAL R 13 9.01 35.77 8.17
N PHE R 14 9.74 34.70 7.84
CA PHE R 14 9.80 34.15 6.48
C PHE R 14 8.50 33.43 6.08
N VAL R 15 7.52 33.33 6.97
CA VAL R 15 6.18 32.92 6.60
C VAL R 15 5.30 34.17 6.65
N GLY R 16 5.65 35.11 7.54
CA GLY R 16 4.82 36.29 7.73
C GLY R 16 5.09 37.46 6.79
N THR R 17 6.35 37.80 6.58
CA THR R 17 6.69 39.01 5.84
C THR R 17 6.65 38.78 4.33
N ILE R 18 6.75 37.52 3.90
CA ILE R 18 6.44 37.21 2.51
C ILE R 18 4.94 37.32 2.23
N PHE R 19 4.12 37.25 3.28
CA PHE R 19 2.67 37.37 3.19
C PHE R 19 2.23 38.81 3.41
N ALA R 20 2.84 39.49 4.37
CA ALA R 20 2.52 40.88 4.66
C ALA R 20 2.95 41.82 3.53
N GLY R 21 4.03 41.50 2.83
CA GLY R 21 4.43 42.31 1.69
C GLY R 21 3.52 42.18 0.50
N ALA R 22 2.73 41.09 0.45
CA ALA R 22 1.77 40.90 -0.63
C ALA R 22 0.55 41.80 -0.49
N PHE R 23 0.27 42.28 0.74
CA PHE R 23 -0.85 43.18 0.94
C PHE R 23 -0.59 44.56 0.35
N VAL R 24 0.61 45.10 0.57
CA VAL R 24 0.96 46.35 -0.09
C VAL R 24 1.33 46.14 -1.54
N PHE R 25 1.53 44.89 -1.97
CA PHE R 25 1.80 44.61 -3.38
C PHE R 25 0.52 44.60 -4.20
N GLN R 26 -0.61 44.22 -3.62
CA GLN R 26 -1.88 44.19 -4.35
C GLN R 26 -2.61 45.52 -4.32
N THR R 27 -1.97 46.58 -3.84
CA THR R 27 -2.54 47.93 -3.89
C THR R 27 -1.69 48.91 -4.67
N VAL R 28 -0.37 48.90 -4.49
CA VAL R 28 0.47 49.83 -5.21
C VAL R 28 0.68 49.37 -6.65
N PHE R 29 0.93 48.07 -6.85
CA PHE R 29 1.11 47.53 -8.19
C PHE R 29 -0.22 47.50 -8.95
N ASP R 30 -1.34 47.35 -8.24
CA ASP R 30 -2.64 47.37 -8.90
C ASP R 30 -3.01 48.78 -9.36
N THR R 31 -2.70 49.79 -8.54
CA THR R 31 -2.95 51.17 -8.94
C THR R 31 -1.98 51.59 -10.06
N ALA R 32 -0.78 51.02 -10.08
CA ALA R 32 0.21 51.45 -11.05
C ALA R 32 -0.12 50.97 -12.46
N ILE R 33 -0.86 49.88 -12.59
CA ILE R 33 -1.24 49.43 -13.93
C ILE R 33 -2.63 49.91 -14.32
N THR R 34 -3.49 50.27 -13.34
CA THR R 34 -4.71 51.00 -13.69
C THR R 34 -4.47 52.51 -13.62
N SER R 35 -3.32 52.95 -14.14
CA SER R 35 -3.08 54.31 -14.58
C SER R 35 -2.26 54.36 -15.85
N TRP R 36 -1.57 53.28 -16.20
CA TRP R 36 -0.90 53.14 -17.48
C TRP R 36 -1.87 52.73 -18.56
N TYR R 37 -2.92 52.00 -18.18
CA TYR R 37 -3.93 51.56 -19.14
C TYR R 37 -4.74 52.74 -19.66
N GLU R 38 -5.08 53.67 -18.77
CA GLU R 38 -5.89 54.82 -19.15
C GLU R 38 -5.08 55.84 -19.93
N ASN R 39 -3.82 56.07 -19.52
CA ASN R 39 -3.01 57.09 -20.19
C ASN R 39 -2.57 56.64 -21.58
N HIS R 40 -2.46 55.33 -21.80
CA HIS R 40 -2.15 54.81 -23.13
C HIS R 40 -3.33 54.93 -24.07
N ASN R 41 -4.56 54.95 -23.53
CA ASN R 41 -5.76 54.83 -24.33
C ASN R 41 -6.66 56.05 -24.28
N LYS R 42 -6.18 57.18 -23.75
CA LYS R 42 -7.07 58.30 -23.47
C LYS R 42 -7.54 58.99 -24.75
N GLY R 43 -8.77 59.49 -24.70
CA GLY R 43 -9.47 59.91 -25.90
C GLY R 43 -10.41 58.87 -26.46
N LYS R 44 -10.44 57.67 -25.90
CA LYS R 44 -11.30 56.59 -26.35
C LYS R 44 -12.11 55.99 -25.21
N LEU R 45 -12.13 56.63 -24.04
CA LEU R 45 -12.84 56.11 -22.90
C LEU R 45 -14.23 56.74 -22.85
N TRP R 46 -15.00 56.37 -21.82
CA TRP R 46 -16.32 56.98 -21.66
C TRP R 46 -16.24 58.33 -20.97
N LYS R 47 -15.30 58.51 -20.05
CA LYS R 47 -15.15 59.79 -19.36
C LYS R 47 -14.61 60.88 -20.27
N ASP R 48 -13.91 60.51 -21.34
CA ASP R 48 -13.38 61.48 -22.28
C ASP R 48 -14.42 62.00 -23.27
N VAL R 49 -15.44 61.21 -23.57
CA VAL R 49 -16.51 61.64 -24.47
C VAL R 49 -17.75 62.09 -23.75
N LYS R 50 -17.86 61.86 -22.43
CA LYS R 50 -18.92 62.45 -21.64
C LYS R 50 -18.65 63.92 -21.33
N ALA R 51 -17.39 64.33 -21.32
CA ALA R 51 -17.01 65.72 -21.12
C ALA R 51 -16.85 66.49 -22.42
N ARG R 52 -16.95 65.82 -23.56
CA ARG R 52 -16.96 66.47 -24.87
C ARG R 52 -18.37 66.88 -25.27
N ILE R 53 -19.39 66.18 -24.76
CA ILE R 53 -20.78 66.57 -24.99
C ILE R 53 -21.29 67.52 -23.92
N ALA R 54 -20.45 67.89 -22.96
CA ALA R 54 -20.73 68.85 -21.87
C ALA R 54 -21.97 68.49 -21.05
N LYS S 1 14.72 19.66 41.04
CA LYS S 1 14.83 18.23 40.79
C LYS S 1 13.86 17.81 39.69
N THR S 2 12.69 18.46 39.66
CA THR S 2 11.65 18.12 38.69
C THR S 2 10.91 19.38 38.28
N GLY S 3 10.83 19.61 36.96
CA GLY S 3 9.99 20.66 36.43
C GLY S 3 8.66 20.12 35.93
N LEU S 4 7.85 21.03 35.42
CA LEU S 4 6.52 20.68 34.93
C LEU S 4 6.60 20.16 33.50
N HIS S 5 5.96 19.03 33.22
CA HIS S 5 5.81 18.58 31.85
C HIS S 5 4.35 18.44 31.42
N PHE S 6 3.55 17.67 32.15
CA PHE S 6 2.20 17.21 31.75
C PHE S 6 2.17 16.73 30.29
N GLY S 7 2.99 15.72 30.02
CA GLY S 7 3.17 15.24 28.66
C GLY S 7 4.62 15.02 28.32
N ARG S 8 4.91 14.34 27.21
CA ARG S 8 6.29 14.04 26.86
C ARG S 8 7.01 15.26 26.32
N LEU S 9 6.29 16.18 25.68
CA LEU S 9 6.84 17.47 25.32
C LEU S 9 6.50 18.43 26.45
N SER S 10 7.53 18.97 27.09
CA SER S 10 7.30 19.66 28.34
C SER S 10 6.83 21.07 28.09
N LEU S 11 6.16 21.63 29.10
CA LEU S 11 5.80 23.03 29.09
C LEU S 11 7.00 23.91 29.43
N ARG S 12 8.09 23.28 29.87
CA ARG S 12 9.44 23.82 29.75
C ARG S 12 9.68 24.41 28.36
N SER S 13 9.48 23.60 27.33
CA SER S 13 9.67 24.00 25.95
C SER S 13 8.39 24.47 25.28
N LEU S 14 7.29 24.59 26.03
CA LEU S 14 6.13 25.32 25.51
C LEU S 14 6.14 26.77 25.99
N THR S 15 6.76 27.03 27.14
CA THR S 15 7.20 28.40 27.45
C THR S 15 8.30 28.84 26.50
N ALA S 16 9.18 27.93 26.10
CA ALA S 16 10.09 28.19 24.99
C ALA S 16 9.51 27.68 23.66
N TYR S 17 8.24 28.02 23.43
CA TYR S 17 7.59 27.88 22.13
C TYR S 17 6.73 29.07 21.79
N ALA S 18 6.27 29.84 22.77
CA ALA S 18 5.43 31.02 22.56
C ALA S 18 6.12 32.25 21.94
N PRO S 19 7.32 32.73 22.40
CA PRO S 19 7.76 34.07 21.95
C PRO S 19 8.05 34.24 20.47
N ASN S 20 8.56 33.20 19.81
CA ASN S 20 8.63 33.25 18.36
C ASN S 20 7.32 32.92 17.70
N LEU S 21 6.46 32.11 18.37
CA LEU S 21 5.08 31.75 17.90
C LEU S 21 4.10 32.86 18.36
N MET S 22 4.48 34.11 18.24
CA MET S 22 3.80 35.38 18.57
C MET S 22 4.23 36.08 17.29
N LEU S 23 5.15 35.42 16.55
CA LEU S 23 5.64 35.94 15.28
C LEU S 23 5.44 34.96 14.12
N TRP S 24 5.16 33.70 14.49
CA TRP S 24 4.75 32.68 13.50
C TRP S 24 3.23 32.71 13.56
N GLY S 25 2.68 33.19 14.67
CA GLY S 25 1.23 33.48 14.72
C GLY S 25 1.11 34.88 14.15
N GLY S 26 2.23 35.64 14.17
CA GLY S 26 2.27 36.95 13.51
C GLY S 26 2.47 36.68 12.03
N ALA S 27 2.36 35.41 11.63
CA ALA S 27 2.51 34.97 10.22
C ALA S 27 1.16 34.44 9.72
N SER S 28 0.43 33.71 10.56
CA SER S 28 -0.93 33.24 10.18
C SER S 28 -1.86 34.45 10.12
N MET S 29 -1.73 35.37 11.08
CA MET S 29 -2.49 36.61 11.05
C MET S 29 -2.12 37.41 9.81
N LEU S 30 -0.84 37.40 9.45
CA LEU S 30 -0.42 38.07 8.20
C LEU S 30 -0.84 37.19 7.02
N GLY S 31 -1.49 36.12 7.15
CA GLY S 31 -1.93 35.20 6.09
C GLY S 31 -3.45 35.25 5.94
N LEU S 32 -3.85 35.60 7.09
CA LEU S 32 -5.32 35.77 6.95
C LEU S 32 -5.56 37.10 6.24
N PHE S 33 -4.56 37.98 6.26
CA PHE S 33 -4.68 39.30 5.64
C PHE S 33 -4.25 39.27 4.17
N VAL S 34 -4.35 38.11 3.53
CA VAL S 34 -4.15 37.97 2.10
C VAL S 34 -5.36 37.33 1.41
N PHE S 35 -5.94 36.30 2.04
CA PHE S 35 -7.02 35.56 1.39
C PHE S 35 -8.38 36.26 1.55
N THR S 36 -8.52 37.14 2.54
CA THR S 36 -9.79 37.83 2.70
C THR S 36 -9.79 39.16 1.97
N GLU S 37 -8.61 39.77 1.78
CA GLU S 37 -8.51 41.05 1.09
C GLU S 37 -8.85 40.93 -0.38
N GLY S 38 -9.92 41.60 -0.80
CA GLY S 38 -10.60 41.31 -2.04
C GLY S 38 -12.04 40.89 -1.85
N TRP S 39 -12.54 40.96 -0.62
CA TRP S 39 -13.84 40.53 -0.16
C TRP S 39 -14.00 41.37 1.09
N PRO S 40 -15.20 41.96 1.34
CA PRO S 40 -15.36 42.80 2.53
C PRO S 40 -15.31 42.00 3.83
N LYS S 41 -14.17 42.10 4.51
CA LYS S 41 -13.86 41.33 5.70
C LYS S 41 -12.65 41.95 6.37
N PHE S 42 -12.76 42.24 7.66
CA PHE S 42 -11.65 42.82 8.40
C PHE S 42 -11.73 42.36 9.85
N GLN S 43 -10.60 42.52 10.54
CA GLN S 43 -10.47 42.16 11.96
C GLN S 43 -10.21 43.39 12.82
N ASP S 44 -10.99 44.45 12.59
CA ASP S 44 -10.90 45.71 13.29
C ASP S 44 -11.10 45.59 14.81
N THR T 2 11.12 -35.23 -27.64
CA THR T 2 11.87 -34.32 -26.81
C THR T 2 11.66 -32.88 -27.30
N GLY T 3 11.80 -32.65 -28.59
CA GLY T 3 11.73 -31.30 -29.11
C GLY T 3 10.35 -30.92 -29.62
N LEU T 4 9.32 -31.27 -28.85
CA LEU T 4 7.97 -31.32 -29.38
C LEU T 4 7.12 -30.14 -28.89
N HIS T 5 5.82 -30.24 -29.16
CA HIS T 5 4.89 -29.13 -29.30
C HIS T 5 4.62 -28.35 -28.01
N PHE T 6 5.18 -27.13 -27.90
CA PHE T 6 4.71 -26.09 -26.98
C PHE T 6 5.27 -24.75 -27.44
N GLY T 7 4.44 -23.71 -27.35
CA GLY T 7 4.95 -22.35 -27.32
C GLY T 7 4.20 -21.47 -26.34
N ARG T 8 4.85 -21.02 -25.26
CA ARG T 8 4.33 -20.14 -24.21
C ARG T 8 3.06 -20.65 -23.53
N LEU T 9 2.68 -21.91 -23.75
CA LEU T 9 1.38 -22.42 -23.34
C LEU T 9 1.42 -23.80 -22.70
N SER T 10 2.58 -24.53 -22.88
CA SER T 10 2.61 -25.92 -22.39
C SER T 10 1.55 -26.66 -23.21
N LEU T 11 1.59 -26.97 -24.77
CA LEU T 11 0.67 -27.48 -25.82
C LEU T 11 0.28 -28.95 -25.63
N ARG T 12 0.88 -29.46 -24.33
CA ARG T 12 0.51 -30.80 -23.88
C ARG T 12 -0.90 -30.86 -23.31
N SER T 13 -1.48 -29.65 -22.98
CA SER T 13 -2.85 -29.23 -22.72
C SER T 13 -3.59 -28.87 -24.00
N LEU T 14 -3.32 -29.42 -25.30
CA LEU T 14 -4.01 -29.20 -26.57
C LEU T 14 -5.50 -29.42 -26.43
N THR T 15 -5.91 -30.65 -26.15
CA THR T 15 -7.28 -30.95 -25.74
C THR T 15 -7.36 -31.31 -24.26
N ALA T 16 -6.35 -30.95 -23.48
CA ALA T 16 -6.46 -30.89 -22.03
C ALA T 16 -6.85 -29.49 -21.56
N TYR T 17 -7.38 -28.68 -22.46
CA TYR T 17 -7.98 -27.38 -22.16
C TYR T 17 -9.31 -27.26 -22.89
N ALA T 18 -9.45 -27.98 -24.00
CA ALA T 18 -10.49 -27.78 -25.00
C ALA T 18 -11.90 -28.28 -24.65
N PRO T 19 -12.14 -29.57 -24.32
CA PRO T 19 -13.54 -30.06 -24.32
C PRO T 19 -14.35 -29.57 -23.14
N ASN T 20 -13.70 -29.04 -22.12
CA ASN T 20 -14.41 -28.51 -20.97
C ASN T 20 -14.77 -27.04 -21.16
N LEU T 21 -14.03 -26.33 -22.02
CA LEU T 21 -14.42 -24.98 -22.41
C LEU T 21 -15.26 -24.98 -23.68
N MET T 22 -15.50 -26.15 -24.28
CA MET T 22 -16.73 -26.34 -25.03
C MET T 22 -17.95 -26.36 -24.11
N LEU T 23 -17.73 -26.71 -22.84
CA LEU T 23 -18.79 -26.68 -21.84
C LEU T 23 -18.68 -25.47 -20.91
N TRP T 24 -17.53 -24.76 -20.88
CA TRP T 24 -17.52 -23.38 -20.40
C TRP T 24 -17.98 -22.43 -21.48
N GLY T 25 -17.74 -22.78 -22.74
CA GLY T 25 -18.46 -22.16 -23.84
C GLY T 25 -19.93 -22.55 -23.85
N GLY T 26 -20.28 -23.68 -23.25
CA GLY T 26 -21.63 -23.97 -22.83
C GLY T 26 -21.94 -23.47 -21.44
N ALA T 27 -21.15 -22.54 -20.91
CA ALA T 27 -21.43 -21.87 -19.65
C ALA T 27 -21.19 -20.37 -19.69
N SER T 28 -20.56 -19.86 -20.74
CA SER T 28 -20.40 -18.42 -20.94
C SER T 28 -21.22 -17.87 -22.10
N MET T 29 -21.39 -18.64 -23.17
CA MET T 29 -22.45 -18.32 -24.13
C MET T 29 -23.80 -18.65 -23.52
N LEU T 30 -23.83 -19.64 -22.62
CA LEU T 30 -24.98 -19.80 -21.74
C LEU T 30 -25.10 -18.65 -20.76
N GLY T 31 -24.00 -17.96 -20.45
CA GLY T 31 -24.08 -16.74 -19.68
C GLY T 31 -24.70 -15.59 -20.47
N LEU T 32 -24.50 -15.60 -21.80
CA LEU T 32 -25.21 -14.69 -22.68
C LEU T 32 -26.64 -15.13 -22.95
N PHE T 33 -27.03 -16.32 -22.50
CA PHE T 33 -28.43 -16.75 -22.46
C PHE T 33 -29.08 -16.39 -21.14
N VAL T 34 -28.45 -15.50 -20.37
CA VAL T 34 -28.98 -15.00 -19.11
C VAL T 34 -29.25 -13.50 -19.17
N PHE T 35 -28.33 -12.73 -19.74
CA PHE T 35 -28.46 -11.28 -19.76
C PHE T 35 -29.19 -10.75 -20.99
N THR T 36 -29.57 -11.60 -21.93
CA THR T 36 -30.26 -11.17 -23.14
C THR T 36 -31.76 -10.99 -22.90
N GLU T 37 -32.23 -11.29 -21.68
CA GLU T 37 -33.64 -11.15 -21.32
C GLU T 37 -34.06 -9.69 -21.32
N GLY T 38 -35.37 -9.42 -21.26
CA GLY T 38 -35.90 -8.07 -21.16
C GLY T 38 -35.56 -7.10 -22.30
N TRP T 39 -34.75 -7.53 -23.27
CA TRP T 39 -34.11 -6.81 -24.34
C TRP T 39 -34.60 -7.45 -25.65
N PRO T 40 -35.89 -7.27 -26.00
CA PRO T 40 -36.52 -8.12 -27.03
C PRO T 40 -36.09 -7.74 -28.45
N LYS T 41 -34.79 -7.89 -28.73
CA LYS T 41 -34.22 -7.40 -29.97
C LYS T 41 -33.70 -8.55 -30.84
N PHE T 42 -32.82 -9.40 -30.32
CA PHE T 42 -32.49 -10.66 -30.97
C PHE T 42 -32.80 -11.85 -30.06
N GLN T 43 -33.77 -11.66 -29.15
CA GLN T 43 -34.29 -12.76 -28.36
C GLN T 43 -35.41 -13.52 -29.10
N ASP T 44 -35.51 -13.36 -30.42
CA ASP T 44 -36.16 -14.38 -31.22
C ASP T 44 -35.30 -15.64 -31.34
N THR T 45 -34.01 -15.53 -31.02
CA THR T 45 -33.08 -16.66 -30.96
C THR T 45 -33.07 -17.35 -29.61
N LEU T 46 -34.04 -17.04 -28.75
CA LEU T 46 -34.20 -17.75 -27.48
C LEU T 46 -35.60 -18.28 -27.24
N TYR T 47 -36.64 -17.60 -27.68
CA TYR T 47 -38.02 -17.84 -27.26
C TYR T 47 -38.78 -18.72 -28.25
N LYS T 48 -38.12 -19.69 -28.86
CA LYS T 48 -38.78 -20.70 -29.67
C LYS T 48 -38.70 -22.08 -29.07
N LYS T 49 -38.40 -22.19 -27.78
CA LYS T 49 -38.32 -23.49 -27.12
C LYS T 49 -39.71 -24.10 -26.97
N ILE T 50 -39.74 -25.42 -26.88
CA ILE T 50 -41.01 -26.17 -26.87
C ILE T 50 -41.80 -26.02 -25.57
N PRO T 51 -41.21 -25.87 -24.32
CA PRO T 51 -42.10 -25.49 -23.20
C PRO T 51 -42.12 -24.00 -22.87
N LEU T 52 -43.33 -23.49 -22.60
CA LEU T 52 -43.60 -22.18 -21.96
C LEU T 52 -42.83 -20.96 -22.50
#